data_9ML6
#
_entry.id   9ML6
#
_cell.length_a   1.00
_cell.length_b   1.00
_cell.length_c   1.00
_cell.angle_alpha   90.00
_cell.angle_beta   90.00
_cell.angle_gamma   90.00
#
_symmetry.space_group_name_H-M   'P 1'
#
loop_
_entity.id
_entity.type
_entity.pdbx_description
1 polymer 'Spike glycoprotein'
2 polymer 'M8b-C9 heavy chain'
3 polymer 'M8b-C9 light chain'
4 non-polymer 2-acetamido-2-deoxy-beta-D-glucopyranose
#
loop_
_entity_poly.entity_id
_entity_poly.type
_entity_poly.pdbx_seq_one_letter_code
_entity_poly.pdbx_strand_id
1 'polypeptide(L)'
;MFVFLVLLPLVSSQCVNLTTRTQLPPAYTNSFTRGVYYPDKVFRSSVLHSTQDLFLPFFSNVTWFHAIHVSGTNGTKRFD
NPVLPFNDGVYFASTEKSNIIRGWIFGTTLDSKTQSLLIVNNATNVVIKVCEFQFCNDPFLGVYYHKNNKSWMESEFRVY
SSANNCTFEYVSQPFLMDLEGKQGNFKNLREFVFKNIDGYFKIYSKHTPINLVRDLPQGFSALEPLVDLPIGINITRFQT
LLALHRSYLTPGDSSSGWTAGAAAYYVGYLQPRTFLLKYNENGTITDAVDCALDPLSETKCTLKSFTVEKGIYQTSNFRV
QPTESIVRFPNITNLCPFGEVFNATRFASVYAWNRKRISNCVADYSVLYNSASFSTFKCYGVSPTKLNDLCFTNVYADSF
VIRGDEVRQIAPGQTGKIADYNYKLPDDFTGCVIAWNSNNLDSKVGGNYNYLYRLFRKSNLKPFERDISTEIYQAGSTPC
NGVEGFNCYFPLQSYGFQPTNGVGYQPYRVVVLSFELLHAPATVCGPKKSTNLVKNKCVNFNFNGLTGTGVLTESNKKFL
PFQQFGRDIADTTDAVRDPQTLEILDITPCSFGGVSVITPGTNTSNQVAVLYQDVNCTEVPVAIHADQLTPTWRVYSTGS
NVFQTRAGCLIGAEHVNNSYECDIPIGAGICASYQTQTNSPASVASQSIIAYTMSLGAENSVAYSNNSIAIPTNFTISVT
TEILPVSMTKTSVDCTMYICGDSTECSNLLLQYGSFCTQLNRALTGIAVEQDKNTQEVFAQVKQIYKTPPIKDFGGFNFS
QILPDPSKPSKRSPIEDLLFNKVTLADAGFIKQYGDCLGDIAARDLICAQKFNGLTVLPPLLTDEMIAQYTSALLAGTIT
SGWTFGAGPALQIPFPMQMAYRFNGIGVTQNVLYENQKLIANQFNSAIGKIQDSLSSTPSALGKLQDVVNQNAQALNTLV
KQLSSNFGAISSVLNDILSRLDPPEAEVQIDRLITGRLQSLQTYVTQQLIRAAEIRASANLAATKMSECVLGQSKRVDFC
GKGYHLMSFPQSAPHGVVFLHVTYVPAQEKNFTTAPAICHDGKAHFPREGVFVSNGTHWFVTQRNFYEPQIITTDNTFVS
GNCDVVIGIVNNTVYDPLQPELDSFKEELDKYFKNHTSPDVDLGDISGINASVVNIQKEIDRLNEVAKNLNESLIDLQEL
GKYEQYIKWPSGRLVPRGSPGSGYIPEAPRDGQAYVRKDGEWVLLSTFLGHHHHHH
;
A,B,C
2 'polypeptide(L)'
;QSLEESGGDLVKPGTSLTLTCTASGFSFSHNYVMCWVRQAPGKGLECVACIYFGFGDTYYASWAKGRITISKTSSTTVTL
QMTSLTAADTATYFCARALGYYIYGDAGDIYIADYFKLWGPGTLVTVSSGQPKAPSVFPLAPSSKSTSGGTAALGCLVKD
YFPEPVTVSWNSGALTSGVHTFPAVLQSSGLYSLSSVVTVPSSSLGTQTYICNVNHKPSNTKVDKRVEPKSCDKTH
;
H,M,P
3 'polypeptide(L)'
;ADIVMTQTPASVEAAVGGTVTIKCQASQSISKYLAWYQQKPGQPPKLLIFEASTLESGVPSRFKGRGSGTEFTLTISDLE
CADAATYYCQGYYYSSHSYVFGGGTEVVVKRTVAAPSVFIFPPSDEQLKSGTASVVCLLNNFYPREAKVQWKVDNALQSG
NSQESVTEQDSKDSTYSLSSTLTLSKADYEKHKVYACEVTHQGLSSPVTKSFNRGEC
;
L,N,Q
#
# COMPACT_ATOMS: atom_id res chain seq x y z
N ALA A 27 -5.39 56.00 -20.42
CA ALA A 27 -5.26 56.34 -19.01
C ALA A 27 -5.23 55.09 -18.14
N TYR A 28 -4.22 55.00 -17.28
CA TYR A 28 -4.04 53.86 -16.39
C TYR A 28 -3.89 54.34 -14.96
N THR A 29 -4.55 53.64 -14.04
CA THR A 29 -4.46 53.91 -12.62
C THR A 29 -4.17 52.60 -11.88
N ASN A 30 -3.58 52.72 -10.70
CA ASN A 30 -3.21 51.56 -9.90
C ASN A 30 -4.25 51.30 -8.83
N SER A 31 -4.74 50.06 -8.76
CA SER A 31 -5.70 49.66 -7.74
C SER A 31 -4.96 49.19 -6.50
N PHE A 32 -5.28 49.78 -5.35
CA PHE A 32 -4.59 49.50 -4.10
C PHE A 32 -5.52 48.69 -3.19
N THR A 33 -5.18 47.42 -2.98
CA THR A 33 -5.84 46.58 -1.99
C THR A 33 -7.36 46.53 -2.21
N ARG A 34 -7.76 46.23 -3.45
CA ARG A 34 -9.16 46.14 -3.81
C ARG A 34 -9.39 44.89 -4.65
N GLY A 35 -10.64 44.45 -4.68
CA GLY A 35 -11.04 43.31 -5.48
C GLY A 35 -11.17 42.01 -4.72
N VAL A 36 -10.99 42.02 -3.40
CA VAL A 36 -11.09 40.78 -2.63
C VAL A 36 -12.54 40.52 -2.25
N TYR A 37 -13.00 39.30 -2.52
CA TYR A 37 -14.35 38.88 -2.20
C TYR A 37 -14.30 37.58 -1.40
N TYR A 38 -15.30 37.39 -0.54
CA TYR A 38 -15.40 36.20 0.30
C TYR A 38 -15.31 34.95 -0.57
N PRO A 39 -14.23 34.17 -0.44
CA PRO A 39 -14.05 33.02 -1.33
C PRO A 39 -15.11 31.95 -1.16
N ASP A 40 -15.81 31.91 -0.04
CA ASP A 40 -16.82 30.90 0.20
C ASP A 40 -17.82 31.41 1.24
N LYS A 41 -18.94 30.71 1.33
CA LYS A 41 -19.95 31.02 2.35
C LYS A 41 -19.50 30.62 3.75
N VAL A 42 -18.35 29.95 3.87
CA VAL A 42 -17.92 29.44 5.17
C VAL A 42 -17.60 30.59 6.11
N PHE A 43 -18.18 30.55 7.30
CA PHE A 43 -17.94 31.53 8.34
C PHE A 43 -16.74 31.13 9.18
N ARG A 44 -16.01 32.13 9.66
CA ARG A 44 -14.83 31.89 10.49
C ARG A 44 -14.71 33.02 11.51
N SER A 45 -14.03 32.73 12.62
CA SER A 45 -13.87 33.67 13.71
C SER A 45 -12.38 33.82 14.02
N SER A 46 -11.83 34.97 13.66
CA SER A 46 -10.42 35.29 13.91
C SER A 46 -9.50 34.21 13.36
N VAL A 47 -9.81 33.74 12.15
CA VAL A 47 -9.07 32.66 11.50
C VAL A 47 -8.44 33.22 10.23
N LEU A 48 -7.13 33.02 10.09
CA LEU A 48 -6.40 33.49 8.91
C LEU A 48 -6.41 32.37 7.88
N HIS A 49 -7.50 32.28 7.12
CA HIS A 49 -7.67 31.24 6.12
C HIS A 49 -7.07 31.71 4.81
N SER A 50 -6.16 30.91 4.25
CA SER A 50 -5.51 31.22 2.98
C SER A 50 -6.06 30.27 1.91
N THR A 51 -6.51 30.85 0.80
CA THR A 51 -7.10 30.08 -0.28
C THR A 51 -6.49 30.49 -1.61
N GLN A 52 -6.37 29.53 -2.51
CA GLN A 52 -5.91 29.75 -3.88
C GLN A 52 -7.14 29.93 -4.75
N ASP A 53 -7.34 31.14 -5.27
CA ASP A 53 -8.55 31.45 -6.02
C ASP A 53 -8.26 32.67 -6.88
N LEU A 54 -9.07 32.85 -7.93
CA LEU A 54 -8.88 33.96 -8.85
C LEU A 54 -9.14 35.29 -8.15
N PHE A 55 -8.15 36.17 -8.17
CA PHE A 55 -8.25 37.46 -7.51
C PHE A 55 -7.67 38.54 -8.40
N LEU A 56 -7.85 39.79 -7.97
CA LEU A 56 -7.18 40.93 -8.57
C LEU A 56 -5.89 41.17 -7.81
N PRO A 57 -4.72 41.07 -8.44
CA PRO A 57 -3.47 41.17 -7.69
C PRO A 57 -3.31 42.55 -7.06
N PHE A 58 -2.64 42.56 -5.91
CA PHE A 58 -2.42 43.81 -5.20
C PHE A 58 -1.50 44.73 -5.99
N PHE A 59 -1.83 46.01 -6.02
CA PHE A 59 -1.06 47.02 -6.74
C PHE A 59 -0.90 46.65 -8.21
N SER A 60 -1.98 46.17 -8.83
CA SER A 60 -2.02 45.85 -10.25
C SER A 60 -2.71 46.97 -10.99
N ASN A 61 -2.11 47.40 -12.11
CA ASN A 61 -2.68 48.51 -12.87
C ASN A 61 -4.02 48.11 -13.47
N VAL A 62 -4.99 49.01 -13.35
CA VAL A 62 -6.34 48.82 -13.87
C VAL A 62 -6.65 49.96 -14.82
N THR A 63 -7.33 49.63 -15.91
CA THR A 63 -7.62 50.63 -16.94
C THR A 63 -8.56 51.71 -16.42
N TRP A 64 -8.23 52.95 -16.73
CA TRP A 64 -9.08 54.11 -16.46
C TRP A 64 -9.90 54.41 -17.70
N PHE A 65 -11.17 54.73 -17.50
CA PHE A 65 -12.09 55.02 -18.59
C PHE A 65 -12.89 56.28 -18.27
N HIS A 66 -13.45 56.87 -19.31
CA HIS A 66 -14.26 58.08 -19.19
C HIS A 66 -15.60 57.88 -19.87
N ALA A 67 -16.61 58.63 -19.40
CA ALA A 67 -17.93 58.61 -19.99
C ALA A 67 -18.53 60.00 -20.19
N ILE A 68 -17.97 61.03 -19.56
CA ILE A 68 -18.48 62.40 -19.71
C ILE A 68 -17.98 62.98 -21.03
N HIS A 69 -18.55 64.11 -21.43
CA HIS A 69 -18.18 64.79 -22.67
C HIS A 69 -18.34 63.88 -23.89
N ARG A 78 -16.86 62.78 -28.68
CA ARG A 78 -17.40 62.38 -27.38
C ARG A 78 -16.65 61.18 -26.82
N PHE A 79 -16.96 60.83 -25.57
CA PHE A 79 -16.35 59.68 -24.90
C PHE A 79 -17.34 58.53 -24.85
N ASP A 80 -16.89 57.35 -25.25
CA ASP A 80 -17.76 56.18 -25.29
C ASP A 80 -17.11 54.99 -24.59
N ASN A 81 -17.72 53.81 -24.70
CA ASN A 81 -17.22 52.61 -24.05
C ASN A 81 -16.55 51.71 -25.08
N PRO A 82 -15.24 51.48 -24.97
CA PRO A 82 -14.57 50.57 -25.91
C PRO A 82 -14.97 49.12 -25.68
N VAL A 83 -14.34 48.21 -26.42
CA VAL A 83 -14.61 46.78 -26.33
C VAL A 83 -13.56 46.15 -25.43
N LEU A 84 -14.00 45.55 -24.32
CA LEU A 84 -13.09 44.98 -23.33
C LEU A 84 -13.32 43.49 -23.18
N PRO A 85 -12.27 42.69 -23.18
CA PRO A 85 -12.43 41.23 -23.05
C PRO A 85 -12.63 40.83 -21.60
N PHE A 86 -12.86 39.53 -21.39
CA PHE A 86 -13.18 38.98 -20.08
C PHE A 86 -11.94 38.44 -19.37
N ASN A 87 -11.27 37.44 -19.97
CA ASN A 87 -10.02 36.88 -19.46
C ASN A 87 -10.16 36.39 -18.01
N ASP A 88 -11.02 35.38 -17.86
CA ASP A 88 -11.15 34.63 -16.60
C ASP A 88 -11.50 35.55 -15.43
N GLY A 89 -12.45 36.46 -15.64
CA GLY A 89 -12.91 37.31 -14.56
C GLY A 89 -12.59 38.76 -14.74
N VAL A 90 -13.54 39.63 -14.40
CA VAL A 90 -13.38 41.08 -14.51
C VAL A 90 -13.86 41.72 -13.21
N TYR A 91 -13.05 42.61 -12.66
CA TYR A 91 -13.42 43.39 -11.48
C TYR A 91 -13.87 44.77 -11.95
N PHE A 92 -15.15 45.05 -11.78
CA PHE A 92 -15.78 46.25 -12.32
C PHE A 92 -16.09 47.22 -11.19
N ALA A 93 -15.44 48.38 -11.20
CA ALA A 93 -15.66 49.41 -10.19
C ALA A 93 -16.07 50.70 -10.89
N SER A 94 -17.26 51.19 -10.58
CA SER A 94 -17.79 52.40 -11.18
C SER A 94 -18.14 53.42 -10.11
N THR A 95 -17.69 54.65 -10.29
CA THR A 95 -17.98 55.75 -9.38
C THR A 95 -18.96 56.70 -10.05
N GLU A 96 -20.12 56.91 -9.42
CA GLU A 96 -21.19 57.70 -10.02
C GLU A 96 -21.87 58.55 -8.96
N LYS A 97 -22.48 59.65 -9.42
CA LYS A 97 -23.36 60.47 -8.61
C LYS A 97 -24.82 60.34 -9.03
N SER A 98 -25.08 60.37 -10.34
CA SER A 98 -26.43 60.20 -10.87
C SER A 98 -26.67 58.80 -11.41
N ASN A 99 -25.71 57.89 -11.22
CA ASN A 99 -25.82 56.50 -11.66
C ASN A 99 -26.04 56.41 -13.17
N ILE A 100 -25.04 56.89 -13.91
CA ILE A 100 -25.09 56.83 -15.37
C ILE A 100 -25.05 55.38 -15.84
N ILE A 101 -24.29 54.54 -15.15
CA ILE A 101 -24.20 53.13 -15.54
C ILE A 101 -25.56 52.47 -15.34
N ARG A 102 -26.01 51.75 -16.37
CA ARG A 102 -27.35 51.18 -16.37
C ARG A 102 -27.42 49.72 -16.79
N GLY A 103 -26.30 49.09 -17.15
CA GLY A 103 -26.35 47.70 -17.54
C GLY A 103 -24.98 47.17 -17.90
N TRP A 104 -24.93 45.85 -18.06
CA TRP A 104 -23.72 45.14 -18.45
C TRP A 104 -24.08 44.12 -19.52
N ILE A 105 -23.08 43.70 -20.29
CA ILE A 105 -23.27 42.68 -21.32
C ILE A 105 -22.13 41.67 -21.22
N PHE A 106 -22.48 40.38 -21.13
CA PHE A 106 -21.49 39.31 -21.05
C PHE A 106 -21.82 38.27 -22.12
N GLY A 107 -21.10 38.30 -23.23
CA GLY A 107 -21.35 37.35 -24.29
C GLY A 107 -20.24 37.21 -25.31
N THR A 108 -20.06 36.01 -25.85
CA THR A 108 -19.01 35.78 -26.84
C THR A 108 -19.22 36.61 -28.09
N THR A 109 -20.44 36.62 -28.61
CA THR A 109 -20.78 37.37 -29.83
C THR A 109 -21.57 38.62 -29.56
N LEU A 110 -22.44 38.61 -28.53
CA LEU A 110 -23.25 39.75 -28.10
C LEU A 110 -23.83 40.52 -29.28
N ASP A 111 -24.25 39.80 -30.34
CA ASP A 111 -24.78 40.45 -31.52
C ASP A 111 -25.96 39.67 -32.10
N SER A 112 -26.70 38.97 -31.25
CA SER A 112 -27.86 38.16 -31.59
C SER A 112 -27.51 36.94 -32.43
N LYS A 113 -26.23 36.72 -32.76
CA LYS A 113 -25.86 35.53 -33.52
C LYS A 113 -26.00 34.27 -32.67
N THR A 114 -25.52 34.30 -31.43
CA THR A 114 -25.63 33.18 -30.51
C THR A 114 -26.13 33.70 -29.16
N GLN A 115 -26.37 32.76 -28.25
CA GLN A 115 -26.86 33.11 -26.93
C GLN A 115 -25.79 33.87 -26.15
N SER A 116 -26.17 35.04 -25.63
CA SER A 116 -25.24 35.91 -24.91
C SER A 116 -25.96 36.56 -23.75
N LEU A 117 -25.34 36.52 -22.58
CA LEU A 117 -25.94 37.08 -21.37
C LEU A 117 -26.02 38.60 -21.47
N LEU A 118 -27.05 39.16 -20.83
CA LEU A 118 -27.22 40.60 -20.70
C LEU A 118 -27.68 40.93 -19.29
N ILE A 119 -27.22 42.06 -18.77
CA ILE A 119 -27.63 42.57 -17.46
C ILE A 119 -28.22 43.95 -17.65
N VAL A 120 -29.40 44.17 -17.08
CA VAL A 120 -30.07 45.46 -17.11
C VAL A 120 -30.39 45.89 -15.68
N ASN A 121 -29.98 47.10 -15.32
CA ASN A 121 -30.29 47.67 -14.02
C ASN A 121 -31.34 48.77 -14.20
N ASN A 122 -32.48 48.60 -13.55
CA ASN A 122 -33.58 49.55 -13.63
C ASN A 122 -34.05 49.88 -12.22
N ALA A 123 -34.58 51.08 -12.05
CA ALA A 123 -35.00 51.54 -10.73
C ALA A 123 -36.08 50.64 -10.14
N THR A 124 -37.04 50.20 -10.96
CA THR A 124 -38.10 49.34 -10.46
C THR A 124 -37.56 47.96 -10.07
N ASN A 125 -36.80 47.33 -10.96
CA ASN A 125 -36.32 45.97 -10.72
C ASN A 125 -35.03 45.76 -11.51
N VAL A 126 -34.33 44.68 -11.17
CA VAL A 126 -33.11 44.28 -11.86
C VAL A 126 -33.44 43.13 -12.79
N VAL A 127 -33.15 43.29 -14.08
CA VAL A 127 -33.48 42.32 -15.11
C VAL A 127 -32.22 41.58 -15.51
N ILE A 128 -32.27 40.26 -15.45
CA ILE A 128 -31.14 39.40 -15.82
C ILE A 128 -31.62 38.44 -16.90
N LYS A 129 -30.94 38.46 -18.05
CA LYS A 129 -31.31 37.63 -19.19
C LYS A 129 -30.05 37.11 -19.86
N VAL A 130 -30.24 36.12 -20.73
CA VAL A 130 -29.21 35.65 -21.64
C VAL A 130 -29.76 35.89 -23.03
N CYS A 131 -30.47 37.00 -23.20
CA CYS A 131 -31.54 37.09 -24.17
C CYS A 131 -31.06 37.83 -25.42
N GLU A 132 -31.14 37.15 -26.56
CA GLU A 132 -30.49 37.59 -27.78
C GLU A 132 -31.02 38.95 -28.24
N PHE A 133 -30.12 39.86 -28.55
CA PHE A 133 -30.46 41.18 -29.06
C PHE A 133 -29.37 41.66 -30.01
N GLN A 134 -29.77 42.56 -30.92
CA GLN A 134 -28.83 43.20 -31.85
C GLN A 134 -28.67 44.65 -31.44
N PHE A 135 -27.44 45.03 -31.10
CA PHE A 135 -27.14 46.38 -30.65
C PHE A 135 -25.97 46.94 -31.45
N CYS A 136 -26.01 48.25 -31.68
CA CYS A 136 -25.01 48.91 -32.52
C CYS A 136 -23.70 49.07 -31.77
N ASN A 137 -22.75 49.76 -32.42
CA ASN A 137 -21.43 49.96 -31.83
C ASN A 137 -21.52 50.81 -30.56
N ASP A 138 -22.30 51.88 -30.58
CA ASP A 138 -22.45 52.78 -29.44
C ASP A 138 -23.93 52.95 -29.14
N PRO A 139 -24.49 52.07 -28.30
CA PRO A 139 -25.92 52.17 -27.96
C PRO A 139 -26.12 53.16 -26.82
N PHE A 140 -26.90 54.21 -27.09
CA PHE A 140 -27.20 55.24 -26.11
C PHE A 140 -28.62 55.04 -25.58
N LEU A 141 -28.78 55.22 -24.26
CA LEU A 141 -30.05 55.05 -23.60
C LEU A 141 -30.63 56.42 -23.26
N GLY A 142 -31.90 56.64 -23.61
CA GLY A 142 -32.54 57.90 -23.33
C GLY A 142 -32.81 58.10 -21.85
N VAL A 143 -32.88 59.36 -21.46
CA VAL A 143 -33.13 59.72 -20.07
C VAL A 143 -34.62 59.95 -19.85
N ASN A 165 -34.65 32.83 -29.33
CA ASN A 165 -35.14 32.39 -28.04
C ASN A 165 -34.30 33.02 -26.96
N CYS A 166 -34.67 32.80 -25.71
CA CYS A 166 -33.89 33.24 -24.56
C CYS A 166 -34.46 32.63 -23.28
N THR A 167 -33.57 32.04 -22.47
CA THR A 167 -33.98 30.99 -21.53
C THR A 167 -33.99 31.43 -20.06
N PHE A 168 -32.92 32.05 -19.57
CA PHE A 168 -32.78 32.32 -18.14
C PHE A 168 -33.30 33.71 -17.80
N GLU A 169 -34.01 33.80 -16.67
CA GLU A 169 -34.59 35.05 -16.20
C GLU A 169 -34.34 35.18 -14.71
N TYR A 170 -34.28 36.42 -14.24
CA TYR A 170 -34.10 36.70 -12.81
C TYR A 170 -34.47 38.14 -12.55
N VAL A 171 -35.23 38.36 -11.47
CA VAL A 171 -35.60 39.69 -11.02
C VAL A 171 -35.21 39.82 -9.56
N SER A 172 -34.47 40.89 -9.23
CA SER A 172 -34.04 41.12 -7.87
C SER A 172 -34.80 42.30 -7.23
N PHE A 186 -18.12 62.55 -5.90
CA PHE A 186 -18.43 61.14 -6.11
C PHE A 186 -18.48 60.38 -4.79
N LYS A 187 -19.65 60.37 -4.17
CA LYS A 187 -19.80 59.74 -2.85
C LYS A 187 -19.86 58.22 -2.94
N ASN A 188 -20.43 57.67 -4.01
CA ASN A 188 -20.76 56.26 -4.10
C ASN A 188 -19.75 55.52 -4.96
N LEU A 189 -19.25 54.40 -4.45
CA LEU A 189 -18.41 53.47 -5.19
C LEU A 189 -19.08 52.10 -5.23
N ARG A 190 -19.36 51.62 -6.44
CA ARG A 190 -20.05 50.35 -6.64
C ARG A 190 -19.05 49.34 -7.21
N GLU A 191 -18.41 48.59 -6.31
CA GLU A 191 -17.43 47.59 -6.71
C GLU A 191 -18.13 46.26 -7.00
N PHE A 192 -17.74 45.63 -8.12
CA PHE A 192 -18.32 44.36 -8.54
C PHE A 192 -17.21 43.39 -8.92
N VAL A 193 -17.51 42.10 -8.82
CA VAL A 193 -16.65 41.04 -9.33
C VAL A 193 -17.50 40.10 -10.17
N PHE A 194 -17.04 39.80 -11.38
CA PHE A 194 -17.71 38.90 -12.29
C PHE A 194 -16.79 37.74 -12.62
N LYS A 195 -17.30 36.52 -12.48
CA LYS A 195 -16.51 35.33 -12.73
C LYS A 195 -17.43 34.16 -13.02
N ASN A 196 -17.00 33.28 -13.91
CA ASN A 196 -17.73 32.08 -14.26
C ASN A 196 -16.87 30.86 -13.93
N ILE A 197 -17.44 29.92 -13.18
CA ILE A 197 -16.73 28.71 -12.78
C ILE A 197 -17.73 27.57 -12.66
N ASP A 198 -17.48 26.48 -13.37
CA ASP A 198 -18.34 25.29 -13.37
C ASP A 198 -19.78 25.64 -13.73
N GLY A 199 -19.93 26.54 -14.70
CA GLY A 199 -21.25 26.95 -15.14
C GLY A 199 -21.98 27.87 -14.19
N TYR A 200 -21.30 28.41 -13.18
CA TYR A 200 -21.91 29.26 -12.18
C TYR A 200 -21.39 30.68 -12.34
N PHE A 201 -22.31 31.65 -12.40
CA PHE A 201 -21.96 33.06 -12.52
C PHE A 201 -22.14 33.71 -11.15
N LYS A 202 -21.04 34.21 -10.59
CA LYS A 202 -21.05 34.83 -9.26
C LYS A 202 -20.77 36.31 -9.40
N ILE A 203 -21.61 37.13 -8.79
CA ILE A 203 -21.47 38.58 -8.81
C ILE A 203 -21.49 39.10 -7.37
N TYR A 204 -20.43 39.81 -7.00
CA TYR A 204 -20.28 40.38 -5.67
C TYR A 204 -20.40 41.89 -5.74
N SER A 205 -20.63 42.53 -4.59
CA SER A 205 -20.90 43.96 -4.59
C SER A 205 -20.48 44.57 -3.26
N LYS A 206 -20.29 45.89 -3.29
CA LYS A 206 -19.97 46.70 -2.13
C LYS A 206 -20.19 48.17 -2.46
N HIS A 207 -20.90 48.89 -1.59
CA HIS A 207 -21.27 50.27 -1.87
C HIS A 207 -20.70 51.22 -0.82
N THR A 208 -19.43 51.06 -0.49
CA THR A 208 -18.81 51.88 0.53
C THR A 208 -18.78 53.35 0.10
N PRO A 209 -18.99 54.29 1.02
CA PRO A 209 -18.92 55.70 0.66
C PRO A 209 -17.50 56.23 0.69
N ILE A 210 -17.07 56.89 -0.39
CA ILE A 210 -15.72 57.42 -0.53
C ILE A 210 -15.84 58.92 -0.78
N ASN A 211 -15.10 59.70 0.00
CA ASN A 211 -15.08 61.15 -0.14
C ASN A 211 -13.98 61.65 -1.07
N LEU A 212 -13.18 60.74 -1.64
CA LEU A 212 -12.11 61.10 -2.55
C LEU A 212 -12.61 60.93 -3.97
N VAL A 213 -12.41 61.95 -4.81
CA VAL A 213 -12.97 61.95 -6.16
C VAL A 213 -11.94 61.70 -7.25
N ARG A 214 -10.66 61.61 -6.91
CA ARG A 214 -9.65 61.45 -7.95
C ARG A 214 -9.51 60.00 -8.39
N ASP A 215 -9.44 59.07 -7.44
CA ASP A 215 -9.26 57.66 -7.76
C ASP A 215 -9.81 56.82 -6.63
N LEU A 216 -9.72 55.50 -6.79
CA LEU A 216 -10.10 54.59 -5.73
C LEU A 216 -9.11 54.71 -4.57
N PRO A 217 -9.57 54.96 -3.35
CA PRO A 217 -8.65 55.30 -2.27
C PRO A 217 -7.95 54.09 -1.67
N GLN A 218 -6.93 54.37 -0.88
CA GLN A 218 -6.27 53.33 -0.10
C GLN A 218 -7.21 52.83 0.99
N GLY A 219 -7.08 51.55 1.32
CA GLY A 219 -7.96 50.93 2.29
C GLY A 219 -8.45 49.58 1.80
N PHE A 220 -9.32 48.93 2.58
CA PHE A 220 -9.80 47.61 2.24
C PHE A 220 -11.30 47.52 2.50
N SER A 221 -12.01 46.84 1.60
CA SER A 221 -13.44 46.61 1.75
C SER A 221 -13.79 45.32 1.03
N ALA A 222 -14.19 44.29 1.79
CA ALA A 222 -14.56 43.02 1.20
C ALA A 222 -15.90 43.13 0.48
N LEU A 223 -16.13 42.21 -0.46
CA LEU A 223 -17.33 42.22 -1.28
C LEU A 223 -18.13 40.96 -1.02
N GLU A 224 -19.43 41.12 -0.81
CA GLU A 224 -20.39 40.07 -0.47
C GLU A 224 -21.12 39.59 -1.73
N PRO A 225 -21.37 38.29 -1.84
CA PRO A 225 -22.08 37.77 -3.02
C PRO A 225 -23.53 38.22 -3.05
N LEU A 226 -24.04 38.38 -4.26
CA LEU A 226 -25.44 38.77 -4.49
C LEU A 226 -26.24 37.71 -5.24
N VAL A 227 -25.74 37.26 -6.39
CA VAL A 227 -26.48 36.34 -7.25
C VAL A 227 -25.54 35.25 -7.73
N ASP A 228 -26.04 34.01 -7.74
CA ASP A 228 -25.29 32.84 -8.19
C ASP A 228 -26.12 32.02 -9.16
N LEU A 229 -26.67 32.69 -10.15
CA LEU A 229 -27.52 32.03 -11.14
C LEU A 229 -26.68 31.21 -12.11
N PRO A 230 -26.91 29.91 -12.24
CA PRO A 230 -26.11 29.06 -13.16
C PRO A 230 -26.55 29.19 -14.62
N ILE A 231 -26.01 30.22 -15.28
CA ILE A 231 -26.38 30.50 -16.66
C ILE A 231 -25.86 29.39 -17.59
N GLY A 232 -24.58 29.03 -17.44
CA GLY A 232 -23.99 27.98 -18.24
C GLY A 232 -23.53 28.39 -19.62
N ILE A 233 -23.70 29.64 -20.01
CA ILE A 233 -23.27 30.12 -21.32
C ILE A 233 -21.87 30.69 -21.18
N ASN A 234 -20.94 30.20 -21.99
CA ASN A 234 -19.56 30.66 -21.93
C ASN A 234 -19.47 32.12 -22.35
N ILE A 235 -18.70 32.90 -21.60
CA ILE A 235 -18.55 34.33 -21.83
C ILE A 235 -17.08 34.63 -22.08
N THR A 236 -16.80 35.30 -23.19
CA THR A 236 -15.44 35.68 -23.55
C THR A 236 -15.31 37.17 -23.87
N ARG A 237 -16.32 37.98 -23.58
CA ARG A 237 -16.29 39.38 -23.96
C ARG A 237 -17.15 40.17 -22.98
N PHE A 238 -16.80 41.43 -22.77
CA PHE A 238 -17.42 42.28 -21.77
C PHE A 238 -17.83 43.60 -22.42
N GLN A 239 -19.03 44.07 -22.06
CA GLN A 239 -19.52 45.37 -22.51
C GLN A 239 -20.33 46.02 -21.39
N THR A 240 -20.54 47.32 -21.53
CA THR A 240 -21.26 48.10 -20.52
C THR A 240 -22.27 49.02 -21.21
N LEU A 241 -23.31 49.38 -20.47
CA LEU A 241 -24.39 50.22 -20.97
C LEU A 241 -24.50 51.46 -20.10
N LEU A 242 -24.52 52.64 -20.74
CA LEU A 242 -24.61 53.91 -20.04
C LEU A 242 -25.89 54.64 -20.45
N ALA A 243 -26.07 55.84 -19.88
CA ALA A 243 -27.24 56.66 -20.13
C ALA A 243 -26.81 58.01 -20.68
N LEU A 244 -27.49 58.46 -21.72
CA LEU A 244 -27.21 59.74 -22.37
C LEU A 244 -28.46 60.60 -22.36
N HIS A 245 -28.30 61.87 -22.00
CA HIS A 245 -29.44 62.80 -21.95
C HIS A 245 -30.02 63.03 -23.33
N ALA A 263 -18.06 60.53 -14.47
CA ALA A 263 -18.73 59.25 -14.70
C ALA A 263 -17.72 58.19 -15.10
N ALA A 264 -16.53 58.26 -14.50
CA ALA A 264 -15.46 57.34 -14.83
C ALA A 264 -15.75 55.94 -14.27
N TYR A 265 -15.26 54.94 -14.99
CA TYR A 265 -15.37 53.55 -14.53
C TYR A 265 -14.05 52.83 -14.80
N TYR A 266 -13.80 51.80 -14.00
CA TYR A 266 -12.53 51.08 -14.01
C TYR A 266 -12.79 49.61 -14.31
N VAL A 267 -11.78 48.93 -14.83
CA VAL A 267 -11.88 47.51 -15.14
C VAL A 267 -10.57 46.83 -14.74
N GLY A 268 -10.69 45.70 -14.04
CA GLY A 268 -9.56 44.86 -13.70
C GLY A 268 -9.72 43.46 -14.28
N TYR A 269 -8.75 42.61 -13.94
CA TYR A 269 -8.75 41.25 -14.44
C TYR A 269 -8.34 40.30 -13.32
N LEU A 270 -8.80 39.05 -13.40
CA LEU A 270 -8.60 38.06 -12.37
C LEU A 270 -7.73 36.92 -12.87
N GLN A 271 -6.93 36.37 -11.96
CA GLN A 271 -6.01 35.29 -12.27
C GLN A 271 -5.71 34.53 -10.97
N PRO A 272 -5.28 33.27 -11.06
CA PRO A 272 -5.02 32.49 -9.84
C PRO A 272 -3.87 33.09 -9.05
N ARG A 273 -4.17 33.49 -7.81
CA ARG A 273 -3.18 34.09 -6.93
C ARG A 273 -3.57 33.79 -5.49
N THR A 274 -2.71 33.07 -4.78
CA THR A 274 -3.00 32.73 -3.39
C THR A 274 -3.00 33.98 -2.52
N PHE A 275 -3.93 34.04 -1.57
CA PHE A 275 -4.09 35.17 -0.67
C PHE A 275 -4.05 34.67 0.77
N LEU A 276 -4.16 35.61 1.72
CA LEU A 276 -4.24 35.28 3.14
C LEU A 276 -5.27 36.24 3.75
N LEU A 277 -6.50 35.78 3.89
CA LEU A 277 -7.60 36.60 4.36
C LEU A 277 -7.74 36.46 5.87
N LYS A 278 -7.86 37.60 6.55
CA LYS A 278 -7.99 37.64 8.00
C LYS A 278 -9.44 37.92 8.36
N TYR A 279 -10.17 36.88 8.74
CA TYR A 279 -11.56 37.02 9.15
C TYR A 279 -11.63 37.68 10.53
N ASN A 280 -12.64 38.52 10.71
CA ASN A 280 -12.86 39.14 12.00
C ASN A 280 -13.59 38.18 12.94
N GLU A 281 -13.71 38.58 14.20
CA GLU A 281 -14.45 37.78 15.17
C GLU A 281 -15.90 37.59 14.76
N ASN A 282 -16.45 38.53 13.99
CA ASN A 282 -17.83 38.46 13.53
C ASN A 282 -17.94 37.96 12.10
N GLY A 283 -16.85 37.52 11.49
CA GLY A 283 -16.89 36.88 10.19
C GLY A 283 -16.74 37.78 8.98
N THR A 284 -16.25 39.00 9.15
CA THR A 284 -16.06 39.92 8.03
C THR A 284 -14.58 40.04 7.71
N ILE A 285 -14.25 39.96 6.43
CA ILE A 285 -12.86 40.05 5.99
C ILE A 285 -12.37 41.48 6.20
N THR A 286 -11.37 41.65 7.06
CA THR A 286 -10.84 42.97 7.38
C THR A 286 -9.55 43.29 6.67
N ASP A 287 -8.64 42.33 6.52
CA ASP A 287 -7.36 42.59 5.87
C ASP A 287 -6.92 41.35 5.12
N ALA A 288 -6.07 41.56 4.12
CA ALA A 288 -5.56 40.47 3.30
C ALA A 288 -4.23 40.87 2.71
N VAL A 289 -3.38 39.87 2.45
CA VAL A 289 -2.07 40.07 1.84
C VAL A 289 -1.94 39.13 0.65
N ASP A 290 -1.18 39.56 -0.35
CA ASP A 290 -0.89 38.71 -1.50
C ASP A 290 0.27 37.78 -1.18
N CYS A 291 0.26 36.62 -1.83
CA CYS A 291 1.34 35.64 -1.67
C CYS A 291 2.44 35.78 -2.72
N ALA A 292 2.26 36.66 -3.71
CA ALA A 292 3.25 36.80 -4.77
C ALA A 292 3.53 38.25 -5.13
N LEU A 293 3.53 39.16 -4.16
CA LEU A 293 3.79 40.56 -4.45
C LEU A 293 5.23 40.97 -4.11
N ASP A 294 5.62 40.77 -2.85
CA ASP A 294 6.95 41.15 -2.40
C ASP A 294 7.42 40.10 -1.40
N PRO A 295 8.74 39.99 -1.16
CA PRO A 295 9.24 38.90 -0.31
C PRO A 295 8.64 38.90 1.09
N LEU A 296 8.35 40.06 1.67
CA LEU A 296 7.69 40.07 2.97
C LEU A 296 6.32 39.44 2.88
N SER A 297 5.57 39.73 1.83
CA SER A 297 4.26 39.11 1.64
C SER A 297 4.38 37.61 1.41
N GLU A 298 5.40 37.18 0.66
CA GLU A 298 5.62 35.75 0.49
C GLU A 298 5.99 35.09 1.80
N THR A 299 6.59 35.84 2.73
CA THR A 299 6.88 35.30 4.05
C THR A 299 5.60 35.20 4.89
N LYS A 300 4.72 36.20 4.79
CA LYS A 300 3.50 36.19 5.57
C LYS A 300 2.62 35.00 5.21
N CYS A 301 2.53 34.67 3.93
CA CYS A 301 1.68 33.56 3.50
C CYS A 301 2.17 32.23 4.06
N THR A 302 3.49 32.00 4.01
CA THR A 302 4.03 30.74 4.51
C THR A 302 3.90 30.66 6.02
N LEU A 303 4.14 31.77 6.73
CA LEU A 303 4.02 31.79 8.17
C LEU A 303 2.57 31.83 8.65
N LYS A 304 1.62 32.06 7.74
CA LYS A 304 0.19 32.12 8.08
C LYS A 304 -0.07 33.13 9.19
N SER A 305 0.63 34.26 9.12
CA SER A 305 0.48 35.31 10.13
C SER A 305 0.69 36.66 9.48
N PHE A 306 -0.07 37.66 9.93
CA PHE A 306 0.05 39.00 9.35
C PHE A 306 1.32 39.70 9.80
N THR A 307 1.76 39.45 11.03
CA THR A 307 2.99 40.03 11.55
C THR A 307 4.07 38.94 11.56
N VAL A 308 5.23 39.28 10.98
CA VAL A 308 6.34 38.33 10.84
C VAL A 308 7.43 38.77 11.80
N GLU A 309 7.87 37.86 12.66
CA GLU A 309 8.92 38.16 13.62
C GLU A 309 10.25 38.32 12.90
N LYS A 310 11.16 39.08 13.52
CA LYS A 310 12.47 39.31 12.94
C LYS A 310 13.24 37.99 12.82
N GLY A 311 13.78 37.74 11.64
CA GLY A 311 14.50 36.51 11.40
C GLY A 311 14.61 36.24 9.91
N ILE A 312 15.11 35.03 9.60
CA ILE A 312 15.28 34.56 8.23
C ILE A 312 14.34 33.39 8.02
N TYR A 313 13.48 33.50 6.99
CA TYR A 313 12.42 32.54 6.76
C TYR A 313 12.47 32.04 5.32
N GLN A 314 12.44 30.73 5.14
CA GLN A 314 12.36 30.16 3.80
C GLN A 314 10.95 30.31 3.25
N THR A 315 10.83 30.81 2.03
CA THR A 315 9.54 31.06 1.40
C THR A 315 9.28 30.22 0.17
N SER A 316 10.29 30.01 -0.67
CA SER A 316 10.10 29.23 -1.90
C SER A 316 11.42 28.56 -2.25
N ASN A 317 11.52 28.05 -3.47
CA ASN A 317 12.71 27.37 -3.95
C ASN A 317 13.15 28.01 -5.26
N PHE A 318 14.38 28.50 -5.29
CA PHE A 318 14.94 29.04 -6.51
C PHE A 318 15.17 27.92 -7.53
N ARG A 319 14.98 28.25 -8.80
CA ARG A 319 15.15 27.27 -9.87
C ARG A 319 15.51 28.00 -11.15
N VAL A 320 16.45 27.43 -11.90
CA VAL A 320 16.85 27.94 -13.20
C VAL A 320 16.29 27.00 -14.25
N GLN A 321 15.33 27.48 -15.04
CA GLN A 321 14.68 26.67 -16.04
C GLN A 321 15.59 26.48 -17.25
N PRO A 322 15.41 25.39 -17.99
CA PRO A 322 16.22 25.19 -19.21
C PRO A 322 15.91 26.25 -20.25
N THR A 323 16.97 26.88 -20.76
CA THR A 323 16.78 27.96 -21.73
C THR A 323 16.34 27.42 -23.08
N GLU A 324 16.98 26.35 -23.55
CA GLU A 324 16.66 25.78 -24.85
C GLU A 324 16.89 24.27 -24.79
N SER A 325 16.78 23.60 -25.93
CA SER A 325 16.97 22.16 -26.04
C SER A 325 17.94 21.87 -27.18
N ILE A 326 18.90 20.99 -26.93
CA ILE A 326 19.90 20.61 -27.91
C ILE A 326 19.95 19.09 -28.01
N VAL A 327 20.02 18.59 -29.24
CA VAL A 327 20.10 17.15 -29.51
C VAL A 327 21.33 16.95 -30.40
N ARG A 328 22.42 16.47 -29.81
CA ARG A 328 23.67 16.26 -30.52
C ARG A 328 23.95 14.77 -30.64
N PHE A 329 24.20 14.32 -31.87
CA PHE A 329 24.42 12.92 -32.20
C PHE A 329 25.69 12.81 -33.04
N PRO A 330 26.30 11.62 -33.11
CA PRO A 330 27.54 11.49 -33.88
C PRO A 330 27.33 11.85 -35.34
N ASN A 331 28.38 12.35 -35.96
CA ASN A 331 28.30 12.82 -37.34
C ASN A 331 27.89 11.68 -38.26
N ILE A 332 27.32 12.04 -39.41
CA ILE A 332 26.84 11.04 -40.35
C ILE A 332 27.97 10.11 -40.76
N THR A 333 29.16 10.66 -41.03
CA THR A 333 30.37 9.90 -41.35
C THR A 333 30.04 8.98 -42.51
N ASN A 334 30.10 7.65 -42.35
CA ASN A 334 29.68 6.75 -43.41
C ASN A 334 28.17 6.85 -43.59
N LEU A 335 27.75 7.12 -44.83
CA LEU A 335 26.35 7.29 -45.17
C LEU A 335 25.90 6.14 -46.04
N CYS A 336 24.61 5.82 -45.97
CA CYS A 336 24.04 4.80 -46.84
C CYS A 336 24.18 5.26 -48.29
N PRO A 337 24.80 4.45 -49.16
CA PRO A 337 25.03 4.88 -50.55
C PRO A 337 23.79 4.71 -51.43
N PHE A 338 22.77 5.52 -51.17
CA PHE A 338 21.57 5.50 -51.98
C PHE A 338 21.82 6.02 -53.39
N GLY A 339 22.96 6.67 -53.63
CA GLY A 339 23.33 7.04 -54.98
C GLY A 339 23.73 5.86 -55.84
N GLU A 340 24.12 4.74 -55.22
CA GLU A 340 24.42 3.54 -55.99
C GLU A 340 23.18 3.00 -56.68
N VAL A 341 22.01 3.19 -56.08
CA VAL A 341 20.76 2.71 -56.65
C VAL A 341 20.04 3.81 -57.42
N PHE A 342 19.89 4.99 -56.81
CA PHE A 342 19.16 6.08 -57.46
C PHE A 342 19.93 6.62 -58.66
N ASN A 343 21.22 6.91 -58.48
CA ASN A 343 22.06 7.44 -59.54
C ASN A 343 22.77 6.34 -60.34
N ALA A 344 22.21 5.14 -60.36
CA ALA A 344 22.80 4.04 -61.13
C ALA A 344 22.74 4.34 -62.62
N THR A 345 23.79 3.97 -63.33
CA THR A 345 23.86 4.25 -64.76
C THR A 345 22.82 3.43 -65.53
N ARG A 346 22.74 2.13 -65.24
CA ARG A 346 21.80 1.25 -65.92
C ARG A 346 20.85 0.63 -64.90
N PHE A 347 19.62 0.35 -65.36
CA PHE A 347 18.58 -0.22 -64.53
C PHE A 347 18.19 -1.59 -65.06
N ALA A 348 17.72 -2.45 -64.17
CA ALA A 348 17.33 -3.81 -64.54
C ALA A 348 15.87 -3.84 -65.00
N SER A 349 15.49 -4.93 -65.64
CA SER A 349 14.13 -5.13 -66.08
C SER A 349 13.21 -5.37 -64.89
N VAL A 350 11.90 -5.22 -65.11
CA VAL A 350 10.94 -5.37 -64.02
C VAL A 350 10.85 -6.82 -63.58
N TYR A 351 10.93 -7.76 -64.52
CA TYR A 351 10.93 -9.17 -64.14
C TYR A 351 12.23 -9.56 -63.46
N ALA A 352 13.32 -8.85 -63.76
CA ALA A 352 14.64 -9.11 -63.19
C ALA A 352 15.05 -7.96 -62.27
N TRP A 353 14.10 -7.47 -61.48
CA TRP A 353 14.33 -6.30 -60.64
C TRP A 353 15.52 -6.52 -59.71
N ASN A 354 16.44 -5.56 -59.70
CA ASN A 354 17.62 -5.66 -58.86
C ASN A 354 17.24 -5.50 -57.40
N ARG A 355 18.02 -6.13 -56.52
CA ARG A 355 17.78 -6.07 -55.09
C ARG A 355 19.09 -5.75 -54.40
N LYS A 356 19.08 -4.71 -53.57
CA LYS A 356 20.28 -4.28 -52.85
C LYS A 356 19.98 -4.20 -51.37
N ARG A 357 20.90 -4.68 -50.56
CA ARG A 357 20.77 -4.67 -49.11
C ARG A 357 21.50 -3.47 -48.54
N ILE A 358 20.80 -2.69 -47.71
CA ILE A 358 21.36 -1.50 -47.09
C ILE A 358 21.37 -1.71 -45.59
N SER A 359 22.56 -1.67 -45.00
CA SER A 359 22.72 -1.91 -43.57
C SER A 359 23.99 -1.23 -43.09
N ASN A 360 24.10 -1.10 -41.76
CA ASN A 360 25.29 -0.57 -41.10
C ASN A 360 25.66 0.82 -41.63
N CYS A 361 24.66 1.66 -41.80
CA CYS A 361 24.87 3.03 -42.26
C CYS A 361 23.69 3.88 -41.82
N VAL A 362 23.91 5.19 -41.84
CA VAL A 362 22.86 6.16 -41.54
C VAL A 362 22.18 6.55 -42.84
N ALA A 363 20.86 6.43 -42.89
CA ALA A 363 20.10 6.66 -44.11
C ALA A 363 19.44 8.04 -44.03
N ASP A 364 19.99 8.98 -44.79
CA ASP A 364 19.47 10.35 -44.84
C ASP A 364 18.33 10.38 -45.84
N TYR A 365 17.16 10.84 -45.41
CA TYR A 365 15.98 10.89 -46.26
C TYR A 365 15.48 12.30 -46.54
N SER A 366 16.07 13.32 -45.89
CA SER A 366 15.65 14.69 -46.18
C SER A 366 15.91 15.05 -47.64
N VAL A 367 17.07 14.68 -48.16
CA VAL A 367 17.38 14.96 -49.56
C VAL A 367 16.50 14.16 -50.51
N LEU A 368 15.92 13.05 -50.05
CA LEU A 368 15.12 12.20 -50.93
C LEU A 368 13.76 12.84 -51.23
N TYR A 369 12.95 13.09 -50.20
CA TYR A 369 11.62 13.63 -50.43
C TYR A 369 11.64 15.13 -50.75
N ASN A 370 12.74 15.83 -50.49
CA ASN A 370 12.83 17.23 -50.89
C ASN A 370 13.06 17.39 -52.39
N SER A 371 13.75 16.44 -53.01
CA SER A 371 14.05 16.54 -54.43
C SER A 371 12.76 16.52 -55.25
N ALA A 372 12.67 17.43 -56.21
CA ALA A 372 11.49 17.55 -57.06
C ALA A 372 11.60 16.75 -58.35
N SER A 373 12.71 16.04 -58.56
CA SER A 373 12.89 15.24 -59.75
C SER A 373 12.01 13.98 -59.76
N PHE A 374 11.39 13.64 -58.64
CA PHE A 374 10.63 12.41 -58.50
C PHE A 374 9.15 12.67 -58.74
N SER A 375 8.57 11.95 -59.70
CA SER A 375 7.15 12.08 -59.98
C SER A 375 6.29 11.38 -58.94
N THR A 376 6.75 10.26 -58.40
CA THR A 376 6.00 9.47 -57.44
C THR A 376 6.80 9.32 -56.16
N PHE A 377 6.18 9.65 -55.03
CA PHE A 377 6.80 9.46 -53.72
C PHE A 377 5.67 9.13 -52.74
N LYS A 378 5.42 7.83 -52.55
CA LYS A 378 4.32 7.34 -51.73
C LYS A 378 4.87 6.43 -50.63
N CYS A 379 4.52 6.72 -49.39
CA CYS A 379 4.96 5.94 -48.24
C CYS A 379 3.77 5.24 -47.61
N TYR A 380 3.91 3.93 -47.41
CA TYR A 380 2.84 3.10 -46.89
C TYR A 380 3.19 2.63 -45.49
N GLY A 381 2.30 2.88 -44.53
CA GLY A 381 2.49 2.44 -43.17
C GLY A 381 3.42 3.31 -42.34
N VAL A 382 3.94 4.40 -42.89
CA VAL A 382 4.83 5.29 -42.15
C VAL A 382 4.81 6.65 -42.82
N SER A 383 5.05 7.69 -42.04
CA SER A 383 5.00 9.09 -42.44
C SER A 383 6.41 9.63 -42.68
N PRO A 384 6.57 10.51 -43.69
CA PRO A 384 7.92 10.91 -44.11
C PRO A 384 8.79 11.48 -43.01
N THR A 385 8.21 12.00 -41.94
CA THR A 385 9.01 12.62 -40.88
C THR A 385 9.83 11.60 -40.11
N LYS A 386 9.25 10.44 -39.79
CA LYS A 386 9.83 9.54 -38.79
C LYS A 386 10.86 8.57 -39.34
N LEU A 387 11.07 8.52 -40.66
CA LEU A 387 12.12 7.66 -41.18
C LEU A 387 13.50 8.17 -40.76
N ASN A 388 13.59 9.45 -40.42
CA ASN A 388 14.83 10.00 -39.87
C ASN A 388 14.90 9.81 -38.35
N ASP A 389 13.87 9.22 -37.74
CA ASP A 389 13.85 9.00 -36.30
C ASP A 389 13.69 7.54 -35.90
N LEU A 390 13.35 6.66 -36.84
CA LEU A 390 13.11 5.24 -36.56
C LEU A 390 14.16 4.40 -37.27
N CYS A 391 14.68 3.40 -36.57
CA CYS A 391 15.67 2.49 -37.12
C CYS A 391 15.05 1.12 -37.41
N PHE A 392 15.63 0.45 -38.41
CA PHE A 392 15.14 -0.84 -38.86
C PHE A 392 16.33 -1.74 -39.16
N THR A 393 16.12 -3.05 -39.01
CA THR A 393 17.23 -3.99 -39.13
C THR A 393 17.74 -4.11 -40.56
N ASN A 394 16.90 -3.80 -41.54
CA ASN A 394 17.30 -3.91 -42.94
C ASN A 394 16.43 -3.03 -43.81
N VAL A 395 17.05 -2.41 -44.82
CA VAL A 395 16.36 -1.61 -45.81
C VAL A 395 16.74 -2.13 -47.18
N TYR A 396 15.75 -2.42 -48.01
CA TYR A 396 15.96 -3.01 -49.32
C TYR A 396 15.70 -1.98 -50.40
N ALA A 397 16.63 -1.88 -51.36
CA ALA A 397 16.49 -0.98 -52.51
C ALA A 397 16.23 -1.85 -53.73
N ASP A 398 15.02 -1.77 -54.26
CA ASP A 398 14.58 -2.61 -55.37
C ASP A 398 14.30 -1.72 -56.58
N SER A 399 15.21 -1.73 -57.54
CA SER A 399 15.17 -0.83 -58.69
C SER A 399 14.88 -1.58 -59.97
N PHE A 400 14.06 -0.98 -60.83
CA PHE A 400 13.72 -1.54 -62.14
C PHE A 400 13.10 -0.43 -62.98
N VAL A 401 12.70 -0.76 -64.21
CA VAL A 401 12.13 0.20 -65.14
C VAL A 401 10.80 -0.36 -65.65
N ILE A 402 9.76 0.47 -65.59
CA ILE A 402 8.43 0.10 -66.07
C ILE A 402 7.88 1.20 -66.96
N ARG A 403 6.64 1.04 -67.41
CA ARG A 403 5.99 2.03 -68.24
C ARG A 403 5.26 3.06 -67.38
N GLY A 404 4.87 4.17 -68.01
CA GLY A 404 4.26 5.26 -67.27
C GLY A 404 2.95 4.89 -66.62
N ASP A 405 2.11 4.13 -67.33
CA ASP A 405 0.80 3.75 -66.81
C ASP A 405 0.87 2.60 -65.80
N GLU A 406 2.04 1.98 -65.63
CA GLU A 406 2.20 0.88 -64.69
C GLU A 406 2.75 1.32 -63.34
N VAL A 407 2.96 2.62 -63.14
CA VAL A 407 3.56 3.10 -61.89
C VAL A 407 2.62 2.88 -60.71
N ARG A 408 1.31 3.00 -60.94
CA ARG A 408 0.35 2.82 -59.86
C ARG A 408 0.29 1.39 -59.37
N GLN A 409 0.86 0.44 -60.12
CA GLN A 409 0.74 -0.98 -59.78
C GLN A 409 1.65 -1.41 -58.64
N ILE A 410 2.58 -0.56 -58.19
CA ILE A 410 3.51 -0.92 -57.13
C ILE A 410 2.97 -0.28 -55.85
N ALA A 411 2.15 -1.06 -55.13
CA ALA A 411 1.56 -0.67 -53.86
C ALA A 411 0.83 -1.87 -53.27
N PRO A 412 0.64 -1.93 -51.96
CA PRO A 412 -0.14 -3.03 -51.38
C PRO A 412 -1.56 -3.06 -51.92
N GLY A 413 -2.06 -4.26 -52.18
CA GLY A 413 -3.42 -4.41 -52.69
C GLY A 413 -3.61 -3.95 -54.11
N GLN A 414 -2.56 -3.96 -54.93
CA GLN A 414 -2.66 -3.54 -56.32
C GLN A 414 -2.81 -4.75 -57.23
N THR A 415 -3.43 -4.52 -58.39
CA THR A 415 -3.66 -5.56 -59.38
C THR A 415 -3.16 -5.10 -60.75
N GLY A 416 -2.79 -6.06 -61.56
CA GLY A 416 -2.28 -5.79 -62.89
C GLY A 416 -1.31 -6.87 -63.31
N LYS A 417 -0.81 -6.73 -64.54
CA LYS A 417 0.15 -7.70 -65.04
C LYS A 417 1.48 -7.61 -64.29
N ILE A 418 1.96 -6.40 -64.04
CA ILE A 418 3.22 -6.23 -63.30
C ILE A 418 3.04 -6.69 -61.87
N ALA A 419 1.97 -6.24 -61.20
CA ALA A 419 1.78 -6.53 -59.80
C ALA A 419 1.49 -8.01 -59.54
N ASP A 420 1.20 -8.79 -60.59
CA ASP A 420 0.89 -10.20 -60.42
C ASP A 420 1.96 -11.13 -60.96
N TYR A 421 2.71 -10.73 -61.99
CA TYR A 421 3.71 -11.61 -62.58
C TYR A 421 5.14 -11.08 -62.55
N ASN A 422 5.36 -9.84 -62.10
CA ASN A 422 6.70 -9.27 -62.09
C ASN A 422 7.15 -8.87 -60.69
N TYR A 423 6.31 -8.16 -59.93
CA TYR A 423 6.67 -7.73 -58.59
C TYR A 423 5.39 -7.58 -57.77
N LYS A 424 5.31 -8.31 -56.66
CA LYS A 424 4.17 -8.27 -55.77
C LYS A 424 4.60 -7.70 -54.43
N LEU A 425 3.78 -6.80 -53.89
CA LEU A 425 4.08 -6.18 -52.60
C LEU A 425 3.08 -6.64 -51.55
N PRO A 426 3.53 -6.96 -50.34
CA PRO A 426 2.61 -7.43 -49.31
C PRO A 426 1.67 -6.33 -48.85
N ASP A 427 0.51 -6.76 -48.34
CA ASP A 427 -0.48 -5.80 -47.86
C ASP A 427 0.02 -5.04 -46.62
N ASP A 428 0.85 -5.68 -45.80
CA ASP A 428 1.43 -5.05 -44.62
C ASP A 428 2.79 -4.43 -44.89
N PHE A 429 3.03 -3.98 -46.12
CA PHE A 429 4.32 -3.43 -46.48
C PHE A 429 4.63 -2.17 -45.69
N THR A 430 5.82 -2.12 -45.11
CA THR A 430 6.31 -0.95 -44.40
C THR A 430 7.46 -0.36 -45.21
N GLY A 431 7.27 0.86 -45.73
CA GLY A 431 8.29 1.49 -46.54
C GLY A 431 7.67 2.49 -47.49
N CYS A 432 8.44 2.85 -48.51
CA CYS A 432 7.98 3.82 -49.50
C CYS A 432 8.31 3.32 -50.90
N VAL A 433 7.49 3.71 -51.86
CA VAL A 433 7.72 3.43 -53.28
C VAL A 433 7.95 4.76 -53.98
N ILE A 434 9.13 4.92 -54.58
CA ILE A 434 9.52 6.15 -55.24
C ILE A 434 9.84 5.86 -56.70
N ALA A 435 9.47 6.80 -57.57
CA ALA A 435 9.68 6.63 -59.01
C ALA A 435 9.81 8.00 -59.65
N TRP A 436 10.60 8.08 -60.71
CA TRP A 436 10.79 9.33 -61.43
C TRP A 436 10.92 9.06 -62.92
N ASN A 437 10.52 10.05 -63.71
CA ASN A 437 10.55 9.92 -65.16
C ASN A 437 11.99 9.79 -65.66
N SER A 438 12.18 8.89 -66.62
CA SER A 438 13.50 8.63 -67.19
C SER A 438 13.42 8.53 -68.70
N ASN A 439 12.61 9.39 -69.31
CA ASN A 439 12.47 9.38 -70.77
C ASN A 439 13.76 9.80 -71.45
N ASN A 440 14.47 10.78 -70.89
CA ASN A 440 15.70 11.27 -71.49
C ASN A 440 16.82 10.25 -71.50
N LEU A 441 16.69 9.16 -70.74
CA LEU A 441 17.72 8.14 -70.66
C LEU A 441 17.30 6.78 -71.21
N ASP A 442 16.15 6.26 -70.79
CA ASP A 442 15.73 4.92 -71.12
C ASP A 442 14.90 4.85 -72.40
N SER A 443 14.69 5.97 -73.08
CA SER A 443 13.97 6.00 -74.35
C SER A 443 14.95 6.28 -75.48
N LYS A 444 14.86 5.47 -76.53
CA LYS A 444 15.75 5.56 -77.68
C LYS A 444 14.92 5.65 -78.95
N VAL A 445 15.35 6.50 -79.88
CA VAL A 445 14.63 6.66 -81.14
C VAL A 445 14.62 5.34 -81.90
N GLY A 446 13.44 4.93 -82.35
CA GLY A 446 13.26 3.64 -82.99
C GLY A 446 12.91 2.51 -82.06
N GLY A 447 12.91 2.74 -80.76
CA GLY A 447 12.54 1.70 -79.80
C GLY A 447 13.70 1.12 -79.03
N ASN A 448 13.64 1.22 -77.71
CA ASN A 448 14.64 0.63 -76.81
C ASN A 448 14.03 -0.61 -76.19
N TYR A 449 14.55 -1.78 -76.57
CA TYR A 449 13.95 -3.06 -76.18
C TYR A 449 14.79 -3.80 -75.15
N ASN A 450 15.61 -3.09 -74.37
CA ASN A 450 16.42 -3.72 -73.34
C ASN A 450 15.64 -4.05 -72.07
N TYR A 451 14.43 -3.51 -71.92
CA TYR A 451 13.62 -3.75 -70.73
C TYR A 451 12.50 -4.70 -71.07
N LEU A 452 12.33 -5.74 -70.25
CA LEU A 452 11.37 -6.81 -70.52
C LEU A 452 10.43 -6.99 -69.32
N TYR A 453 9.24 -7.49 -69.62
CA TYR A 453 8.23 -7.76 -68.60
C TYR A 453 7.53 -9.07 -68.91
N ARG A 454 7.00 -9.70 -67.86
CA ARG A 454 6.33 -10.99 -67.99
C ARG A 454 4.84 -10.76 -68.24
N LEU A 455 4.29 -11.50 -69.20
CA LEU A 455 2.88 -11.41 -69.53
C LEU A 455 2.04 -12.49 -68.86
N PHE A 456 2.54 -13.71 -68.80
CA PHE A 456 1.77 -14.85 -68.33
C PHE A 456 2.49 -15.54 -67.18
N ARG A 457 1.71 -16.05 -66.23
CA ARG A 457 2.23 -16.87 -65.15
C ARG A 457 1.09 -17.72 -64.59
N LYS A 458 1.41 -18.96 -64.22
CA LYS A 458 0.37 -19.87 -63.74
C LYS A 458 -0.28 -19.37 -62.46
N SER A 459 0.53 -18.86 -61.53
CA SER A 459 0.05 -18.38 -60.25
C SER A 459 0.57 -16.97 -59.99
N ASN A 460 -0.14 -16.24 -59.13
CA ASN A 460 0.29 -14.90 -58.75
C ASN A 460 1.61 -14.97 -57.99
N LEU A 461 2.48 -14.00 -58.27
CA LEU A 461 3.77 -13.94 -57.59
C LEU A 461 3.56 -13.63 -56.11
N LYS A 462 4.29 -14.35 -55.26
CA LYS A 462 4.27 -14.07 -53.84
C LYS A 462 4.99 -12.76 -53.56
N PRO A 463 4.67 -12.09 -52.46
CA PRO A 463 5.36 -10.84 -52.13
C PRO A 463 6.86 -11.06 -52.02
N PHE A 464 7.62 -10.12 -52.58
CA PHE A 464 9.08 -10.16 -52.60
C PHE A 464 9.60 -11.46 -53.21
N GLU A 465 9.15 -11.73 -54.44
CA GLU A 465 9.58 -12.91 -55.19
C GLU A 465 10.01 -12.50 -56.59
N ARG A 466 10.95 -13.26 -57.14
CA ARG A 466 11.50 -13.00 -58.47
C ARG A 466 11.36 -14.25 -59.33
N ASP A 467 11.13 -14.03 -60.63
CA ASP A 467 10.94 -15.12 -61.59
C ASP A 467 11.84 -14.87 -62.79
N ILE A 468 12.88 -15.70 -62.93
CA ILE A 468 13.79 -15.63 -64.06
C ILE A 468 13.67 -16.94 -64.83
N SER A 469 12.47 -17.53 -64.80
CA SER A 469 12.25 -18.81 -65.45
C SER A 469 12.47 -18.72 -66.95
N THR A 470 11.96 -17.66 -67.58
CA THR A 470 12.00 -17.43 -69.03
C THR A 470 11.82 -18.73 -69.82
N GLU A 471 10.81 -19.50 -69.42
CA GLU A 471 10.47 -20.77 -70.04
C GLU A 471 9.20 -20.61 -70.87
N ILE A 472 9.06 -21.47 -71.88
CA ILE A 472 7.93 -21.36 -72.80
C ILE A 472 6.66 -21.68 -72.03
N TYR A 473 5.83 -20.65 -71.80
CA TYR A 473 4.62 -20.82 -71.02
C TYR A 473 3.56 -21.56 -71.84
N GLN A 474 2.72 -22.32 -71.14
CA GLN A 474 1.66 -23.10 -71.76
C GLN A 474 0.30 -22.54 -71.34
N ALA A 475 -0.54 -22.23 -72.33
CA ALA A 475 -1.88 -21.71 -72.07
C ALA A 475 -2.96 -22.58 -72.67
N GLY A 476 -2.63 -23.81 -73.08
CA GLY A 476 -3.62 -24.71 -73.64
C GLY A 476 -3.37 -26.13 -73.18
N SER A 477 -4.36 -26.99 -73.45
CA SER A 477 -4.26 -28.39 -73.07
C SER A 477 -3.16 -29.11 -73.83
N THR A 478 -2.73 -28.58 -74.97
CA THR A 478 -1.64 -29.19 -75.72
C THR A 478 -0.33 -29.00 -74.97
N PRO A 479 0.42 -30.08 -74.71
CA PRO A 479 1.73 -29.91 -74.04
C PRO A 479 2.77 -29.30 -74.95
N CYS A 480 3.99 -29.12 -74.45
CA CYS A 480 5.06 -28.51 -75.22
C CYS A 480 6.40 -29.06 -74.74
N ASN A 481 7.41 -28.91 -75.60
CA ASN A 481 8.77 -29.35 -75.32
C ASN A 481 9.76 -28.23 -75.63
N GLY A 482 9.42 -27.01 -75.19
CA GLY A 482 10.27 -25.87 -75.41
C GLY A 482 10.42 -25.46 -76.86
N VAL A 483 9.39 -25.63 -77.67
CA VAL A 483 9.38 -25.22 -79.07
C VAL A 483 8.20 -24.31 -79.29
N GLU A 484 8.45 -23.10 -79.80
CA GLU A 484 7.38 -22.12 -80.01
C GLU A 484 6.40 -22.65 -81.04
N GLY A 485 5.11 -22.55 -80.72
CA GLY A 485 4.08 -23.08 -81.59
C GLY A 485 2.73 -22.40 -81.45
N PHE A 486 1.66 -23.14 -81.76
CA PHE A 486 0.32 -22.56 -81.70
C PHE A 486 -0.07 -22.20 -80.28
N ASN A 487 0.14 -23.12 -79.33
CA ASN A 487 -0.20 -22.90 -77.93
C ASN A 487 1.03 -22.72 -77.06
N CYS A 488 2.22 -22.62 -77.65
CA CYS A 488 3.45 -22.40 -76.92
C CYS A 488 3.90 -20.96 -77.15
N TYR A 489 4.07 -20.21 -76.07
CA TYR A 489 4.34 -18.79 -76.14
C TYR A 489 5.55 -18.42 -75.29
N PHE A 490 6.26 -17.39 -75.71
CA PHE A 490 7.29 -16.79 -74.86
C PHE A 490 6.64 -15.85 -73.87
N PRO A 491 6.88 -16.03 -72.56
CA PRO A 491 6.20 -15.19 -71.56
C PRO A 491 6.83 -13.82 -71.38
N LEU A 492 7.88 -13.49 -72.12
CA LEU A 492 8.62 -12.25 -71.95
C LEU A 492 8.42 -11.36 -73.16
N GLN A 493 7.96 -10.14 -72.92
CA GLN A 493 7.83 -9.12 -73.96
C GLN A 493 8.58 -7.87 -73.53
N SER A 494 9.14 -7.16 -74.51
CA SER A 494 10.00 -6.02 -74.23
C SER A 494 9.26 -4.71 -74.46
N TYR A 495 9.42 -3.78 -73.53
CA TYR A 495 8.82 -2.46 -73.67
C TYR A 495 9.40 -1.73 -74.88
N GLY A 496 8.53 -1.06 -75.62
CA GLY A 496 8.97 -0.18 -76.68
C GLY A 496 9.08 1.26 -76.19
N PHE A 497 10.30 1.69 -75.86
CA PHE A 497 10.53 3.01 -75.30
C PHE A 497 11.03 3.93 -76.41
N GLN A 498 10.22 4.91 -76.79
CA GLN A 498 10.54 5.86 -77.83
C GLN A 498 10.26 7.28 -77.33
N PRO A 499 11.03 8.27 -77.77
CA PRO A 499 10.77 9.66 -77.32
C PRO A 499 9.38 10.17 -77.69
N THR A 500 8.84 9.75 -78.83
CA THR A 500 7.54 10.24 -79.29
C THR A 500 6.37 9.63 -78.53
N ASN A 501 6.62 8.64 -77.67
CA ASN A 501 5.54 8.00 -76.94
C ASN A 501 4.94 8.96 -75.91
N GLY A 502 3.71 8.63 -75.49
CA GLY A 502 3.02 9.46 -74.53
C GLY A 502 3.59 9.31 -73.12
N VAL A 503 3.06 10.14 -72.21
CA VAL A 503 3.51 10.11 -70.82
C VAL A 503 3.24 8.75 -70.21
N GLY A 504 2.06 8.18 -70.46
CA GLY A 504 1.74 6.86 -69.97
C GLY A 504 2.55 5.75 -70.61
N TYR A 505 3.19 6.02 -71.76
CA TYR A 505 4.02 5.05 -72.45
C TYR A 505 5.50 5.34 -72.30
N GLN A 506 5.89 6.31 -71.44
CA GLN A 506 7.28 6.68 -71.23
C GLN A 506 7.91 5.82 -70.15
N PRO A 507 9.21 5.55 -70.23
CA PRO A 507 9.87 4.78 -69.18
C PRO A 507 9.92 5.55 -67.87
N TYR A 508 9.80 4.80 -66.77
CA TYR A 508 9.82 5.36 -65.43
C TYR A 508 10.67 4.47 -64.54
N ARG A 509 11.80 4.99 -64.08
CA ARG A 509 12.65 4.25 -63.15
C ARG A 509 12.00 4.25 -61.77
N VAL A 510 11.86 3.06 -61.18
CA VAL A 510 11.17 2.87 -59.91
C VAL A 510 12.11 2.20 -58.93
N VAL A 511 12.22 2.75 -57.73
CA VAL A 511 12.96 2.15 -56.64
C VAL A 511 12.03 2.00 -55.44
N VAL A 512 12.01 0.81 -54.85
CA VAL A 512 11.14 0.52 -53.71
C VAL A 512 12.03 0.32 -52.49
N LEU A 513 11.79 1.12 -51.45
CA LEU A 513 12.52 1.03 -50.19
C LEU A 513 11.65 0.31 -49.17
N SER A 514 12.17 -0.78 -48.61
CA SER A 514 11.38 -1.67 -47.76
C SER A 514 11.96 -1.66 -46.35
N PHE A 515 11.31 -0.91 -45.45
CA PHE A 515 11.66 -0.96 -44.04
C PHE A 515 11.09 -2.22 -43.40
N GLU A 516 11.84 -2.78 -42.46
CA GLU A 516 11.49 -4.05 -41.84
C GLU A 516 12.26 -4.16 -40.52
N LEU A 517 11.58 -4.65 -39.48
CA LEU A 517 12.17 -4.77 -38.16
C LEU A 517 12.03 -6.22 -37.69
N LEU A 518 13.16 -6.83 -37.35
CA LEU A 518 13.21 -8.19 -36.83
C LEU A 518 13.63 -8.16 -35.37
N HIS A 519 13.81 -9.35 -34.80
CA HIS A 519 14.30 -9.43 -33.43
C HIS A 519 15.73 -8.91 -33.32
N ALA A 520 16.54 -9.14 -34.34
CA ALA A 520 17.90 -8.65 -34.34
C ALA A 520 17.90 -7.12 -34.31
N PRO A 521 18.82 -6.50 -33.57
CA PRO A 521 18.81 -5.04 -33.44
C PRO A 521 19.04 -4.36 -34.79
N ALA A 522 18.47 -3.15 -34.90
CA ALA A 522 18.48 -2.42 -36.16
C ALA A 522 19.90 -2.04 -36.58
N THR A 523 20.12 -2.06 -37.89
CA THR A 523 21.40 -1.68 -38.48
C THR A 523 21.41 -0.26 -39.05
N VAL A 524 20.27 0.23 -39.53
CA VAL A 524 20.17 1.53 -40.17
C VAL A 524 19.34 2.44 -39.28
N CYS A 525 19.97 3.50 -38.78
CA CYS A 525 19.31 4.53 -37.99
C CYS A 525 19.31 5.83 -38.77
N GLY A 526 18.14 6.47 -38.85
CA GLY A 526 18.04 7.75 -39.50
C GLY A 526 18.83 8.81 -38.77
N PRO A 527 19.33 9.80 -39.50
CA PRO A 527 20.17 10.83 -38.87
C PRO A 527 19.35 11.72 -37.96
N LYS A 528 19.55 11.56 -36.66
CA LYS A 528 18.92 12.46 -35.70
C LYS A 528 19.41 13.89 -35.92
N LYS A 529 18.48 14.83 -35.87
CA LYS A 529 18.78 16.21 -36.21
C LYS A 529 19.89 16.77 -35.33
N SER A 530 21.00 17.14 -35.96
CA SER A 530 22.11 17.74 -35.23
C SER A 530 21.75 19.15 -34.78
N THR A 531 22.43 19.61 -33.74
CA THR A 531 22.18 20.90 -33.14
C THR A 531 23.50 21.64 -32.97
N ASN A 532 23.40 22.92 -32.61
CA ASN A 532 24.57 23.70 -32.23
C ASN A 532 24.86 23.48 -30.75
N LEU A 533 26.11 23.14 -30.44
CA LEU A 533 26.50 22.95 -29.05
C LEU A 533 26.49 24.29 -28.33
N VAL A 534 25.85 24.31 -27.17
CA VAL A 534 25.81 25.49 -26.31
C VAL A 534 26.38 25.09 -24.95
N LYS A 535 27.33 25.89 -24.45
CA LYS A 535 27.98 25.63 -23.18
C LYS A 535 27.87 26.85 -22.29
N ASN A 536 28.00 26.63 -20.98
CA ASN A 536 27.93 27.62 -19.91
C ASN A 536 26.52 28.15 -19.73
N LYS A 537 25.53 27.64 -20.45
CA LYS A 537 24.14 28.04 -20.32
C LYS A 537 23.29 26.82 -20.05
N CYS A 538 22.44 26.89 -19.03
CA CYS A 538 21.59 25.76 -18.67
C CYS A 538 20.68 25.38 -19.83
N VAL A 539 20.90 24.21 -20.40
CA VAL A 539 20.20 23.76 -21.60
C VAL A 539 19.85 22.29 -21.45
N ASN A 540 18.63 21.92 -21.83
CA ASN A 540 18.27 20.51 -21.92
C ASN A 540 19.07 19.86 -23.05
N PHE A 541 19.66 18.71 -22.76
CA PHE A 541 20.52 18.04 -23.72
C PHE A 541 20.10 16.59 -23.89
N ASN A 542 20.30 16.08 -25.11
CA ASN A 542 20.02 14.68 -25.43
C ASN A 542 21.20 14.18 -26.26
N PHE A 543 22.06 13.39 -25.62
CA PHE A 543 23.27 12.86 -26.25
C PHE A 543 23.11 11.35 -26.38
N ASN A 544 22.65 10.90 -27.56
CA ASN A 544 22.48 9.48 -27.85
C ASN A 544 21.53 8.80 -26.86
N GLY A 545 20.59 9.56 -26.30
CA GLY A 545 19.63 9.02 -25.37
C GLY A 545 19.87 9.30 -23.91
N LEU A 546 20.86 10.13 -23.58
CA LEU A 546 21.07 10.51 -22.18
C LEU A 546 19.86 11.26 -21.64
N THR A 547 19.33 12.20 -22.42
CA THR A 547 18.11 12.95 -22.07
C THR A 547 18.22 13.59 -20.69
N GLY A 548 19.39 14.13 -20.38
CA GLY A 548 19.63 14.78 -19.11
C GLY A 548 19.44 16.28 -19.19
N THR A 549 19.43 16.91 -18.01
CA THR A 549 19.26 18.35 -17.88
C THR A 549 20.42 18.92 -17.07
N GLY A 550 20.95 20.04 -17.53
CA GLY A 550 22.04 20.68 -16.83
C GLY A 550 22.78 21.64 -17.74
N VAL A 551 23.84 22.23 -17.19
CA VAL A 551 24.70 23.15 -17.91
C VAL A 551 26.01 22.46 -18.23
N LEU A 552 26.41 22.50 -19.50
CA LEU A 552 27.60 21.80 -19.98
C LEU A 552 28.76 22.79 -20.08
N THR A 553 29.93 22.38 -19.64
CA THR A 553 31.16 23.14 -19.79
C THR A 553 32.26 22.24 -20.31
N GLU A 554 33.24 22.84 -20.98
CA GLU A 554 34.39 22.08 -21.45
C GLU A 554 35.13 21.46 -20.28
N SER A 555 35.45 20.17 -20.40
CA SER A 555 35.92 19.36 -19.29
C SER A 555 37.43 19.17 -19.36
N ASN A 556 37.95 18.40 -18.41
CA ASN A 556 39.37 18.09 -18.31
C ASN A 556 39.67 16.61 -18.27
N LYS A 557 38.78 15.79 -17.72
CA LYS A 557 39.04 14.37 -17.58
C LYS A 557 39.19 13.70 -18.94
N LYS A 558 40.05 12.69 -19.00
CA LYS A 558 40.35 11.98 -20.24
C LYS A 558 39.57 10.68 -20.29
N PHE A 559 38.81 10.50 -21.37
CA PHE A 559 38.11 9.25 -21.61
C PHE A 559 38.99 8.28 -22.39
N LEU A 560 38.73 7.01 -22.21
CA LEU A 560 39.35 6.20 -23.24
C LEU A 560 38.51 6.26 -24.51
N PRO A 561 39.12 6.01 -25.68
CA PRO A 561 38.38 6.21 -26.94
C PRO A 561 37.10 5.39 -27.04
N PHE A 562 37.04 4.23 -26.39
CA PHE A 562 35.84 3.41 -26.45
C PHE A 562 34.77 3.82 -25.47
N GLN A 563 35.09 4.69 -24.50
CA GLN A 563 34.13 5.09 -23.48
C GLN A 563 33.34 6.31 -23.97
N GLN A 564 32.01 6.21 -23.88
CA GLN A 564 31.13 7.19 -24.49
C GLN A 564 30.63 8.27 -23.54
N PHE A 565 30.40 7.94 -22.27
CA PHE A 565 29.94 8.96 -21.33
C PHE A 565 30.36 8.58 -19.92
N GLY A 566 30.73 9.58 -19.13
CA GLY A 566 31.21 9.36 -17.78
C GLY A 566 30.11 9.20 -16.77
N ARG A 567 30.52 9.00 -15.52
CA ARG A 567 29.61 8.74 -14.42
C ARG A 567 30.32 9.09 -13.11
N ASP A 568 29.52 9.46 -12.11
CA ASP A 568 30.03 9.81 -10.80
C ASP A 568 29.88 8.61 -9.86
N ILE A 569 30.18 8.81 -8.58
CA ILE A 569 30.05 7.72 -7.62
C ILE A 569 28.60 7.29 -7.48
N ALA A 570 27.68 8.24 -7.43
CA ALA A 570 26.28 7.97 -7.12
C ALA A 570 25.48 7.53 -8.33
N ASP A 571 26.14 7.01 -9.37
CA ASP A 571 25.48 6.56 -10.59
C ASP A 571 24.65 7.69 -11.22
N THR A 572 25.21 8.90 -11.20
CA THR A 572 24.62 10.05 -11.86
C THR A 572 25.59 10.53 -12.94
N THR A 573 25.08 10.72 -14.15
CA THR A 573 25.92 11.15 -15.25
C THR A 573 26.58 12.48 -14.93
N ASP A 574 27.89 12.55 -15.14
CA ASP A 574 28.67 13.72 -14.76
C ASP A 574 29.42 14.38 -15.91
N ALA A 575 29.99 13.61 -16.83
CA ALA A 575 30.63 14.16 -18.01
C ALA A 575 30.21 13.34 -19.21
N VAL A 576 30.13 13.98 -20.37
CA VAL A 576 29.71 13.31 -21.60
C VAL A 576 30.71 13.63 -22.71
N ARG A 577 31.08 12.61 -23.46
CA ARG A 577 31.87 12.80 -24.67
C ARG A 577 30.96 13.34 -25.78
N ASP A 578 31.39 14.42 -26.40
CA ASP A 578 30.61 15.00 -27.49
C ASP A 578 30.66 14.08 -28.69
N PRO A 579 29.51 13.68 -29.26
CA PRO A 579 29.54 12.68 -30.33
C PRO A 579 30.02 13.23 -31.67
N GLN A 580 29.73 14.50 -31.98
CA GLN A 580 30.14 15.05 -33.27
C GLN A 580 31.66 15.15 -33.37
N THR A 581 32.30 15.76 -32.38
CA THR A 581 33.74 15.85 -32.30
C THR A 581 34.21 15.30 -30.96
N LEU A 582 35.29 14.55 -30.99
CA LEU A 582 35.75 13.81 -29.81
C LEU A 582 36.34 14.77 -28.80
N GLU A 583 35.54 15.17 -27.82
CA GLU A 583 35.96 16.01 -26.72
C GLU A 583 35.09 15.70 -25.52
N ILE A 584 35.45 16.25 -24.36
CA ILE A 584 34.83 15.91 -23.10
C ILE A 584 34.12 17.15 -22.54
N LEU A 585 32.87 16.97 -22.12
CA LEU A 585 32.05 18.05 -21.58
C LEU A 585 31.56 17.66 -20.20
N ASP A 586 32.02 18.39 -19.18
CA ASP A 586 31.56 18.16 -17.82
C ASP A 586 30.21 18.85 -17.65
N ILE A 587 29.23 18.11 -17.15
CA ILE A 587 27.89 18.64 -16.89
C ILE A 587 27.73 18.84 -15.38
N THR A 588 26.99 19.87 -15.02
CA THR A 588 26.66 20.19 -13.64
C THR A 588 25.18 20.55 -13.58
N PRO A 589 24.50 20.27 -12.48
CA PRO A 589 23.05 20.47 -12.45
C PRO A 589 22.69 21.95 -12.51
N CYS A 590 21.49 22.22 -13.02
CA CYS A 590 20.98 23.58 -13.07
C CYS A 590 20.94 24.17 -11.67
N SER A 591 21.42 25.40 -11.54
CA SER A 591 21.56 26.01 -10.22
C SER A 591 20.21 26.15 -9.54
N PHE A 592 20.14 25.70 -8.29
CA PHE A 592 18.95 25.86 -7.47
C PHE A 592 19.39 25.98 -6.02
N GLY A 593 18.51 26.56 -5.21
CA GLY A 593 18.79 26.72 -3.80
C GLY A 593 17.59 27.31 -3.10
N GLY A 594 17.64 27.28 -1.77
CA GLY A 594 16.57 27.84 -0.99
C GLY A 594 16.47 29.35 -1.16
N VAL A 595 15.26 29.87 -1.02
CA VAL A 595 15.00 31.30 -1.08
C VAL A 595 14.54 31.73 0.30
N SER A 596 15.32 32.59 0.95
CA SER A 596 15.01 33.04 2.30
C SER A 596 14.79 34.54 2.30
N VAL A 597 13.97 35.00 3.23
CA VAL A 597 13.66 36.42 3.39
C VAL A 597 14.22 36.86 4.73
N ILE A 598 15.19 37.76 4.68
CA ILE A 598 15.84 38.28 5.89
C ILE A 598 15.21 39.64 6.17
N THR A 599 14.30 39.67 7.13
CA THR A 599 13.58 40.89 7.47
C THR A 599 13.58 41.10 8.98
N PRO A 600 13.61 42.34 9.43
CA PRO A 600 13.37 42.60 10.85
C PRO A 600 11.90 42.43 11.19
N GLY A 601 11.50 42.78 12.40
CA GLY A 601 10.09 42.74 12.73
C GLY A 601 9.27 43.59 11.77
N THR A 602 8.13 43.05 11.34
CA THR A 602 7.25 43.81 10.45
C THR A 602 6.79 45.10 11.10
N ASN A 603 6.64 45.10 12.43
CA ASN A 603 6.37 46.34 13.14
C ASN A 603 7.52 47.32 13.02
N THR A 604 8.76 46.82 13.01
CA THR A 604 9.92 47.70 12.90
C THR A 604 10.07 48.26 11.48
N SER A 605 9.90 47.41 10.46
CA SER A 605 10.17 47.83 9.10
C SER A 605 9.45 46.90 8.13
N ASN A 606 9.29 47.38 6.89
CA ASN A 606 8.77 46.59 5.79
C ASN A 606 9.84 46.20 4.79
N GLN A 607 10.99 46.87 4.79
CA GLN A 607 12.07 46.53 3.89
C GLN A 607 12.63 45.15 4.21
N VAL A 608 12.92 44.37 3.17
CA VAL A 608 13.42 43.00 3.32
C VAL A 608 14.58 42.79 2.38
N ALA A 609 15.33 41.72 2.64
CA ALA A 609 16.45 41.31 1.79
C ALA A 609 16.39 39.80 1.56
N VAL A 610 16.42 39.39 0.31
CA VAL A 610 16.29 37.99 -0.08
C VAL A 610 17.67 37.36 -0.16
N LEU A 611 17.73 36.05 0.09
CA LEU A 611 18.97 35.28 -0.03
C LEU A 611 18.68 34.03 -0.86
N TYR A 612 19.53 33.77 -1.84
CA TYR A 612 19.44 32.58 -2.69
C TYR A 612 20.65 31.71 -2.40
N GLN A 613 20.45 30.67 -1.59
CA GLN A 613 21.57 29.84 -1.15
C GLN A 613 22.13 29.02 -2.30
N ASP A 614 23.46 28.88 -2.30
CA ASP A 614 24.18 28.01 -3.24
C ASP A 614 23.90 28.39 -4.70
N VAL A 615 23.77 29.68 -4.95
CA VAL A 615 23.56 30.21 -6.30
C VAL A 615 24.53 31.36 -6.53
N ASN A 616 25.25 31.31 -7.65
CA ASN A 616 26.11 32.43 -8.02
C ASN A 616 25.26 33.65 -8.36
N CYS A 617 25.78 34.83 -8.02
CA CYS A 617 25.00 36.05 -8.13
C CYS A 617 24.67 36.41 -9.57
N THR A 618 25.48 35.96 -10.53
CA THR A 618 25.23 36.32 -11.92
C THR A 618 23.93 35.70 -12.44
N GLU A 619 23.63 34.47 -12.03
CA GLU A 619 22.50 33.73 -12.57
C GLU A 619 21.17 34.05 -11.88
N VAL A 620 21.20 34.86 -10.81
CA VAL A 620 19.98 35.09 -10.03
C VAL A 620 18.87 35.78 -10.83
N PRO A 621 19.12 36.84 -11.60
CA PRO A 621 17.99 37.56 -12.21
C PRO A 621 17.13 36.71 -13.14
N VAL A 622 17.64 35.60 -13.65
CA VAL A 622 16.95 34.67 -14.55
C VAL A 622 16.02 35.37 -15.54
N TYR A 636 15.11 40.37 -6.91
CA TYR A 636 14.12 41.27 -6.33
C TYR A 636 14.24 42.65 -6.99
N SER A 637 13.14 43.42 -6.95
CA SER A 637 13.09 44.69 -7.68
C SER A 637 14.16 45.66 -7.19
N THR A 638 14.60 45.52 -5.93
CA THR A 638 15.69 46.33 -5.41
C THR A 638 17.02 45.69 -5.82
N GLY A 639 17.25 45.69 -7.14
CA GLY A 639 18.43 45.11 -7.75
C GLY A 639 19.63 46.02 -7.82
N SER A 640 19.56 47.21 -7.23
CA SER A 640 20.70 48.13 -7.25
C SER A 640 21.90 47.52 -6.51
N ASN A 641 21.65 46.85 -5.39
CA ASN A 641 22.70 46.26 -4.57
C ASN A 641 22.56 44.74 -4.60
N VAL A 642 23.64 44.06 -5.01
CA VAL A 642 23.67 42.61 -5.07
C VAL A 642 24.95 42.10 -4.43
N PHE A 643 24.87 41.73 -3.15
CA PHE A 643 26.03 41.21 -2.44
C PHE A 643 26.19 39.71 -2.68
N GLN A 644 27.43 39.25 -2.64
CA GLN A 644 27.75 37.84 -2.84
C GLN A 644 28.50 37.30 -1.62
N THR A 645 28.10 36.12 -1.16
CA THR A 645 28.75 35.46 -0.04
C THR A 645 28.77 33.96 -0.32
N ARG A 646 29.56 33.24 0.48
CA ARG A 646 29.62 31.78 0.34
C ARG A 646 28.25 31.15 0.50
N ALA A 647 27.40 31.75 1.35
CA ALA A 647 26.06 31.21 1.54
C ALA A 647 25.25 31.29 0.25
N GLY A 648 25.36 32.40 -0.47
CA GLY A 648 24.64 32.55 -1.73
C GLY A 648 24.58 34.00 -2.14
N CYS A 649 23.65 34.30 -3.03
CA CYS A 649 23.44 35.65 -3.53
C CYS A 649 22.41 36.37 -2.66
N LEU A 650 22.85 37.45 -2.02
CA LEU A 650 22.00 38.20 -1.09
C LEU A 650 21.59 39.50 -1.77
N ILE A 651 20.32 39.59 -2.15
CA ILE A 651 19.76 40.75 -2.85
C ILE A 651 18.95 41.57 -1.87
N GLY A 652 19.15 42.89 -1.89
CA GLY A 652 18.40 43.78 -1.03
C GLY A 652 19.15 44.27 0.18
N ALA A 653 20.42 43.93 0.33
CA ALA A 653 21.23 44.38 1.44
C ALA A 653 22.60 44.81 0.94
N GLU A 654 23.31 45.56 1.78
CA GLU A 654 24.64 46.05 1.47
C GLU A 654 25.63 45.48 2.48
N HIS A 655 26.75 44.97 1.99
CA HIS A 655 27.78 44.48 2.87
C HIS A 655 28.37 45.63 3.68
N VAL A 656 28.73 45.34 4.93
CA VAL A 656 29.34 46.33 5.81
C VAL A 656 30.71 45.80 6.22
N ASN A 657 31.75 46.61 5.98
CA ASN A 657 33.10 46.21 6.35
C ASN A 657 33.23 46.04 7.86
N ASN A 658 32.59 46.90 8.63
CA ASN A 658 32.60 46.77 10.08
C ASN A 658 31.87 45.51 10.50
N SER A 659 32.15 45.04 11.72
CA SER A 659 31.59 43.81 12.25
C SER A 659 30.87 44.09 13.57
N TYR A 660 29.64 43.59 13.68
CA TYR A 660 28.85 43.69 14.91
C TYR A 660 28.32 42.30 15.26
N GLU A 661 27.87 42.17 16.51
CA GLU A 661 27.35 40.88 16.95
C GLU A 661 26.11 40.49 16.14
N CYS A 662 25.99 39.19 15.86
CA CYS A 662 25.00 38.67 14.93
C CYS A 662 23.68 38.44 15.65
N ASP A 663 22.58 38.75 14.96
CA ASP A 663 21.27 38.39 15.48
C ASP A 663 20.50 37.55 14.47
N ILE A 664 20.65 37.85 13.18
CA ILE A 664 20.01 37.10 12.10
C ILE A 664 21.11 36.38 11.32
N PRO A 665 21.16 35.05 11.36
CA PRO A 665 22.22 34.34 10.63
C PRO A 665 21.93 34.15 9.15
N ILE A 666 22.72 34.80 8.29
CA ILE A 666 22.55 34.60 6.85
C ILE A 666 22.98 33.20 6.45
N GLY A 667 24.17 32.78 6.89
CA GLY A 667 24.73 31.51 6.49
C GLY A 667 26.17 31.68 6.07
N ALA A 668 26.97 30.62 6.28
CA ALA A 668 28.38 30.58 5.87
C ALA A 668 29.19 31.68 6.55
N GLY A 669 28.83 32.05 7.78
CA GLY A 669 29.58 33.01 8.55
C GLY A 669 29.10 34.44 8.48
N ILE A 670 28.38 34.81 7.42
CA ILE A 670 27.85 36.16 7.25
C ILE A 670 26.49 36.22 7.93
N CYS A 671 26.19 37.35 8.56
CA CYS A 671 24.90 37.57 9.22
C CYS A 671 24.45 39.00 8.96
N ALA A 672 23.13 39.17 8.92
CA ALA A 672 22.50 40.44 8.60
C ALA A 672 21.81 41.02 9.84
N SER A 673 21.52 42.31 9.78
CA SER A 673 20.86 43.01 10.86
C SER A 673 20.38 44.37 10.34
N TYR A 674 19.30 44.86 10.93
CA TYR A 674 18.80 46.19 10.60
C TYR A 674 19.70 47.24 11.24
N GLN A 675 19.98 48.31 10.51
CA GLN A 675 20.92 49.32 10.99
C GLN A 675 20.59 50.65 10.33
N THR A 676 20.97 51.72 11.03
CA THR A 676 20.83 53.08 10.51
C THR A 676 21.85 53.35 9.42
N SER A 686 17.59 57.09 7.12
CA SER A 686 18.56 56.30 6.38
C SER A 686 18.75 54.93 7.02
N GLN A 687 17.71 54.10 6.97
CA GLN A 687 17.75 52.74 7.49
C GLN A 687 17.90 51.77 6.33
N SER A 688 18.70 50.73 6.52
CA SER A 688 18.96 49.76 5.46
C SER A 688 19.30 48.41 6.09
N ILE A 689 19.17 47.37 5.27
CA ILE A 689 19.56 46.02 5.68
C ILE A 689 21.03 45.84 5.35
N ILE A 690 21.83 45.50 6.35
CA ILE A 690 23.28 45.37 6.20
C ILE A 690 23.71 44.00 6.69
N ALA A 691 24.60 43.36 5.93
CA ALA A 691 25.14 42.05 6.27
C ALA A 691 26.65 42.16 6.38
N TYR A 692 27.21 41.55 7.42
CA TYR A 692 28.62 41.69 7.74
C TYR A 692 29.24 40.33 8.01
N THR A 693 30.57 40.31 8.06
CA THR A 693 31.25 39.20 8.71
C THR A 693 30.90 39.21 10.19
N MET A 694 30.46 38.06 10.69
CA MET A 694 29.94 38.03 12.05
C MET A 694 31.05 38.34 13.05
N SER A 695 30.86 39.41 13.81
CA SER A 695 31.79 39.79 14.87
C SER A 695 31.69 38.72 15.96
N LEU A 696 32.73 37.89 16.05
CA LEU A 696 32.66 36.72 16.91
C LEU A 696 32.67 37.13 18.38
N GLY A 697 32.93 38.40 18.65
CA GLY A 697 32.92 38.91 20.00
C GLY A 697 33.87 40.08 20.11
N ALA A 698 33.97 40.59 21.33
CA ALA A 698 34.92 41.66 21.62
C ALA A 698 36.24 41.07 22.08
N GLU A 699 37.28 41.26 21.27
CA GLU A 699 38.58 40.67 21.55
C GLU A 699 39.18 41.28 22.80
N ASN A 700 39.58 40.43 23.75
CA ASN A 700 40.16 40.84 25.01
C ASN A 700 41.52 40.17 25.17
N SER A 701 42.54 40.97 25.45
CA SER A 701 43.89 40.46 25.70
C SER A 701 44.09 40.39 27.20
N VAL A 702 44.09 39.18 27.75
CA VAL A 702 44.38 38.99 29.16
C VAL A 702 45.84 39.32 29.37
N ALA A 703 46.14 40.15 30.38
CA ALA A 703 47.51 40.59 30.63
C ALA A 703 48.26 39.47 31.36
N TYR A 704 48.63 38.45 30.58
CA TYR A 704 49.38 37.34 31.13
C TYR A 704 50.79 37.78 31.50
N SER A 705 51.27 37.27 32.63
CA SER A 705 52.64 37.52 33.07
C SER A 705 53.04 36.38 34.00
N ASN A 706 54.34 36.29 34.27
CA ASN A 706 54.83 35.26 35.18
C ASN A 706 54.36 35.48 36.62
N ASN A 707 54.06 36.71 37.00
CA ASN A 707 53.74 37.05 38.38
C ASN A 707 52.57 38.03 38.45
N SER A 708 51.51 37.78 37.68
CA SER A 708 50.35 38.66 37.65
C SER A 708 49.09 37.87 37.94
N ILE A 709 48.43 38.22 39.04
CA ILE A 709 47.17 37.59 39.45
C ILE A 709 46.09 38.66 39.52
N ALA A 710 44.89 38.33 39.06
CA ALA A 710 43.73 39.20 39.14
C ALA A 710 42.70 38.58 40.07
N ILE A 711 42.30 39.31 41.11
CA ILE A 711 41.41 38.81 42.13
C ILE A 711 40.32 39.84 42.40
N PRO A 712 39.04 39.52 42.21
CA PRO A 712 37.99 40.54 42.28
C PRO A 712 37.80 41.09 43.68
N THR A 713 37.36 42.35 43.74
CA THR A 713 37.08 43.00 45.02
C THR A 713 35.64 42.80 45.45
N ASN A 714 34.72 42.63 44.49
CA ASN A 714 33.31 42.46 44.78
C ASN A 714 32.68 41.59 43.69
N PHE A 715 31.39 41.35 43.81
CA PHE A 715 30.72 40.34 43.01
C PHE A 715 29.30 40.80 42.70
N THR A 716 28.50 39.87 42.18
CA THR A 716 27.07 40.07 41.98
C THR A 716 26.37 38.75 42.24
N ILE A 717 25.32 38.78 43.05
CA ILE A 717 24.45 37.61 43.22
C ILE A 717 23.38 37.74 42.14
N SER A 718 23.73 37.28 40.95
CA SER A 718 22.89 37.44 39.77
C SER A 718 22.19 36.13 39.46
N VAL A 719 20.88 36.20 39.23
CA VAL A 719 20.07 35.03 38.95
C VAL A 719 19.59 35.10 37.51
N THR A 720 19.96 34.10 36.72
CA THR A 720 19.44 33.93 35.38
C THR A 720 18.24 33.00 35.43
N THR A 721 17.69 32.69 34.25
CA THR A 721 16.52 31.84 34.15
C THR A 721 16.70 30.88 32.99
N GLU A 722 16.78 29.59 33.30
CA GLU A 722 16.84 28.54 32.30
C GLU A 722 15.53 27.79 32.32
N ILE A 723 14.89 27.67 31.16
CA ILE A 723 13.53 27.17 31.04
C ILE A 723 13.57 25.84 30.32
N LEU A 724 12.99 24.82 30.94
CA LEU A 724 13.05 23.47 30.39
C LEU A 724 11.66 22.86 30.29
N PRO A 725 11.38 22.12 29.24
CA PRO A 725 10.16 21.31 29.21
C PRO A 725 10.27 20.15 30.19
N VAL A 726 9.11 19.69 30.66
CA VAL A 726 9.07 18.55 31.56
C VAL A 726 8.13 17.49 30.98
N SER A 727 7.15 17.95 30.22
CA SER A 727 6.18 17.05 29.61
C SER A 727 5.50 17.78 28.46
N MET A 728 4.43 17.19 27.95
CA MET A 728 3.61 17.81 26.91
C MET A 728 2.19 17.29 27.06
N THR A 729 1.32 17.74 26.17
CA THR A 729 -0.08 17.32 26.22
C THR A 729 -0.17 15.81 26.03
N LYS A 730 -0.97 15.17 26.90
CA LYS A 730 -1.10 13.71 26.89
C LYS A 730 -2.14 13.27 25.88
N THR A 731 -1.88 13.57 24.62
CA THR A 731 -2.76 13.14 23.55
C THR A 731 -2.72 11.62 23.42
N SER A 732 -3.89 11.04 23.13
CA SER A 732 -4.03 9.61 22.90
C SER A 732 -5.04 9.43 21.76
N VAL A 733 -4.51 9.33 20.54
CA VAL A 733 -5.39 9.18 19.38
C VAL A 733 -5.86 7.75 19.30
N ASP A 734 -7.17 7.57 19.21
CA ASP A 734 -7.75 6.24 19.00
C ASP A 734 -7.49 5.80 17.57
N CYS A 735 -6.87 4.62 17.42
CA CYS A 735 -6.57 4.12 16.09
C CYS A 735 -7.83 3.90 15.27
N THR A 736 -8.87 3.33 15.90
CA THR A 736 -10.10 3.06 15.16
C THR A 736 -10.83 4.36 14.84
N MET A 737 -10.97 5.24 15.83
CA MET A 737 -11.82 6.42 15.65
C MET A 737 -11.18 7.43 14.68
N TYR A 738 -9.87 7.58 14.74
CA TYR A 738 -9.20 8.52 13.84
C TYR A 738 -9.26 8.04 12.39
N ILE A 739 -8.87 6.79 12.15
CA ILE A 739 -8.82 6.28 10.79
C ILE A 739 -10.22 6.12 10.22
N CYS A 740 -11.15 5.65 11.04
CA CYS A 740 -12.53 5.41 10.63
C CYS A 740 -13.46 6.17 11.56
N GLY A 741 -14.40 6.91 10.97
CA GLY A 741 -15.34 7.68 11.77
C GLY A 741 -16.51 6.82 12.22
N ASP A 742 -17.73 7.29 11.96
CA ASP A 742 -18.91 6.48 12.28
C ASP A 742 -18.93 5.21 11.46
N SER A 743 -18.25 5.20 10.31
CA SER A 743 -18.30 4.06 9.41
C SER A 743 -17.68 2.83 10.06
N THR A 744 -18.38 1.70 9.94
CA THR A 744 -17.86 0.41 10.37
C THR A 744 -17.18 -0.35 9.24
N GLU A 745 -17.39 0.06 7.99
CA GLU A 745 -16.72 -0.60 6.86
C GLU A 745 -15.22 -0.43 6.95
N CYS A 746 -14.76 0.76 7.36
CA CYS A 746 -13.33 0.98 7.52
C CYS A 746 -12.76 0.15 8.67
N SER A 747 -13.57 -0.09 9.70
CA SER A 747 -13.10 -0.86 10.84
C SER A 747 -12.74 -2.29 10.44
N ASN A 748 -13.56 -2.90 9.58
CA ASN A 748 -13.28 -4.26 9.13
C ASN A 748 -11.97 -4.32 8.35
N LEU A 749 -11.75 -3.34 7.47
CA LEU A 749 -10.51 -3.30 6.71
C LEU A 749 -9.31 -3.04 7.61
N LEU A 750 -9.48 -2.21 8.64
CA LEU A 750 -8.39 -1.92 9.55
C LEU A 750 -7.95 -3.16 10.33
N LEU A 751 -8.85 -4.12 10.54
CA LEU A 751 -8.51 -5.32 11.26
C LEU A 751 -7.46 -6.16 10.53
N GLN A 752 -7.31 -5.98 9.22
CA GLN A 752 -6.24 -6.66 8.51
C GLN A 752 -4.88 -6.21 9.02
N TYR A 753 -4.72 -4.91 9.24
CA TYR A 753 -3.55 -4.37 9.93
C TYR A 753 -3.73 -4.51 11.44
N GLY A 754 -3.82 -5.77 11.88
CA GLY A 754 -4.27 -6.10 13.21
C GLY A 754 -3.49 -5.50 14.37
N SER A 755 -2.16 -5.58 14.31
CA SER A 755 -1.37 -5.12 15.44
C SER A 755 -0.95 -3.66 15.29
N PHE A 756 -1.24 -3.05 14.14
CA PHE A 756 -0.88 -1.64 13.95
C PHE A 756 -1.69 -0.74 14.87
N CYS A 757 -3.01 -0.89 14.88
CA CYS A 757 -3.85 -0.06 15.75
C CYS A 757 -3.51 -0.30 17.22
N THR A 758 -3.29 -1.56 17.60
CA THR A 758 -2.88 -1.84 18.97
C THR A 758 -1.52 -1.22 19.29
N GLN A 759 -0.59 -1.26 18.33
CA GLN A 759 0.74 -0.74 18.56
C GLN A 759 0.73 0.76 18.83
N LEU A 760 0.07 1.54 17.95
CA LEU A 760 0.04 2.99 18.14
C LEU A 760 -0.69 3.37 19.42
N ASN A 761 -1.81 2.68 19.71
CA ASN A 761 -2.52 2.97 20.95
C ASN A 761 -1.67 2.62 22.17
N ARG A 762 -0.84 1.58 22.06
CA ARG A 762 0.07 1.25 23.16
C ARG A 762 1.24 2.23 23.24
N ALA A 763 1.72 2.71 22.09
CA ALA A 763 2.84 3.65 22.10
C ALA A 763 2.41 5.02 22.62
N LEU A 764 1.27 5.53 22.15
CA LEU A 764 0.79 6.83 22.61
C LEU A 764 0.42 6.77 24.09
N THR A 765 -0.23 5.69 24.53
CA THR A 765 -0.52 5.55 25.95
C THR A 765 0.74 5.25 26.75
N GLY A 766 1.78 4.71 26.09
CA GLY A 766 3.06 4.59 26.76
C GLY A 766 3.71 5.94 27.01
N ILE A 767 3.55 6.86 26.05
CA ILE A 767 4.00 8.23 26.26
C ILE A 767 3.22 8.87 27.40
N ALA A 768 1.90 8.70 27.39
CA ALA A 768 1.04 9.41 28.33
C ALA A 768 1.37 9.05 29.78
N VAL A 769 1.53 7.75 30.07
CA VAL A 769 1.91 7.35 31.42
C VAL A 769 3.32 7.82 31.73
N GLU A 770 4.20 7.83 30.72
CA GLU A 770 5.57 8.29 30.92
C GLU A 770 5.61 9.78 31.27
N GLN A 771 4.64 10.56 30.79
CA GLN A 771 4.55 11.96 31.21
C GLN A 771 3.97 12.10 32.60
N ASP A 772 3.10 11.17 33.00
CA ASP A 772 2.64 11.15 34.38
C ASP A 772 3.80 10.87 35.33
N LYS A 773 4.71 9.97 34.93
CA LYS A 773 5.94 9.76 35.69
C LYS A 773 6.93 10.89 35.49
N ASN A 774 6.86 11.57 34.34
CA ASN A 774 7.81 12.65 34.06
C ASN A 774 7.60 13.82 35.01
N THR A 775 6.34 14.25 35.16
CA THR A 775 6.04 15.32 36.11
C THR A 775 6.26 14.86 37.54
N GLN A 776 6.00 13.58 37.83
CA GLN A 776 6.22 13.06 39.18
C GLN A 776 7.70 12.89 39.48
N GLU A 777 8.54 12.71 38.45
CA GLU A 777 9.97 12.57 38.68
C GLU A 777 10.63 13.93 38.85
N VAL A 778 10.04 14.97 38.28
CA VAL A 778 10.64 16.30 38.35
C VAL A 778 10.28 16.99 39.65
N PHE A 779 8.98 17.06 39.97
CA PHE A 779 8.49 17.87 41.07
C PHE A 779 8.35 17.12 42.39
N ALA A 780 8.24 15.79 42.36
CA ALA A 780 7.93 15.03 43.56
C ALA A 780 9.17 14.42 44.21
N GLN A 781 10.32 15.13 44.16
CA GLN A 781 11.46 14.72 44.97
C GLN A 781 11.11 14.71 46.45
N VAL A 782 10.21 15.61 46.87
CA VAL A 782 9.83 15.68 48.27
C VAL A 782 8.93 14.50 48.62
N LYS A 783 9.21 13.88 49.76
CA LYS A 783 8.31 12.85 50.27
C LYS A 783 7.05 13.47 50.86
N GLN A 784 7.19 14.61 51.54
CA GLN A 784 6.08 15.27 52.21
C GLN A 784 5.96 16.70 51.72
N ILE A 785 4.72 17.19 51.65
CA ILE A 785 4.49 18.58 51.27
C ILE A 785 4.82 19.49 52.44
N TYR A 786 5.52 20.58 52.14
CA TYR A 786 5.98 21.52 53.16
C TYR A 786 5.21 22.82 53.06
N LYS A 787 5.22 23.58 54.14
CA LYS A 787 4.59 24.89 54.17
C LYS A 787 5.56 25.91 54.77
N THR A 788 5.56 27.11 54.18
CA THR A 788 6.39 28.17 54.70
C THR A 788 5.78 28.74 55.98
N PRO A 789 6.61 29.20 56.91
CA PRO A 789 6.10 29.75 58.17
C PRO A 789 5.33 31.03 57.94
N PRO A 790 4.43 31.40 58.85
CA PRO A 790 3.63 32.63 58.65
C PRO A 790 4.47 33.89 58.55
N ILE A 791 5.60 33.96 59.26
CA ILE A 791 6.48 35.13 59.24
C ILE A 791 7.63 34.86 58.29
N LYS A 792 7.82 35.74 57.31
CA LYS A 792 8.90 35.61 56.33
C LYS A 792 10.12 36.40 56.77
N ASP A 793 10.64 36.04 57.94
CA ASP A 793 11.85 36.66 58.48
C ASP A 793 13.06 35.94 57.89
N PHE A 794 13.29 36.19 56.61
CA PHE A 794 14.32 35.51 55.84
C PHE A 794 15.66 36.24 55.88
N GLY A 795 15.91 37.00 56.94
CA GLY A 795 17.12 37.80 57.01
C GLY A 795 17.17 38.95 56.04
N GLY A 796 16.02 39.43 55.57
CA GLY A 796 15.95 40.46 54.55
C GLY A 796 15.73 39.93 53.15
N PHE A 797 15.99 38.66 52.91
CA PHE A 797 15.75 38.07 51.60
C PHE A 797 14.25 38.01 51.33
N ASN A 798 13.79 38.79 50.36
CA ASN A 798 12.37 38.89 50.05
C ASN A 798 11.98 37.78 49.08
N PHE A 799 10.94 37.04 49.43
CA PHE A 799 10.48 35.88 48.67
C PHE A 799 9.03 36.00 48.23
N SER A 800 8.46 37.20 48.25
CA SER A 800 7.06 37.38 47.90
C SER A 800 6.77 36.91 46.48
N GLN A 801 7.65 37.25 45.55
CA GLN A 801 7.47 36.88 44.15
C GLN A 801 7.69 35.40 43.88
N ILE A 802 8.47 34.72 44.72
CA ILE A 802 8.84 33.33 44.44
C ILE A 802 7.85 32.36 45.06
N LEU A 803 7.24 32.72 46.20
CA LEU A 803 6.29 31.84 46.85
C LEU A 803 4.87 32.16 46.40
N PRO A 804 3.96 31.18 46.49
CA PRO A 804 2.56 31.46 46.15
C PRO A 804 1.95 32.48 47.10
N ASP A 805 1.05 33.30 46.55
CA ASP A 805 0.34 34.34 47.31
C ASP A 805 -1.07 33.88 47.63
N PRO A 806 -1.44 33.82 48.91
CA PRO A 806 -2.80 33.38 49.26
C PRO A 806 -3.89 34.30 48.72
N SER A 807 -3.55 35.56 48.44
CA SER A 807 -4.56 36.50 47.94
C SER A 807 -5.10 36.08 46.59
N LYS A 808 -4.25 35.56 45.72
CA LYS A 808 -4.68 35.18 44.38
C LYS A 808 -5.67 34.02 44.44
N PRO A 809 -6.61 33.93 43.50
CA PRO A 809 -7.58 32.82 43.53
C PRO A 809 -6.91 31.46 43.51
N SER A 810 -5.84 31.30 42.75
CA SER A 810 -5.02 30.10 42.78
C SER A 810 -3.71 30.40 43.50
N LYS A 811 -3.23 29.44 44.30
CA LYS A 811 -2.00 29.62 45.07
C LYS A 811 -0.79 29.38 44.17
N ARG A 812 -0.65 30.27 43.20
CA ARG A 812 0.48 30.28 42.28
C ARG A 812 1.26 31.57 42.50
N SER A 813 2.59 31.46 42.52
CA SER A 813 3.42 32.62 42.77
C SER A 813 3.25 33.65 41.66
N PRO A 814 3.43 34.94 41.97
CA PRO A 814 3.32 35.96 40.91
C PRO A 814 4.27 35.73 39.75
N ILE A 815 5.50 35.27 40.03
CA ILE A 815 6.41 34.91 38.95
C ILE A 815 5.82 33.76 38.13
N GLU A 816 5.22 32.78 38.81
CA GLU A 816 4.52 31.72 38.10
C GLU A 816 3.36 32.27 37.28
N ASP A 817 2.62 33.23 37.83
CA ASP A 817 1.46 33.78 37.15
C ASP A 817 1.85 34.42 35.82
N LEU A 818 3.02 35.07 35.80
CA LEU A 818 3.55 35.57 34.52
C LEU A 818 3.75 34.43 33.54
N LEU A 819 4.31 33.31 34.01
CA LEU A 819 4.56 32.17 33.12
C LEU A 819 3.25 31.62 32.55
N PHE A 820 2.23 31.48 33.39
CA PHE A 820 0.96 30.96 32.90
C PHE A 820 0.27 31.94 31.95
N ASN A 821 0.41 33.25 32.20
CA ASN A 821 -0.20 34.24 31.31
C ASN A 821 0.52 34.31 29.97
N LYS A 822 1.86 34.32 30.00
CA LYS A 822 2.63 34.41 28.76
C LYS A 822 2.44 33.17 27.89
N VAL A 823 2.44 31.99 28.50
CA VAL A 823 2.37 30.75 27.73
C VAL A 823 0.95 30.53 27.26
N THR A 824 0.79 30.28 25.96
CA THR A 824 -0.52 30.02 25.38
C THR A 824 -0.53 28.68 24.66
N LYS A 851 -14.46 19.57 17.09
CA LYS A 851 -13.19 19.83 17.74
C LYS A 851 -12.37 18.55 17.88
N PHE A 852 -13.06 17.45 18.19
CA PHE A 852 -12.41 16.16 18.42
C PHE A 852 -12.78 15.20 17.28
N ASN A 853 -11.75 14.69 16.59
CA ASN A 853 -11.92 13.72 15.51
C ASN A 853 -11.43 12.34 15.93
N GLY A 854 -11.32 12.11 17.24
CA GLY A 854 -10.74 10.90 17.79
C GLY A 854 -9.63 11.17 18.78
N LEU A 855 -8.86 12.23 18.56
CA LEU A 855 -7.86 12.64 19.54
C LEU A 855 -8.54 13.13 20.81
N THR A 856 -7.89 12.87 21.94
CA THR A 856 -8.41 13.33 23.23
C THR A 856 -7.22 13.61 24.14
N VAL A 857 -7.26 14.74 24.82
CA VAL A 857 -6.17 15.16 25.71
C VAL A 857 -6.57 14.73 27.11
N LEU A 858 -6.08 13.56 27.52
CA LEU A 858 -6.32 13.09 28.87
C LEU A 858 -5.71 14.08 29.87
N PRO A 859 -6.38 14.37 30.98
CA PRO A 859 -5.86 15.38 31.90
C PRO A 859 -4.55 14.93 32.51
N PRO A 860 -3.65 15.85 32.82
CA PRO A 860 -2.42 15.46 33.52
C PRO A 860 -2.74 14.87 34.88
N LEU A 861 -1.94 13.89 35.29
CA LEU A 861 -2.18 13.21 36.56
C LEU A 861 -2.12 14.18 37.72
N LEU A 862 -1.16 15.10 37.70
CA LEU A 862 -1.02 16.12 38.72
C LEU A 862 -1.55 17.43 38.14
N THR A 863 -2.66 17.93 38.69
CA THR A 863 -3.21 19.18 38.21
C THR A 863 -2.32 20.35 38.63
N ASP A 864 -2.54 21.50 38.00
CA ASP A 864 -1.68 22.65 38.26
C ASP A 864 -1.82 23.14 39.70
N GLU A 865 -2.94 22.86 40.35
CA GLU A 865 -3.09 23.23 41.75
C GLU A 865 -2.13 22.46 42.64
N MET A 866 -2.11 21.13 42.50
CA MET A 866 -1.21 20.32 43.30
C MET A 866 0.23 20.40 42.83
N ILE A 867 0.44 20.63 41.53
CA ILE A 867 1.79 20.89 41.04
C ILE A 867 2.34 22.15 41.68
N ALA A 868 1.51 23.19 41.80
CA ALA A 868 1.93 24.39 42.51
C ALA A 868 2.21 24.10 43.97
N GLN A 869 1.53 23.11 44.56
CA GLN A 869 1.83 22.72 45.94
C GLN A 869 3.10 21.90 46.00
N TYR A 870 3.34 21.05 44.99
CA TYR A 870 4.61 20.34 44.91
C TYR A 870 5.78 21.31 44.83
N THR A 871 5.70 22.29 43.93
CA THR A 871 6.75 23.29 43.84
C THR A 871 6.83 24.12 45.12
N SER A 872 5.68 24.50 45.68
CA SER A 872 5.70 25.27 46.92
C SER A 872 6.33 24.49 48.05
N ALA A 873 6.13 23.17 48.06
CA ALA A 873 6.84 22.33 49.02
C ALA A 873 8.34 22.35 48.77
N LEU A 874 8.74 22.29 47.50
CA LEU A 874 10.16 22.36 47.17
C LEU A 874 10.77 23.68 47.61
N LEU A 875 10.07 24.79 47.33
CA LEU A 875 10.56 26.08 47.80
C LEU A 875 10.58 26.15 49.32
N ALA A 876 9.48 25.77 49.96
CA ALA A 876 9.39 25.92 51.41
C ALA A 876 10.47 25.10 52.12
N GLY A 877 10.79 23.93 51.60
CA GLY A 877 11.93 23.20 52.11
C GLY A 877 13.24 23.90 51.83
N THR A 878 13.39 24.47 50.64
CA THR A 878 14.64 25.12 50.26
C THR A 878 14.92 26.34 51.12
N ILE A 879 13.90 27.16 51.39
CA ILE A 879 14.09 28.33 52.24
C ILE A 879 14.49 27.92 53.65
N THR A 880 13.77 26.96 54.23
CA THR A 880 13.85 26.74 55.66
C THR A 880 14.65 25.50 56.06
N SER A 881 15.11 24.69 55.11
CA SER A 881 15.89 23.51 55.49
C SER A 881 17.18 23.39 54.69
N GLY A 882 17.17 23.87 53.45
CA GLY A 882 18.35 23.81 52.61
C GLY A 882 18.36 22.56 51.74
N TRP A 883 19.52 21.92 51.63
CA TRP A 883 19.65 20.73 50.81
C TRP A 883 19.22 19.45 51.53
N THR A 884 19.08 19.50 52.86
CA THR A 884 18.98 18.27 53.63
C THR A 884 17.64 17.58 53.44
N PHE A 885 16.61 18.31 53.03
CA PHE A 885 15.30 17.70 52.87
C PHE A 885 15.21 16.78 51.65
N GLY A 886 16.23 16.77 50.80
CA GLY A 886 16.27 15.84 49.69
C GLY A 886 17.16 14.64 49.96
N ALA A 887 18.02 14.76 50.97
CA ALA A 887 18.94 13.71 51.36
C ALA A 887 18.67 13.21 52.78
N GLY A 888 17.41 13.20 53.20
CA GLY A 888 17.04 12.77 54.53
C GLY A 888 15.84 13.54 55.04
N PRO A 889 15.54 13.41 56.32
CA PRO A 889 14.49 14.23 56.92
C PRO A 889 14.83 15.72 56.84
N ALA A 890 13.80 16.54 56.74
CA ALA A 890 14.02 17.98 56.63
C ALA A 890 14.67 18.52 57.89
N LEU A 891 15.83 19.13 57.71
CA LEU A 891 16.62 19.68 58.81
C LEU A 891 16.60 21.20 58.69
N GLN A 892 15.90 21.85 59.62
CA GLN A 892 15.60 23.27 59.50
C GLN A 892 16.86 24.12 59.61
N ILE A 893 16.88 25.21 58.84
CA ILE A 893 17.99 26.15 58.72
C ILE A 893 17.39 27.54 58.57
N PRO A 894 17.88 28.54 59.31
CA PRO A 894 17.60 29.93 58.91
C PRO A 894 18.31 30.26 57.62
N PHE A 895 17.66 31.08 56.79
CA PHE A 895 18.20 31.35 55.47
C PHE A 895 19.59 32.00 55.47
N PRO A 896 19.90 32.99 56.32
CA PRO A 896 21.28 33.46 56.37
C PRO A 896 22.29 32.38 56.71
N MET A 897 21.91 31.40 57.54
CA MET A 897 22.81 30.27 57.80
C MET A 897 23.02 29.43 56.56
N GLN A 898 22.00 29.31 55.71
CA GLN A 898 22.13 28.47 54.52
C GLN A 898 23.00 29.15 53.46
N MET A 899 22.82 30.47 53.26
CA MET A 899 23.58 31.14 52.22
C MET A 899 25.07 31.15 52.52
N ALA A 900 25.46 31.19 53.79
CA ALA A 900 26.86 31.03 54.13
C ALA A 900 27.35 29.63 53.77
N TYR A 901 26.52 28.62 54.01
CA TYR A 901 26.85 27.27 53.62
C TYR A 901 26.94 27.13 52.09
N ARG A 902 26.01 27.75 51.38
CA ARG A 902 26.08 27.74 49.92
C ARG A 902 27.24 28.58 49.41
N PHE A 903 27.71 29.53 50.22
CA PHE A 903 28.93 30.25 49.88
C PHE A 903 30.15 29.36 50.08
N ASN A 904 30.12 28.48 51.08
CA ASN A 904 31.22 27.55 51.31
C ASN A 904 31.33 26.51 50.22
N GLY A 905 30.32 26.38 49.34
CA GLY A 905 30.41 25.42 48.25
C GLY A 905 31.18 25.92 47.05
N ILE A 906 31.44 27.22 46.98
CA ILE A 906 32.23 27.80 45.89
C ILE A 906 33.63 28.17 46.34
N GLY A 907 34.05 27.70 47.51
CA GLY A 907 35.36 28.03 48.03
C GLY A 907 35.49 29.42 48.62
N VAL A 908 34.37 30.09 48.88
CA VAL A 908 34.36 31.42 49.51
C VAL A 908 33.81 31.28 50.91
N THR A 909 34.62 31.65 51.90
CA THR A 909 34.25 31.43 53.29
C THR A 909 33.02 32.26 53.67
N GLN A 910 32.47 31.92 54.84
CA GLN A 910 31.21 32.53 55.28
C GLN A 910 31.35 34.01 55.61
N ASN A 911 32.59 34.50 55.80
CA ASN A 911 32.77 35.89 56.21
C ASN A 911 32.30 36.88 55.15
N VAL A 912 32.11 36.43 53.91
CA VAL A 912 31.59 37.34 52.88
C VAL A 912 30.12 37.65 53.13
N LEU A 913 29.34 36.63 53.50
CA LEU A 913 27.89 36.83 53.62
C LEU A 913 27.52 37.50 54.93
N TYR A 914 27.98 36.98 56.06
CA TYR A 914 27.55 37.52 57.35
C TYR A 914 28.07 38.93 57.59
N GLU A 915 29.20 39.30 57.00
CA GLU A 915 29.72 40.66 57.12
C GLU A 915 29.15 41.59 56.07
N ASN A 916 28.40 41.05 55.10
CA ASN A 916 27.78 41.85 54.05
C ASN A 916 26.35 41.39 53.79
N GLN A 917 25.62 41.03 54.86
CA GLN A 917 24.31 40.45 54.70
C GLN A 917 23.32 41.43 54.08
N LYS A 918 23.40 42.70 54.49
CA LYS A 918 22.45 43.70 54.00
C LYS A 918 22.56 43.89 52.50
N LEU A 919 23.79 44.06 51.99
CA LEU A 919 23.98 44.29 50.57
C LEU A 919 23.60 43.06 49.73
N ILE A 920 23.96 41.87 50.20
CA ILE A 920 23.65 40.65 49.45
C ILE A 920 22.14 40.40 49.46
N ALA A 921 21.49 40.64 50.60
CA ALA A 921 20.05 40.45 50.67
C ALA A 921 19.32 41.35 49.68
N ASN A 922 19.66 42.63 49.66
CA ASN A 922 19.05 43.55 48.70
C ASN A 922 19.46 43.20 47.28
N GLN A 923 20.68 42.69 47.10
CA GLN A 923 21.11 42.25 45.78
C GLN A 923 20.26 41.11 45.26
N PHE A 924 19.93 40.15 46.13
CA PHE A 924 19.09 39.04 45.72
C PHE A 924 17.66 39.51 45.46
N ASN A 925 17.17 40.44 46.29
CA ASN A 925 15.81 40.95 46.11
C ASN A 925 15.68 41.73 44.81
N SER A 926 16.61 42.66 44.56
CA SER A 926 16.56 43.43 43.31
C SER A 926 16.74 42.52 42.11
N ALA A 927 17.59 41.50 42.23
CA ALA A 927 17.70 40.50 41.16
C ALA A 927 16.39 39.76 40.96
N ILE A 928 15.71 39.42 42.05
CA ILE A 928 14.43 38.72 41.97
C ILE A 928 13.41 39.55 41.21
N GLY A 929 13.31 40.84 41.56
CA GLY A 929 12.38 41.71 40.86
C GLY A 929 12.71 41.88 39.40
N LYS A 930 14.00 41.86 39.07
CA LYS A 930 14.40 42.03 37.67
C LYS A 930 13.95 40.86 36.81
N ILE A 931 13.79 39.68 37.41
CA ILE A 931 13.25 38.54 36.65
C ILE A 931 11.83 38.83 36.20
N GLN A 932 11.02 39.42 37.08
CA GLN A 932 9.63 39.72 36.73
C GLN A 932 9.57 40.68 35.55
N ASP A 933 10.42 41.70 35.57
CA ASP A 933 10.45 42.66 34.46
C ASP A 933 11.03 42.03 33.20
N SER A 934 12.12 41.27 33.34
CA SER A 934 12.78 40.68 32.17
C SER A 934 11.88 39.68 31.47
N LEU A 935 11.15 38.87 32.24
CA LEU A 935 10.19 37.94 31.63
C LEU A 935 9.09 38.70 30.90
N SER A 936 8.60 39.79 31.49
CA SER A 936 7.48 40.51 30.91
C SER A 936 7.91 41.34 29.70
N SER A 937 9.17 41.77 29.67
CA SER A 937 9.61 42.70 28.63
C SER A 937 9.60 42.05 27.25
N THR A 938 10.20 40.87 27.13
CA THR A 938 10.31 40.27 25.80
C THR A 938 9.24 39.22 25.61
N PRO A 939 8.75 39.02 24.38
CA PRO A 939 7.72 37.98 24.18
C PRO A 939 8.29 36.57 24.14
N SER A 940 9.54 36.40 23.74
CA SER A 940 10.15 35.09 23.63
C SER A 940 10.88 34.67 24.90
N ALA A 941 10.51 35.22 26.06
CA ALA A 941 11.11 34.77 27.32
C ALA A 941 10.80 33.31 27.59
N LEU A 942 9.53 32.94 27.47
CA LEU A 942 9.11 31.54 27.63
C LEU A 942 9.23 30.80 26.31
N GLY A 943 10.41 30.93 25.71
CA GLY A 943 10.64 30.41 24.37
C GLY A 943 10.54 28.90 24.24
N LYS A 944 11.19 28.17 25.14
CA LYS A 944 11.25 26.72 24.99
C LYS A 944 9.89 26.07 25.22
N LEU A 945 9.19 26.49 26.27
CA LEU A 945 7.87 25.93 26.55
C LEU A 945 6.88 26.29 25.45
N GLN A 946 6.90 27.55 24.99
CA GLN A 946 5.99 27.94 23.92
C GLN A 946 6.30 27.18 22.64
N ASP A 947 7.58 26.90 22.38
CA ASP A 947 7.92 26.05 21.24
C ASP A 947 7.37 24.64 21.43
N VAL A 948 7.39 24.13 22.67
CA VAL A 948 6.86 22.81 22.92
C VAL A 948 5.35 22.77 22.64
N VAL A 949 4.62 23.73 23.19
CA VAL A 949 3.17 23.75 22.99
C VAL A 949 2.84 23.99 21.52
N ASN A 950 3.55 24.91 20.87
CA ASN A 950 3.29 25.18 19.47
C ASN A 950 3.64 23.99 18.58
N GLN A 951 4.75 23.31 18.87
CA GLN A 951 5.13 22.15 18.07
C GLN A 951 4.13 21.01 18.23
N ASN A 952 3.70 20.74 19.46
CA ASN A 952 2.70 19.70 19.68
C ASN A 952 1.37 20.08 19.05
N ALA A 953 0.97 21.35 19.18
CA ALA A 953 -0.26 21.80 18.54
C ALA A 953 -0.15 21.73 17.02
N GLN A 954 1.02 22.09 16.48
CA GLN A 954 1.25 21.99 15.05
C GLN A 954 1.16 20.53 14.58
N ALA A 955 1.71 19.61 15.39
CA ALA A 955 1.60 18.19 15.06
C ALA A 955 0.14 17.75 15.05
N LEU A 956 -0.63 18.21 16.04
CA LEU A 956 -2.05 17.87 16.08
C LEU A 956 -2.81 18.47 14.91
N ASN A 957 -2.56 19.77 14.63
CA ASN A 957 -3.26 20.43 13.52
C ASN A 957 -2.89 19.80 12.18
N THR A 958 -1.62 19.45 12.01
CA THR A 958 -1.21 18.73 10.80
C THR A 958 -1.91 17.39 10.72
N LEU A 959 -2.02 16.67 11.84
CA LEU A 959 -2.71 15.39 11.86
C LEU A 959 -4.17 15.54 11.46
N VAL A 960 -4.86 16.54 12.02
CA VAL A 960 -6.26 16.75 11.69
C VAL A 960 -6.41 17.15 10.23
N LYS A 961 -5.51 18.02 9.73
CA LYS A 961 -5.58 18.44 8.34
C LYS A 961 -5.36 17.27 7.39
N GLN A 962 -4.62 16.25 7.84
CA GLN A 962 -4.39 15.08 6.99
C GLN A 962 -5.68 14.31 6.73
N LEU A 963 -6.69 14.51 7.57
CA LEU A 963 -7.98 13.86 7.34
C LEU A 963 -8.62 14.34 6.04
N SER A 964 -8.49 15.63 5.74
CA SER A 964 -9.06 16.17 4.52
C SER A 964 -8.26 15.80 3.29
N SER A 965 -7.11 15.15 3.47
CA SER A 965 -6.28 14.75 2.33
C SER A 965 -6.90 13.57 1.60
N ASN A 966 -6.82 13.61 0.27
CA ASN A 966 -7.33 12.50 -0.53
C ASN A 966 -6.42 11.28 -0.46
N PHE A 967 -5.11 11.50 -0.37
CA PHE A 967 -4.12 10.43 -0.34
C PHE A 967 -4.21 9.55 -1.58
N GLY A 968 -4.64 10.13 -2.70
CA GLY A 968 -4.81 9.38 -3.92
C GLY A 968 -6.21 8.86 -4.15
N ALA A 969 -7.07 8.89 -3.14
CA ALA A 969 -8.44 8.44 -3.28
C ALA A 969 -9.30 9.54 -3.91
N ILE A 970 -10.47 9.14 -4.38
CA ILE A 970 -11.36 10.10 -5.05
C ILE A 970 -11.95 11.10 -4.06
N SER A 971 -12.00 10.75 -2.77
CA SER A 971 -12.55 11.65 -1.77
C SER A 971 -11.90 11.37 -0.43
N SER A 972 -11.95 12.37 0.45
CA SER A 972 -11.42 12.26 1.80
C SER A 972 -12.50 12.15 2.85
N VAL A 973 -13.75 11.96 2.44
CA VAL A 973 -14.87 11.81 3.36
C VAL A 973 -15.34 10.36 3.29
N LEU A 974 -15.43 9.70 4.44
CA LEU A 974 -15.83 8.30 4.48
C LEU A 974 -17.27 8.13 4.00
N ASN A 975 -18.16 9.05 4.36
CA ASN A 975 -19.53 8.97 3.90
C ASN A 975 -19.63 9.12 2.39
N ASP A 976 -18.84 10.05 1.83
CA ASP A 976 -18.94 10.33 0.39
C ASP A 976 -18.44 9.16 -0.44
N ILE A 977 -17.34 8.53 -0.03
CA ILE A 977 -16.78 7.44 -0.83
C ILE A 977 -17.71 6.23 -0.80
N LEU A 978 -18.45 6.05 0.30
CA LEU A 978 -19.40 4.95 0.38
C LEU A 978 -20.46 5.05 -0.71
N SER A 979 -20.97 6.26 -0.95
CA SER A 979 -21.85 6.49 -2.08
C SER A 979 -21.04 6.77 -3.34
N ARG A 980 -21.73 6.78 -4.48
CA ARG A 980 -21.20 7.10 -5.81
C ARG A 980 -20.23 6.03 -6.31
N LEU A 981 -19.91 5.02 -5.50
CA LEU A 981 -19.07 3.91 -5.89
C LEU A 981 -19.64 2.64 -5.28
N ASP A 982 -19.53 1.53 -6.02
CA ASP A 982 -20.04 0.28 -5.50
C ASP A 982 -19.13 -0.25 -4.39
N PRO A 983 -19.64 -1.11 -3.51
CA PRO A 983 -18.86 -1.56 -2.35
C PRO A 983 -17.51 -2.16 -2.73
N PRO A 984 -17.41 -2.94 -3.82
CA PRO A 984 -16.07 -3.49 -4.15
C PRO A 984 -15.02 -2.43 -4.42
N GLU A 985 -15.27 -1.48 -5.32
CA GLU A 985 -14.26 -0.48 -5.63
C GLU A 985 -14.18 0.59 -4.54
N ALA A 986 -15.27 0.79 -3.79
CA ALA A 986 -15.24 1.78 -2.72
C ALA A 986 -14.30 1.35 -1.61
N GLU A 987 -14.34 0.08 -1.20
CA GLU A 987 -13.46 -0.37 -0.13
C GLU A 987 -12.01 -0.37 -0.59
N VAL A 988 -11.76 -0.47 -1.89
CA VAL A 988 -10.41 -0.33 -2.41
C VAL A 988 -9.90 1.08 -2.19
N GLN A 989 -10.73 2.08 -2.52
CA GLN A 989 -10.34 3.46 -2.28
C GLN A 989 -10.30 3.78 -0.79
N ILE A 990 -11.16 3.12 -0.01
CA ILE A 990 -11.11 3.27 1.45
C ILE A 990 -9.79 2.73 1.99
N ASP A 991 -9.33 1.59 1.45
CA ASP A 991 -8.02 1.08 1.84
C ASP A 991 -6.92 2.05 1.47
N ARG A 992 -7.07 2.74 0.33
CA ARG A 992 -6.14 3.81 -0.02
C ARG A 992 -6.17 4.91 1.03
N LEU A 993 -7.36 5.21 1.56
CA LEU A 993 -7.49 6.22 2.60
C LEU A 993 -6.92 5.74 3.94
N ILE A 994 -7.14 4.47 4.26
CA ILE A 994 -6.57 3.92 5.50
C ILE A 994 -5.05 3.94 5.43
N THR A 995 -4.48 3.54 4.29
CA THR A 995 -3.04 3.56 4.15
C THR A 995 -2.50 4.99 4.26
N GLY A 996 -3.21 5.96 3.68
CA GLY A 996 -2.78 7.34 3.78
C GLY A 996 -2.86 7.87 5.21
N ARG A 997 -3.96 7.58 5.90
CA ARG A 997 -4.11 8.08 7.26
C ARG A 997 -3.22 7.32 8.24
N LEU A 998 -3.10 6.01 8.08
CA LEU A 998 -2.24 5.22 8.96
C LEU A 998 -0.79 5.64 8.81
N GLN A 999 -0.36 5.95 7.58
CA GLN A 999 0.98 6.49 7.40
C GLN A 999 1.13 7.84 8.10
N SER A 1000 0.10 8.69 8.01
CA SER A 1000 0.14 9.97 8.72
C SER A 1000 0.18 9.77 10.22
N LEU A 1001 -0.62 8.82 10.73
CA LEU A 1001 -0.57 8.51 12.15
C LEU A 1001 0.76 7.88 12.54
N GLN A 1002 1.31 7.04 11.66
CA GLN A 1002 2.62 6.46 11.91
C GLN A 1002 3.69 7.54 12.01
N THR A 1003 3.63 8.53 11.11
CA THR A 1003 4.56 9.65 11.19
C THR A 1003 4.33 10.44 12.48
N TYR A 1004 3.07 10.56 12.90
CA TYR A 1004 2.77 11.36 14.07
C TYR A 1004 3.24 10.68 15.36
N VAL A 1005 2.97 9.37 15.48
CA VAL A 1005 3.38 8.67 16.70
C VAL A 1005 4.89 8.51 16.74
N THR A 1006 5.52 8.25 15.60
CA THR A 1006 6.98 8.16 15.57
C THR A 1006 7.62 9.50 15.90
N GLN A 1007 7.09 10.58 15.32
CA GLN A 1007 7.59 11.91 15.66
C GLN A 1007 7.34 12.23 17.13
N GLN A 1008 6.18 11.84 17.65
CA GLN A 1008 5.89 12.05 19.06
C GLN A 1008 6.80 11.22 19.95
N LEU A 1009 7.27 10.08 19.45
CA LEU A 1009 8.24 9.29 20.20
C LEU A 1009 9.62 9.95 20.17
N ILE A 1010 9.98 10.57 19.05
CA ILE A 1010 11.21 11.37 19.01
C ILE A 1010 11.11 12.52 19.99
N ARG A 1011 10.02 13.28 19.93
CA ARG A 1011 9.83 14.41 20.81
C ARG A 1011 9.72 13.98 22.27
N ALA A 1012 9.05 12.87 22.55
CA ALA A 1012 8.98 12.37 23.92
C ALA A 1012 10.35 11.95 24.42
N ALA A 1013 11.27 11.59 23.52
CA ALA A 1013 12.64 11.33 23.93
C ALA A 1013 13.38 12.63 24.20
N GLU A 1014 13.12 13.66 23.41
CA GLU A 1014 13.70 14.98 23.68
C GLU A 1014 13.18 15.53 25.00
N ILE A 1015 11.88 15.37 25.26
CA ILE A 1015 11.32 15.79 26.54
C ILE A 1015 11.83 14.91 27.67
N ARG A 1016 11.98 13.60 27.41
CA ARG A 1016 12.52 12.71 28.43
C ARG A 1016 13.96 13.09 28.79
N ALA A 1017 14.72 13.59 27.82
CA ALA A 1017 16.08 14.02 28.11
C ALA A 1017 16.10 15.35 28.86
N SER A 1018 15.17 16.26 28.55
CA SER A 1018 15.10 17.53 29.27
C SER A 1018 14.48 17.33 30.64
N ALA A 1019 13.50 16.43 30.76
CA ALA A 1019 12.92 16.12 32.05
C ALA A 1019 13.88 15.33 32.93
N ASN A 1020 14.70 14.47 32.33
CA ASN A 1020 15.78 13.86 33.09
C ASN A 1020 16.82 14.89 33.46
N LEU A 1021 17.03 15.89 32.59
CA LEU A 1021 17.96 16.97 32.89
C LEU A 1021 17.41 17.91 33.94
N ALA A 1022 16.09 18.05 34.01
CA ALA A 1022 15.46 18.91 35.02
C ALA A 1022 15.19 18.15 36.30
N ALA A 1023 14.99 16.84 36.22
CA ALA A 1023 14.94 16.03 37.44
C ALA A 1023 16.28 16.07 38.15
N THR A 1024 17.37 16.00 37.40
CA THR A 1024 18.70 16.09 38.00
C THR A 1024 19.16 17.52 38.20
N LYS A 1025 18.59 18.48 37.46
CA LYS A 1025 18.84 19.88 37.79
C LYS A 1025 18.11 20.26 39.06
N MET A 1026 16.93 19.70 39.28
CA MET A 1026 16.29 19.84 40.57
C MET A 1026 17.10 19.14 41.65
N SER A 1027 17.50 17.88 41.39
CA SER A 1027 18.19 17.10 42.41
C SER A 1027 19.50 17.74 42.84
N GLU A 1028 20.30 18.23 41.88
CA GLU A 1028 21.63 18.72 42.19
C GLU A 1028 21.75 20.23 42.29
N CYS A 1029 20.67 21.00 42.09
CA CYS A 1029 20.77 22.44 42.24
C CYS A 1029 19.92 22.96 43.40
N VAL A 1030 18.62 22.68 43.43
CA VAL A 1030 17.79 23.26 44.48
C VAL A 1030 17.87 22.45 45.77
N LEU A 1031 17.83 21.12 45.68
CA LEU A 1031 18.04 20.29 46.87
C LEU A 1031 19.52 20.05 47.15
N GLY A 1032 20.41 20.90 46.64
CA GLY A 1032 21.82 20.79 46.93
C GLY A 1032 22.66 21.68 46.05
N GLN A 1033 23.68 22.32 46.61
CA GLN A 1033 24.56 23.16 45.81
C GLN A 1033 25.43 22.30 44.90
N SER A 1034 25.55 22.72 43.64
CA SER A 1034 26.22 21.93 42.60
C SER A 1034 27.58 22.54 42.30
N LYS A 1035 28.63 21.74 42.48
CA LYS A 1035 29.96 22.10 42.02
C LYS A 1035 30.18 21.81 40.54
N ARG A 1036 29.14 21.32 39.87
CA ARG A 1036 29.17 21.07 38.44
C ARG A 1036 29.23 22.42 37.72
N VAL A 1037 30.39 22.74 37.17
CA VAL A 1037 30.63 24.08 36.62
C VAL A 1037 29.72 24.32 35.43
N ASP A 1038 29.03 25.46 35.43
CA ASP A 1038 28.10 25.84 34.37
C ASP A 1038 27.01 24.79 34.20
N PHE A 1039 26.37 24.45 35.32
CA PHE A 1039 25.19 23.58 35.31
C PHE A 1039 23.94 24.32 35.76
N CYS A 1040 23.96 24.90 36.96
CA CYS A 1040 22.81 25.66 37.47
C CYS A 1040 23.16 27.15 37.34
N GLY A 1041 22.98 27.67 36.14
CA GLY A 1041 23.28 29.06 35.86
C GLY A 1041 24.76 29.34 35.65
N LYS A 1042 25.06 30.35 34.84
CA LYS A 1042 26.43 30.66 34.46
C LYS A 1042 27.17 31.24 35.66
N GLY A 1043 28.14 30.52 36.19
CA GLY A 1043 29.00 31.01 37.24
C GLY A 1043 29.04 30.07 38.43
N TYR A 1044 29.76 30.50 39.46
CA TYR A 1044 29.78 29.79 40.72
C TYR A 1044 28.37 29.73 41.29
N HIS A 1045 27.78 28.54 41.32
CA HIS A 1045 26.35 28.39 41.57
C HIS A 1045 26.06 28.43 43.07
N LEU A 1046 24.91 29.01 43.41
CA LEU A 1046 24.46 29.12 44.79
C LEU A 1046 23.27 28.24 45.10
N MET A 1047 22.16 28.41 44.39
CA MET A 1047 20.97 27.58 44.55
C MET A 1047 20.05 27.87 43.38
N SER A 1048 18.91 27.19 43.37
CA SER A 1048 17.94 27.36 42.30
C SER A 1048 16.53 27.28 42.88
N PHE A 1049 15.58 27.84 42.15
CA PHE A 1049 14.19 27.93 42.58
C PHE A 1049 13.31 27.38 41.47
N PRO A 1050 12.66 26.24 41.67
CA PRO A 1050 11.67 25.79 40.68
C PRO A 1050 10.42 26.64 40.71
N GLN A 1051 9.83 26.80 39.54
CA GLN A 1051 8.57 27.52 39.37
C GLN A 1051 7.77 26.80 38.30
N SER A 1052 6.70 26.13 38.71
CA SER A 1052 5.91 25.35 37.75
C SER A 1052 5.36 26.27 36.67
N ALA A 1053 5.52 25.84 35.42
CA ALA A 1053 5.04 26.53 34.24
C ALA A 1053 4.32 25.53 33.37
N PRO A 1054 3.42 25.99 32.49
CA PRO A 1054 2.61 25.03 31.71
C PRO A 1054 3.44 24.05 30.92
N HIS A 1055 3.35 22.76 31.28
CA HIS A 1055 4.07 21.68 30.62
C HIS A 1055 5.58 21.97 30.59
N GLY A 1056 6.12 22.26 31.77
CA GLY A 1056 7.53 22.52 31.89
C GLY A 1056 7.87 22.98 33.29
N VAL A 1057 9.09 23.46 33.45
CA VAL A 1057 9.56 24.01 34.72
C VAL A 1057 10.51 25.16 34.42
N VAL A 1058 10.44 26.19 35.25
CA VAL A 1058 11.30 27.37 35.11
C VAL A 1058 12.15 27.46 36.36
N PHE A 1059 13.46 27.41 36.19
CA PHE A 1059 14.39 27.54 37.30
C PHE A 1059 14.87 28.98 37.41
N LEU A 1060 15.13 29.41 38.63
CA LEU A 1060 15.80 30.68 38.91
C LEU A 1060 17.17 30.34 39.50
N HIS A 1061 18.13 30.13 38.61
CA HIS A 1061 19.47 29.75 39.04
C HIS A 1061 20.15 30.98 39.64
N VAL A 1062 20.15 31.07 40.96
CA VAL A 1062 20.83 32.15 41.66
C VAL A 1062 22.31 31.80 41.71
N THR A 1063 23.12 32.56 40.97
CA THR A 1063 24.53 32.28 40.82
C THR A 1063 25.37 33.43 41.38
N TYR A 1064 26.68 33.26 41.29
CA TYR A 1064 27.66 34.22 41.81
C TYR A 1064 28.64 34.54 40.70
N VAL A 1065 28.82 35.84 40.42
CA VAL A 1065 29.71 36.28 39.34
C VAL A 1065 30.49 37.50 39.79
N PRO A 1066 31.82 37.44 39.82
CA PRO A 1066 32.60 38.63 40.19
C PRO A 1066 32.45 39.74 39.17
N ALA A 1067 32.60 40.99 39.65
CA ALA A 1067 32.41 42.17 38.81
C ALA A 1067 33.68 42.98 38.62
N GLN A 1068 34.31 43.45 39.69
CA GLN A 1068 35.45 44.36 39.61
C GLN A 1068 36.72 43.61 39.99
N GLU A 1069 37.70 43.62 39.08
CA GLU A 1069 38.95 42.89 39.27
C GLU A 1069 40.08 43.86 39.57
N LYS A 1070 40.86 43.55 40.60
CA LYS A 1070 42.11 44.25 40.89
C LYS A 1070 43.25 43.24 40.84
N ASN A 1071 44.36 43.62 40.22
CA ASN A 1071 45.47 42.71 39.99
C ASN A 1071 46.71 43.15 40.76
N PHE A 1072 47.54 42.17 41.11
CA PHE A 1072 48.72 42.40 41.95
C PHE A 1072 49.81 41.42 41.52
N THR A 1073 50.84 41.32 42.35
CA THR A 1073 51.97 40.43 42.10
C THR A 1073 51.79 39.14 42.89
N THR A 1074 51.93 38.00 42.20
CA THR A 1074 51.73 36.69 42.80
C THR A 1074 53.03 35.90 42.79
N ALA A 1075 53.24 35.11 43.85
CA ALA A 1075 54.43 34.28 43.98
C ALA A 1075 54.00 32.91 44.47
N PRO A 1076 54.49 31.83 43.86
CA PRO A 1076 54.05 30.49 44.25
C PRO A 1076 54.36 30.11 45.69
N ALA A 1077 55.35 30.74 46.31
CA ALA A 1077 55.76 30.36 47.66
C ALA A 1077 56.29 31.58 48.38
N ILE A 1078 56.83 31.36 49.58
CA ILE A 1078 57.37 32.43 50.43
C ILE A 1078 58.53 31.86 51.23
N CYS A 1079 59.65 32.57 51.25
CA CYS A 1079 60.86 32.11 51.93
C CYS A 1079 61.04 32.91 53.21
N HIS A 1080 60.71 32.31 54.36
CA HIS A 1080 60.82 32.99 55.65
C HIS A 1080 62.18 32.76 56.30
N ASP A 1081 62.53 31.49 56.51
CA ASP A 1081 63.78 31.11 57.17
C ASP A 1081 64.57 30.15 56.30
N GLY A 1082 64.66 30.47 55.02
CA GLY A 1082 65.37 29.60 54.09
C GLY A 1082 64.64 28.35 53.72
N LYS A 1083 63.36 28.22 54.09
CA LYS A 1083 62.57 27.04 53.83
C LYS A 1083 61.24 27.45 53.24
N ALA A 1084 60.78 26.71 52.23
CA ALA A 1084 59.61 27.12 51.47
C ALA A 1084 58.35 27.13 52.33
N HIS A 1085 57.46 28.06 52.00
CA HIS A 1085 56.16 28.20 52.65
C HIS A 1085 55.08 28.25 51.58
N PHE A 1086 53.88 27.80 51.96
CA PHE A 1086 52.78 27.66 51.02
C PHE A 1086 51.50 28.12 51.68
N PRO A 1087 50.54 28.63 50.90
CA PRO A 1087 49.27 29.07 51.49
C PRO A 1087 48.33 27.89 51.66
N ARG A 1088 47.78 27.74 52.87
CA ARG A 1088 46.80 26.70 53.10
C ARG A 1088 45.57 26.90 52.22
N GLU A 1089 45.12 28.15 52.12
CA GLU A 1089 44.00 28.52 51.25
C GLU A 1089 44.36 29.79 50.50
N GLY A 1090 44.13 29.79 49.20
CA GLY A 1090 44.35 30.98 48.39
C GLY A 1090 45.75 31.08 47.83
N VAL A 1091 45.96 32.15 47.05
CA VAL A 1091 47.24 32.45 46.44
C VAL A 1091 47.88 33.63 47.16
N PHE A 1092 49.14 33.88 46.82
CA PHE A 1092 49.89 34.98 47.41
C PHE A 1092 49.76 36.23 46.54
N VAL A 1093 49.50 37.37 47.17
CA VAL A 1093 49.35 38.64 46.48
C VAL A 1093 50.13 39.70 47.25
N SER A 1094 50.35 40.83 46.59
CA SER A 1094 51.05 41.94 47.22
C SER A 1094 50.70 43.23 46.48
N ASN A 1095 50.35 44.27 47.25
CA ASN A 1095 50.05 45.56 46.66
C ASN A 1095 51.30 46.33 46.27
N GLY A 1096 52.48 45.81 46.59
CA GLY A 1096 53.72 46.45 46.21
C GLY A 1096 54.76 46.45 47.33
N THR A 1097 54.29 46.53 48.57
CA THR A 1097 55.19 46.55 49.73
C THR A 1097 54.97 45.36 50.66
N HIS A 1098 53.73 45.05 51.01
CA HIS A 1098 53.43 43.97 51.92
C HIS A 1098 52.86 42.78 51.15
N TRP A 1099 53.25 41.58 51.57
CA TRP A 1099 52.76 40.35 50.96
C TRP A 1099 51.61 39.80 51.80
N PHE A 1100 50.48 39.53 51.16
CA PHE A 1100 49.30 38.98 51.81
C PHE A 1100 48.89 37.69 51.14
N VAL A 1101 48.31 36.78 51.91
CA VAL A 1101 47.68 35.57 51.39
C VAL A 1101 46.18 35.81 51.32
N THR A 1102 45.58 35.56 50.17
CA THR A 1102 44.20 35.91 49.92
C THR A 1102 43.51 34.79 49.16
N GLN A 1103 42.17 34.77 49.25
CA GLN A 1103 41.39 33.67 48.73
C GLN A 1103 41.24 33.78 47.22
N ARG A 1104 40.62 32.74 46.63
CA ARG A 1104 40.61 32.60 45.18
C ARG A 1104 39.63 33.54 44.52
N ASN A 1105 38.34 33.45 44.87
CA ASN A 1105 37.28 34.09 44.11
C ASN A 1105 36.80 35.39 44.73
N PHE A 1106 37.56 35.97 45.66
CA PHE A 1106 37.15 37.21 46.31
C PHE A 1106 38.35 37.74 47.07
N TYR A 1107 38.50 39.06 47.06
CA TYR A 1107 39.67 39.71 47.66
C TYR A 1107 39.48 39.78 49.17
N GLU A 1108 40.29 39.02 49.91
CA GLU A 1108 40.32 39.06 51.36
C GLU A 1108 41.76 38.88 51.81
N PRO A 1109 42.55 39.95 51.82
CA PRO A 1109 43.95 39.82 52.20
C PRO A 1109 44.13 39.72 53.71
N GLN A 1110 45.09 38.90 54.12
CA GLN A 1110 45.53 38.86 55.51
C GLN A 1110 47.05 38.87 55.53
N ILE A 1111 47.61 39.38 56.64
CA ILE A 1111 49.05 39.34 56.84
C ILE A 1111 49.47 37.89 57.00
N ILE A 1112 50.61 37.54 56.40
CA ILE A 1112 51.08 36.15 56.43
C ILE A 1112 51.35 35.73 57.87
N THR A 1113 50.77 34.60 58.26
CA THR A 1113 50.97 34.04 59.59
C THR A 1113 51.02 32.52 59.47
N THR A 1114 51.79 31.89 60.34
CA THR A 1114 52.04 30.46 60.24
C THR A 1114 50.76 29.63 60.40
N ASP A 1115 49.72 30.19 61.02
CA ASP A 1115 48.47 29.43 61.17
C ASP A 1115 47.82 29.16 59.83
N ASN A 1116 47.89 30.11 58.90
CA ASN A 1116 47.33 29.96 57.56
C ASN A 1116 48.37 29.53 56.54
N THR A 1117 49.62 29.35 56.96
CA THR A 1117 50.72 29.01 56.05
C THR A 1117 51.30 27.68 56.45
N PHE A 1118 51.34 26.72 55.51
CA PHE A 1118 51.92 25.42 55.76
C PHE A 1118 53.24 25.28 55.02
N VAL A 1119 54.24 24.76 55.72
CA VAL A 1119 55.62 24.70 55.25
C VAL A 1119 55.87 23.37 54.58
N SER A 1120 56.52 23.41 53.41
CA SER A 1120 56.84 22.18 52.68
C SER A 1120 57.97 22.46 51.71
N GLY A 1121 59.10 21.78 51.87
CA GLY A 1121 60.18 21.84 50.92
C GLY A 1121 61.29 22.81 51.30
N ASN A 1122 62.11 23.12 50.31
CA ASN A 1122 63.22 24.06 50.46
C ASN A 1122 63.08 25.19 49.45
N CYS A 1123 63.75 26.31 49.74
CA CYS A 1123 63.56 27.51 48.95
C CYS A 1123 64.25 27.45 47.60
N ASP A 1124 65.36 26.72 47.49
CA ASP A 1124 66.13 26.72 46.25
C ASP A 1124 65.39 26.04 45.11
N VAL A 1125 64.71 24.93 45.39
CA VAL A 1125 64.03 24.19 44.33
C VAL A 1125 62.85 24.97 43.77
N VAL A 1126 62.19 25.77 44.60
CA VAL A 1126 61.00 26.51 44.18
C VAL A 1126 61.40 27.68 43.31
N ILE A 1127 60.60 27.96 42.29
CA ILE A 1127 60.77 29.15 41.45
C ILE A 1127 59.61 30.09 41.73
N GLY A 1128 59.82 31.36 41.40
CA GLY A 1128 58.82 32.39 41.68
C GLY A 1128 58.71 32.78 43.13
N ILE A 1129 59.24 31.98 44.06
CA ILE A 1129 59.19 32.30 45.47
C ILE A 1129 59.98 33.57 45.73
N VAL A 1130 59.46 34.39 46.64
CA VAL A 1130 60.10 35.66 47.01
C VAL A 1130 60.38 35.64 48.50
N ASN A 1131 61.42 36.38 48.91
CA ASN A 1131 61.76 36.47 50.32
C ASN A 1131 60.70 37.25 51.07
N ASN A 1132 60.46 36.87 52.32
CA ASN A 1132 59.45 37.50 53.15
C ASN A 1132 59.66 37.06 54.59
N THR A 1133 58.94 37.71 55.50
CA THR A 1133 58.94 37.34 56.90
C THR A 1133 57.52 37.01 57.35
N VAL A 1134 57.41 36.03 58.23
CA VAL A 1134 56.12 35.57 58.74
C VAL A 1134 56.09 35.82 60.24
N TYR A 1135 55.13 36.64 60.68
CA TYR A 1135 54.97 36.90 62.10
C TYR A 1135 54.56 35.61 62.82
N ASP A 1136 55.20 35.34 63.96
CA ASP A 1136 54.91 34.15 64.73
C ASP A 1136 53.87 34.49 65.78
N PRO A 1137 52.65 33.96 65.70
CA PRO A 1137 51.60 34.36 66.66
C PRO A 1137 51.96 34.06 68.10
N LEU A 1138 52.71 32.99 68.36
CA LEU A 1138 53.10 32.65 69.72
C LEU A 1138 54.30 33.45 70.22
N GLN A 1139 55.02 34.12 69.31
CA GLN A 1139 56.23 34.85 69.72
C GLN A 1139 55.94 35.97 70.72
N PRO A 1140 54.95 36.85 70.52
CA PRO A 1140 54.66 37.84 71.56
C PRO A 1140 54.22 37.22 72.88
N GLU A 1141 53.59 36.03 72.83
CA GLU A 1141 53.22 35.34 74.06
C GLU A 1141 54.46 34.96 74.86
N LEU A 1142 55.51 34.50 74.18
CA LEU A 1142 56.74 34.15 74.87
C LEU A 1142 57.42 35.38 75.44
N ASP A 1143 57.37 36.51 74.73
CA ASP A 1143 58.01 37.73 75.20
C ASP A 1143 57.37 38.22 76.50
N SER A 1144 56.05 38.16 76.58
CA SER A 1144 55.34 38.58 77.79
C SER A 1144 55.16 37.41 78.76
N ALA B 27 -40.41 -21.88 33.61
CA ALA B 27 -39.31 -22.30 34.44
C ALA B 27 -37.97 -21.92 33.81
N TYR B 28 -37.20 -21.09 34.51
CA TYR B 28 -35.90 -20.63 34.05
C TYR B 28 -34.82 -21.01 35.06
N THR B 29 -33.59 -21.10 34.56
CA THR B 29 -32.44 -21.44 35.38
C THR B 29 -31.23 -20.68 34.84
N ASN B 30 -30.08 -20.86 35.49
CA ASN B 30 -28.88 -20.09 35.19
C ASN B 30 -27.74 -21.03 34.85
N SER B 31 -27.27 -20.96 33.60
CA SER B 31 -26.06 -21.67 33.19
C SER B 31 -24.86 -20.85 33.66
N PHE B 32 -24.13 -21.39 34.65
CA PHE B 32 -23.11 -20.59 35.33
C PHE B 32 -21.82 -20.53 34.51
N THR B 33 -21.20 -21.68 34.25
CA THR B 33 -19.93 -21.73 33.56
C THR B 33 -19.90 -22.75 32.43
N ARG B 34 -20.72 -23.79 32.48
CA ARG B 34 -20.70 -24.87 31.51
C ARG B 34 -20.94 -24.35 30.10
N GLY B 35 -20.68 -25.21 29.12
CA GLY B 35 -20.94 -24.88 27.73
C GLY B 35 -19.74 -24.30 27.02
N VAL B 36 -18.53 -24.77 27.35
CA VAL B 36 -17.31 -24.35 26.71
C VAL B 36 -16.67 -25.56 26.05
N TYR B 37 -16.35 -25.42 24.76
CA TYR B 37 -15.83 -26.51 23.96
C TYR B 37 -14.50 -26.10 23.32
N TYR B 38 -13.66 -27.09 23.04
CA TYR B 38 -12.42 -26.85 22.32
C TYR B 38 -12.74 -26.23 20.96
N PRO B 39 -12.40 -24.97 20.74
CA PRO B 39 -12.78 -24.31 19.48
C PRO B 39 -12.17 -24.95 18.25
N ASP B 40 -11.05 -25.64 18.39
CA ASP B 40 -10.41 -26.32 17.26
C ASP B 40 -9.60 -27.49 17.78
N LYS B 41 -9.20 -28.36 16.86
CA LYS B 41 -8.43 -29.55 17.21
C LYS B 41 -7.02 -29.21 17.68
N VAL B 42 -6.60 -27.95 17.54
CA VAL B 42 -5.23 -27.56 17.85
C VAL B 42 -4.92 -27.81 19.32
N PHE B 43 -3.76 -28.37 19.58
CA PHE B 43 -3.24 -28.57 20.93
C PHE B 43 -2.35 -27.40 21.32
N ARG B 44 -2.34 -27.07 22.60
CA ARG B 44 -1.51 -25.98 23.12
C ARG B 44 -1.12 -26.32 24.56
N SER B 45 -0.04 -25.69 25.03
CA SER B 45 0.48 -25.95 26.36
C SER B 45 0.71 -24.62 27.07
N SER B 46 -0.01 -24.42 28.18
CA SER B 46 0.14 -23.23 29.01
C SER B 46 -0.04 -21.95 28.20
N VAL B 47 -1.00 -21.97 27.28
CA VAL B 47 -1.28 -20.84 26.40
C VAL B 47 -2.69 -20.35 26.67
N LEU B 48 -2.81 -19.06 26.97
CA LEU B 48 -4.12 -18.44 27.22
C LEU B 48 -4.60 -17.86 25.89
N HIS B 49 -5.13 -18.73 25.03
CA HIS B 49 -5.57 -18.33 23.70
C HIS B 49 -7.00 -17.84 23.74
N SER B 50 -7.24 -16.65 23.22
CA SER B 50 -8.58 -16.07 23.14
C SER B 50 -9.19 -16.39 21.79
N THR B 51 -10.42 -16.90 21.79
CA THR B 51 -11.11 -17.30 20.58
C THR B 51 -12.44 -16.58 20.48
N GLN B 52 -12.71 -15.99 19.32
CA GLN B 52 -13.97 -15.33 19.03
C GLN B 52 -14.85 -16.31 18.28
N ASP B 53 -15.73 -16.99 19.00
CA ASP B 53 -16.59 -18.02 18.42
C ASP B 53 -17.96 -17.98 19.08
N LEU B 54 -18.89 -18.75 18.52
CA LEU B 54 -20.24 -18.85 19.07
C LEU B 54 -20.18 -19.73 20.30
N PHE B 55 -20.10 -19.10 21.46
CA PHE B 55 -20.02 -19.79 22.75
C PHE B 55 -21.33 -19.62 23.52
N LEU B 56 -21.38 -20.24 24.69
CA LEU B 56 -22.48 -20.04 25.62
C LEU B 56 -22.06 -19.02 26.66
N PRO B 57 -22.69 -17.85 26.72
CA PRO B 57 -22.27 -16.82 27.68
C PRO B 57 -22.39 -17.30 29.12
N PHE B 58 -21.51 -16.80 29.96
CA PHE B 58 -21.54 -17.15 31.37
C PHE B 58 -22.73 -16.47 32.06
N PHE B 59 -23.28 -17.17 33.06
CA PHE B 59 -24.38 -16.64 33.87
C PHE B 59 -25.57 -16.23 32.99
N SER B 60 -25.89 -17.06 32.00
CA SER B 60 -27.02 -16.80 31.13
C SER B 60 -28.26 -17.51 31.64
N ASN B 61 -29.41 -16.88 31.44
CA ASN B 61 -30.70 -17.41 31.91
C ASN B 61 -31.20 -18.39 30.86
N VAL B 62 -30.95 -19.68 31.09
CA VAL B 62 -31.27 -20.72 30.12
C VAL B 62 -32.62 -21.34 30.46
N THR B 63 -33.29 -21.85 29.43
CA THR B 63 -34.63 -22.39 29.60
C THR B 63 -34.59 -23.75 30.32
N TRP B 64 -35.52 -23.94 31.24
CA TRP B 64 -35.70 -25.20 31.95
C TRP B 64 -36.94 -25.91 31.40
N PHE B 65 -36.86 -27.22 31.29
CA PHE B 65 -37.96 -28.02 30.79
C PHE B 65 -38.14 -29.25 31.68
N HIS B 66 -39.26 -29.95 31.47
CA HIS B 66 -39.61 -31.13 32.24
C HIS B 66 -40.09 -32.23 31.30
N ALA B 67 -39.94 -33.48 31.75
CA ALA B 67 -40.42 -34.63 31.00
C ALA B 67 -41.17 -35.64 31.85
N ILE B 68 -41.06 -35.58 33.18
CA ILE B 68 -41.77 -36.50 34.07
C ILE B 68 -43.22 -36.07 34.18
N HIS B 69 -44.06 -36.94 34.75
CA HIS B 69 -45.49 -36.68 34.92
C HIS B 69 -46.18 -36.43 33.59
N ARG B 78 -50.51 -34.18 30.89
CA ARG B 78 -49.17 -34.67 31.18
C ARG B 78 -48.11 -33.63 30.79
N PHE B 79 -46.88 -34.10 30.62
CA PHE B 79 -45.76 -33.25 30.23
C PHE B 79 -45.16 -33.76 28.93
N ASP B 80 -44.90 -32.85 28.00
CA ASP B 80 -44.30 -33.21 26.72
C ASP B 80 -43.11 -32.30 26.41
N ASN B 81 -42.54 -32.45 25.21
CA ASN B 81 -41.38 -31.68 24.80
C ASN B 81 -41.79 -30.64 23.76
N PRO B 82 -41.64 -29.35 24.05
CA PRO B 82 -41.95 -28.32 23.05
C PRO B 82 -40.96 -28.32 21.89
N VAL B 83 -41.17 -27.44 20.93
CA VAL B 83 -40.31 -27.32 19.76
C VAL B 83 -39.60 -25.96 19.83
N LEU B 84 -38.27 -25.99 19.89
CA LEU B 84 -37.47 -24.80 20.07
C LEU B 84 -36.69 -24.47 18.80
N PRO B 85 -36.43 -23.19 18.55
CA PRO B 85 -35.62 -22.82 17.39
C PRO B 85 -34.13 -23.00 17.66
N PHE B 86 -33.33 -22.84 16.60
CA PHE B 86 -31.89 -23.08 16.67
C PHE B 86 -31.11 -21.79 16.95
N ASN B 87 -31.24 -20.80 16.06
CA ASN B 87 -30.58 -19.50 16.20
C ASN B 87 -29.06 -19.66 16.30
N ASP B 88 -28.47 -20.19 15.23
CA ASP B 88 -27.02 -20.29 15.07
C ASP B 88 -26.36 -21.03 16.24
N GLY B 89 -26.96 -22.12 16.70
CA GLY B 89 -26.34 -22.91 17.74
C GLY B 89 -27.18 -23.07 18.99
N VAL B 90 -27.28 -24.29 19.48
CA VAL B 90 -28.06 -24.61 20.68
C VAL B 90 -27.18 -25.44 21.61
N TYR B 91 -27.13 -25.03 22.88
CA TYR B 91 -26.42 -25.78 23.91
C TYR B 91 -27.40 -26.68 24.64
N PHE B 92 -26.94 -27.89 24.97
CA PHE B 92 -27.80 -28.89 25.60
C PHE B 92 -27.18 -29.29 26.93
N ALA B 93 -28.03 -29.53 27.93
CA ALA B 93 -27.57 -30.01 29.24
C ALA B 93 -28.73 -30.75 29.89
N SER B 94 -28.64 -32.07 29.93
CA SER B 94 -29.63 -32.90 30.60
C SER B 94 -28.93 -33.93 31.48
N THR B 95 -29.63 -34.34 32.54
CA THR B 95 -29.17 -35.40 33.43
C THR B 95 -30.23 -36.49 33.45
N GLU B 96 -29.79 -37.75 33.40
CA GLU B 96 -30.70 -38.87 33.30
C GLU B 96 -30.26 -39.99 34.22
N LYS B 97 -31.25 -40.71 34.75
CA LYS B 97 -31.03 -41.95 35.50
C LYS B 97 -31.22 -43.20 34.64
N SER B 98 -32.16 -43.16 33.69
CA SER B 98 -32.45 -44.29 32.82
C SER B 98 -32.37 -43.93 31.34
N ASN B 99 -31.73 -42.79 31.02
CA ASN B 99 -31.53 -42.35 29.64
C ASN B 99 -32.88 -42.17 28.91
N ILE B 100 -33.66 -41.22 29.42
CA ILE B 100 -34.94 -40.92 28.79
C ILE B 100 -34.74 -40.30 27.41
N ILE B 101 -33.75 -39.42 27.27
CA ILE B 101 -33.48 -38.79 25.99
C ILE B 101 -33.06 -39.84 24.97
N ARG B 102 -33.66 -39.80 23.79
CA ARG B 102 -33.48 -40.86 22.81
C ARG B 102 -33.06 -40.39 21.42
N GLY B 103 -33.42 -39.19 21.00
CA GLY B 103 -33.12 -38.79 19.63
C GLY B 103 -33.23 -37.30 19.45
N TRP B 104 -32.94 -36.87 18.22
CA TRP B 104 -32.91 -35.46 17.86
C TRP B 104 -33.51 -35.28 16.47
N ILE B 105 -33.97 -34.07 16.19
CA ILE B 105 -34.49 -33.75 14.86
C ILE B 105 -34.28 -32.28 14.56
N PHE B 106 -33.52 -32.00 13.48
CA PHE B 106 -33.15 -30.65 13.09
C PHE B 106 -33.65 -30.42 11.67
N GLY B 107 -34.60 -29.50 11.50
CA GLY B 107 -35.10 -29.19 10.18
C GLY B 107 -35.96 -27.96 10.18
N THR B 108 -35.95 -27.24 9.05
CA THR B 108 -36.83 -26.08 8.91
C THR B 108 -38.30 -26.50 8.95
N THR B 109 -38.63 -27.60 8.28
CA THR B 109 -40.00 -28.12 8.26
C THR B 109 -40.20 -29.30 9.20
N LEU B 110 -39.25 -30.24 9.24
CA LEU B 110 -39.27 -31.41 10.12
C LEU B 110 -40.62 -32.14 10.10
N ASP B 111 -41.33 -32.08 8.98
CA ASP B 111 -42.62 -32.77 8.84
C ASP B 111 -42.73 -33.42 7.47
N SER B 112 -41.63 -34.02 7.00
CA SER B 112 -41.53 -34.73 5.74
C SER B 112 -41.74 -33.83 4.52
N LYS B 113 -41.86 -32.51 4.72
CA LYS B 113 -42.06 -31.62 3.58
C LYS B 113 -40.79 -31.49 2.76
N THR B 114 -39.65 -31.28 3.42
CA THR B 114 -38.36 -31.15 2.76
C THR B 114 -37.34 -32.00 3.49
N GLN B 115 -36.14 -32.10 2.91
CA GLN B 115 -35.06 -32.85 3.54
C GLN B 115 -34.66 -32.19 4.85
N SER B 116 -34.52 -33.01 5.89
CA SER B 116 -34.20 -32.51 7.23
C SER B 116 -33.34 -33.53 7.96
N LEU B 117 -32.51 -33.03 8.87
CA LEU B 117 -31.68 -33.90 9.70
C LEU B 117 -32.54 -34.73 10.63
N LEU B 118 -32.14 -35.99 10.80
CA LEU B 118 -32.81 -36.92 11.71
C LEU B 118 -31.75 -37.67 12.50
N ILE B 119 -31.87 -37.67 13.82
CA ILE B 119 -30.90 -38.29 14.71
C ILE B 119 -31.65 -39.23 15.66
N VAL B 120 -31.16 -40.47 15.75
CA VAL B 120 -31.69 -41.46 16.67
C VAL B 120 -30.53 -42.09 17.42
N ASN B 121 -30.63 -42.12 18.75
CA ASN B 121 -29.58 -42.66 19.60
C ASN B 121 -30.07 -43.98 20.20
N ASN B 122 -29.50 -45.08 19.72
CA ASN B 122 -29.79 -46.41 20.23
C ASN B 122 -28.53 -47.01 20.85
N ALA B 123 -28.73 -47.86 21.86
CA ALA B 123 -27.59 -48.55 22.45
C ALA B 123 -26.92 -49.48 21.44
N THR B 124 -27.70 -50.03 20.51
CA THR B 124 -27.13 -50.89 19.47
C THR B 124 -26.27 -50.09 18.51
N ASN B 125 -26.79 -48.98 18.00
CA ASN B 125 -26.07 -48.17 17.03
C ASN B 125 -26.58 -46.74 17.10
N VAL B 126 -25.79 -45.82 16.53
CA VAL B 126 -26.17 -44.42 16.40
C VAL B 126 -26.64 -44.19 14.97
N VAL B 127 -27.84 -43.64 14.83
CA VAL B 127 -28.49 -43.53 13.52
C VAL B 127 -28.64 -42.06 13.17
N ILE B 128 -28.16 -41.68 12.00
CA ILE B 128 -28.37 -40.36 11.43
C ILE B 128 -28.91 -40.54 10.01
N LYS B 129 -29.99 -39.84 9.69
CA LYS B 129 -30.60 -39.92 8.37
C LYS B 129 -31.04 -38.53 7.95
N VAL B 130 -31.47 -38.41 6.69
CA VAL B 130 -31.92 -37.13 6.14
C VAL B 130 -33.30 -37.34 5.54
N CYS B 131 -33.80 -38.57 5.59
CA CYS B 131 -35.06 -38.91 4.93
C CYS B 131 -36.23 -38.15 5.55
N GLU B 132 -37.29 -38.02 4.77
CA GLU B 132 -38.46 -37.24 5.15
C GLU B 132 -39.48 -38.13 5.85
N PHE B 133 -39.73 -37.85 7.12
CA PHE B 133 -40.67 -38.63 7.92
C PHE B 133 -41.70 -37.69 8.53
N GLN B 134 -42.98 -38.05 8.41
CA GLN B 134 -44.06 -37.26 8.97
C GLN B 134 -44.20 -37.57 10.45
N PHE B 135 -43.98 -36.59 11.30
CA PHE B 135 -44.05 -36.74 12.74
C PHE B 135 -45.23 -35.96 13.30
N CYS B 136 -45.89 -36.54 14.30
CA CYS B 136 -47.05 -35.92 14.91
C CYS B 136 -46.61 -34.82 15.89
N ASN B 137 -47.60 -34.17 16.52
CA ASN B 137 -47.30 -33.10 17.47
C ASN B 137 -46.53 -33.63 18.67
N ASP B 138 -46.91 -34.80 19.17
CA ASP B 138 -46.28 -35.42 20.35
C ASP B 138 -45.88 -36.85 19.99
N PRO B 139 -44.78 -37.02 19.26
CA PRO B 139 -44.35 -38.37 18.86
C PRO B 139 -43.66 -39.07 20.02
N PHE B 140 -44.21 -40.22 20.41
CA PHE B 140 -43.68 -41.02 21.51
C PHE B 140 -42.98 -42.26 20.97
N LEU B 141 -42.16 -42.86 21.82
CA LEU B 141 -41.43 -44.08 21.50
C LEU B 141 -41.80 -45.16 22.51
N GLY B 142 -42.02 -46.38 22.03
CA GLY B 142 -42.39 -47.47 22.91
C GLY B 142 -41.19 -48.07 23.62
N VAL B 143 -41.45 -48.57 24.82
CA VAL B 143 -40.40 -49.18 25.63
C VAL B 143 -40.61 -50.69 25.71
N ASN B 165 -36.30 -39.02 0.04
CA ASN B 165 -35.05 -39.72 -0.21
C ASN B 165 -33.99 -39.40 0.84
N CYS B 166 -33.06 -40.33 1.03
CA CYS B 166 -31.99 -40.20 2.01
C CYS B 166 -30.72 -39.74 1.31
N THR B 167 -30.05 -38.74 1.89
CA THR B 167 -28.83 -38.19 1.32
C THR B 167 -27.57 -38.51 2.11
N PHE B 168 -27.65 -38.54 3.43
CA PHE B 168 -26.47 -38.79 4.25
C PHE B 168 -26.83 -39.73 5.40
N GLU B 169 -25.81 -40.40 5.93
CA GLU B 169 -26.01 -41.38 6.99
C GLU B 169 -24.73 -41.48 7.82
N TYR B 170 -24.88 -41.96 9.05
CA TYR B 170 -23.75 -42.17 9.94
C TYR B 170 -24.13 -43.23 10.96
N VAL B 171 -23.19 -44.13 11.25
CA VAL B 171 -23.41 -45.21 12.21
C VAL B 171 -22.19 -45.32 13.10
N SER B 172 -22.42 -45.45 14.41
CA SER B 172 -21.33 -45.65 15.37
C SER B 172 -21.76 -46.58 16.50
N PHE B 186 -29.46 -39.13 39.24
CA PHE B 186 -29.15 -38.30 38.09
C PHE B 186 -27.65 -38.09 38.01
N LYS B 187 -26.90 -39.20 37.96
CA LYS B 187 -25.45 -39.13 38.04
C LYS B 187 -24.83 -38.56 36.77
N ASN B 188 -25.29 -39.01 35.61
CA ASN B 188 -24.64 -38.68 34.34
C ASN B 188 -25.29 -37.47 33.70
N LEU B 189 -24.46 -36.53 33.23
CA LEU B 189 -24.91 -35.35 32.49
C LEU B 189 -24.28 -35.40 31.11
N ARG B 190 -25.10 -35.63 30.09
CA ARG B 190 -24.64 -35.75 28.71
C ARG B 190 -24.75 -34.37 28.07
N GLU B 191 -23.73 -33.54 28.30
CA GLU B 191 -23.72 -32.18 27.76
C GLU B 191 -23.35 -32.21 26.29
N PHE B 192 -24.19 -31.61 25.45
CA PHE B 192 -23.96 -31.55 24.01
C PHE B 192 -24.00 -30.11 23.52
N VAL B 193 -23.34 -29.88 22.39
CA VAL B 193 -23.35 -28.57 21.72
C VAL B 193 -23.53 -28.81 20.23
N PHE B 194 -24.49 -28.10 19.63
CA PHE B 194 -24.79 -28.22 18.22
C PHE B 194 -24.62 -26.88 17.53
N LYS B 195 -23.96 -26.90 16.38
CA LYS B 195 -23.83 -25.70 15.55
C LYS B 195 -23.51 -26.13 14.12
N ASN B 196 -23.71 -25.20 13.20
CA ASN B 196 -23.38 -25.41 11.79
C ASN B 196 -22.50 -24.27 11.32
N ILE B 197 -21.49 -24.59 10.52
CA ILE B 197 -20.59 -23.61 9.94
C ILE B 197 -20.19 -24.07 8.55
N ASP B 198 -20.41 -23.20 7.55
CA ASP B 198 -20.14 -23.53 6.14
C ASP B 198 -20.83 -24.82 5.72
N GLY B 199 -22.05 -25.05 6.23
CA GLY B 199 -22.80 -26.24 5.88
C GLY B 199 -22.23 -27.51 6.47
N TYR B 200 -21.33 -27.39 7.44
CA TYR B 200 -20.71 -28.53 8.08
C TYR B 200 -21.18 -28.60 9.53
N PHE B 201 -21.79 -29.73 9.90
CA PHE B 201 -22.37 -29.90 11.22
C PHE B 201 -21.33 -30.43 12.19
N LYS B 202 -21.45 -30.01 13.46
CA LYS B 202 -20.49 -30.39 14.49
C LYS B 202 -21.23 -30.63 15.79
N ILE B 203 -20.80 -31.67 16.52
CA ILE B 203 -21.38 -32.02 17.81
C ILE B 203 -20.25 -32.23 18.81
N TYR B 204 -20.30 -31.52 19.93
CA TYR B 204 -19.41 -31.73 21.05
C TYR B 204 -20.16 -32.44 22.17
N SER B 205 -19.41 -33.12 23.04
CA SER B 205 -20.03 -33.93 24.06
C SER B 205 -19.13 -34.00 25.29
N LYS B 206 -19.75 -34.36 26.41
CA LYS B 206 -19.04 -34.58 27.66
C LYS B 206 -19.88 -35.50 28.54
N HIS B 207 -19.22 -36.36 29.30
CA HIS B 207 -19.87 -37.33 30.15
C HIS B 207 -19.35 -37.21 31.58
N THR B 208 -19.30 -35.99 32.07
CA THR B 208 -18.85 -35.77 33.45
C THR B 208 -19.96 -36.15 34.43
N PRO B 209 -19.65 -36.93 35.46
CA PRO B 209 -20.67 -37.29 36.45
C PRO B 209 -20.82 -36.24 37.53
N ILE B 210 -22.06 -35.85 37.83
CA ILE B 210 -22.36 -34.81 38.80
C ILE B 210 -23.27 -35.40 39.87
N ASN B 211 -22.95 -35.15 41.13
CA ASN B 211 -23.73 -35.63 42.26
C ASN B 211 -24.84 -34.67 42.68
N LEU B 212 -24.98 -33.54 41.98
CA LEU B 212 -26.03 -32.56 42.28
C LEU B 212 -27.24 -32.88 41.41
N VAL B 213 -28.41 -33.00 42.05
CA VAL B 213 -29.63 -33.38 41.34
C VAL B 213 -30.56 -32.22 41.06
N ARG B 214 -30.35 -31.06 41.69
CA ARG B 214 -31.27 -29.95 41.51
C ARG B 214 -30.98 -29.19 40.22
N ASP B 215 -29.79 -28.60 40.11
CA ASP B 215 -29.45 -27.72 39.00
C ASP B 215 -28.06 -28.08 38.49
N LEU B 216 -27.64 -27.38 37.44
CA LEU B 216 -26.30 -27.59 36.91
C LEU B 216 -25.26 -27.20 37.96
N PRO B 217 -24.18 -27.96 38.09
CA PRO B 217 -23.22 -27.71 39.16
C PRO B 217 -22.35 -26.49 38.87
N GLN B 218 -21.69 -26.01 39.92
CA GLN B 218 -20.70 -24.96 39.78
C GLN B 218 -19.33 -25.58 39.54
N GLY B 219 -18.79 -25.37 38.35
CA GLY B 219 -17.54 -25.97 37.97
C GLY B 219 -17.31 -25.81 36.49
N PHE B 220 -16.21 -26.38 36.02
CA PHE B 220 -15.80 -26.22 34.63
C PHE B 220 -15.34 -27.56 34.06
N SER B 221 -15.84 -27.89 32.87
CA SER B 221 -15.37 -29.02 32.09
C SER B 221 -15.66 -28.75 30.62
N ALA B 222 -14.73 -29.12 29.76
CA ALA B 222 -14.86 -28.86 28.34
C ALA B 222 -15.54 -30.03 27.62
N LEU B 223 -15.92 -29.79 26.37
CA LEU B 223 -16.67 -30.76 25.57
C LEU B 223 -15.87 -31.11 24.33
N GLU B 224 -15.39 -32.36 24.26
CA GLU B 224 -14.65 -32.85 23.12
C GLU B 224 -15.59 -33.09 21.93
N PRO B 225 -15.20 -32.72 20.73
CA PRO B 225 -16.03 -33.02 19.55
C PRO B 225 -16.03 -34.50 19.22
N LEU B 226 -17.17 -34.97 18.71
CA LEU B 226 -17.32 -36.36 18.30
C LEU B 226 -17.66 -36.50 16.82
N VAL B 227 -18.62 -35.74 16.31
CA VAL B 227 -19.14 -35.91 14.96
C VAL B 227 -18.92 -34.61 14.18
N ASP B 228 -18.43 -34.74 12.96
CA ASP B 228 -18.22 -33.62 12.05
C ASP B 228 -18.75 -33.98 10.65
N LEU B 229 -19.99 -34.46 10.61
CA LEU B 229 -20.56 -34.82 9.31
C LEU B 229 -20.95 -33.56 8.54
N PRO B 230 -20.54 -33.44 7.29
CA PRO B 230 -20.96 -32.30 6.43
C PRO B 230 -22.36 -32.51 5.84
N ILE B 231 -23.37 -32.19 6.65
CA ILE B 231 -24.76 -32.41 6.25
C ILE B 231 -25.11 -31.55 5.04
N GLY B 232 -24.75 -30.26 5.09
CA GLY B 232 -25.05 -29.35 4.01
C GLY B 232 -26.46 -28.79 4.02
N ILE B 233 -27.29 -29.18 4.97
CA ILE B 233 -28.66 -28.69 5.08
C ILE B 233 -28.74 -27.73 6.26
N ASN B 234 -29.37 -26.58 6.04
CA ASN B 234 -29.52 -25.58 7.09
C ASN B 234 -30.32 -26.12 8.26
N ILE B 235 -30.05 -25.57 9.45
CA ILE B 235 -30.83 -25.86 10.65
C ILE B 235 -31.43 -24.56 11.14
N THR B 236 -32.75 -24.55 11.32
CA THR B 236 -33.45 -23.40 11.89
C THR B 236 -34.37 -23.76 13.04
N ARG B 237 -34.72 -25.04 13.21
CA ARG B 237 -35.61 -25.48 14.28
C ARG B 237 -34.94 -26.65 15.00
N PHE B 238 -35.60 -27.14 16.05
CA PHE B 238 -35.01 -28.12 16.95
C PHE B 238 -36.10 -28.75 17.79
N GLN B 239 -35.93 -30.04 18.11
CA GLN B 239 -36.87 -30.78 18.93
C GLN B 239 -36.16 -31.97 19.54
N THR B 240 -36.63 -32.38 20.73
CA THR B 240 -35.99 -33.42 21.51
C THR B 240 -36.90 -34.64 21.59
N LEU B 241 -36.30 -35.82 21.57
CA LEU B 241 -37.02 -37.08 21.63
C LEU B 241 -36.89 -37.71 23.02
N LEU B 242 -37.92 -38.46 23.42
CA LEU B 242 -37.96 -39.14 24.70
C LEU B 242 -38.44 -40.57 24.50
N ALA B 243 -38.68 -41.26 25.62
CA ALA B 243 -39.19 -42.62 25.61
C ALA B 243 -40.35 -42.74 26.59
N LEU B 244 -41.36 -43.50 26.20
CA LEU B 244 -42.57 -43.70 27.01
C LEU B 244 -42.82 -45.19 27.19
N HIS B 245 -43.16 -45.59 28.40
CA HIS B 245 -43.47 -46.98 28.70
C HIS B 245 -44.88 -47.35 28.23
N ALA B 263 -36.41 -36.27 34.66
CA ALA B 263 -35.97 -36.33 33.27
C ALA B 263 -35.94 -34.94 32.64
N ALA B 264 -35.47 -33.96 33.41
CA ALA B 264 -35.41 -32.58 32.95
C ALA B 264 -34.25 -32.39 31.98
N TYR B 265 -34.49 -31.64 30.92
CA TYR B 265 -33.47 -31.27 29.95
C TYR B 265 -33.47 -29.76 29.74
N TYR B 266 -32.28 -29.20 29.62
CA TYR B 266 -32.09 -27.75 29.56
C TYR B 266 -31.60 -27.38 28.16
N VAL B 267 -31.92 -26.17 27.74
CA VAL B 267 -31.53 -25.68 26.43
C VAL B 267 -31.00 -24.26 26.55
N GLY B 268 -29.79 -24.02 26.05
CA GLY B 268 -29.24 -22.70 25.93
C GLY B 268 -29.09 -22.30 24.47
N TYR B 269 -28.49 -21.13 24.27
CA TYR B 269 -28.24 -20.62 22.93
C TYR B 269 -26.80 -20.14 22.81
N LEU B 270 -26.29 -20.20 21.58
CA LEU B 270 -24.91 -19.86 21.27
C LEU B 270 -24.89 -18.60 20.42
N GLN B 271 -24.12 -17.61 20.86
CA GLN B 271 -24.01 -16.34 20.16
C GLN B 271 -22.55 -15.95 20.04
N PRO B 272 -22.20 -15.14 19.04
CA PRO B 272 -20.80 -14.69 18.89
C PRO B 272 -20.33 -13.96 20.14
N ARG B 273 -19.35 -14.55 20.82
CA ARG B 273 -18.83 -14.00 22.07
C ARG B 273 -17.41 -14.50 22.24
N THR B 274 -16.47 -13.58 22.39
CA THR B 274 -15.06 -13.95 22.48
C THR B 274 -14.70 -14.33 23.91
N PHE B 275 -13.95 -15.42 24.05
CA PHE B 275 -13.57 -15.99 25.33
C PHE B 275 -12.07 -15.84 25.55
N LEU B 276 -11.58 -16.39 26.65
CA LEU B 276 -10.14 -16.49 26.92
C LEU B 276 -9.91 -17.85 27.58
N LEU B 277 -9.59 -18.85 26.77
CA LEU B 277 -9.38 -20.20 27.29
C LEU B 277 -7.99 -20.32 27.89
N LYS B 278 -7.88 -21.10 28.96
CA LYS B 278 -6.61 -21.38 29.62
C LYS B 278 -6.30 -22.86 29.43
N TYR B 279 -5.48 -23.17 28.42
CA TYR B 279 -5.05 -24.53 28.19
C TYR B 279 -4.06 -24.95 29.28
N ASN B 280 -4.16 -26.21 29.69
CA ASN B 280 -3.32 -26.73 30.75
C ASN B 280 -1.96 -27.18 30.18
N GLU B 281 -1.17 -27.84 31.02
CA GLU B 281 0.09 -28.41 30.55
C GLU B 281 -0.14 -29.57 29.59
N ASN B 282 -1.33 -30.17 29.61
CA ASN B 282 -1.69 -31.24 28.69
C ASN B 282 -2.62 -30.76 27.58
N GLY B 283 -2.91 -29.47 27.50
CA GLY B 283 -3.85 -28.97 26.52
C GLY B 283 -5.31 -29.12 26.91
N THR B 284 -5.60 -29.31 28.19
CA THR B 284 -6.97 -29.43 28.67
C THR B 284 -7.48 -28.06 29.10
N ILE B 285 -8.67 -27.71 28.63
CA ILE B 285 -9.26 -26.41 28.97
C ILE B 285 -9.73 -26.47 30.41
N THR B 286 -8.97 -25.84 31.32
CA THR B 286 -9.27 -25.89 32.74
C THR B 286 -10.05 -24.69 33.24
N ASP B 287 -9.75 -23.49 32.76
CA ASP B 287 -10.45 -22.30 33.20
C ASP B 287 -10.60 -21.35 32.02
N ALA B 288 -11.64 -20.53 32.06
CA ALA B 288 -11.90 -19.58 30.99
C ALA B 288 -12.72 -18.42 31.56
N VAL B 289 -12.64 -17.28 30.86
CA VAL B 289 -13.36 -16.08 31.23
C VAL B 289 -14.01 -15.50 29.98
N ASP B 290 -15.02 -14.66 30.21
CA ASP B 290 -15.70 -13.97 29.13
C ASP B 290 -15.01 -12.66 28.82
N CYS B 291 -15.34 -12.08 27.67
CA CYS B 291 -14.90 -10.73 27.31
C CYS B 291 -16.06 -9.75 27.28
N ALA B 292 -17.26 -10.16 27.69
CA ALA B 292 -18.40 -9.27 27.79
C ALA B 292 -19.25 -9.51 29.03
N LEU B 293 -18.83 -10.41 29.93
CA LEU B 293 -19.61 -10.66 31.14
C LEU B 293 -19.67 -9.41 32.01
N ASP B 294 -18.52 -8.84 32.31
CA ASP B 294 -18.42 -7.73 33.25
C ASP B 294 -17.09 -7.03 33.01
N PRO B 295 -16.92 -5.80 33.52
CA PRO B 295 -15.67 -5.08 33.27
C PRO B 295 -14.42 -5.82 33.73
N LEU B 296 -14.49 -6.58 34.83
CA LEU B 296 -13.35 -7.38 35.24
C LEU B 296 -12.99 -8.39 34.16
N SER B 297 -14.00 -9.02 33.56
CA SER B 297 -13.75 -9.97 32.48
C SER B 297 -13.14 -9.27 31.27
N GLU B 298 -13.59 -8.05 30.97
CA GLU B 298 -12.99 -7.30 29.87
C GLU B 298 -11.53 -6.97 30.15
N THR B 299 -11.22 -6.62 31.40
CA THR B 299 -9.83 -6.36 31.77
C THR B 299 -8.98 -7.62 31.64
N LYS B 300 -9.51 -8.76 32.09
CA LYS B 300 -8.77 -10.02 31.96
C LYS B 300 -8.57 -10.38 30.50
N CYS B 301 -9.53 -10.02 29.65
CA CYS B 301 -9.40 -10.32 28.22
C CYS B 301 -8.37 -9.41 27.56
N THR B 302 -8.37 -8.12 27.89
CA THR B 302 -7.43 -7.20 27.27
C THR B 302 -6.02 -7.37 27.82
N LEU B 303 -5.87 -7.90 29.03
CA LEU B 303 -4.56 -8.18 29.59
C LEU B 303 -4.04 -9.57 29.23
N LYS B 304 -4.90 -10.43 28.65
CA LYS B 304 -4.52 -11.78 28.27
C LYS B 304 -3.92 -12.55 29.44
N SER B 305 -4.52 -12.39 30.61
CA SER B 305 -4.02 -13.03 31.82
C SER B 305 -5.16 -13.21 32.80
N PHE B 306 -5.12 -14.31 33.56
CA PHE B 306 -6.17 -14.56 34.54
C PHE B 306 -6.02 -13.67 35.76
N THR B 307 -4.79 -13.44 36.19
CA THR B 307 -4.53 -12.58 37.34
C THR B 307 -4.24 -11.17 36.86
N VAL B 308 -5.03 -10.22 37.34
CA VAL B 308 -4.92 -8.80 36.97
C VAL B 308 -4.35 -8.05 38.16
N GLU B 309 -3.22 -7.38 37.95
CA GLU B 309 -2.58 -6.64 39.02
C GLU B 309 -3.37 -5.39 39.36
N LYS B 310 -3.21 -4.93 40.60
CA LYS B 310 -3.93 -3.74 41.05
C LYS B 310 -3.47 -2.52 40.27
N GLY B 311 -4.41 -1.89 39.57
CA GLY B 311 -4.09 -0.75 38.75
C GLY B 311 -5.30 -0.35 37.92
N ILE B 312 -5.05 0.60 37.02
CA ILE B 312 -6.08 1.13 36.13
C ILE B 312 -5.76 0.67 34.71
N TYR B 313 -6.72 0.02 34.07
CA TYR B 313 -6.52 -0.65 32.79
C TYR B 313 -7.58 -0.19 31.80
N GLN B 314 -7.15 0.33 30.66
CA GLN B 314 -8.10 0.64 29.60
C GLN B 314 -8.56 -0.65 28.93
N THR B 315 -9.87 -0.74 28.69
CA THR B 315 -10.47 -1.94 28.10
C THR B 315 -11.10 -1.68 26.75
N SER B 316 -11.95 -0.66 26.63
CA SER B 316 -12.64 -0.37 25.38
C SER B 316 -12.90 1.12 25.31
N ASN B 317 -13.44 1.56 24.18
CA ASN B 317 -13.74 2.97 23.93
C ASN B 317 -15.24 3.17 23.88
N PHE B 318 -15.73 4.15 24.64
CA PHE B 318 -17.15 4.47 24.66
C PHE B 318 -17.55 5.21 23.39
N ARG B 319 -18.72 4.88 22.84
CA ARG B 319 -19.25 5.52 21.65
C ARG B 319 -20.74 5.70 21.82
N VAL B 320 -21.21 6.94 21.68
CA VAL B 320 -22.63 7.25 21.78
C VAL B 320 -23.21 7.24 20.36
N GLN B 321 -24.08 6.27 20.10
CA GLN B 321 -24.70 6.17 18.79
C GLN B 321 -25.66 7.33 18.54
N PRO B 322 -25.83 7.74 17.29
CA PRO B 322 -26.84 8.77 16.98
C PRO B 322 -28.23 8.24 17.27
N THR B 323 -28.96 8.98 18.12
CA THR B 323 -30.28 8.52 18.57
C THR B 323 -31.27 8.47 17.42
N GLU B 324 -31.49 9.59 16.75
CA GLU B 324 -32.43 9.70 15.65
C GLU B 324 -31.80 10.48 14.51
N SER B 325 -32.59 10.70 13.46
CA SER B 325 -32.15 11.45 12.29
C SER B 325 -33.13 12.57 12.00
N ILE B 326 -32.63 13.80 11.95
CA ILE B 326 -33.42 14.97 11.59
C ILE B 326 -32.78 15.63 10.38
N VAL B 327 -33.60 16.02 9.41
CA VAL B 327 -33.11 16.67 8.21
C VAL B 327 -33.89 17.96 7.97
N ARG B 328 -33.38 19.08 8.48
CA ARG B 328 -33.98 20.36 8.16
C ARG B 328 -33.41 20.90 6.86
N PHE B 329 -34.29 21.25 5.95
CA PHE B 329 -33.94 21.57 4.57
C PHE B 329 -34.60 22.88 4.20
N PRO B 330 -34.06 23.60 3.20
CA PRO B 330 -34.60 24.92 2.86
C PRO B 330 -36.07 24.86 2.46
N ASN B 331 -36.80 25.91 2.81
CA ASN B 331 -38.23 25.95 2.56
C ASN B 331 -38.52 26.08 1.06
N ILE B 332 -39.81 25.96 0.73
CA ILE B 332 -40.21 25.93 -0.67
C ILE B 332 -39.87 27.24 -1.37
N THR B 333 -40.11 28.37 -0.71
CA THR B 333 -39.82 29.71 -1.24
C THR B 333 -40.62 29.89 -2.52
N ASN B 334 -40.00 30.05 -3.68
CA ASN B 334 -40.74 30.23 -4.92
C ASN B 334 -41.61 29.01 -5.20
N LEU B 335 -42.88 29.26 -5.55
CA LEU B 335 -43.84 28.19 -5.79
C LEU B 335 -44.39 28.34 -7.21
N CYS B 336 -45.35 27.48 -7.55
CA CYS B 336 -45.89 27.40 -8.90
C CYS B 336 -47.40 27.19 -8.79
N PRO B 337 -48.18 27.86 -9.64
CA PRO B 337 -49.65 27.70 -9.59
C PRO B 337 -50.14 26.51 -10.40
N PHE B 338 -49.83 25.30 -9.90
CA PHE B 338 -50.33 24.09 -10.55
C PHE B 338 -51.85 24.01 -10.44
N GLY B 339 -52.40 24.44 -9.30
CA GLY B 339 -53.82 24.39 -9.07
C GLY B 339 -54.58 25.52 -9.74
N GLU B 340 -53.88 26.46 -10.37
CA GLU B 340 -54.57 27.49 -11.14
C GLU B 340 -55.32 26.87 -12.31
N VAL B 341 -54.73 25.86 -12.94
CA VAL B 341 -55.44 25.12 -13.98
C VAL B 341 -56.65 24.41 -13.41
N PHE B 342 -56.50 23.79 -12.24
CA PHE B 342 -57.62 23.08 -11.61
C PHE B 342 -58.74 24.04 -11.22
N ASN B 343 -58.37 25.20 -10.67
CA ASN B 343 -59.33 26.15 -10.12
C ASN B 343 -59.73 27.23 -11.11
N ALA B 344 -59.44 27.06 -12.39
CA ALA B 344 -59.77 28.08 -13.38
C ALA B 344 -61.29 28.22 -13.50
N THR B 345 -61.74 29.45 -13.78
CA THR B 345 -63.17 29.72 -13.89
C THR B 345 -63.78 29.00 -15.08
N ARG B 346 -63.10 29.04 -16.23
CA ARG B 346 -63.61 28.44 -17.45
C ARG B 346 -62.61 27.42 -17.99
N PHE B 347 -63.13 26.41 -18.68
CA PHE B 347 -62.33 25.36 -19.28
C PHE B 347 -62.60 25.30 -20.78
N ALA B 348 -61.63 24.78 -21.51
CA ALA B 348 -61.75 24.62 -22.95
C ALA B 348 -62.46 23.32 -23.31
N SER B 349 -62.86 23.21 -24.57
CA SER B 349 -63.53 22.01 -25.04
C SER B 349 -62.54 20.85 -25.12
N VAL B 350 -63.09 19.63 -25.25
CA VAL B 350 -62.25 18.44 -25.27
C VAL B 350 -61.41 18.39 -26.55
N TYR B 351 -62.00 18.78 -27.68
CA TYR B 351 -61.23 18.82 -28.92
C TYR B 351 -60.23 19.96 -28.92
N ALA B 352 -60.57 21.07 -28.26
CA ALA B 352 -59.71 22.25 -28.17
C ALA B 352 -59.04 22.35 -26.81
N TRP B 353 -58.62 21.20 -26.27
CA TRP B 353 -58.04 21.15 -24.93
C TRP B 353 -56.83 22.08 -24.81
N ASN B 354 -56.81 22.83 -23.72
CA ASN B 354 -55.74 23.78 -23.43
C ASN B 354 -54.51 23.06 -22.92
N ARG B 355 -53.37 23.74 -22.97
CA ARG B 355 -52.10 23.19 -22.51
C ARG B 355 -51.29 24.29 -21.86
N LYS B 356 -50.76 24.01 -20.67
CA LYS B 356 -49.99 24.98 -19.90
C LYS B 356 -48.69 24.33 -19.45
N ARG B 357 -47.59 25.08 -19.53
CA ARG B 357 -46.28 24.59 -19.15
C ARG B 357 -45.91 25.10 -17.77
N ILE B 358 -45.40 24.21 -16.92
CA ILE B 358 -44.94 24.54 -15.59
C ILE B 358 -43.44 24.30 -15.53
N SER B 359 -42.70 25.32 -15.11
CA SER B 359 -41.25 25.24 -15.07
C SER B 359 -40.75 26.14 -13.93
N ASN B 360 -39.50 25.93 -13.53
CA ASN B 360 -38.91 26.59 -12.37
C ASN B 360 -39.79 26.40 -11.14
N CYS B 361 -40.15 25.14 -10.91
CA CYS B 361 -41.16 24.76 -9.94
C CYS B 361 -40.53 24.05 -8.76
N VAL B 362 -41.08 24.30 -7.58
CA VAL B 362 -40.60 23.71 -6.34
C VAL B 362 -41.81 23.15 -5.59
N ALA B 363 -43.00 23.48 -6.07
CA ALA B 363 -44.24 23.21 -5.34
C ALA B 363 -44.47 21.71 -5.15
N ASP B 364 -45.45 21.40 -4.31
CA ASP B 364 -45.70 20.05 -3.84
C ASP B 364 -46.97 19.50 -4.47
N TYR B 365 -47.00 18.19 -4.68
CA TYR B 365 -48.16 17.48 -5.20
C TYR B 365 -48.90 16.69 -4.13
N SER B 366 -48.44 16.76 -2.88
CA SER B 366 -49.07 15.97 -1.81
C SER B 366 -50.49 16.43 -1.55
N VAL B 367 -50.72 17.75 -1.55
CA VAL B 367 -52.05 18.27 -1.27
C VAL B 367 -53.04 17.86 -2.36
N LEU B 368 -52.53 17.54 -3.55
CA LEU B 368 -53.42 17.15 -4.65
C LEU B 368 -54.08 15.81 -4.37
N TYR B 369 -53.30 14.80 -3.98
CA TYR B 369 -53.89 13.49 -3.72
C TYR B 369 -54.52 13.39 -2.33
N ASN B 370 -54.21 14.32 -1.42
CA ASN B 370 -54.87 14.34 -0.13
C ASN B 370 -56.30 14.84 -0.23
N SER B 371 -56.56 15.79 -1.12
CA SER B 371 -57.91 16.33 -1.27
C SER B 371 -58.83 15.27 -1.86
N ALA B 372 -60.06 15.22 -1.33
CA ALA B 372 -61.08 14.29 -1.81
C ALA B 372 -62.00 14.90 -2.84
N SER B 373 -61.73 16.13 -3.27
CA SER B 373 -62.59 16.79 -4.25
C SER B 373 -62.51 16.15 -5.63
N PHE B 374 -61.47 15.35 -5.90
CA PHE B 374 -61.28 14.72 -7.20
C PHE B 374 -61.86 13.32 -7.17
N SER B 375 -62.82 13.06 -8.08
CA SER B 375 -63.43 11.74 -8.15
C SER B 375 -62.44 10.68 -8.63
N THR B 376 -61.57 11.03 -9.58
CA THR B 376 -60.58 10.11 -10.11
C THR B 376 -59.20 10.72 -9.99
N PHE B 377 -58.29 10.01 -9.33
CA PHE B 377 -56.89 10.41 -9.24
C PHE B 377 -56.06 9.17 -9.59
N LYS B 378 -55.56 9.12 -10.82
CA LYS B 378 -54.79 7.99 -11.30
C LYS B 378 -53.47 8.49 -11.87
N CYS B 379 -52.37 7.88 -11.46
CA CYS B 379 -51.04 8.23 -11.94
C CYS B 379 -50.42 7.03 -12.62
N TYR B 380 -49.92 7.22 -13.84
CA TYR B 380 -49.35 6.14 -14.64
C TYR B 380 -47.86 6.36 -14.81
N GLY B 381 -47.07 5.35 -14.44
CA GLY B 381 -45.64 5.35 -14.66
C GLY B 381 -44.79 5.89 -13.51
N VAL B 382 -45.40 6.52 -12.52
CA VAL B 382 -44.64 7.09 -11.40
C VAL B 382 -45.58 7.27 -10.22
N SER B 383 -45.04 7.04 -9.01
CA SER B 383 -45.82 7.11 -7.79
C SER B 383 -46.14 8.55 -7.40
N PRO B 384 -47.32 8.80 -6.83
CA PRO B 384 -47.64 10.16 -6.39
C PRO B 384 -46.71 10.70 -5.32
N THR B 385 -46.19 9.85 -4.43
CA THR B 385 -45.29 10.32 -3.40
C THR B 385 -43.89 10.60 -3.94
N LYS B 386 -43.42 9.79 -4.87
CA LYS B 386 -42.07 9.96 -5.39
C LYS B 386 -41.93 11.20 -6.27
N LEU B 387 -43.04 11.79 -6.72
CA LEU B 387 -42.96 13.04 -7.46
C LEU B 387 -42.31 14.13 -6.62
N ASN B 388 -42.56 14.12 -5.32
CA ASN B 388 -41.93 15.07 -4.40
C ASN B 388 -40.43 14.88 -4.30
N ASP B 389 -39.91 13.71 -4.69
CA ASP B 389 -38.49 13.40 -4.58
C ASP B 389 -37.78 13.39 -5.93
N LEU B 390 -38.49 13.62 -7.03
CA LEU B 390 -37.91 13.57 -8.36
C LEU B 390 -38.06 14.90 -9.06
N CYS B 391 -37.13 15.17 -9.99
CA CYS B 391 -37.15 16.38 -10.79
C CYS B 391 -37.45 16.05 -12.24
N PHE B 392 -38.22 16.93 -12.89
CA PHE B 392 -38.66 16.73 -14.26
C PHE B 392 -38.37 17.98 -15.07
N THR B 393 -37.97 17.77 -16.34
CA THR B 393 -37.59 18.90 -17.18
C THR B 393 -38.80 19.76 -17.53
N ASN B 394 -39.94 19.14 -17.82
CA ASN B 394 -41.11 19.88 -18.29
C ASN B 394 -42.36 19.27 -17.69
N VAL B 395 -43.32 20.14 -17.35
CA VAL B 395 -44.61 19.73 -16.83
C VAL B 395 -45.69 20.35 -17.72
N TYR B 396 -46.65 19.54 -18.14
CA TYR B 396 -47.72 19.98 -19.03
C TYR B 396 -49.07 19.71 -18.37
N ALA B 397 -49.93 20.72 -18.37
CA ALA B 397 -51.26 20.64 -17.78
C ALA B 397 -52.30 20.78 -18.88
N ASP B 398 -53.03 19.71 -19.16
CA ASP B 398 -54.04 19.69 -20.21
C ASP B 398 -55.42 19.77 -19.59
N SER B 399 -56.12 20.88 -19.85
CA SER B 399 -57.40 21.16 -19.21
C SER B 399 -58.51 21.10 -20.24
N PHE B 400 -59.59 20.41 -19.90
CA PHE B 400 -60.77 20.30 -20.74
C PHE B 400 -61.92 19.78 -19.88
N VAL B 401 -63.11 19.70 -20.48
CA VAL B 401 -64.31 19.24 -19.79
C VAL B 401 -64.99 18.17 -20.64
N ILE B 402 -65.27 17.02 -20.05
CA ILE B 402 -65.99 15.94 -20.70
C ILE B 402 -67.11 15.48 -19.78
N ARG B 403 -67.82 14.43 -20.17
CA ARG B 403 -68.85 13.85 -19.32
C ARG B 403 -68.27 12.70 -18.49
N GLY B 404 -69.07 12.23 -17.54
CA GLY B 404 -68.57 11.27 -16.56
C GLY B 404 -68.19 9.92 -17.15
N ASP B 405 -69.04 9.39 -18.03
CA ASP B 405 -68.80 8.05 -18.56
C ASP B 405 -67.62 7.99 -19.53
N GLU B 406 -67.08 9.13 -19.95
CA GLU B 406 -65.91 9.18 -20.80
C GLU B 406 -64.63 9.48 -20.04
N VAL B 407 -64.68 9.56 -18.71
CA VAL B 407 -63.49 9.87 -17.92
C VAL B 407 -62.46 8.74 -18.04
N ARG B 408 -62.93 7.49 -18.09
CA ARG B 408 -62.02 6.36 -18.18
C ARG B 408 -61.25 6.34 -19.51
N GLN B 409 -61.69 7.13 -20.49
CA GLN B 409 -61.05 7.11 -21.81
C GLN B 409 -59.71 7.83 -21.82
N ILE B 410 -59.40 8.61 -20.79
CA ILE B 410 -58.12 9.32 -20.70
C ILE B 410 -57.15 8.40 -19.98
N ALA B 411 -56.52 7.50 -20.74
CA ALA B 411 -55.55 6.55 -20.23
C ALA B 411 -54.84 5.91 -21.42
N PRO B 412 -53.62 5.41 -21.25
CA PRO B 412 -52.91 4.79 -22.39
C PRO B 412 -53.66 3.59 -22.93
N GLY B 413 -53.67 3.47 -24.26
CA GLY B 413 -54.30 2.34 -24.91
C GLY B 413 -55.81 2.30 -24.83
N GLN B 414 -56.45 3.43 -24.54
CA GLN B 414 -57.90 3.48 -24.43
C GLN B 414 -58.54 3.64 -25.81
N THR B 415 -59.80 3.26 -25.91
CA THR B 415 -60.57 3.34 -27.15
C THR B 415 -61.87 4.07 -26.89
N GLY B 416 -62.30 4.86 -27.88
CA GLY B 416 -63.54 5.60 -27.77
C GLY B 416 -63.50 6.82 -28.66
N LYS B 417 -64.64 7.52 -28.68
CA LYS B 417 -64.74 8.72 -29.49
C LYS B 417 -63.81 9.81 -28.98
N ILE B 418 -63.78 10.03 -27.67
CA ILE B 418 -62.91 11.05 -27.11
C ILE B 418 -61.45 10.63 -27.21
N ALA B 419 -61.16 9.37 -26.87
CA ALA B 419 -59.77 8.91 -26.81
C ALA B 419 -59.13 8.82 -28.18
N ASP B 420 -59.91 8.71 -29.26
CA ASP B 420 -59.35 8.52 -30.58
C ASP B 420 -59.51 9.72 -31.50
N TYR B 421 -60.40 10.66 -31.18
CA TYR B 421 -60.65 11.81 -32.05
C TYR B 421 -60.51 13.15 -31.35
N ASN B 422 -60.40 13.18 -30.02
CA ASN B 422 -60.30 14.43 -29.28
C ASN B 422 -59.01 14.55 -28.50
N TYR B 423 -58.62 13.50 -27.78
CA TYR B 423 -57.41 13.54 -26.95
C TYR B 423 -56.93 12.11 -26.75
N LYS B 424 -55.72 11.82 -27.22
CA LYS B 424 -55.14 10.49 -27.15
C LYS B 424 -53.87 10.52 -26.30
N LEU B 425 -53.76 9.55 -25.40
CA LEU B 425 -52.60 9.43 -24.53
C LEU B 425 -51.64 8.37 -25.07
N PRO B 426 -50.33 8.64 -25.02
CA PRO B 426 -49.36 7.64 -25.48
C PRO B 426 -49.34 6.41 -24.57
N ASP B 427 -48.92 5.29 -25.16
CA ASP B 427 -48.81 4.06 -24.38
C ASP B 427 -47.81 4.21 -23.25
N ASP B 428 -46.67 4.87 -23.53
CA ASP B 428 -45.63 5.10 -22.53
C ASP B 428 -45.82 6.41 -21.77
N PHE B 429 -47.07 6.84 -21.60
CA PHE B 429 -47.35 8.08 -20.89
C PHE B 429 -46.84 8.02 -19.45
N THR B 430 -46.24 9.12 -19.01
CA THR B 430 -45.79 9.26 -17.63
C THR B 430 -46.39 10.53 -17.06
N GLY B 431 -47.20 10.39 -16.02
CA GLY B 431 -47.88 11.52 -15.42
C GLY B 431 -49.09 11.06 -14.64
N CYS B 432 -50.06 11.97 -14.52
CA CYS B 432 -51.29 11.70 -13.77
C CYS B 432 -52.48 12.29 -14.51
N VAL B 433 -53.64 11.69 -14.32
CA VAL B 433 -54.90 12.17 -14.86
C VAL B 433 -55.84 12.40 -13.69
N ILE B 434 -56.31 13.64 -13.55
CA ILE B 434 -57.16 14.04 -12.44
C ILE B 434 -58.48 14.54 -12.99
N ALA B 435 -59.59 13.97 -12.49
CA ALA B 435 -60.92 14.35 -12.91
C ALA B 435 -61.82 14.50 -11.68
N TRP B 436 -62.73 15.47 -11.73
CA TRP B 436 -63.65 15.71 -10.64
C TRP B 436 -64.99 16.17 -11.22
N ASN B 437 -66.06 15.92 -10.46
CA ASN B 437 -67.39 16.28 -10.92
C ASN B 437 -67.56 17.80 -10.93
N SER B 438 -68.17 18.33 -11.99
CA SER B 438 -68.36 19.76 -12.14
C SER B 438 -69.76 20.07 -12.67
N ASN B 439 -70.78 19.41 -12.10
CA ASN B 439 -72.15 19.67 -12.52
C ASN B 439 -72.66 21.01 -12.01
N ASN B 440 -72.05 21.56 -10.95
CA ASN B 440 -72.51 22.82 -10.39
C ASN B 440 -72.00 24.04 -11.15
N LEU B 441 -71.10 23.86 -12.11
CA LEU B 441 -70.54 24.97 -12.87
C LEU B 441 -70.68 24.80 -14.37
N ASP B 442 -70.57 23.59 -14.90
CA ASP B 442 -70.62 23.33 -16.32
C ASP B 442 -71.96 22.81 -16.79
N SER B 443 -72.99 22.86 -15.94
CA SER B 443 -74.34 22.47 -16.30
C SER B 443 -75.28 23.66 -16.15
N LYS B 444 -76.17 23.82 -17.12
CA LYS B 444 -77.14 24.90 -17.14
C LYS B 444 -78.53 24.31 -17.37
N VAL B 445 -79.53 24.85 -16.66
CA VAL B 445 -80.89 24.38 -16.83
C VAL B 445 -81.33 24.65 -18.26
N GLY B 446 -81.94 23.65 -18.89
CA GLY B 446 -82.32 23.74 -20.29
C GLY B 446 -81.25 23.30 -21.26
N GLY B 447 -80.03 23.01 -20.79
CA GLY B 447 -78.96 22.53 -21.65
C GLY B 447 -77.86 23.53 -21.90
N ASN B 448 -76.62 23.15 -21.57
CA ASN B 448 -75.45 23.95 -21.85
C ASN B 448 -74.68 23.28 -22.99
N TYR B 449 -74.50 24.02 -24.08
CA TYR B 449 -73.92 23.49 -25.31
C TYR B 449 -72.59 24.17 -25.65
N ASN B 450 -71.86 24.65 -24.64
CA ASN B 450 -70.61 25.34 -24.91
C ASN B 450 -69.48 24.37 -25.24
N TYR B 451 -69.48 23.19 -24.63
CA TYR B 451 -68.40 22.21 -24.81
C TYR B 451 -68.75 21.29 -25.98
N LEU B 452 -67.85 21.21 -26.95
CA LEU B 452 -68.06 20.42 -28.16
C LEU B 452 -67.00 19.33 -28.26
N TYR B 453 -67.34 18.26 -29.00
CA TYR B 453 -66.44 17.13 -29.18
C TYR B 453 -66.41 16.76 -30.66
N ARG B 454 -65.36 16.05 -31.05
CA ARG B 454 -65.23 15.53 -32.40
C ARG B 454 -65.81 14.12 -32.46
N LEU B 455 -66.75 13.90 -33.38
CA LEU B 455 -67.40 12.60 -33.51
C LEU B 455 -66.69 11.70 -34.52
N PHE B 456 -66.26 12.26 -35.65
CA PHE B 456 -65.69 11.49 -36.74
C PHE B 456 -64.32 12.03 -37.10
N ARG B 457 -63.44 11.12 -37.54
CA ARG B 457 -62.12 11.48 -38.03
C ARG B 457 -61.61 10.36 -38.91
N LYS B 458 -60.89 10.74 -39.97
CA LYS B 458 -60.39 9.75 -40.92
C LYS B 458 -59.36 8.82 -40.27
N SER B 459 -58.49 9.36 -39.43
CA SER B 459 -57.46 8.57 -38.77
C SER B 459 -57.47 8.85 -37.27
N ASN B 460 -56.98 7.89 -36.50
CA ASN B 460 -56.91 8.05 -35.06
C ASN B 460 -55.93 9.14 -34.68
N LEU B 461 -56.26 9.87 -33.62
CA LEU B 461 -55.40 10.96 -33.15
C LEU B 461 -54.10 10.41 -32.58
N LYS B 462 -52.99 10.99 -33.00
CA LYS B 462 -51.69 10.65 -32.44
C LYS B 462 -51.62 11.16 -30.99
N PRO B 463 -50.75 10.57 -30.17
CA PRO B 463 -50.65 11.01 -28.78
C PRO B 463 -50.31 12.49 -28.68
N PHE B 464 -50.99 13.18 -27.76
CA PHE B 464 -50.80 14.61 -27.52
C PHE B 464 -50.97 15.43 -28.80
N GLU B 465 -52.03 15.12 -29.55
CA GLU B 465 -52.38 15.86 -30.75
C GLU B 465 -53.70 16.60 -30.53
N ARG B 466 -53.73 17.87 -30.93
CA ARG B 466 -54.90 18.72 -30.80
C ARG B 466 -55.47 19.01 -32.17
N ASP B 467 -56.77 18.77 -32.33
CA ASP B 467 -57.45 18.94 -33.61
C ASP B 467 -58.51 20.01 -33.47
N ILE B 468 -58.35 21.11 -34.22
CA ILE B 468 -59.31 22.20 -34.26
C ILE B 468 -59.68 22.45 -35.72
N SER B 469 -59.64 21.40 -36.53
CA SER B 469 -59.89 21.55 -37.97
C SER B 469 -61.30 22.04 -38.24
N THR B 470 -62.29 21.50 -37.51
CA THR B 470 -63.72 21.81 -37.66
C THR B 470 -64.11 22.01 -39.13
N GLU B 471 -63.67 21.07 -39.96
CA GLU B 471 -63.97 21.08 -41.38
C GLU B 471 -65.03 20.04 -41.70
N ILE B 472 -65.70 20.21 -42.84
CA ILE B 472 -66.81 19.35 -43.21
C ILE B 472 -66.26 17.95 -43.47
N TYR B 473 -66.59 17.01 -42.58
CA TYR B 473 -66.11 15.65 -42.70
C TYR B 473 -66.87 14.91 -43.80
N GLN B 474 -66.16 14.03 -44.51
CA GLN B 474 -66.72 13.24 -45.59
C GLN B 474 -66.74 11.77 -45.19
N ALA B 475 -67.91 11.13 -45.30
CA ALA B 475 -68.08 9.74 -44.93
C ALA B 475 -68.57 8.88 -46.08
N GLY B 476 -68.60 9.41 -47.31
CA GLY B 476 -69.08 8.65 -48.44
C GLY B 476 -68.22 8.88 -49.67
N SER B 477 -68.56 8.14 -50.73
CA SER B 477 -67.82 8.27 -51.99
C SER B 477 -68.06 9.62 -52.64
N THR B 478 -69.25 10.18 -52.48
CA THR B 478 -69.56 11.46 -53.11
C THR B 478 -68.71 12.58 -52.49
N PRO B 479 -68.01 13.37 -53.30
CA PRO B 479 -67.19 14.46 -52.73
C PRO B 479 -68.04 15.60 -52.19
N CYS B 480 -67.38 16.66 -51.73
CA CYS B 480 -68.08 17.78 -51.13
C CYS B 480 -67.25 19.04 -51.33
N ASN B 481 -67.88 20.19 -51.09
CA ASN B 481 -67.25 21.50 -51.21
C ASN B 481 -67.49 22.32 -49.95
N GLY B 482 -67.39 21.68 -48.79
CA GLY B 482 -67.63 22.38 -47.53
C GLY B 482 -69.05 22.82 -47.32
N VAL B 483 -70.01 22.11 -47.92
CA VAL B 483 -71.42 22.45 -47.80
C VAL B 483 -72.15 21.21 -47.28
N GLU B 484 -72.89 21.37 -46.18
CA GLU B 484 -73.63 20.25 -45.61
C GLU B 484 -74.64 19.72 -46.61
N GLY B 485 -74.70 18.40 -46.75
CA GLY B 485 -75.56 17.75 -47.72
C GLY B 485 -75.92 16.35 -47.30
N PHE B 486 -76.18 15.50 -48.30
CA PHE B 486 -76.61 14.13 -48.02
C PHE B 486 -75.54 13.34 -47.29
N ASN B 487 -74.28 13.49 -47.69
CA ASN B 487 -73.18 12.76 -47.07
C ASN B 487 -72.14 13.69 -46.44
N CYS B 488 -72.45 14.96 -46.28
CA CYS B 488 -71.53 15.94 -45.70
C CYS B 488 -72.08 16.36 -44.33
N TYR B 489 -71.28 16.17 -43.29
CA TYR B 489 -71.73 16.37 -41.92
C TYR B 489 -70.74 17.24 -41.16
N PHE B 490 -71.25 17.92 -40.14
CA PHE B 490 -70.41 18.69 -39.22
C PHE B 490 -69.79 17.75 -38.19
N PRO B 491 -68.47 17.73 -38.05
CA PRO B 491 -67.84 16.79 -37.11
C PRO B 491 -67.90 17.23 -35.66
N LEU B 492 -68.42 18.42 -35.37
CA LEU B 492 -68.43 18.97 -34.03
C LEU B 492 -69.86 19.01 -33.50
N GLN B 493 -70.07 18.38 -32.34
CA GLN B 493 -71.36 18.38 -31.67
C GLN B 493 -71.15 18.77 -30.22
N SER B 494 -72.16 19.42 -29.64
CA SER B 494 -72.04 19.97 -28.29
C SER B 494 -72.70 19.05 -27.26
N TYR B 495 -72.14 19.07 -26.05
CA TYR B 495 -72.72 18.33 -24.94
C TYR B 495 -74.12 18.82 -24.62
N GLY B 496 -74.99 17.89 -24.24
CA GLY B 496 -76.23 18.27 -23.58
C GLY B 496 -76.04 18.22 -22.08
N PHE B 497 -75.77 19.37 -21.47
CA PHE B 497 -75.42 19.45 -20.06
C PHE B 497 -76.57 20.08 -19.29
N GLN B 498 -77.28 19.26 -18.52
CA GLN B 498 -78.36 19.71 -17.67
C GLN B 498 -78.15 19.19 -16.25
N PRO B 499 -78.58 19.94 -15.24
CA PRO B 499 -78.39 19.48 -13.85
C PRO B 499 -79.11 18.17 -13.55
N THR B 500 -80.17 17.86 -14.28
CA THR B 500 -80.94 16.63 -14.05
C THR B 500 -80.37 15.42 -14.78
N ASN B 501 -79.28 15.58 -15.52
CA ASN B 501 -78.71 14.48 -16.27
C ASN B 501 -78.08 13.45 -15.33
N GLY B 502 -77.83 12.26 -15.86
CA GLY B 502 -77.27 11.19 -15.08
C GLY B 502 -75.81 11.43 -14.74
N VAL B 503 -75.28 10.53 -13.90
CA VAL B 503 -73.90 10.67 -13.43
C VAL B 503 -72.93 10.58 -14.60
N GLY B 504 -73.16 9.64 -15.51
CA GLY B 504 -72.28 9.51 -16.67
C GLY B 504 -72.41 10.63 -17.67
N TYR B 505 -73.55 11.31 -17.70
CA TYR B 505 -73.76 12.43 -18.60
C TYR B 505 -73.41 13.77 -17.96
N GLN B 506 -73.08 13.80 -16.66
CA GLN B 506 -72.77 15.03 -15.98
C GLN B 506 -71.37 15.52 -16.35
N PRO B 507 -71.17 16.84 -16.41
CA PRO B 507 -69.85 17.37 -16.78
C PRO B 507 -68.80 17.09 -15.70
N TYR B 508 -67.57 16.89 -16.14
CA TYR B 508 -66.42 16.65 -15.28
C TYR B 508 -65.25 17.47 -15.80
N ARG B 509 -64.46 18.01 -14.89
CA ARG B 509 -63.27 18.77 -15.25
C ARG B 509 -62.04 17.86 -15.14
N VAL B 510 -61.34 17.69 -16.26
CA VAL B 510 -60.20 16.79 -16.34
C VAL B 510 -58.96 17.61 -16.63
N VAL B 511 -57.96 17.49 -15.76
CA VAL B 511 -56.66 18.11 -15.95
C VAL B 511 -55.60 17.01 -15.87
N VAL B 512 -54.73 16.96 -16.87
CA VAL B 512 -53.72 15.90 -16.98
C VAL B 512 -52.34 16.53 -16.83
N LEU B 513 -51.56 16.00 -15.90
CA LEU B 513 -50.19 16.45 -15.68
C LEU B 513 -49.24 15.49 -16.38
N SER B 514 -48.44 16.01 -17.31
CA SER B 514 -47.47 15.23 -18.05
C SER B 514 -46.08 15.54 -17.52
N PHE B 515 -45.39 14.53 -17.02
CA PHE B 515 -44.05 14.67 -16.45
C PHE B 515 -43.05 14.13 -17.46
N GLU B 516 -42.26 15.03 -18.05
CA GLU B 516 -41.33 14.69 -19.11
C GLU B 516 -39.92 15.10 -18.70
N LEU B 517 -38.97 14.17 -18.80
CA LEU B 517 -37.57 14.42 -18.50
C LEU B 517 -36.75 14.26 -19.76
N LEU B 518 -35.98 15.27 -20.11
CA LEU B 518 -35.15 15.28 -21.31
C LEU B 518 -33.72 15.68 -20.95
N HIS B 519 -32.89 15.82 -21.97
CA HIS B 519 -31.50 16.23 -21.76
C HIS B 519 -31.39 17.66 -21.25
N ALA B 520 -32.43 18.48 -21.44
CA ALA B 520 -32.42 19.83 -20.92
C ALA B 520 -32.42 19.82 -19.39
N PRO B 521 -31.85 20.85 -18.76
CA PRO B 521 -31.80 20.87 -17.30
C PRO B 521 -33.19 20.83 -16.68
N ALA B 522 -33.30 20.12 -15.56
CA ALA B 522 -34.59 19.97 -14.89
C ALA B 522 -35.04 21.31 -14.31
N THR B 523 -36.33 21.59 -14.45
CA THR B 523 -36.92 22.83 -13.97
C THR B 523 -37.88 22.63 -12.81
N VAL B 524 -38.57 21.49 -12.76
CA VAL B 524 -39.62 21.24 -11.78
C VAL B 524 -39.11 20.19 -10.80
N CYS B 525 -39.20 20.51 -9.51
CA CYS B 525 -38.78 19.61 -8.44
C CYS B 525 -39.80 19.68 -7.30
N GLY B 526 -39.79 18.65 -6.47
CA GLY B 526 -40.72 18.55 -5.37
C GLY B 526 -40.25 19.26 -4.12
N PRO B 527 -41.04 19.19 -3.06
CA PRO B 527 -40.65 19.81 -1.78
C PRO B 527 -39.44 19.11 -1.19
N LYS B 528 -38.70 19.86 -0.37
CA LYS B 528 -37.45 19.36 0.19
C LYS B 528 -37.66 18.44 1.39
N LYS B 529 -38.87 18.39 1.94
CA LYS B 529 -39.26 17.46 3.00
C LYS B 529 -38.37 17.63 4.24
N SER B 530 -38.49 18.82 4.83
CA SER B 530 -37.78 19.11 6.07
C SER B 530 -38.48 18.47 7.26
N THR B 531 -37.70 18.18 8.30
CA THR B 531 -38.21 17.59 9.52
C THR B 531 -38.13 18.58 10.67
N ASN B 532 -38.69 18.18 11.81
CA ASN B 532 -38.71 19.04 12.98
C ASN B 532 -37.32 19.12 13.62
N LEU B 533 -37.11 20.19 14.39
CA LEU B 533 -35.81 20.46 14.99
C LEU B 533 -35.75 19.90 16.41
N VAL B 534 -34.64 19.24 16.74
CA VAL B 534 -34.37 18.77 18.09
C VAL B 534 -33.03 19.35 18.52
N LYS B 535 -32.86 19.52 19.83
CA LYS B 535 -31.65 20.11 20.39
C LYS B 535 -31.22 19.32 21.62
N ASN B 536 -29.93 19.46 21.97
CA ASN B 536 -29.31 18.78 23.09
C ASN B 536 -29.37 17.26 22.95
N LYS B 537 -29.53 16.77 21.72
CA LYS B 537 -29.64 15.35 21.43
C LYS B 537 -28.63 14.97 20.37
N CYS B 538 -27.84 13.95 20.64
CA CYS B 538 -26.84 13.47 19.68
C CYS B 538 -27.56 12.75 18.56
N VAL B 539 -27.75 13.44 17.44
CA VAL B 539 -28.51 12.92 16.31
C VAL B 539 -27.69 13.06 15.03
N ASN B 540 -28.09 12.28 14.03
CA ASN B 540 -27.54 12.41 12.69
C ASN B 540 -28.37 13.41 11.91
N PHE B 541 -27.70 14.35 11.25
CA PHE B 541 -28.39 15.44 10.57
C PHE B 541 -27.80 15.66 9.19
N ASN B 542 -28.58 16.34 8.35
CA ASN B 542 -28.12 16.76 7.04
C ASN B 542 -28.67 18.16 6.78
N PHE B 543 -27.75 19.12 6.60
CA PHE B 543 -28.11 20.51 6.36
C PHE B 543 -27.56 20.90 4.99
N ASN B 544 -28.36 20.70 3.94
CA ASN B 544 -27.99 21.04 2.58
C ASN B 544 -26.77 20.24 2.11
N GLY B 545 -26.52 19.09 2.74
CA GLY B 545 -25.47 18.20 2.31
C GLY B 545 -24.24 18.11 3.20
N LEU B 546 -24.29 18.64 4.42
CA LEU B 546 -23.15 18.53 5.32
C LEU B 546 -22.96 17.10 5.80
N THR B 547 -24.05 16.35 5.97
CA THR B 547 -24.04 14.95 6.38
C THR B 547 -23.29 14.75 7.70
N GLY B 548 -23.23 15.79 8.52
CA GLY B 548 -22.55 15.69 9.80
C GLY B 548 -23.43 15.14 10.90
N THR B 549 -22.80 14.70 11.99
CA THR B 549 -23.49 14.16 13.14
C THR B 549 -22.95 14.80 14.42
N GLY B 550 -23.78 14.79 15.46
CA GLY B 550 -23.38 15.35 16.74
C GLY B 550 -24.51 16.08 17.44
N VAL B 551 -24.20 16.62 18.63
CA VAL B 551 -25.22 17.34 19.39
C VAL B 551 -25.37 18.75 18.85
N LEU B 552 -26.60 19.12 18.53
CA LEU B 552 -26.93 20.46 18.05
C LEU B 552 -27.51 21.28 19.18
N THR B 553 -26.91 22.45 19.43
CA THR B 553 -27.37 23.35 20.47
C THR B 553 -27.34 24.78 19.93
N GLU B 554 -28.20 25.62 20.49
CA GLU B 554 -28.23 27.02 20.08
C GLU B 554 -26.93 27.71 20.45
N SER B 555 -26.46 28.59 19.59
CA SER B 555 -25.16 29.23 19.72
C SER B 555 -25.33 30.75 19.81
N ASN B 556 -24.27 31.42 20.25
CA ASN B 556 -24.30 32.85 20.53
C ASN B 556 -23.62 33.71 19.47
N LYS B 557 -22.77 33.14 18.63
CA LYS B 557 -22.10 33.94 17.61
C LYS B 557 -23.11 34.46 16.59
N LYS B 558 -22.67 35.44 15.80
CA LYS B 558 -23.53 36.09 14.81
C LYS B 558 -22.93 35.91 13.43
N PHE B 559 -23.70 35.29 12.53
CA PHE B 559 -23.28 35.12 11.15
C PHE B 559 -23.59 36.37 10.33
N LEU B 560 -23.01 36.44 9.14
CA LEU B 560 -23.40 37.45 8.19
C LEU B 560 -24.73 37.06 7.53
N PRO B 561 -25.46 38.03 6.98
CA PRO B 561 -26.75 37.68 6.34
C PRO B 561 -26.62 36.68 5.22
N PHE B 562 -25.49 36.65 4.52
CA PHE B 562 -25.30 35.72 3.42
C PHE B 562 -24.59 34.43 3.82
N GLN B 563 -23.87 34.44 4.94
CA GLN B 563 -23.01 33.32 5.30
C GLN B 563 -23.84 32.15 5.79
N GLN B 564 -23.50 30.94 5.34
CA GLN B 564 -24.33 29.77 5.61
C GLN B 564 -23.88 29.01 6.86
N PHE B 565 -22.64 28.51 6.87
CA PHE B 565 -22.18 27.69 7.98
C PHE B 565 -20.73 28.03 8.32
N GLY B 566 -20.42 27.98 9.62
CA GLY B 566 -19.10 28.31 10.10
C GLY B 566 -18.11 27.16 10.02
N ARG B 567 -16.94 27.40 10.59
CA ARG B 567 -15.84 26.45 10.55
C ARG B 567 -14.89 26.77 11.69
N ASP B 568 -13.90 25.90 11.89
CA ASP B 568 -12.90 26.05 12.94
C ASP B 568 -11.52 26.23 12.32
N ILE B 569 -10.51 26.29 13.19
CA ILE B 569 -9.14 26.41 12.73
C ILE B 569 -8.67 25.13 12.03
N ALA B 570 -9.32 24.00 12.29
CA ALA B 570 -8.95 22.73 11.70
C ALA B 570 -9.84 22.34 10.52
N ASP B 571 -10.56 23.31 9.95
CA ASP B 571 -11.45 23.07 8.81
C ASP B 571 -12.49 22.00 9.15
N THR B 572 -13.04 22.07 10.35
CA THR B 572 -14.10 21.16 10.80
C THR B 572 -15.34 21.97 11.12
N THR B 573 -16.49 21.49 10.63
CA THR B 573 -17.75 22.20 10.83
C THR B 573 -18.09 22.26 12.32
N ASP B 574 -18.45 23.46 12.79
CA ASP B 574 -18.78 23.65 14.20
C ASP B 574 -20.01 24.50 14.44
N ALA B 575 -20.65 25.04 13.41
CA ALA B 575 -21.83 25.89 13.57
C ALA B 575 -22.54 26.05 12.25
N VAL B 576 -23.85 25.84 12.21
CA VAL B 576 -24.60 25.86 10.96
C VAL B 576 -25.88 26.67 11.15
N ARG B 577 -26.18 27.53 10.18
CA ARG B 577 -27.46 28.21 10.12
C ARG B 577 -28.53 27.28 9.56
N ASP B 578 -29.70 27.30 10.17
CA ASP B 578 -30.78 26.42 9.77
C ASP B 578 -31.46 26.94 8.51
N PRO B 579 -31.51 26.16 7.43
CA PRO B 579 -32.17 26.65 6.20
C PRO B 579 -33.65 26.94 6.36
N GLN B 580 -34.33 26.27 7.30
CA GLN B 580 -35.75 26.52 7.52
C GLN B 580 -35.97 27.91 8.13
N THR B 581 -35.43 28.14 9.32
CA THR B 581 -35.55 29.41 10.01
C THR B 581 -34.15 29.93 10.32
N LEU B 582 -33.96 31.25 10.18
CA LEU B 582 -32.63 31.85 10.17
C LEU B 582 -32.12 31.99 11.61
N GLU B 583 -31.67 30.86 12.16
CA GLU B 583 -30.93 30.82 13.41
C GLU B 583 -29.78 29.84 13.25
N ILE B 584 -28.77 29.99 14.10
CA ILE B 584 -27.55 29.19 14.00
C ILE B 584 -27.51 28.21 15.16
N LEU B 585 -26.77 27.12 14.96
CA LEU B 585 -26.68 26.03 15.93
C LEU B 585 -25.23 25.58 16.03
N ASP B 586 -24.64 25.75 17.22
CA ASP B 586 -23.32 25.19 17.50
C ASP B 586 -23.40 23.66 17.47
N ILE B 587 -22.43 23.04 16.81
CA ILE B 587 -22.34 21.58 16.71
C ILE B 587 -21.19 21.11 17.59
N THR B 588 -21.47 20.16 18.46
CA THR B 588 -20.45 19.54 19.30
C THR B 588 -20.35 18.07 18.95
N PRO B 589 -19.14 17.52 18.82
CA PRO B 589 -19.01 16.10 18.46
C PRO B 589 -19.63 15.21 19.52
N CYS B 590 -20.11 14.04 19.07
CA CYS B 590 -20.72 13.09 19.98
C CYS B 590 -19.74 12.69 21.07
N SER B 591 -20.21 12.70 22.31
CA SER B 591 -19.34 12.45 23.46
C SER B 591 -18.77 11.05 23.40
N PHE B 592 -17.46 10.93 23.60
CA PHE B 592 -16.78 9.65 23.60
C PHE B 592 -15.53 9.76 24.46
N GLY B 593 -15.11 8.62 25.01
CA GLY B 593 -13.92 8.60 25.83
C GLY B 593 -13.56 7.17 26.18
N GLY B 594 -12.31 7.02 26.62
CA GLY B 594 -11.84 5.70 27.00
C GLY B 594 -12.53 5.18 28.25
N VAL B 595 -12.53 3.86 28.39
CA VAL B 595 -13.11 3.19 29.54
C VAL B 595 -11.99 2.46 30.26
N SER B 596 -11.76 2.83 31.52
CA SER B 596 -10.69 2.25 32.32
C SER B 596 -11.28 1.61 33.56
N VAL B 597 -10.92 0.35 33.79
CA VAL B 597 -11.45 -0.42 34.92
C VAL B 597 -10.50 -0.23 36.08
N ILE B 598 -10.97 0.48 37.12
CA ILE B 598 -10.21 0.68 38.34
C ILE B 598 -10.50 -0.50 39.25
N THR B 599 -9.56 -1.44 39.32
CA THR B 599 -9.74 -2.63 40.11
C THR B 599 -8.49 -2.93 40.92
N PRO B 600 -8.64 -3.47 42.13
CA PRO B 600 -7.47 -3.99 42.85
C PRO B 600 -7.02 -5.32 42.27
N GLY B 601 -6.10 -6.00 42.94
CA GLY B 601 -5.69 -7.31 42.46
C GLY B 601 -6.86 -8.28 42.42
N THR B 602 -6.87 -9.14 41.41
CA THR B 602 -7.94 -10.13 41.29
C THR B 602 -7.97 -11.05 42.51
N ASN B 603 -6.80 -11.38 43.04
CA ASN B 603 -6.74 -12.17 44.28
C ASN B 603 -7.35 -11.41 45.45
N THR B 604 -7.12 -10.09 45.51
CA THR B 604 -7.66 -9.30 46.62
C THR B 604 -9.17 -9.19 46.53
N SER B 605 -9.70 -8.88 45.34
CA SER B 605 -11.13 -8.72 45.16
C SER B 605 -11.47 -8.86 43.69
N ASN B 606 -12.75 -9.11 43.42
CA ASN B 606 -13.28 -9.15 42.07
C ASN B 606 -14.16 -7.95 41.75
N GLN B 607 -14.21 -6.97 42.65
CA GLN B 607 -15.05 -5.79 42.44
C GLN B 607 -14.30 -4.74 41.64
N VAL B 608 -15.01 -4.09 40.72
CA VAL B 608 -14.40 -3.14 39.81
C VAL B 608 -15.03 -1.76 40.00
N ALA B 609 -14.47 -0.78 39.30
CA ALA B 609 -14.99 0.58 39.27
C ALA B 609 -14.66 1.21 37.93
N VAL B 610 -15.64 1.24 37.03
CA VAL B 610 -15.43 1.69 35.66
C VAL B 610 -15.29 3.21 35.64
N LEU B 611 -14.32 3.70 34.87
CA LEU B 611 -14.12 5.13 34.66
C LEU B 611 -14.41 5.46 33.20
N TYR B 612 -15.33 6.39 32.98
CA TYR B 612 -15.66 6.86 31.64
C TYR B 612 -14.97 8.21 31.44
N GLN B 613 -13.86 8.20 30.71
CA GLN B 613 -13.03 9.38 30.58
C GLN B 613 -13.76 10.50 29.83
N ASP B 614 -13.75 11.69 30.40
CA ASP B 614 -14.16 12.92 29.72
C ASP B 614 -15.60 12.84 29.21
N VAL B 615 -16.53 12.60 30.13
CA VAL B 615 -17.95 12.63 29.81
C VAL B 615 -18.73 12.81 31.11
N ASN B 616 -19.76 13.64 31.06
CA ASN B 616 -20.65 13.82 32.21
C ASN B 616 -21.57 12.61 32.35
N CYS B 617 -21.92 12.31 33.60
CA CYS B 617 -22.67 11.10 33.93
C CYS B 617 -24.10 11.10 33.39
N THR B 618 -24.59 12.24 32.89
CA THR B 618 -25.97 12.31 32.44
C THR B 618 -26.23 11.37 31.27
N GLU B 619 -25.29 11.29 30.33
CA GLU B 619 -25.44 10.44 29.15
C GLU B 619 -24.60 9.17 29.22
N VAL B 620 -23.97 8.90 30.37
CA VAL B 620 -23.12 7.71 30.49
C VAL B 620 -23.91 6.42 30.31
N PRO B 621 -25.06 6.21 30.97
CA PRO B 621 -25.80 4.96 30.74
C PRO B 621 -26.18 4.74 29.28
N VAL B 622 -26.47 5.81 28.55
CA VAL B 622 -26.77 5.79 27.11
C VAL B 622 -27.67 4.62 26.70
N TYR B 636 -23.14 0.54 32.84
CA TYR B 636 -22.84 -0.46 33.85
C TYR B 636 -24.04 -0.60 34.80
N SER B 637 -24.18 -1.79 35.39
CA SER B 637 -25.36 -2.08 36.19
C SER B 637 -25.33 -1.37 37.54
N THR B 638 -24.15 -1.17 38.11
CA THR B 638 -24.02 -0.60 39.45
C THR B 638 -24.10 0.92 39.35
N GLY B 639 -25.34 1.42 39.28
CA GLY B 639 -25.62 2.83 39.29
C GLY B 639 -25.95 3.42 40.64
N SER B 640 -25.75 2.67 41.72
CA SER B 640 -26.10 3.17 43.05
C SER B 640 -25.24 4.37 43.44
N ASN B 641 -23.93 4.27 43.22
CA ASN B 641 -23.01 5.36 43.52
C ASN B 641 -22.37 5.82 42.22
N VAL B 642 -22.52 7.11 41.91
CA VAL B 642 -22.00 7.67 40.67
C VAL B 642 -21.29 8.98 40.96
N PHE B 643 -19.96 8.93 41.05
CA PHE B 643 -19.16 10.13 41.29
C PHE B 643 -18.70 10.74 39.97
N GLN B 644 -18.57 12.06 39.96
CA GLN B 644 -18.17 12.81 38.77
C GLN B 644 -16.92 13.60 39.08
N THR B 645 -15.95 13.56 38.16
CA THR B 645 -14.69 14.27 38.32
C THR B 645 -14.27 14.81 36.96
N ARG B 646 -13.32 15.75 36.97
CA ARG B 646 -12.80 16.31 35.73
C ARG B 646 -12.23 15.23 34.82
N ALA B 647 -11.66 14.17 35.40
CA ALA B 647 -11.14 13.08 34.60
C ALA B 647 -12.25 12.40 33.82
N GLY B 648 -13.41 12.22 34.43
CA GLY B 648 -14.54 11.62 33.75
C GLY B 648 -15.62 11.23 34.73
N CYS B 649 -16.54 10.40 34.25
CA CYS B 649 -17.65 9.90 35.06
C CYS B 649 -17.25 8.55 35.63
N LEU B 650 -17.04 8.49 36.95
CA LEU B 650 -16.60 7.29 37.63
C LEU B 650 -17.83 6.56 38.17
N ILE B 651 -18.02 5.32 37.72
CA ILE B 651 -19.13 4.47 38.15
C ILE B 651 -18.55 3.30 38.94
N GLY B 652 -19.15 3.02 40.09
CA GLY B 652 -18.70 1.95 40.95
C GLY B 652 -17.83 2.37 42.11
N ALA B 653 -17.62 3.67 42.29
CA ALA B 653 -16.81 4.18 43.39
C ALA B 653 -17.56 5.32 44.07
N GLU B 654 -17.28 5.49 45.36
CA GLU B 654 -17.89 6.55 46.16
C GLU B 654 -16.81 7.55 46.58
N HIS B 655 -17.13 8.83 46.44
CA HIS B 655 -16.19 9.88 46.80
C HIS B 655 -15.92 9.89 48.30
N VAL B 656 -14.71 10.29 48.67
CA VAL B 656 -14.30 10.36 50.06
C VAL B 656 -13.71 11.75 50.30
N ASN B 657 -14.20 12.43 51.34
CA ASN B 657 -13.63 13.73 51.70
C ASN B 657 -12.17 13.63 52.10
N ASN B 658 -11.82 12.58 52.85
CA ASN B 658 -10.46 12.43 53.34
C ASN B 658 -9.49 12.23 52.18
N SER B 659 -8.19 12.27 52.50
CA SER B 659 -7.14 12.20 51.50
C SER B 659 -6.07 11.22 51.96
N TYR B 660 -5.75 10.26 51.08
CA TYR B 660 -4.67 9.31 51.29
C TYR B 660 -3.73 9.34 50.09
N GLU B 661 -2.63 8.59 50.18
CA GLU B 661 -1.67 8.53 49.09
C GLU B 661 -2.27 7.86 47.86
N CYS B 662 -1.72 8.20 46.69
CA CYS B 662 -2.23 7.66 45.45
C CYS B 662 -1.90 6.18 45.32
N ASP B 663 -2.94 5.37 45.14
CA ASP B 663 -2.77 3.94 44.87
C ASP B 663 -3.04 3.61 43.42
N ILE B 664 -4.21 4.00 42.91
CA ILE B 664 -4.59 3.77 41.52
C ILE B 664 -4.86 5.12 40.89
N PRO B 665 -3.94 5.63 40.06
CA PRO B 665 -4.17 6.92 39.43
C PRO B 665 -5.37 6.89 38.49
N ILE B 666 -6.14 7.99 38.49
CA ILE B 666 -7.30 8.14 37.63
C ILE B 666 -7.13 9.31 36.67
N GLY B 667 -6.81 10.48 37.19
CA GLY B 667 -6.68 11.69 36.41
C GLY B 667 -7.24 12.86 37.18
N ALA B 668 -6.87 14.06 36.72
CA ALA B 668 -7.32 15.31 37.35
C ALA B 668 -6.97 15.34 38.83
N GLY B 669 -5.85 14.74 39.20
CA GLY B 669 -5.40 14.77 40.58
C GLY B 669 -6.23 13.97 41.55
N ILE B 670 -6.92 12.94 41.07
CA ILE B 670 -7.75 12.08 41.92
C ILE B 670 -7.30 10.64 41.72
N CYS B 671 -7.04 9.95 42.84
CA CYS B 671 -6.59 8.57 42.83
C CYS B 671 -7.54 7.70 43.64
N ALA B 672 -7.80 6.50 43.13
CA ALA B 672 -8.67 5.55 43.81
C ALA B 672 -7.86 4.55 44.62
N SER B 673 -8.55 3.81 45.48
CA SER B 673 -7.92 2.80 46.32
C SER B 673 -8.98 1.83 46.80
N TYR B 674 -8.53 0.64 47.19
CA TYR B 674 -9.40 -0.39 47.74
C TYR B 674 -9.22 -0.41 49.25
N GLN B 675 -10.27 -0.06 49.99
CA GLN B 675 -10.19 0.10 51.42
C GLN B 675 -11.44 -0.50 52.06
N THR B 676 -11.47 -0.49 53.40
CA THR B 676 -12.58 -1.06 54.16
C THR B 676 -13.65 0.00 54.43
N SER B 686 -17.26 -5.46 54.24
CA SER B 686 -17.47 -4.02 54.11
C SER B 686 -16.31 -3.36 53.39
N GLN B 687 -16.13 -3.73 52.12
CA GLN B 687 -15.06 -3.18 51.29
C GLN B 687 -15.67 -2.45 50.10
N SER B 688 -14.98 -1.42 49.63
CA SER B 688 -15.47 -0.65 48.50
C SER B 688 -14.30 0.06 47.84
N ILE B 689 -14.53 0.54 46.62
CA ILE B 689 -13.55 1.33 45.88
C ILE B 689 -13.85 2.80 46.15
N ILE B 690 -12.86 3.53 46.65
CA ILE B 690 -13.01 4.91 47.04
C ILE B 690 -12.13 5.79 46.15
N ALA B 691 -12.70 6.86 45.63
CA ALA B 691 -11.99 7.84 44.83
C ALA B 691 -11.95 9.16 45.58
N TYR B 692 -10.78 9.81 45.58
CA TYR B 692 -10.57 10.97 46.44
C TYR B 692 -9.46 11.83 45.87
N THR B 693 -9.37 13.05 46.37
CA THR B 693 -8.26 13.93 46.04
C THR B 693 -6.98 13.37 46.62
N MET B 694 -5.92 13.37 45.81
CA MET B 694 -4.65 12.80 46.24
C MET B 694 -4.10 13.55 47.44
N SER B 695 -3.56 12.79 48.39
CA SER B 695 -2.80 13.35 49.49
C SER B 695 -1.32 13.19 49.16
N LEU B 696 -0.69 14.28 48.73
CA LEU B 696 0.71 14.20 48.33
C LEU B 696 1.62 13.82 49.47
N GLY B 697 1.16 13.92 50.70
CA GLY B 697 1.94 13.51 51.85
C GLY B 697 1.48 14.26 53.08
N ALA B 698 2.08 13.89 54.21
CA ALA B 698 1.79 14.58 55.46
C ALA B 698 2.40 15.97 55.42
N GLU B 699 1.57 16.98 55.62
CA GLU B 699 2.03 18.37 55.54
C GLU B 699 2.98 18.64 56.69
N ASN B 700 4.28 18.67 56.38
CA ASN B 700 5.33 18.84 57.38
C ASN B 700 5.61 20.33 57.53
N SER B 701 5.13 20.91 58.63
CA SER B 701 5.36 22.32 58.93
C SER B 701 6.68 22.43 59.68
N VAL B 702 7.73 22.80 58.95
CA VAL B 702 9.04 23.00 59.57
C VAL B 702 8.99 24.30 60.36
N ALA B 703 9.33 24.23 61.65
CA ALA B 703 9.22 25.36 62.56
C ALA B 703 10.42 26.28 62.38
N TYR B 704 10.43 26.98 61.24
CA TYR B 704 11.53 27.88 60.92
C TYR B 704 11.53 29.07 61.87
N SER B 705 12.69 29.34 62.45
CA SER B 705 12.89 30.50 63.31
C SER B 705 14.19 31.19 62.91
N ASN B 706 14.31 32.46 63.31
CA ASN B 706 15.46 33.26 62.94
C ASN B 706 16.78 32.61 63.37
N ASN B 707 16.77 31.90 64.50
CA ASN B 707 18.00 31.42 65.11
C ASN B 707 17.82 30.00 65.65
N SER B 708 17.22 29.12 64.86
CA SER B 708 16.97 27.75 65.31
C SER B 708 17.44 26.75 64.25
N ILE B 709 18.20 25.75 64.68
CA ILE B 709 18.81 24.73 63.84
C ILE B 709 18.19 23.40 64.22
N ALA B 710 18.27 22.41 63.32
CA ALA B 710 17.93 21.03 63.61
C ALA B 710 19.05 20.13 63.11
N ILE B 711 19.80 19.53 64.04
CA ILE B 711 21.00 18.79 63.73
C ILE B 711 20.80 17.34 64.19
N PRO B 712 21.07 16.35 63.35
CA PRO B 712 20.86 14.96 63.76
C PRO B 712 21.90 14.52 64.80
N THR B 713 21.45 13.61 65.67
CA THR B 713 22.29 13.01 66.68
C THR B 713 22.92 11.70 66.21
N ASN B 714 22.12 10.84 65.58
CA ASN B 714 22.60 9.62 64.96
C ASN B 714 22.00 9.52 63.57
N PHE B 715 22.36 8.44 62.87
CA PHE B 715 22.03 8.30 61.46
C PHE B 715 21.47 6.92 61.16
N THR B 716 21.31 6.61 59.87
CA THR B 716 21.06 5.25 59.42
C THR B 716 21.77 5.09 58.08
N ILE B 717 22.42 3.95 57.89
CA ILE B 717 23.14 3.67 56.65
C ILE B 717 22.31 2.63 55.92
N SER B 718 21.44 3.10 55.03
CA SER B 718 20.48 2.26 54.36
C SER B 718 20.82 2.18 52.88
N VAL B 719 20.90 0.95 52.37
CA VAL B 719 21.14 0.70 50.96
C VAL B 719 19.79 0.63 50.25
N THR B 720 19.60 1.51 49.28
CA THR B 720 18.39 1.52 48.46
C THR B 720 18.77 1.07 47.05
N THR B 721 18.10 0.02 46.58
CA THR B 721 18.45 -0.59 45.31
C THR B 721 17.91 0.24 44.15
N GLU B 722 18.80 0.60 43.23
CA GLU B 722 18.44 1.25 41.98
C GLU B 722 18.72 0.28 40.84
N ILE B 723 17.74 0.09 39.97
CA ILE B 723 17.81 -0.92 38.92
C ILE B 723 17.73 -0.23 37.58
N LEU B 724 18.75 -0.44 36.74
CA LEU B 724 18.84 0.21 35.45
C LEU B 724 19.04 -0.82 34.36
N PRO B 725 18.30 -0.73 33.25
CA PRO B 725 18.65 -1.56 32.08
C PRO B 725 19.95 -1.07 31.47
N VAL B 726 20.67 -2.01 30.86
CA VAL B 726 21.96 -1.66 30.25
C VAL B 726 21.97 -2.11 28.79
N SER B 727 21.21 -3.15 28.47
CA SER B 727 21.17 -3.67 27.12
C SER B 727 19.90 -4.51 26.98
N MET B 728 19.60 -4.89 25.75
CA MET B 728 18.45 -5.72 25.46
C MET B 728 18.91 -6.87 24.58
N THR B 729 17.99 -7.80 24.31
CA THR B 729 18.32 -8.95 23.47
C THR B 729 18.77 -8.48 22.11
N LYS B 730 19.90 -9.03 21.63
CA LYS B 730 20.51 -8.62 20.37
C LYS B 730 19.82 -9.29 19.19
N THR B 731 18.54 -9.01 19.03
CA THR B 731 17.81 -9.53 17.88
C THR B 731 18.40 -8.97 16.59
N SER B 732 18.66 -9.85 15.64
CA SER B 732 19.17 -9.47 14.32
C SER B 732 18.25 -10.14 13.28
N VAL B 733 17.16 -9.45 12.96
CA VAL B 733 16.14 -10.04 12.10
C VAL B 733 16.71 -10.21 10.70
N ASP B 734 16.67 -11.43 10.19
CA ASP B 734 17.05 -11.67 8.81
C ASP B 734 15.99 -11.04 7.92
N CYS B 735 16.37 -9.97 7.24
CA CYS B 735 15.42 -9.16 6.48
C CYS B 735 14.68 -9.98 5.43
N THR B 736 15.42 -10.52 4.46
CA THR B 736 14.76 -11.14 3.31
C THR B 736 14.09 -12.45 3.71
N MET B 737 14.56 -13.10 4.78
CA MET B 737 13.91 -14.33 5.23
C MET B 737 12.65 -14.02 6.04
N TYR B 738 12.66 -12.91 6.78
CA TYR B 738 11.45 -12.48 7.45
C TYR B 738 10.37 -12.10 6.45
N ILE B 739 10.71 -11.22 5.51
CA ILE B 739 9.70 -10.71 4.58
C ILE B 739 9.25 -11.83 3.63
N CYS B 740 10.19 -12.61 3.13
CA CYS B 740 9.90 -13.67 2.18
C CYS B 740 10.42 -15.00 2.71
N GLY B 741 9.70 -16.08 2.40
CA GLY B 741 10.08 -17.37 2.90
C GLY B 741 11.04 -18.09 1.97
N ASP B 742 10.62 -19.26 1.47
CA ASP B 742 11.42 -20.02 0.52
C ASP B 742 11.11 -19.63 -0.92
N SER B 743 10.22 -18.66 -1.13
CA SER B 743 9.79 -18.28 -2.47
C SER B 743 10.82 -17.34 -3.08
N THR B 744 11.25 -17.65 -4.30
CA THR B 744 12.18 -16.76 -5.00
C THR B 744 11.46 -15.56 -5.59
N GLU B 745 10.17 -15.70 -5.89
CA GLU B 745 9.41 -14.59 -6.47
C GLU B 745 9.33 -13.42 -5.51
N CYS B 746 9.08 -13.69 -4.22
CA CYS B 746 9.04 -12.61 -3.24
C CYS B 746 10.39 -11.92 -3.09
N SER B 747 11.48 -12.68 -3.11
CA SER B 747 12.81 -12.08 -3.05
C SER B 747 13.08 -11.21 -4.27
N ASN B 748 12.70 -11.69 -5.46
CA ASN B 748 12.90 -10.89 -6.67
C ASN B 748 12.07 -9.61 -6.63
N LEU B 749 10.85 -9.69 -6.10
CA LEU B 749 10.04 -8.49 -5.98
C LEU B 749 10.60 -7.53 -4.92
N LEU B 750 11.22 -8.09 -3.87
CA LEU B 750 11.88 -7.24 -2.89
C LEU B 750 13.09 -6.55 -3.49
N LEU B 751 13.75 -7.21 -4.46
CA LEU B 751 14.88 -6.59 -5.14
C LEU B 751 14.49 -5.28 -5.82
N GLN B 752 13.22 -5.11 -6.17
CA GLN B 752 12.75 -3.82 -6.67
C GLN B 752 12.91 -2.74 -5.59
N TYR B 753 12.51 -3.06 -4.37
CA TYR B 753 12.76 -2.18 -3.22
C TYR B 753 14.24 -2.26 -2.89
N GLY B 754 15.01 -1.31 -3.42
CA GLY B 754 16.45 -1.45 -3.49
C GLY B 754 17.21 -1.60 -2.18
N SER B 755 17.21 -0.56 -1.35
CA SER B 755 18.10 -0.53 -0.18
C SER B 755 17.35 -0.43 1.14
N PHE B 756 16.02 -0.59 1.14
CA PHE B 756 15.30 -0.63 2.42
C PHE B 756 15.78 -1.80 3.26
N CYS B 757 15.96 -2.97 2.64
CA CYS B 757 16.27 -4.18 3.38
C CYS B 757 17.67 -4.12 3.98
N THR B 758 18.64 -3.66 3.20
CA THR B 758 20.00 -3.52 3.70
C THR B 758 20.07 -2.50 4.82
N GLN B 759 19.33 -1.39 4.69
CA GLN B 759 19.28 -0.40 5.76
C GLN B 759 18.71 -1.01 7.04
N LEU B 760 17.65 -1.82 6.90
CA LEU B 760 17.07 -2.49 8.07
C LEU B 760 18.11 -3.37 8.76
N ASN B 761 18.78 -4.22 7.99
CA ASN B 761 19.75 -5.14 8.57
C ASN B 761 20.91 -4.38 9.20
N ARG B 762 21.38 -3.32 8.53
CA ARG B 762 22.48 -2.53 9.06
C ARG B 762 22.09 -1.84 10.37
N ALA B 763 20.87 -1.31 10.44
CA ALA B 763 20.42 -0.69 11.68
C ALA B 763 20.37 -1.70 12.82
N LEU B 764 19.86 -2.89 12.55
CA LEU B 764 19.78 -3.91 13.60
C LEU B 764 21.18 -4.36 14.05
N THR B 765 22.10 -4.54 13.10
CA THR B 765 23.45 -4.96 13.48
C THR B 765 24.20 -3.84 14.20
N GLY B 766 23.93 -2.58 13.85
CA GLY B 766 24.49 -1.48 14.59
C GLY B 766 23.97 -1.44 16.01
N ILE B 767 22.67 -1.71 16.19
CA ILE B 767 22.12 -1.80 17.53
C ILE B 767 22.81 -2.91 18.33
N ALA B 768 23.02 -4.07 17.70
CA ALA B 768 23.64 -5.19 18.42
C ALA B 768 25.08 -4.85 18.83
N VAL B 769 25.86 -4.28 17.90
CA VAL B 769 27.22 -3.90 18.22
C VAL B 769 27.23 -2.83 19.31
N GLU B 770 26.24 -1.94 19.28
CA GLU B 770 26.11 -0.91 20.31
C GLU B 770 25.84 -1.54 21.66
N GLN B 771 25.03 -2.60 21.71
CA GLN B 771 24.79 -3.28 22.98
C GLN B 771 26.06 -3.95 23.50
N ASP B 772 26.84 -4.57 22.60
CA ASP B 772 28.11 -5.14 23.02
C ASP B 772 29.03 -4.08 23.62
N LYS B 773 29.21 -2.98 22.90
CA LYS B 773 30.03 -1.89 23.40
C LYS B 773 29.45 -1.31 24.69
N ASN B 774 28.13 -1.31 24.83
CA ASN B 774 27.48 -0.77 26.01
C ASN B 774 27.80 -1.61 27.23
N THR B 775 27.67 -2.93 27.12
CA THR B 775 28.06 -3.82 28.20
C THR B 775 29.53 -3.67 28.53
N GLN B 776 30.37 -3.53 27.49
CA GLN B 776 31.80 -3.41 27.72
C GLN B 776 32.14 -2.12 28.46
N GLU B 777 31.40 -1.04 28.20
CA GLU B 777 31.74 0.23 28.85
C GLU B 777 31.13 0.32 30.25
N VAL B 778 29.98 -0.32 30.48
CA VAL B 778 29.42 -0.26 31.83
C VAL B 778 30.20 -1.16 32.77
N PHE B 779 30.53 -2.38 32.33
CA PHE B 779 31.09 -3.34 33.26
C PHE B 779 32.62 -3.34 33.27
N ALA B 780 33.25 -3.20 32.10
CA ALA B 780 34.70 -3.23 32.02
C ALA B 780 35.31 -1.85 32.15
N GLN B 781 34.91 -1.11 33.18
CA GLN B 781 35.66 0.06 33.61
C GLN B 781 37.04 -0.32 34.12
N VAL B 782 37.25 -1.60 34.43
CA VAL B 782 38.47 -2.07 35.05
C VAL B 782 39.30 -2.80 33.99
N LYS B 783 40.63 -2.72 34.15
CA LYS B 783 41.56 -3.33 33.20
C LYS B 783 42.01 -4.73 33.63
N GLN B 784 42.15 -4.96 34.93
CA GLN B 784 42.66 -6.23 35.45
C GLN B 784 41.62 -6.84 36.38
N ILE B 785 41.41 -8.15 36.25
CA ILE B 785 40.40 -8.82 37.07
C ILE B 785 40.93 -9.01 38.49
N TYR B 786 40.51 -8.14 39.40
CA TYR B 786 40.88 -8.29 40.78
C TYR B 786 40.03 -9.37 41.44
N LYS B 787 40.52 -9.88 42.56
CA LYS B 787 39.77 -10.88 43.32
C LYS B 787 40.06 -10.72 44.80
N THR B 788 39.04 -10.97 45.62
CA THR B 788 39.16 -10.83 47.05
C THR B 788 40.06 -11.94 47.61
N PRO B 789 40.71 -11.69 48.75
CA PRO B 789 41.53 -12.73 49.36
C PRO B 789 40.67 -13.86 49.88
N PRO B 790 41.24 -15.06 50.05
CA PRO B 790 40.44 -16.18 50.59
C PRO B 790 39.90 -15.92 51.98
N ILE B 791 40.53 -15.03 52.75
CA ILE B 791 40.09 -14.70 54.10
C ILE B 791 39.35 -13.38 54.05
N LYS B 792 38.09 -13.40 54.47
CA LYS B 792 37.23 -12.21 54.46
C LYS B 792 37.24 -11.60 55.85
N ASP B 793 38.17 -10.67 56.08
CA ASP B 793 38.24 -9.90 57.31
C ASP B 793 38.05 -8.43 56.95
N PHE B 794 36.79 -8.01 56.88
CA PHE B 794 36.43 -6.64 56.52
C PHE B 794 35.96 -5.83 57.73
N GLY B 795 36.53 -6.08 58.90
CA GLY B 795 36.11 -5.38 60.09
C GLY B 795 34.69 -5.69 60.52
N GLY B 796 34.15 -6.85 60.14
CA GLY B 796 32.79 -7.22 60.44
C GLY B 796 31.80 -6.85 59.35
N PHE B 797 32.21 -6.08 58.35
CA PHE B 797 31.36 -5.75 57.22
C PHE B 797 31.10 -7.03 56.44
N ASN B 798 29.87 -7.54 56.49
CA ASN B 798 29.58 -8.80 55.85
C ASN B 798 29.47 -8.64 54.35
N PHE B 799 30.20 -9.47 53.62
CA PHE B 799 30.21 -9.44 52.17
C PHE B 799 29.93 -10.78 51.51
N SER B 800 29.56 -11.81 52.28
CA SER B 800 29.15 -13.07 51.67
C SER B 800 27.89 -12.90 50.82
N GLN B 801 26.98 -12.02 51.23
CA GLN B 801 25.76 -11.80 50.46
C GLN B 801 26.01 -11.11 49.13
N ILE B 802 27.09 -10.37 49.01
CA ILE B 802 27.29 -9.48 47.87
C ILE B 802 28.36 -10.00 46.91
N LEU B 803 29.35 -10.83 47.40
CA LEU B 803 30.42 -11.45 46.63
C LEU B 803 30.02 -12.85 46.19
N PRO B 804 30.55 -13.31 45.05
CA PRO B 804 30.21 -14.65 44.57
C PRO B 804 30.61 -15.75 45.55
N ASP B 805 29.80 -16.80 45.61
CA ASP B 805 30.03 -17.92 46.52
C ASP B 805 30.78 -19.03 45.79
N PRO B 806 31.97 -19.42 46.24
CA PRO B 806 32.69 -20.51 45.56
C PRO B 806 31.94 -21.84 45.58
N SER B 807 31.15 -22.12 46.61
CA SER B 807 30.44 -23.39 46.68
C SER B 807 29.46 -23.55 45.53
N LYS B 808 28.80 -22.47 45.13
CA LYS B 808 27.86 -22.52 44.03
C LYS B 808 28.61 -22.78 42.72
N PRO B 809 27.96 -23.45 41.75
CA PRO B 809 28.66 -23.79 40.50
C PRO B 809 29.17 -22.56 39.77
N SER B 810 28.28 -21.63 39.44
CA SER B 810 28.69 -20.36 38.86
C SER B 810 29.12 -19.40 39.95
N LYS B 811 30.09 -18.54 39.65
CA LYS B 811 30.58 -17.55 40.60
C LYS B 811 29.62 -16.36 40.62
N ARG B 812 28.44 -16.61 41.18
CA ARG B 812 27.38 -15.61 41.30
C ARG B 812 27.01 -15.44 42.77
N SER B 813 26.85 -14.19 43.18
CA SER B 813 26.52 -13.88 44.56
C SER B 813 25.07 -14.30 44.86
N PRO B 814 24.75 -14.52 46.14
CA PRO B 814 23.36 -14.87 46.47
C PRO B 814 22.34 -13.82 46.06
N ILE B 815 22.67 -12.54 46.21
CA ILE B 815 21.78 -11.48 45.73
C ILE B 815 21.67 -11.56 44.22
N GLU B 816 22.77 -11.86 43.54
CA GLU B 816 22.71 -12.13 42.10
C GLU B 816 21.82 -13.33 41.81
N ASP B 817 21.90 -14.37 42.61
CA ASP B 817 21.05 -15.53 42.38
C ASP B 817 19.58 -15.15 42.50
N LEU B 818 19.24 -14.33 43.48
CA LEU B 818 17.87 -13.82 43.59
C LEU B 818 17.49 -13.02 42.35
N LEU B 819 18.41 -12.19 41.84
CA LEU B 819 18.10 -11.34 40.69
C LEU B 819 17.84 -12.17 39.44
N PHE B 820 18.75 -13.09 39.10
CA PHE B 820 18.50 -13.97 37.95
C PHE B 820 17.30 -14.88 38.16
N ASN B 821 16.96 -15.22 39.40
CA ASN B 821 15.79 -16.09 39.61
C ASN B 821 14.49 -15.32 39.40
N LYS B 822 14.43 -14.07 39.87
CA LYS B 822 13.18 -13.31 39.75
C LYS B 822 12.83 -13.03 38.30
N VAL B 823 13.82 -12.65 37.50
CA VAL B 823 13.57 -12.25 36.11
C VAL B 823 13.30 -13.48 35.26
N THR B 824 12.29 -13.40 34.39
CA THR B 824 11.96 -14.48 33.48
C THR B 824 12.32 -14.11 32.05
N LYS B 851 9.17 -21.38 16.03
CA LYS B 851 9.96 -20.56 16.93
C LYS B 851 10.69 -19.44 16.18
N PHE B 852 11.35 -19.82 15.09
CA PHE B 852 12.10 -18.88 14.26
C PHE B 852 11.41 -18.74 12.91
N ASN B 853 11.08 -17.51 12.54
CA ASN B 853 10.49 -17.20 11.25
C ASN B 853 11.39 -16.31 10.40
N GLY B 854 12.70 -16.38 10.62
CA GLY B 854 13.65 -15.51 9.96
C GLY B 854 14.46 -14.74 10.98
N LEU B 855 13.80 -14.29 12.05
CA LEU B 855 14.49 -13.58 13.11
C LEU B 855 15.41 -14.53 13.87
N THR B 856 16.42 -13.94 14.50
CA THR B 856 17.37 -14.70 15.32
C THR B 856 17.90 -13.78 16.40
N VAL B 857 18.42 -14.39 17.46
CA VAL B 857 19.01 -13.66 18.58
C VAL B 857 20.50 -13.94 18.59
N LEU B 858 21.29 -12.93 18.91
CA LEU B 858 22.72 -13.22 18.96
C LEU B 858 23.19 -13.26 20.42
N PRO B 859 24.09 -14.17 20.75
CA PRO B 859 24.60 -14.23 22.12
C PRO B 859 25.41 -12.98 22.44
N PRO B 860 25.37 -12.50 23.69
CA PRO B 860 26.20 -11.36 24.05
C PRO B 860 27.67 -11.72 24.01
N LEU B 861 28.51 -10.73 23.70
CA LEU B 861 29.95 -10.97 23.64
C LEU B 861 30.48 -11.40 25.00
N LEU B 862 30.10 -10.70 26.06
CA LEU B 862 30.43 -11.10 27.42
C LEU B 862 29.31 -12.01 27.93
N THR B 863 29.61 -13.29 28.09
CA THR B 863 28.60 -14.19 28.63
C THR B 863 28.38 -13.90 30.11
N ASP B 864 27.35 -14.54 30.66
CA ASP B 864 26.93 -14.21 32.02
C ASP B 864 28.02 -14.51 33.04
N GLU B 865 28.83 -15.56 32.82
CA GLU B 865 29.92 -15.83 33.73
C GLU B 865 30.99 -14.75 33.65
N MET B 866 31.30 -14.27 32.45
CA MET B 866 32.30 -13.21 32.32
C MET B 866 31.78 -11.89 32.88
N ILE B 867 30.49 -11.60 32.70
CA ILE B 867 29.92 -10.41 33.31
C ILE B 867 29.95 -10.52 34.83
N ALA B 868 29.67 -11.71 35.35
CA ALA B 868 29.78 -11.94 36.78
C ALA B 868 31.20 -11.77 37.26
N GLN B 869 32.18 -12.20 36.47
CA GLN B 869 33.59 -12.01 36.83
C GLN B 869 33.95 -10.53 36.82
N TYR B 870 33.45 -9.77 35.84
CA TYR B 870 33.71 -8.33 35.79
C TYR B 870 33.12 -7.63 37.00
N THR B 871 31.87 -7.94 37.33
CA THR B 871 31.25 -7.35 38.51
C THR B 871 31.98 -7.77 39.78
N SER B 872 32.41 -9.04 39.86
CA SER B 872 33.13 -9.51 41.03
C SER B 872 34.47 -8.81 41.16
N ALA B 873 35.15 -8.55 40.04
CA ALA B 873 36.39 -7.78 40.10
C ALA B 873 36.13 -6.35 40.53
N LEU B 874 35.03 -5.76 40.07
CA LEU B 874 34.68 -4.41 40.50
C LEU B 874 34.44 -4.37 42.01
N LEU B 875 33.64 -5.31 42.53
CA LEU B 875 33.43 -5.37 43.97
C LEU B 875 34.73 -5.65 44.70
N ALA B 876 35.57 -6.53 44.16
CA ALA B 876 36.83 -6.87 44.81
C ALA B 876 37.71 -5.63 44.95
N GLY B 877 37.83 -4.86 43.87
CA GLY B 877 38.58 -3.62 43.96
C GLY B 877 37.93 -2.60 44.87
N THR B 878 36.60 -2.59 44.94
CA THR B 878 35.91 -1.66 45.83
C THR B 878 36.19 -1.99 47.29
N ILE B 879 36.30 -3.29 47.62
CA ILE B 879 36.69 -3.67 48.97
C ILE B 879 38.17 -3.42 49.22
N THR B 880 39.02 -3.72 48.23
CA THR B 880 40.46 -3.80 48.50
C THR B 880 41.15 -2.45 48.39
N SER B 881 40.74 -1.60 47.45
CA SER B 881 41.53 -0.42 47.11
C SER B 881 40.73 0.87 47.16
N GLY B 882 39.42 0.78 46.96
CA GLY B 882 38.58 1.96 47.00
C GLY B 882 38.29 2.53 45.63
N TRP B 883 38.35 3.86 45.52
CA TRP B 883 38.15 4.51 44.24
C TRP B 883 39.42 4.57 43.41
N THR B 884 40.58 4.25 43.99
CA THR B 884 41.85 4.42 43.30
C THR B 884 42.03 3.47 42.13
N PHE B 885 41.24 2.39 42.05
CA PHE B 885 41.38 1.43 40.96
C PHE B 885 40.65 1.86 39.70
N GLY B 886 39.93 2.97 39.74
CA GLY B 886 39.35 3.56 38.55
C GLY B 886 40.15 4.74 38.06
N ALA B 887 41.05 5.24 38.90
CA ALA B 887 41.91 6.37 38.58
C ALA B 887 43.35 5.94 38.33
N GLY B 888 43.56 4.74 37.81
CA GLY B 888 44.89 4.24 37.55
C GLY B 888 45.07 2.84 38.12
N PRO B 889 46.15 2.65 38.89
CA PRO B 889 46.36 1.34 39.51
C PRO B 889 45.59 1.23 40.82
N ALA B 890 45.24 0.00 41.18
CA ALA B 890 44.57 -0.24 42.46
C ALA B 890 45.58 -0.12 43.59
N LEU B 891 45.30 0.78 44.52
CA LEU B 891 46.18 1.04 45.66
C LEU B 891 45.47 0.49 46.89
N GLN B 892 46.03 -0.58 47.47
CA GLN B 892 45.32 -1.34 48.49
C GLN B 892 45.06 -0.49 49.74
N ILE B 893 44.00 -0.83 50.45
CA ILE B 893 43.57 -0.12 51.65
C ILE B 893 42.53 -0.98 52.38
N PRO B 894 42.65 -1.15 53.69
CA PRO B 894 41.64 -1.93 54.42
C PRO B 894 40.28 -1.23 54.39
N PHE B 895 39.22 -2.03 54.47
CA PHE B 895 37.87 -1.51 54.29
C PHE B 895 37.46 -0.43 55.30
N PRO B 896 37.72 -0.56 56.61
CA PRO B 896 37.38 0.55 57.50
C PRO B 896 38.07 1.86 57.15
N MET B 897 39.31 1.81 56.64
CA MET B 897 39.91 3.04 56.11
C MET B 897 39.09 3.61 54.96
N GLN B 898 38.61 2.74 54.06
CA GLN B 898 37.84 3.23 52.93
C GLN B 898 36.51 3.82 53.36
N MET B 899 35.85 3.17 54.32
CA MET B 899 34.60 3.71 54.85
C MET B 899 34.82 5.06 55.52
N ALA B 900 35.93 5.20 56.25
CA ALA B 900 36.25 6.51 56.82
C ALA B 900 36.50 7.53 55.72
N TYR B 901 37.10 7.10 54.62
CA TYR B 901 37.31 8.00 53.50
C TYR B 901 35.98 8.48 52.93
N ARG B 902 35.05 7.55 52.71
CA ARG B 902 33.74 7.91 52.16
C ARG B 902 32.96 8.79 53.12
N PHE B 903 33.10 8.56 54.43
CA PHE B 903 32.52 9.47 55.40
C PHE B 903 33.14 10.86 55.30
N ASN B 904 34.46 10.92 55.14
CA ASN B 904 35.13 12.21 54.93
C ASN B 904 34.66 12.88 53.65
N GLY B 905 34.12 12.10 52.70
CA GLY B 905 33.55 12.70 51.51
C GLY B 905 32.34 13.57 51.80
N ILE B 906 31.47 13.13 52.71
CA ILE B 906 30.21 13.82 52.98
C ILE B 906 30.40 14.88 54.05
N GLY B 907 31.64 15.13 54.45
CA GLY B 907 31.93 16.16 55.42
C GLY B 907 31.87 15.76 56.87
N VAL B 908 31.88 14.46 57.17
CA VAL B 908 31.96 13.97 58.54
C VAL B 908 33.29 13.25 58.71
N THR B 909 34.00 13.58 59.79
CA THR B 909 35.33 13.05 59.98
C THR B 909 35.29 11.55 60.29
N GLN B 910 36.47 10.94 60.22
CA GLN B 910 36.59 9.49 60.34
C GLN B 910 36.07 8.96 61.68
N ASN B 911 36.00 9.82 62.70
CA ASN B 911 35.53 9.37 64.01
C ASN B 911 34.10 8.88 63.97
N VAL B 912 33.29 9.35 63.01
CA VAL B 912 31.89 8.93 62.97
C VAL B 912 31.79 7.46 62.62
N LEU B 913 32.67 6.98 61.73
CA LEU B 913 32.69 5.55 61.44
C LEU B 913 33.48 4.78 62.47
N TYR B 914 34.72 5.18 62.73
CA TYR B 914 35.59 4.40 63.62
C TYR B 914 35.06 4.31 65.05
N GLU B 915 34.59 5.40 65.63
CA GLU B 915 34.02 5.35 66.97
C GLU B 915 32.64 4.72 66.99
N ASN B 916 32.19 4.18 65.84
CA ASN B 916 30.92 3.48 65.74
C ASN B 916 31.09 2.24 64.86
N GLN B 917 32.31 1.69 64.79
CA GLN B 917 32.61 0.67 63.78
C GLN B 917 31.78 -0.59 63.95
N LYS B 918 31.62 -1.06 65.19
CA LYS B 918 30.83 -2.26 65.41
C LYS B 918 29.39 -2.05 64.96
N LEU B 919 28.77 -0.96 65.41
CA LEU B 919 27.38 -0.69 65.06
C LEU B 919 27.24 -0.35 63.58
N ILE B 920 28.22 0.34 62.99
CA ILE B 920 28.13 0.67 61.57
C ILE B 920 28.20 -0.61 60.74
N ALA B 921 29.07 -1.55 61.12
CA ALA B 921 29.15 -2.83 60.42
C ALA B 921 27.85 -3.61 60.59
N ASN B 922 27.31 -3.63 61.82
CA ASN B 922 26.06 -4.34 62.05
C ASN B 922 24.92 -3.74 61.22
N GLN B 923 24.87 -2.41 61.15
CA GLN B 923 23.84 -1.75 60.35
C GLN B 923 23.99 -2.06 58.88
N PHE B 924 25.23 -2.07 58.38
CA PHE B 924 25.45 -2.41 56.98
C PHE B 924 25.02 -3.85 56.70
N ASN B 925 25.36 -4.78 57.59
CA ASN B 925 24.97 -6.18 57.40
C ASN B 925 23.45 -6.33 57.43
N SER B 926 22.80 -5.68 58.40
CA SER B 926 21.34 -5.78 58.50
C SER B 926 20.67 -5.15 57.29
N ALA B 927 21.20 -4.04 56.79
CA ALA B 927 20.66 -3.42 55.59
C ALA B 927 20.81 -4.32 54.39
N ILE B 928 21.96 -4.98 54.25
CA ILE B 928 22.18 -5.92 53.15
C ILE B 928 21.18 -7.07 53.24
N GLY B 929 20.99 -7.62 54.43
CA GLY B 929 20.03 -8.70 54.61
C GLY B 929 18.61 -8.28 54.32
N LYS B 930 18.24 -7.08 54.77
CA LYS B 930 16.89 -6.56 54.51
C LYS B 930 16.67 -6.33 53.02
N ILE B 931 17.70 -5.83 52.32
CA ILE B 931 17.61 -5.69 50.87
C ILE B 931 17.42 -7.04 50.21
N GLN B 932 18.16 -8.04 50.67
CA GLN B 932 17.99 -9.39 50.13
C GLN B 932 16.56 -9.88 50.33
N ASP B 933 16.02 -9.71 51.54
CA ASP B 933 14.68 -10.17 51.84
C ASP B 933 13.63 -9.42 51.02
N SER B 934 13.78 -8.11 50.87
CA SER B 934 12.83 -7.32 50.10
C SER B 934 12.90 -7.68 48.63
N LEU B 935 14.09 -7.95 48.11
CA LEU B 935 14.22 -8.41 46.74
C LEU B 935 13.53 -9.76 46.55
N SER B 936 13.71 -10.66 47.52
CA SER B 936 13.08 -11.98 47.42
C SER B 936 11.56 -11.89 47.48
N SER B 937 11.02 -11.04 48.37
CA SER B 937 9.59 -11.03 48.62
C SER B 937 8.83 -10.23 47.56
N THR B 938 9.16 -8.96 47.42
CA THR B 938 8.41 -8.07 46.54
C THR B 938 8.60 -8.48 45.08
N PRO B 939 7.52 -8.80 44.35
CA PRO B 939 7.67 -9.18 42.94
C PRO B 939 7.84 -8.00 42.00
N SER B 940 7.59 -6.77 42.45
CA SER B 940 7.72 -5.59 41.63
C SER B 940 9.06 -4.89 41.82
N ALA B 941 9.97 -5.49 42.58
CA ALA B 941 11.28 -4.88 42.79
C ALA B 941 12.06 -4.78 41.48
N LEU B 942 12.08 -5.87 40.72
CA LEU B 942 12.79 -5.90 39.44
C LEU B 942 11.94 -5.33 38.32
N GLY B 943 11.43 -4.12 38.52
CA GLY B 943 10.50 -3.55 37.54
C GLY B 943 11.14 -3.26 36.20
N LYS B 944 12.32 -2.65 36.21
CA LYS B 944 12.86 -2.07 34.98
C LYS B 944 13.40 -3.12 34.02
N LEU B 945 14.22 -4.04 34.50
CA LEU B 945 14.72 -5.09 33.62
C LEU B 945 13.59 -5.98 33.14
N GLN B 946 12.64 -6.31 34.03
CA GLN B 946 11.51 -7.14 33.64
C GLN B 946 10.68 -6.45 32.58
N ASP B 947 10.42 -5.15 32.72
CA ASP B 947 9.60 -4.49 31.72
C ASP B 947 10.35 -4.20 30.43
N VAL B 948 11.69 -4.10 30.48
CA VAL B 948 12.46 -4.00 29.25
C VAL B 948 12.42 -5.32 28.48
N VAL B 949 12.62 -6.43 29.19
CA VAL B 949 12.51 -7.75 28.56
C VAL B 949 11.10 -7.95 28.02
N ASN B 950 10.09 -7.51 28.77
CA ASN B 950 8.71 -7.65 28.32
C ASN B 950 8.44 -6.78 27.10
N GLN B 951 9.00 -5.57 27.06
CA GLN B 951 8.84 -4.73 25.88
C GLN B 951 9.45 -5.38 24.65
N ASN B 952 10.66 -5.94 24.79
CA ASN B 952 11.29 -6.61 23.66
C ASN B 952 10.50 -7.84 23.23
N ALA B 953 10.03 -8.62 24.20
CA ALA B 953 9.24 -9.81 23.88
C ALA B 953 7.93 -9.44 23.19
N GLN B 954 7.28 -8.37 23.65
CA GLN B 954 6.04 -7.92 23.03
C GLN B 954 6.30 -7.41 21.62
N ALA B 955 7.41 -6.70 21.41
CA ALA B 955 7.74 -6.24 20.07
C ALA B 955 8.00 -7.42 19.14
N LEU B 956 8.73 -8.43 19.61
CA LEU B 956 8.99 -9.60 18.79
C LEU B 956 7.70 -10.37 18.50
N ASN B 957 6.82 -10.50 19.50
CA ASN B 957 5.55 -11.18 19.30
C ASN B 957 4.68 -10.44 18.30
N THR B 958 4.66 -9.11 18.38
CA THR B 958 3.92 -8.32 17.41
C THR B 958 4.49 -8.50 16.01
N LEU B 959 5.82 -8.52 15.89
CA LEU B 959 6.45 -8.71 14.60
C LEU B 959 6.09 -10.08 14.02
N VAL B 960 6.09 -11.12 14.85
CA VAL B 960 5.75 -12.46 14.39
C VAL B 960 4.29 -12.53 13.98
N LYS B 961 3.40 -11.97 14.81
CA LYS B 961 1.97 -12.00 14.50
C LYS B 961 1.65 -11.17 13.26
N GLN B 962 2.48 -10.19 12.94
CA GLN B 962 2.26 -9.41 11.73
C GLN B 962 2.36 -10.26 10.46
N LEU B 963 3.04 -11.40 10.52
CA LEU B 963 3.02 -12.32 9.39
C LEU B 963 1.61 -12.86 9.16
N SER B 964 0.87 -13.11 10.24
CA SER B 964 -0.51 -13.59 10.13
C SER B 964 -1.46 -12.52 9.63
N SER B 965 -1.03 -11.27 9.54
CA SER B 965 -1.87 -10.21 9.00
C SER B 965 -2.07 -10.39 7.50
N ASN B 966 -3.31 -10.18 7.04
CA ASN B 966 -3.61 -10.29 5.62
C ASN B 966 -3.14 -9.09 4.84
N PHE B 967 -3.18 -7.89 5.44
CA PHE B 967 -2.79 -6.64 4.79
C PHE B 967 -3.64 -6.36 3.55
N GLY B 968 -4.87 -6.90 3.52
CA GLY B 968 -5.73 -6.76 2.37
C GLY B 968 -5.49 -7.77 1.26
N ALA B 969 -4.49 -8.63 1.40
CA ALA B 969 -4.24 -9.65 0.39
C ALA B 969 -5.18 -10.83 0.58
N ILE B 970 -5.00 -11.84 -0.27
CA ILE B 970 -5.86 -13.03 -0.21
C ILE B 970 -5.65 -13.76 1.12
N SER B 971 -4.40 -13.94 1.53
CA SER B 971 -4.07 -14.69 2.73
C SER B 971 -2.73 -14.20 3.29
N SER B 972 -2.40 -14.72 4.47
CA SER B 972 -1.17 -14.37 5.15
C SER B 972 -0.07 -15.40 4.99
N VAL B 973 -0.29 -16.43 4.15
CA VAL B 973 0.71 -17.46 3.90
C VAL B 973 1.30 -17.22 2.53
N LEU B 974 2.64 -17.14 2.46
CA LEU B 974 3.30 -16.84 1.20
C LEU B 974 3.04 -17.93 0.17
N ASN B 975 3.13 -19.20 0.58
CA ASN B 975 2.85 -20.30 -0.34
C ASN B 975 1.39 -20.28 -0.79
N ASP B 976 0.48 -19.91 0.11
CA ASP B 976 -0.93 -19.80 -0.27
C ASP B 976 -1.14 -18.72 -1.33
N ILE B 977 -0.42 -17.60 -1.21
CA ILE B 977 -0.49 -16.57 -2.24
C ILE B 977 0.10 -17.08 -3.54
N LEU B 978 1.21 -17.83 -3.47
CA LEU B 978 1.82 -18.38 -4.66
C LEU B 978 0.86 -19.30 -5.40
N SER B 979 0.24 -20.23 -4.68
CA SER B 979 -0.76 -21.09 -5.28
C SER B 979 -2.07 -20.32 -5.49
N ARG B 980 -2.94 -20.87 -6.33
CA ARG B 980 -4.28 -20.38 -6.64
C ARG B 980 -4.25 -19.03 -7.37
N LEU B 981 -3.09 -18.46 -7.63
CA LEU B 981 -2.99 -17.17 -8.30
C LEU B 981 -2.03 -17.26 -9.46
N ASP B 982 -2.45 -16.75 -10.62
CA ASP B 982 -1.58 -16.65 -11.77
C ASP B 982 -0.48 -15.62 -11.49
N PRO B 983 0.65 -15.71 -12.19
CA PRO B 983 1.79 -14.82 -11.91
C PRO B 983 1.42 -13.34 -11.95
N PRO B 984 0.60 -12.86 -12.90
CA PRO B 984 0.29 -11.42 -12.89
C PRO B 984 -0.45 -10.95 -11.65
N GLU B 985 -1.52 -11.66 -11.25
CA GLU B 985 -2.21 -11.31 -10.00
C GLU B 985 -1.32 -11.58 -8.80
N ALA B 986 -0.46 -12.59 -8.90
CA ALA B 986 0.52 -12.85 -7.85
C ALA B 986 1.42 -11.65 -7.64
N GLU B 987 1.74 -10.93 -8.72
CA GLU B 987 2.58 -9.73 -8.58
C GLU B 987 1.95 -8.74 -7.62
N VAL B 988 0.68 -8.37 -7.85
CA VAL B 988 0.06 -7.34 -7.03
C VAL B 988 -0.20 -7.86 -5.62
N GLN B 989 -0.60 -9.13 -5.50
CA GLN B 989 -0.87 -9.67 -4.16
C GLN B 989 0.41 -9.76 -3.33
N ILE B 990 1.48 -10.29 -3.91
CA ILE B 990 2.76 -10.37 -3.21
C ILE B 990 3.27 -8.97 -2.93
N ASP B 991 3.02 -8.01 -3.82
CA ASP B 991 3.43 -6.64 -3.57
C ASP B 991 2.71 -6.06 -2.37
N ARG B 992 1.40 -6.32 -2.26
CA ARG B 992 0.66 -5.85 -1.09
C ARG B 992 1.21 -6.49 0.18
N LEU B 993 1.47 -7.79 0.14
CA LEU B 993 1.96 -8.48 1.34
C LEU B 993 3.36 -7.99 1.72
N ILE B 994 4.23 -7.78 0.74
CA ILE B 994 5.59 -7.35 1.04
C ILE B 994 5.58 -5.91 1.54
N THR B 995 4.69 -5.07 1.00
CA THR B 995 4.56 -3.72 1.53
C THR B 995 4.09 -3.75 2.98
N GLY B 996 3.11 -4.59 3.29
CA GLY B 996 2.65 -4.68 4.66
C GLY B 996 3.72 -5.18 5.61
N ARG B 997 4.43 -6.25 5.23
CA ARG B 997 5.44 -6.81 6.11
C ARG B 997 6.65 -5.89 6.22
N LEU B 998 7.00 -5.20 5.14
CA LEU B 998 8.09 -4.23 5.17
C LEU B 998 7.74 -3.05 6.05
N GLN B 999 6.49 -2.58 5.98
CA GLN B 999 6.05 -1.52 6.89
C GLN B 999 6.10 -2.00 8.34
N SER B 1000 5.69 -3.24 8.59
CA SER B 1000 5.77 -3.78 9.94
C SER B 1000 7.21 -3.86 10.43
N LEU B 1001 8.12 -4.32 9.58
CA LEU B 1001 9.52 -4.43 9.99
C LEU B 1001 10.16 -3.06 10.15
N GLN B 1002 9.78 -2.10 9.32
CA GLN B 1002 10.28 -0.73 9.48
C GLN B 1002 9.77 -0.12 10.78
N THR B 1003 8.51 -0.35 11.11
CA THR B 1003 7.99 0.11 12.39
C THR B 1003 8.73 -0.56 13.55
N TYR B 1004 8.98 -1.87 13.43
CA TYR B 1004 9.69 -2.57 14.49
C TYR B 1004 11.11 -2.03 14.66
N VAL B 1005 11.82 -1.79 13.55
CA VAL B 1005 13.19 -1.32 13.66
C VAL B 1005 13.23 0.12 14.13
N THR B 1006 12.23 0.93 13.79
CA THR B 1006 12.18 2.30 14.29
C THR B 1006 11.90 2.33 15.78
N GLN B 1007 10.94 1.51 16.24
CA GLN B 1007 10.69 1.41 17.67
C GLN B 1007 11.88 0.82 18.40
N GLN B 1008 12.59 -0.11 17.77
CA GLN B 1008 13.79 -0.67 18.38
C GLN B 1008 14.92 0.34 18.42
N LEU B 1009 15.01 1.24 17.44
CA LEU B 1009 16.00 2.30 17.49
C LEU B 1009 15.65 3.31 18.57
N ILE B 1010 14.37 3.63 18.73
CA ILE B 1010 13.93 4.49 19.84
C ILE B 1010 14.28 3.84 21.17
N ARG B 1011 13.94 2.57 21.33
CA ARG B 1011 14.22 1.87 22.58
C ARG B 1011 15.71 1.65 22.78
N ALA B 1012 16.48 1.56 21.69
CA ALA B 1012 17.93 1.43 21.81
C ALA B 1012 18.57 2.76 22.18
N ALA B 1013 18.03 3.87 21.71
CA ALA B 1013 18.48 5.18 22.20
C ALA B 1013 18.12 5.34 23.67
N GLU B 1014 16.95 4.87 24.08
CA GLU B 1014 16.57 4.92 25.50
C GLU B 1014 17.49 4.04 26.33
N ILE B 1015 17.80 2.84 25.85
CA ILE B 1015 18.71 1.95 26.55
C ILE B 1015 20.12 2.53 26.58
N ARG B 1016 20.52 3.21 25.50
CA ARG B 1016 21.83 3.85 25.47
C ARG B 1016 21.90 4.98 26.47
N ALA B 1017 20.83 5.76 26.60
CA ALA B 1017 20.81 6.81 27.62
C ALA B 1017 20.84 6.20 29.02
N SER B 1018 20.02 5.16 29.25
CA SER B 1018 19.97 4.54 30.57
C SER B 1018 21.29 3.85 30.91
N ALA B 1019 21.98 3.32 29.90
CA ALA B 1019 23.23 2.60 30.15
C ALA B 1019 24.43 3.53 30.18
N ASN B 1020 24.35 4.68 29.51
CA ASN B 1020 25.32 5.74 29.76
C ASN B 1020 25.16 6.27 31.18
N LEU B 1021 23.91 6.40 31.64
CA LEU B 1021 23.66 6.73 33.03
C LEU B 1021 24.19 5.63 33.96
N ALA B 1022 24.03 4.37 33.55
CA ALA B 1022 24.56 3.26 34.34
C ALA B 1022 26.08 3.27 34.40
N ALA B 1023 26.74 3.53 33.27
CA ALA B 1023 28.19 3.57 33.25
C ALA B 1023 28.73 4.75 34.05
N THR B 1024 28.08 5.91 33.95
CA THR B 1024 28.55 7.04 34.72
C THR B 1024 28.20 6.88 36.20
N LYS B 1025 27.09 6.21 36.51
CA LYS B 1025 26.79 5.86 37.90
C LYS B 1025 27.82 4.89 38.44
N MET B 1026 28.23 3.94 37.60
CA MET B 1026 29.35 3.08 37.94
C MET B 1026 30.56 3.92 38.30
N SER B 1027 30.92 4.84 37.40
CA SER B 1027 32.18 5.57 37.52
C SER B 1027 32.18 6.56 38.69
N GLU B 1028 31.01 7.02 39.11
CA GLU B 1028 30.94 8.00 40.19
C GLU B 1028 30.37 7.46 41.49
N CYS B 1029 29.94 6.20 41.51
CA CYS B 1029 29.42 5.62 42.75
C CYS B 1029 30.29 4.47 43.24
N VAL B 1030 30.80 3.61 42.35
CA VAL B 1030 31.61 2.49 42.81
C VAL B 1030 33.07 2.74 42.44
N LEU B 1031 33.31 3.48 41.36
CA LEU B 1031 34.66 3.95 41.04
C LEU B 1031 35.04 5.20 41.82
N GLY B 1032 34.14 5.71 42.64
CA GLY B 1032 34.41 6.91 43.42
C GLY B 1032 33.16 7.29 44.17
N GLN B 1033 33.33 8.22 45.10
CA GLN B 1033 32.16 8.76 45.79
C GLN B 1033 31.71 10.05 45.12
N SER B 1034 30.41 10.11 44.81
CA SER B 1034 29.84 11.23 44.07
C SER B 1034 29.29 12.27 45.05
N LYS B 1035 29.73 13.51 44.89
CA LYS B 1035 29.16 14.62 45.62
C LYS B 1035 27.85 15.10 45.02
N ARG B 1036 27.48 14.57 43.85
CA ARG B 1036 26.23 14.92 43.20
C ARG B 1036 25.06 14.58 44.12
N VAL B 1037 24.08 15.47 44.18
CA VAL B 1037 22.97 15.34 45.13
C VAL B 1037 21.90 14.45 44.52
N ASP B 1038 21.46 13.45 45.29
CA ASP B 1038 20.41 12.51 44.87
C ASP B 1038 20.75 11.85 43.53
N PHE B 1039 22.01 11.45 43.37
CA PHE B 1039 22.45 10.70 42.20
C PHE B 1039 22.79 9.26 42.53
N CYS B 1040 23.71 9.03 43.46
CA CYS B 1040 24.00 7.69 43.94
C CYS B 1040 23.17 7.44 45.19
N GLY B 1041 21.89 7.13 44.98
CA GLY B 1041 20.99 6.84 46.07
C GLY B 1041 20.52 8.07 46.82
N LYS B 1042 19.33 8.01 47.39
CA LYS B 1042 18.76 9.13 48.12
C LYS B 1042 19.51 9.32 49.44
N GLY B 1043 20.28 10.39 49.52
CA GLY B 1043 21.05 10.71 50.71
C GLY B 1043 22.52 10.97 50.38
N TYR B 1044 23.21 11.52 51.38
CA TYR B 1044 24.65 11.71 51.26
C TYR B 1044 25.31 10.37 50.99
N HIS B 1045 25.89 10.24 49.80
CA HIS B 1045 26.27 8.94 49.26
C HIS B 1045 27.51 8.38 49.95
N LEU B 1046 27.59 7.05 49.98
CA LEU B 1046 28.79 6.37 50.48
C LEU B 1046 29.50 5.59 49.39
N MET B 1047 28.83 4.63 48.74
CA MET B 1047 29.42 3.81 47.70
C MET B 1047 28.33 2.94 47.09
N SER B 1048 28.71 2.09 46.14
CA SER B 1048 27.75 1.27 45.43
C SER B 1048 28.38 -0.08 45.09
N PHE B 1049 27.53 -1.05 44.82
CA PHE B 1049 27.96 -2.39 44.42
C PHE B 1049 27.23 -2.80 43.15
N PRO B 1050 27.87 -2.81 41.99
CA PRO B 1050 27.21 -3.33 40.79
C PRO B 1050 26.95 -4.82 40.91
N GLN B 1051 25.77 -5.23 40.47
CA GLN B 1051 25.35 -6.63 40.46
C GLN B 1051 24.81 -6.96 39.08
N SER B 1052 25.42 -7.94 38.43
CA SER B 1052 24.95 -8.35 37.11
C SER B 1052 23.53 -8.85 37.19
N ALA B 1053 22.75 -8.54 36.16
CA ALA B 1053 21.37 -8.96 36.06
C ALA B 1053 21.06 -9.20 34.58
N PRO B 1054 20.03 -9.99 34.29
CA PRO B 1054 19.73 -10.28 32.87
C PRO B 1054 19.42 -9.03 32.07
N HIS B 1055 20.31 -8.68 31.15
CA HIS B 1055 20.16 -7.50 30.29
C HIS B 1055 19.95 -6.23 31.11
N GLY B 1056 20.76 -6.09 32.15
CA GLY B 1056 20.68 -4.92 33.00
C GLY B 1056 21.68 -5.03 34.13
N VAL B 1057 21.68 -4.01 34.99
CA VAL B 1057 22.54 -3.97 36.15
C VAL B 1057 21.73 -3.46 37.34
N VAL B 1058 22.10 -3.93 38.53
CA VAL B 1058 21.44 -3.55 39.77
C VAL B 1058 22.50 -3.00 40.71
N PHE B 1059 22.35 -1.73 41.10
CA PHE B 1059 23.26 -1.12 42.05
C PHE B 1059 22.68 -1.20 43.45
N LEU B 1060 23.57 -1.28 44.43
CA LEU B 1060 23.21 -1.21 45.85
C LEU B 1060 23.81 0.08 46.39
N HIS B 1061 23.07 1.18 46.24
CA HIS B 1061 23.56 2.48 46.67
C HIS B 1061 23.53 2.56 48.18
N VAL B 1062 24.66 2.29 48.81
CA VAL B 1062 24.80 2.48 50.25
C VAL B 1062 24.88 3.98 50.52
N THR B 1063 23.88 4.52 51.21
CA THR B 1063 23.77 5.95 51.44
C THR B 1063 23.72 6.23 52.94
N TYR B 1064 23.97 7.49 53.28
CA TYR B 1064 23.96 7.96 54.66
C TYR B 1064 22.79 8.90 54.84
N VAL B 1065 21.89 8.56 55.76
CA VAL B 1065 20.68 9.35 55.97
C VAL B 1065 20.56 9.69 57.46
N PRO B 1066 20.46 10.97 57.82
CA PRO B 1066 20.25 11.32 59.23
C PRO B 1066 18.94 10.75 59.76
N ALA B 1067 18.93 10.44 61.06
CA ALA B 1067 17.80 9.71 61.65
C ALA B 1067 17.02 10.53 62.67
N GLN B 1068 17.68 11.03 63.72
CA GLN B 1068 16.98 11.63 64.85
C GLN B 1068 17.52 13.03 65.08
N GLU B 1069 16.62 14.01 65.24
CA GLU B 1069 17.00 15.41 65.29
C GLU B 1069 17.09 15.91 66.73
N LYS B 1070 18.05 16.81 66.97
CA LYS B 1070 18.19 17.53 68.23
C LYS B 1070 18.44 18.99 67.91
N ASN B 1071 17.43 19.83 68.11
CA ASN B 1071 17.46 21.22 67.66
C ASN B 1071 17.99 22.15 68.75
N PHE B 1072 18.64 23.23 68.33
CA PHE B 1072 19.21 24.20 69.25
C PHE B 1072 19.21 25.58 68.58
N THR B 1073 19.97 26.51 69.15
CA THR B 1073 19.96 27.91 68.73
C THR B 1073 21.26 28.26 68.01
N THR B 1074 21.14 28.97 66.88
CA THR B 1074 22.27 29.31 66.03
C THR B 1074 22.64 30.77 66.13
N ALA B 1075 23.94 31.04 66.17
CA ALA B 1075 24.51 32.38 66.08
C ALA B 1075 25.59 32.36 65.01
N PRO B 1076 25.54 33.29 64.04
CA PRO B 1076 26.49 33.23 62.92
C PRO B 1076 27.95 33.29 63.34
N ALA B 1077 28.26 33.93 64.46
CA ALA B 1077 29.65 34.08 64.89
C ALA B 1077 29.69 34.13 66.41
N ILE B 1078 30.84 34.55 66.94
CA ILE B 1078 31.06 34.66 68.39
C ILE B 1078 31.88 35.91 68.65
N CYS B 1079 31.38 36.78 69.54
CA CYS B 1079 32.09 37.99 69.94
C CYS B 1079 32.88 37.66 71.20
N HIS B 1080 34.07 37.08 71.01
CA HIS B 1080 34.89 36.68 72.14
C HIS B 1080 35.54 37.89 72.82
N ASP B 1081 36.33 38.64 72.07
CA ASP B 1081 37.03 39.81 72.58
C ASP B 1081 36.73 41.02 71.71
N GLY B 1082 35.46 41.20 71.39
CA GLY B 1082 35.03 42.30 70.55
C GLY B 1082 35.18 42.05 69.07
N LYS B 1083 35.77 40.94 68.67
CA LYS B 1083 36.00 40.64 67.28
C LYS B 1083 35.34 39.31 66.94
N ALA B 1084 34.72 39.23 65.76
CA ALA B 1084 33.87 38.09 65.42
C ALA B 1084 34.71 36.82 65.19
N HIS B 1085 34.09 35.67 65.47
CA HIS B 1085 34.70 34.37 65.26
C HIS B 1085 33.71 33.48 64.52
N PHE B 1086 34.07 33.06 63.31
CA PHE B 1086 33.22 32.23 62.49
C PHE B 1086 33.63 30.76 62.62
N PRO B 1087 32.70 29.82 62.42
CA PRO B 1087 33.06 28.40 62.54
C PRO B 1087 33.76 27.90 61.28
N ARG B 1088 34.96 27.36 61.47
CA ARG B 1088 35.73 26.85 60.32
C ARG B 1088 34.99 25.72 59.62
N GLU B 1089 34.40 24.81 60.40
CA GLU B 1089 33.63 23.69 59.88
C GLU B 1089 32.40 23.49 60.74
N GLY B 1090 31.26 24.00 60.29
CA GLY B 1090 29.98 23.72 60.92
C GLY B 1090 29.26 24.98 61.34
N VAL B 1091 28.26 24.80 62.20
CA VAL B 1091 27.43 25.89 62.71
C VAL B 1091 27.70 26.06 64.21
N PHE B 1092 27.09 27.09 64.77
CA PHE B 1092 27.17 27.37 66.20
C PHE B 1092 25.85 26.98 66.85
N VAL B 1093 25.92 26.19 67.93
CA VAL B 1093 24.75 25.74 68.67
C VAL B 1093 25.03 25.82 70.16
N SER B 1094 23.96 25.77 70.95
CA SER B 1094 24.09 25.75 72.40
C SER B 1094 22.87 25.06 72.99
N ASN B 1095 23.08 24.39 74.12
CA ASN B 1095 22.01 23.68 74.81
C ASN B 1095 21.31 24.54 75.87
N GLY B 1096 21.62 25.83 75.91
CA GLY B 1096 20.96 26.73 76.85
C GLY B 1096 21.93 27.47 77.75
N THR B 1097 23.02 26.81 78.14
CA THR B 1097 24.00 27.38 79.05
C THR B 1097 25.36 27.59 78.40
N HIS B 1098 25.86 26.60 77.67
CA HIS B 1098 27.18 26.67 77.06
C HIS B 1098 27.08 26.48 75.55
N TRP B 1099 27.96 27.14 74.82
CA TRP B 1099 27.93 27.15 73.36
C TRP B 1099 28.98 26.21 72.79
N PHE B 1100 28.63 25.53 71.69
CA PHE B 1100 29.51 24.59 71.02
C PHE B 1100 29.40 24.78 69.51
N VAL B 1101 30.47 24.42 68.80
CA VAL B 1101 30.46 24.35 67.34
C VAL B 1101 30.44 22.88 66.93
N THR B 1102 29.54 22.54 66.02
CA THR B 1102 29.35 21.14 65.65
C THR B 1102 29.34 21.02 64.13
N GLN B 1103 29.49 19.78 63.67
CA GLN B 1103 29.55 19.48 62.24
C GLN B 1103 28.15 19.35 61.66
N ARG B 1104 28.09 19.06 60.36
CA ARG B 1104 26.84 19.18 59.63
C ARG B 1104 25.88 18.04 59.94
N ASN B 1105 26.27 16.81 59.63
CA ASN B 1105 25.35 15.67 59.65
C ASN B 1105 25.45 14.82 60.90
N PHE B 1106 26.21 15.27 61.89
CA PHE B 1106 26.35 14.54 63.15
C PHE B 1106 26.44 15.53 64.29
N TYR B 1107 25.81 15.21 65.41
CA TYR B 1107 25.89 16.07 66.59
C TYR B 1107 27.16 15.68 67.35
N GLU B 1108 28.24 16.39 67.07
CA GLU B 1108 29.51 16.25 67.80
C GLU B 1108 29.91 17.63 68.28
N PRO B 1109 29.31 18.10 69.37
CA PRO B 1109 29.66 19.43 69.88
C PRO B 1109 31.08 19.47 70.40
N GLN B 1110 31.71 20.63 70.25
CA GLN B 1110 33.05 20.85 70.77
C GLN B 1110 33.13 22.23 71.41
N ILE B 1111 33.93 22.32 72.46
CA ILE B 1111 34.16 23.62 73.11
C ILE B 1111 34.85 24.56 72.13
N ILE B 1112 34.37 25.80 72.09
CA ILE B 1112 34.92 26.77 71.15
C ILE B 1112 36.38 27.04 71.48
N THR B 1113 37.24 26.95 70.47
CA THR B 1113 38.67 27.18 70.63
C THR B 1113 39.18 27.88 69.38
N THR B 1114 40.25 28.66 69.53
CA THR B 1114 40.84 29.35 68.39
C THR B 1114 41.30 28.36 67.32
N ASP B 1115 41.55 27.11 67.68
CA ASP B 1115 41.91 26.10 66.69
C ASP B 1115 40.78 25.85 65.71
N ASN B 1116 39.55 25.77 66.20
CA ASN B 1116 38.41 25.45 65.35
C ASN B 1116 37.68 26.68 64.82
N THR B 1117 38.19 27.87 65.06
CA THR B 1117 37.56 29.10 64.61
C THR B 1117 38.58 29.97 63.89
N PHE B 1118 38.11 30.73 62.89
CA PHE B 1118 38.95 31.70 62.20
C PHE B 1118 38.37 33.09 62.38
N VAL B 1119 39.22 34.01 62.85
CA VAL B 1119 38.78 35.33 63.28
C VAL B 1119 38.67 36.25 62.08
N SER B 1120 37.54 36.97 61.99
CA SER B 1120 37.28 37.87 60.87
C SER B 1120 36.17 38.83 61.27
N GLY B 1121 36.40 40.13 61.07
CA GLY B 1121 35.37 41.14 61.24
C GLY B 1121 35.21 41.62 62.69
N ASN B 1122 34.31 42.58 62.86
CA ASN B 1122 34.02 43.18 64.15
C ASN B 1122 32.62 42.78 64.60
N CYS B 1123 32.26 43.22 65.80
CA CYS B 1123 31.00 42.81 66.41
C CYS B 1123 29.82 43.52 65.78
N ASP B 1124 30.01 44.78 65.37
CA ASP B 1124 28.88 45.60 64.93
C ASP B 1124 28.42 45.24 63.52
N VAL B 1125 29.35 44.87 62.64
CA VAL B 1125 29.00 44.69 61.23
C VAL B 1125 28.07 43.50 61.05
N VAL B 1126 28.32 42.40 61.74
CA VAL B 1126 27.53 41.19 61.58
C VAL B 1126 26.33 41.26 62.52
N ILE B 1127 25.31 40.46 62.24
CA ILE B 1127 24.14 40.33 63.09
C ILE B 1127 24.08 38.90 63.63
N GLY B 1128 23.28 38.70 64.69
CA GLY B 1128 23.02 37.38 65.22
C GLY B 1128 24.04 36.87 66.21
N ILE B 1129 25.12 37.61 66.45
CA ILE B 1129 26.18 37.14 67.33
C ILE B 1129 25.67 37.05 68.76
N VAL B 1130 26.31 36.20 69.56
CA VAL B 1130 26.11 36.17 71.01
C VAL B 1130 27.46 36.41 71.67
N ASN B 1131 27.45 37.20 72.73
CA ASN B 1131 28.66 37.42 73.51
C ASN B 1131 29.05 36.12 74.21
N ASN B 1132 30.34 35.80 74.16
CA ASN B 1132 30.80 34.50 74.63
C ASN B 1132 32.30 34.58 74.89
N THR B 1133 32.81 33.56 75.58
CA THR B 1133 34.23 33.42 75.86
C THR B 1133 34.77 32.18 75.17
N VAL B 1134 35.99 32.27 74.67
CA VAL B 1134 36.64 31.19 73.94
C VAL B 1134 37.94 30.84 74.69
N TYR B 1135 38.10 29.56 75.02
CA TYR B 1135 39.25 29.12 75.76
C TYR B 1135 40.52 29.22 74.90
N ASP B 1136 41.63 29.58 75.55
CA ASP B 1136 42.91 29.69 74.87
C ASP B 1136 43.78 28.51 75.25
N PRO B 1137 44.09 27.60 74.32
CA PRO B 1137 44.96 26.46 74.68
C PRO B 1137 46.34 26.88 75.13
N LEU B 1138 46.84 28.02 74.67
CA LEU B 1138 48.15 28.52 75.08
C LEU B 1138 48.14 29.15 76.47
N GLN B 1139 46.96 29.54 76.96
CA GLN B 1139 46.89 30.22 78.26
C GLN B 1139 47.39 29.38 79.43
N PRO B 1140 46.95 28.13 79.61
CA PRO B 1140 47.52 27.34 80.72
C PRO B 1140 49.01 27.09 80.57
N GLU B 1141 49.51 26.99 79.34
CA GLU B 1141 50.95 26.84 79.13
C GLU B 1141 51.70 28.10 79.56
N LEU B 1142 51.13 29.27 79.27
CA LEU B 1142 51.72 30.52 79.77
C LEU B 1142 51.69 30.57 81.29
N ASP B 1143 50.56 30.19 81.88
CA ASP B 1143 50.40 30.29 83.33
C ASP B 1143 51.36 29.35 84.06
N SER B 1144 51.51 28.13 83.55
CA SER B 1144 52.38 27.14 84.19
C SER B 1144 53.85 27.41 83.87
N ALA C 27 43.90 -32.54 -20.43
CA ALA C 27 44.72 -31.36 -20.69
C ALA C 27 44.06 -30.09 -20.14
N TYR C 28 44.25 -29.85 -18.85
CA TYR C 28 43.66 -28.70 -18.17
C TYR C 28 44.75 -27.78 -17.63
N THR C 29 44.42 -26.50 -17.53
CA THR C 29 45.31 -25.49 -16.98
C THR C 29 44.52 -24.49 -16.16
N ASN C 30 45.16 -23.92 -15.16
CA ASN C 30 44.47 -23.12 -14.15
C ASN C 30 44.61 -21.65 -14.53
N SER C 31 43.48 -20.97 -14.71
CA SER C 31 43.48 -19.56 -15.08
C SER C 31 43.86 -18.68 -13.90
N PHE C 32 44.51 -17.54 -14.19
CA PHE C 32 45.07 -16.67 -13.16
C PHE C 32 44.54 -15.25 -13.32
N THR C 33 43.40 -14.97 -12.69
CA THR C 33 42.82 -13.63 -12.52
C THR C 33 42.90 -12.77 -13.79
N ARG C 34 42.67 -13.41 -14.93
CA ARG C 34 42.59 -12.73 -16.21
C ARG C 34 41.20 -12.91 -16.79
N GLY C 35 40.88 -12.08 -17.78
CA GLY C 35 39.60 -12.14 -18.45
C GLY C 35 38.60 -11.09 -18.06
N VAL C 36 38.98 -10.14 -17.19
CA VAL C 36 38.08 -9.06 -16.83
C VAL C 36 37.93 -8.12 -18.02
N TYR C 37 36.75 -7.50 -18.14
CA TYR C 37 36.46 -6.59 -19.23
C TYR C 37 35.41 -5.59 -18.78
N TYR C 38 35.36 -4.47 -19.49
CA TYR C 38 34.46 -3.39 -19.12
C TYR C 38 33.02 -3.81 -19.38
N PRO C 39 32.16 -3.85 -18.36
CA PRO C 39 30.77 -4.27 -18.59
C PRO C 39 30.00 -3.34 -19.51
N ASP C 40 30.41 -2.07 -19.61
CA ASP C 40 29.69 -1.10 -20.40
C ASP C 40 30.65 0.03 -20.79
N LYS C 41 30.22 0.83 -21.77
CA LYS C 41 30.99 1.95 -22.29
C LYS C 41 31.08 3.12 -21.33
N VAL C 42 30.59 3.03 -20.09
CA VAL C 42 30.61 4.17 -19.19
C VAL C 42 32.04 4.47 -18.74
N PHE C 43 32.23 5.65 -18.16
CA PHE C 43 33.50 6.08 -17.61
C PHE C 43 33.34 6.30 -16.11
N ARG C 44 34.34 5.91 -15.34
CA ARG C 44 34.30 6.05 -13.90
C ARG C 44 35.72 6.30 -13.39
N SER C 45 35.85 7.22 -12.45
CA SER C 45 37.16 7.70 -12.00
C SER C 45 37.36 7.31 -10.54
N SER C 46 38.22 6.31 -10.32
CA SER C 46 38.60 5.86 -8.97
C SER C 46 37.40 5.44 -8.15
N VAL C 47 36.46 4.75 -8.79
CA VAL C 47 35.29 4.20 -8.12
C VAL C 47 35.28 2.69 -8.30
N LEU C 48 35.12 1.97 -7.20
CA LEU C 48 35.01 0.51 -7.22
C LEU C 48 33.55 0.16 -7.46
N HIS C 49 33.22 -0.26 -8.68
CA HIS C 49 31.86 -0.52 -9.09
C HIS C 49 31.69 -2.02 -9.32
N SER C 50 30.67 -2.60 -8.69
CA SER C 50 30.43 -4.04 -8.76
C SER C 50 29.25 -4.31 -9.68
N THR C 51 29.48 -5.16 -10.68
CA THR C 51 28.47 -5.49 -11.69
C THR C 51 28.27 -6.99 -11.73
N GLN C 52 27.00 -7.43 -11.71
CA GLN C 52 26.65 -8.83 -11.88
C GLN C 52 26.62 -9.11 -13.37
N ASP C 53 27.77 -9.44 -13.94
CA ASP C 53 27.95 -9.61 -15.37
C ASP C 53 28.55 -10.98 -15.64
N LEU C 54 28.36 -11.47 -16.87
CA LEU C 54 28.84 -12.79 -17.28
C LEU C 54 30.35 -12.75 -17.40
N PHE C 55 31.02 -12.99 -16.29
CA PHE C 55 32.48 -12.97 -16.21
C PHE C 55 33.05 -14.38 -16.26
N LEU C 56 34.36 -14.46 -16.43
CA LEU C 56 35.08 -15.73 -16.33
C LEU C 56 35.44 -15.98 -14.87
N PRO C 57 35.05 -17.11 -14.28
CA PRO C 57 35.33 -17.34 -12.87
C PRO C 57 36.83 -17.31 -12.59
N PHE C 58 37.19 -16.74 -11.44
CA PHE C 58 38.59 -16.66 -11.05
C PHE C 58 39.13 -18.04 -10.68
N PHE C 59 40.37 -18.30 -11.07
CA PHE C 59 41.05 -19.55 -10.76
C PHE C 59 40.24 -20.77 -11.18
N SER C 60 39.69 -20.71 -12.39
CA SER C 60 38.94 -21.82 -12.96
C SER C 60 39.83 -22.63 -13.87
N ASN C 61 39.73 -23.95 -13.81
CA ASN C 61 40.51 -24.82 -14.68
C ASN C 61 39.93 -24.74 -16.09
N VAL C 62 40.62 -24.01 -16.97
CA VAL C 62 40.20 -23.81 -18.35
C VAL C 62 40.86 -24.89 -19.21
N THR C 63 40.15 -25.28 -20.28
CA THR C 63 40.62 -26.37 -21.12
C THR C 63 41.76 -25.91 -22.02
N TRP C 64 42.74 -26.78 -22.21
CA TRP C 64 43.89 -26.51 -23.06
C TRP C 64 43.74 -27.30 -24.35
N PHE C 65 44.05 -26.67 -25.48
CA PHE C 65 43.95 -27.32 -26.79
C PHE C 65 45.29 -27.22 -27.50
N HIS C 66 45.53 -28.18 -28.40
CA HIS C 66 46.75 -28.24 -29.18
C HIS C 66 46.39 -28.38 -30.67
N ALA C 67 47.27 -27.86 -31.52
CA ALA C 67 47.10 -27.95 -32.95
C ALA C 67 48.34 -28.37 -33.71
N ILE C 68 49.52 -28.37 -33.10
CA ILE C 68 50.75 -28.75 -33.78
C ILE C 68 50.78 -30.26 -33.97
N HIS C 69 51.69 -30.73 -34.82
CA HIS C 69 51.87 -32.15 -35.09
C HIS C 69 50.58 -32.81 -35.59
N ARG C 78 47.38 -37.04 -36.51
CA ARG C 78 47.82 -35.68 -36.21
C ARG C 78 46.94 -35.05 -35.12
N PHE C 79 46.91 -33.72 -35.10
CA PHE C 79 46.11 -32.97 -34.14
C PHE C 79 45.20 -32.02 -34.89
N ASP C 80 43.96 -31.89 -34.40
CA ASP C 80 42.99 -30.99 -35.02
C ASP C 80 42.22 -30.21 -33.96
N ASN C 81 41.21 -29.45 -34.38
CA ASN C 81 40.40 -28.68 -33.47
C ASN C 81 39.03 -29.32 -33.29
N PRO C 82 38.68 -29.74 -32.08
CA PRO C 82 37.33 -30.29 -31.85
C PRO C 82 36.30 -29.18 -31.69
N VAL C 83 35.03 -29.52 -31.79
CA VAL C 83 33.94 -28.56 -31.73
C VAL C 83 33.45 -28.44 -30.28
N LEU C 84 33.29 -27.20 -29.82
CA LEU C 84 32.90 -26.89 -28.45
C LEU C 84 31.50 -26.26 -28.44
N PRO C 85 30.77 -26.39 -27.34
CA PRO C 85 29.51 -25.67 -27.21
C PRO C 85 29.73 -24.22 -26.78
N PHE C 86 28.65 -23.44 -26.85
CA PHE C 86 28.72 -22.03 -26.50
C PHE C 86 28.34 -21.80 -25.04
N ASN C 87 27.11 -22.18 -24.66
CA ASN C 87 26.62 -22.12 -23.28
C ASN C 87 26.80 -20.72 -22.68
N ASP C 88 26.08 -19.77 -23.28
CA ASP C 88 25.95 -18.41 -22.75
C ASP C 88 27.30 -17.72 -22.58
N GLY C 89 28.18 -17.83 -23.57
CA GLY C 89 29.44 -17.14 -23.53
C GLY C 89 30.66 -18.03 -23.55
N VAL C 90 31.69 -17.63 -24.28
CA VAL C 90 32.95 -18.37 -24.38
C VAL C 90 34.09 -17.38 -24.36
N TYR C 91 35.07 -17.61 -23.49
CA TYR C 91 36.27 -16.79 -23.45
C TYR C 91 37.40 -17.50 -24.19
N PHE C 92 38.08 -16.76 -25.07
CA PHE C 92 39.11 -17.32 -25.93
C PHE C 92 40.38 -16.51 -25.75
N ALA C 93 41.52 -17.20 -25.70
CA ALA C 93 42.81 -16.52 -25.58
C ALA C 93 43.85 -17.40 -26.27
N SER C 94 44.16 -17.07 -27.52
CA SER C 94 45.16 -17.78 -28.30
C SER C 94 46.44 -16.95 -28.38
N THR C 95 47.55 -17.55 -27.97
CA THR C 95 48.86 -16.94 -28.12
C THR C 95 49.55 -17.59 -29.32
N GLU C 96 50.00 -16.77 -30.26
CA GLU C 96 50.44 -17.26 -31.55
C GLU C 96 51.74 -16.58 -31.97
N LYS C 97 52.46 -17.25 -32.87
CA LYS C 97 53.67 -16.72 -33.48
C LYS C 97 53.42 -16.21 -34.90
N SER C 98 52.86 -17.06 -35.77
CA SER C 98 52.60 -16.72 -37.16
C SER C 98 51.11 -16.68 -37.48
N ASN C 99 50.26 -16.48 -36.48
CA ASN C 99 48.82 -16.36 -36.66
C ASN C 99 48.23 -17.61 -37.32
N ILE C 100 48.37 -18.73 -36.61
CA ILE C 100 47.82 -19.99 -37.11
C ILE C 100 46.29 -19.95 -37.08
N ILE C 101 45.72 -19.32 -36.06
CA ILE C 101 44.28 -19.14 -36.00
C ILE C 101 43.85 -18.18 -37.11
N ARG C 102 42.80 -18.56 -37.84
CA ARG C 102 42.35 -17.78 -38.99
C ARG C 102 40.87 -17.47 -39.01
N GLY C 103 40.10 -17.93 -38.04
CA GLY C 103 38.67 -17.63 -38.03
C GLY C 103 37.98 -18.35 -36.89
N TRP C 104 36.68 -18.12 -36.81
CA TRP C 104 35.83 -18.71 -35.78
C TRP C 104 34.53 -19.17 -36.42
N ILE C 105 33.91 -20.17 -35.80
CA ILE C 105 32.64 -20.74 -36.26
C ILE C 105 31.65 -20.67 -35.10
N PHE C 106 30.46 -20.16 -35.40
CA PHE C 106 29.40 -20.04 -34.40
C PHE C 106 28.10 -20.48 -35.06
N GLY C 107 27.38 -21.41 -34.43
CA GLY C 107 26.09 -21.79 -34.96
C GLY C 107 25.51 -23.04 -34.35
N THR C 108 24.17 -23.11 -34.30
CA THR C 108 23.53 -24.33 -33.82
C THR C 108 23.85 -25.52 -34.71
N THR C 109 23.80 -25.32 -36.03
CA THR C 109 24.12 -26.37 -37.00
C THR C 109 25.44 -26.14 -37.70
N LEU C 110 25.72 -24.90 -38.14
CA LEU C 110 26.97 -24.52 -38.81
C LEU C 110 27.37 -25.48 -39.91
N ASP C 111 26.38 -26.11 -40.55
CA ASP C 111 26.62 -27.02 -41.67
C ASP C 111 25.59 -26.79 -42.77
N SER C 112 25.23 -25.52 -42.99
CA SER C 112 24.33 -25.04 -44.04
C SER C 112 22.89 -25.49 -43.83
N LYS C 113 22.58 -26.25 -42.77
CA LYS C 113 21.20 -26.66 -42.53
C LYS C 113 20.32 -25.46 -42.18
N THR C 114 20.80 -24.58 -41.32
CA THR C 114 20.10 -23.36 -40.94
C THR C 114 21.08 -22.20 -40.95
N GLN C 115 20.54 -20.99 -40.78
CA GLN C 115 21.38 -19.80 -40.71
C GLN C 115 22.34 -19.89 -39.53
N SER C 116 23.59 -19.51 -39.76
CA SER C 116 24.63 -19.66 -38.76
C SER C 116 25.69 -18.58 -38.95
N LEU C 117 26.29 -18.17 -37.84
CA LEU C 117 27.35 -17.17 -37.88
C LEU C 117 28.63 -17.76 -38.44
N LEU C 118 29.44 -16.91 -39.08
CA LEU C 118 30.74 -17.32 -39.58
C LEU C 118 31.69 -16.14 -39.52
N ILE C 119 32.82 -16.32 -38.86
CA ILE C 119 33.85 -15.29 -38.73
C ILE C 119 35.10 -15.80 -39.43
N VAL C 120 35.61 -14.99 -40.36
CA VAL C 120 36.86 -15.28 -41.07
C VAL C 120 37.78 -14.09 -40.89
N ASN C 121 39.00 -14.35 -40.44
CA ASN C 121 39.99 -13.30 -40.22
C ASN C 121 41.06 -13.40 -41.30
N ASN C 122 41.25 -12.31 -42.04
CA ASN C 122 42.23 -12.23 -43.10
C ASN C 122 43.15 -11.06 -42.85
N ALA C 123 44.37 -11.15 -43.40
CA ALA C 123 45.31 -10.04 -43.29
C ALA C 123 44.78 -8.80 -44.00
N THR C 124 44.06 -9.00 -45.12
CA THR C 124 43.51 -7.87 -45.85
C THR C 124 42.39 -7.18 -45.07
N ASN C 125 41.44 -7.96 -44.55
CA ASN C 125 40.27 -7.40 -43.88
C ASN C 125 39.62 -8.49 -43.04
N VAL C 126 38.49 -8.14 -42.42
CA VAL C 126 37.74 -9.04 -41.56
C VAL C 126 36.43 -9.37 -42.24
N VAL C 127 36.09 -10.66 -42.31
CA VAL C 127 34.92 -11.16 -43.02
C VAL C 127 33.95 -11.76 -42.01
N ILE C 128 32.70 -11.34 -42.08
CA ILE C 128 31.62 -11.91 -41.28
C ILE C 128 30.49 -12.28 -42.23
N LYS C 129 30.12 -13.56 -42.25
CA LYS C 129 29.08 -14.05 -43.14
C LYS C 129 28.08 -14.89 -42.37
N VAL C 130 26.83 -14.85 -42.81
CA VAL C 130 25.77 -15.71 -42.29
C VAL C 130 25.45 -16.84 -43.26
N CYS C 131 25.95 -16.75 -44.49
CA CYS C 131 25.60 -17.68 -45.57
C CYS C 131 25.74 -19.13 -45.12
N GLU C 132 24.69 -19.91 -45.37
CA GLU C 132 24.70 -21.33 -45.03
C GLU C 132 25.72 -22.06 -45.89
N PHE C 133 26.74 -22.62 -45.24
CA PHE C 133 27.87 -23.23 -45.93
C PHE C 133 28.10 -24.64 -45.41
N GLN C 134 28.52 -25.53 -46.31
CA GLN C 134 28.87 -26.90 -45.96
C GLN C 134 30.39 -27.00 -45.78
N PHE C 135 30.81 -27.53 -44.63
CA PHE C 135 32.21 -27.72 -44.33
C PHE C 135 32.43 -29.10 -43.72
N CYS C 136 33.59 -29.67 -43.99
CA CYS C 136 33.89 -31.04 -43.58
C CYS C 136 34.18 -31.11 -42.09
N ASN C 137 34.46 -32.32 -41.61
CA ASN C 137 34.76 -32.52 -40.19
C ASN C 137 36.03 -31.80 -39.78
N ASP C 138 37.04 -31.82 -40.64
CA ASP C 138 38.33 -31.17 -40.37
C ASP C 138 38.65 -30.26 -41.54
N PRO C 139 38.00 -29.10 -41.61
CA PRO C 139 38.22 -28.18 -42.74
C PRO C 139 39.53 -27.42 -42.57
N PHE C 140 40.42 -27.57 -43.55
CA PHE C 140 41.74 -26.95 -43.52
C PHE C 140 41.82 -25.82 -44.54
N LEU C 141 42.55 -24.77 -44.17
CA LEU C 141 42.77 -23.62 -45.03
C LEU C 141 44.17 -23.68 -45.60
N GLY C 142 44.27 -23.61 -46.93
CA GLY C 142 45.57 -23.68 -47.57
C GLY C 142 46.38 -22.41 -47.35
N VAL C 143 47.71 -22.58 -47.35
CA VAL C 143 48.61 -21.46 -47.15
C VAL C 143 49.24 -21.04 -48.47
N ASN C 165 21.67 -18.43 -47.68
CA ASN C 165 21.72 -17.01 -48.01
C ASN C 165 22.39 -16.21 -46.90
N CYS C 166 22.95 -15.07 -47.28
CA CYS C 166 23.62 -14.18 -46.33
C CYS C 166 22.63 -13.16 -45.80
N THR C 167 22.54 -13.07 -44.47
CA THR C 167 21.61 -12.13 -43.83
C THR C 167 22.31 -10.90 -43.25
N PHE C 168 23.54 -11.04 -42.77
CA PHE C 168 24.27 -9.91 -42.21
C PHE C 168 25.73 -10.00 -42.62
N GLU C 169 26.44 -8.88 -42.47
CA GLU C 169 27.83 -8.78 -42.89
C GLU C 169 28.48 -7.62 -42.16
N TYR C 170 29.81 -7.57 -42.24
CA TYR C 170 30.59 -6.49 -41.64
C TYR C 170 32.01 -6.57 -42.15
N VAL C 171 32.61 -5.41 -42.39
CA VAL C 171 34.00 -5.29 -42.82
C VAL C 171 34.66 -4.20 -41.98
N SER C 172 35.83 -4.50 -41.42
CA SER C 172 36.54 -3.54 -40.60
C SER C 172 37.78 -3.01 -41.32
N PHE C 186 55.90 -17.17 -29.02
CA PHE C 186 54.48 -16.89 -28.78
C PHE C 186 54.31 -15.53 -28.09
N LYS C 187 54.85 -14.48 -28.71
CA LYS C 187 54.82 -13.16 -28.08
C LYS C 187 53.41 -12.60 -28.03
N ASN C 188 52.67 -12.67 -29.15
CA ASN C 188 51.33 -12.13 -29.19
C ASN C 188 50.37 -12.96 -28.34
N LEU C 189 49.35 -12.29 -27.80
CA LEU C 189 48.29 -12.95 -27.05
C LEU C 189 47.01 -12.18 -27.33
N ARG C 190 46.26 -12.66 -28.32
CA ARG C 190 45.01 -11.99 -28.74
C ARG C 190 43.87 -12.56 -27.91
N GLU C 191 43.52 -11.86 -26.84
CA GLU C 191 42.42 -12.28 -26.00
C GLU C 191 41.09 -11.90 -26.62
N PHE C 192 40.05 -12.66 -26.26
CA PHE C 192 38.72 -12.45 -26.81
C PHE C 192 37.69 -12.85 -25.77
N VAL C 193 36.54 -12.17 -25.80
CA VAL C 193 35.39 -12.51 -24.99
C VAL C 193 34.18 -12.55 -25.92
N PHE C 194 33.50 -13.68 -25.99
CA PHE C 194 32.39 -13.90 -26.91
C PHE C 194 31.11 -14.03 -26.09
N LYS C 195 30.19 -13.10 -26.29
CA LYS C 195 28.93 -13.11 -25.56
C LYS C 195 27.87 -12.41 -26.38
N ASN C 196 26.64 -12.91 -26.32
CA ASN C 196 25.51 -12.34 -27.05
C ASN C 196 24.41 -11.96 -26.06
N ILE C 197 24.28 -10.68 -25.78
CA ILE C 197 23.25 -10.14 -24.90
C ILE C 197 22.34 -9.25 -25.73
N ASP C 198 21.04 -9.49 -25.65
CA ASP C 198 20.02 -8.76 -26.39
C ASP C 198 20.25 -8.83 -27.90
N GLY C 199 20.81 -9.93 -28.38
CA GLY C 199 21.02 -10.11 -29.81
C GLY C 199 22.22 -9.40 -30.38
N TYR C 200 23.00 -8.70 -29.56
CA TYR C 200 24.17 -7.98 -30.02
C TYR C 200 25.41 -8.80 -29.71
N PHE C 201 26.17 -9.14 -30.75
CA PHE C 201 27.41 -9.89 -30.57
C PHE C 201 28.54 -8.93 -30.23
N LYS C 202 28.99 -8.96 -28.98
CA LYS C 202 30.05 -8.08 -28.50
C LYS C 202 31.33 -8.90 -28.34
N ILE C 203 32.41 -8.43 -28.95
CA ILE C 203 33.72 -9.08 -28.86
C ILE C 203 34.69 -8.08 -28.24
N TYR C 204 35.28 -8.47 -27.11
CA TYR C 204 36.26 -7.65 -26.40
C TYR C 204 37.63 -8.29 -26.59
N SER C 205 38.63 -7.47 -26.90
CA SER C 205 39.95 -8.00 -27.20
C SER C 205 41.03 -7.20 -26.50
N LYS C 206 42.14 -7.86 -26.22
CA LYS C 206 43.34 -7.23 -25.71
C LYS C 206 44.54 -7.94 -26.32
N HIS C 207 45.61 -7.18 -26.55
CA HIS C 207 46.77 -7.67 -27.29
C HIS C 207 48.06 -7.35 -26.56
N THR C 208 48.12 -7.62 -25.27
CA THR C 208 49.34 -7.40 -24.52
C THR C 208 50.37 -8.48 -24.85
N PRO C 209 51.55 -8.11 -25.33
CA PRO C 209 52.59 -9.13 -25.58
C PRO C 209 53.03 -9.79 -24.29
N ILE C 210 53.42 -11.05 -24.42
CA ILE C 210 53.85 -11.86 -23.29
C ILE C 210 55.19 -12.50 -23.65
N ASN C 211 56.15 -12.43 -22.73
CA ASN C 211 57.48 -13.01 -22.94
C ASN C 211 57.57 -14.43 -22.37
N LEU C 212 57.16 -14.61 -21.11
CA LEU C 212 57.22 -15.93 -20.51
C LEU C 212 56.24 -16.88 -21.19
N VAL C 213 56.70 -18.09 -21.48
CA VAL C 213 55.97 -19.02 -22.32
C VAL C 213 55.30 -20.13 -21.52
N ARG C 214 55.39 -20.11 -20.19
CA ARG C 214 54.81 -21.19 -19.40
C ARG C 214 53.29 -21.23 -19.54
N ASP C 215 52.63 -20.11 -19.30
CA ASP C 215 51.17 -20.06 -19.32
C ASP C 215 50.73 -18.60 -19.20
N LEU C 216 49.43 -18.40 -19.05
CA LEU C 216 48.91 -17.06 -18.86
C LEU C 216 49.42 -16.50 -17.53
N PRO C 217 49.99 -15.30 -17.51
CA PRO C 217 50.66 -14.81 -16.31
C PRO C 217 49.67 -14.44 -15.21
N GLN C 218 50.23 -14.18 -14.03
CA GLN C 218 49.47 -13.66 -12.89
C GLN C 218 49.42 -12.14 -13.01
N GLY C 219 48.50 -11.63 -13.83
CA GLY C 219 48.40 -10.20 -14.05
C GLY C 219 46.98 -9.79 -14.36
N PHE C 220 46.72 -8.51 -14.17
CA PHE C 220 45.38 -7.94 -14.36
C PHE C 220 45.39 -7.09 -15.63
N SER C 221 44.43 -7.34 -16.51
CA SER C 221 44.27 -6.55 -17.72
C SER C 221 42.86 -6.72 -18.23
N ALA C 222 42.35 -5.68 -18.87
CA ALA C 222 40.99 -5.65 -19.39
C ALA C 222 41.00 -5.90 -20.90
N LEU C 223 39.82 -6.14 -21.45
CA LEU C 223 39.65 -6.42 -22.87
C LEU C 223 38.79 -5.32 -23.48
N GLU C 224 39.41 -4.46 -24.27
CA GLU C 224 38.72 -3.31 -24.83
C GLU C 224 37.63 -3.77 -25.80
N PRO C 225 36.44 -3.18 -25.74
CA PRO C 225 35.39 -3.51 -26.73
C PRO C 225 35.85 -3.16 -28.14
N LEU C 226 35.49 -4.02 -29.08
CA LEU C 226 35.85 -3.80 -30.49
C LEU C 226 34.64 -3.67 -31.40
N VAL C 227 33.73 -4.65 -31.38
CA VAL C 227 32.67 -4.73 -32.38
C VAL C 227 31.36 -5.10 -31.70
N ASP C 228 30.29 -4.43 -32.12
CA ASP C 228 28.95 -4.71 -31.63
C ASP C 228 28.00 -4.97 -32.79
N LEU C 229 28.40 -5.84 -33.70
CA LEU C 229 27.54 -6.15 -34.85
C LEU C 229 26.26 -6.84 -34.39
N PRO C 230 25.11 -6.47 -34.95
CA PRO C 230 23.86 -7.20 -34.67
C PRO C 230 23.84 -8.52 -35.43
N ILE C 231 23.48 -9.60 -34.72
CA ILE C 231 23.36 -10.92 -35.31
C ILE C 231 21.94 -11.47 -35.17
N GLY C 232 21.47 -11.65 -33.95
CA GLY C 232 20.14 -12.14 -33.69
C GLY C 232 19.98 -13.64 -33.82
N ILE C 233 21.02 -14.36 -34.24
CA ILE C 233 20.98 -15.81 -34.42
C ILE C 233 21.41 -16.45 -33.10
N ASN C 234 20.55 -17.29 -32.54
CA ASN C 234 20.89 -17.98 -31.30
C ASN C 234 22.07 -18.91 -31.54
N ILE C 235 23.02 -18.91 -30.61
CA ILE C 235 24.30 -19.58 -30.82
C ILE C 235 24.49 -20.60 -29.71
N THR C 236 24.64 -21.87 -30.08
CA THR C 236 24.78 -22.95 -29.11
C THR C 236 26.04 -23.78 -29.34
N ARG C 237 26.88 -23.41 -30.31
CA ARG C 237 28.09 -24.17 -30.58
C ARG C 237 29.18 -23.19 -31.02
N PHE C 238 30.39 -23.72 -31.19
CA PHE C 238 31.57 -22.89 -31.34
C PHE C 238 32.73 -23.74 -31.83
N GLN C 239 33.45 -23.23 -32.83
CA GLN C 239 34.55 -23.96 -33.44
C GLN C 239 35.65 -22.96 -33.79
N THR C 240 36.89 -23.43 -33.81
CA THR C 240 38.05 -22.61 -34.10
C THR C 240 38.68 -23.01 -35.42
N LEU C 241 39.03 -22.02 -36.23
CA LEU C 241 39.70 -22.26 -37.50
C LEU C 241 41.21 -22.21 -37.33
N LEU C 242 41.92 -22.96 -38.17
CA LEU C 242 43.37 -23.05 -38.10
C LEU C 242 43.96 -22.75 -39.48
N ALA C 243 45.26 -22.93 -39.61
CA ALA C 243 45.97 -22.77 -40.87
C ALA C 243 46.84 -23.99 -41.11
N LEU C 244 46.75 -24.57 -42.30
CA LEU C 244 47.51 -25.75 -42.67
C LEU C 244 48.28 -25.48 -43.95
N HIS C 245 49.54 -25.91 -43.97
CA HIS C 245 50.40 -25.72 -45.14
C HIS C 245 50.21 -26.85 -46.14
N ALA C 263 51.08 -23.98 -31.34
CA ALA C 263 49.75 -23.60 -31.77
C ALA C 263 48.71 -24.04 -30.76
N ALA C 264 48.79 -23.49 -29.55
CA ALA C 264 47.86 -23.82 -28.48
C ALA C 264 46.93 -22.64 -28.21
N TYR C 265 45.65 -22.94 -28.04
CA TYR C 265 44.65 -21.94 -27.69
C TYR C 265 43.89 -22.39 -26.46
N TYR C 266 43.44 -21.42 -25.66
CA TYR C 266 42.83 -21.68 -24.37
C TYR C 266 41.37 -21.25 -24.39
N VAL C 267 40.54 -21.97 -23.65
CA VAL C 267 39.10 -21.70 -23.59
C VAL C 267 38.64 -21.80 -22.14
N GLY C 268 38.03 -20.73 -21.64
CA GLY C 268 37.43 -20.75 -20.32
C GLY C 268 35.99 -20.30 -20.37
N TYR C 269 35.07 -21.12 -19.88
CA TYR C 269 33.65 -20.87 -20.03
C TYR C 269 33.21 -19.86 -18.97
N LEU C 270 32.63 -18.75 -19.41
CA LEU C 270 32.18 -17.72 -18.49
C LEU C 270 30.92 -18.16 -17.75
N GLN C 271 30.86 -17.81 -16.47
CA GLN C 271 29.76 -18.10 -15.58
C GLN C 271 29.25 -16.79 -14.97
N PRO C 272 27.93 -16.61 -14.86
CA PRO C 272 27.42 -15.35 -14.31
C PRO C 272 27.83 -15.18 -12.85
N ARG C 273 28.72 -14.22 -12.61
CA ARG C 273 29.29 -13.98 -11.30
C ARG C 273 29.32 -12.48 -11.07
N THR C 274 29.72 -12.09 -9.86
CA THR C 274 29.83 -10.68 -9.49
C THR C 274 31.29 -10.36 -9.21
N PHE C 275 31.78 -9.26 -9.81
CA PHE C 275 33.13 -8.77 -9.57
C PHE C 275 33.08 -7.36 -9.04
N LEU C 276 34.01 -7.05 -8.13
CA LEU C 276 34.22 -5.68 -7.65
C LEU C 276 35.32 -5.06 -8.52
N LEU C 277 34.90 -4.52 -9.66
CA LEU C 277 35.84 -3.96 -10.61
C LEU C 277 36.43 -2.67 -10.08
N LYS C 278 37.76 -2.56 -10.15
CA LYS C 278 38.47 -1.37 -9.65
C LYS C 278 38.85 -0.51 -10.84
N TYR C 279 38.12 0.60 -11.03
CA TYR C 279 38.43 1.55 -12.08
C TYR C 279 39.53 2.49 -11.60
N ASN C 280 40.45 2.80 -12.51
CA ASN C 280 41.54 3.71 -12.20
C ASN C 280 41.06 5.16 -12.30
N GLU C 281 41.96 6.09 -11.94
CA GLU C 281 41.63 7.50 -12.07
C GLU C 281 41.56 7.94 -13.54
N ASN C 282 41.99 7.10 -14.46
CA ASN C 282 41.76 7.31 -15.88
C ASN C 282 40.62 6.46 -16.43
N GLY C 283 40.02 5.60 -15.61
CA GLY C 283 38.90 4.79 -16.04
C GLY C 283 39.25 3.43 -16.60
N THR C 284 40.46 2.93 -16.35
CA THR C 284 40.88 1.62 -16.83
C THR C 284 40.90 0.62 -15.68
N ILE C 285 40.38 -0.57 -15.93
CA ILE C 285 40.32 -1.60 -14.89
C ILE C 285 41.74 -2.07 -14.59
N THR C 286 42.18 -1.88 -13.35
CA THR C 286 43.52 -2.27 -12.94
C THR C 286 43.56 -3.52 -12.06
N ASP C 287 42.43 -3.91 -11.47
CA ASP C 287 42.37 -5.08 -10.61
C ASP C 287 40.91 -5.39 -10.35
N ALA C 288 40.66 -6.63 -9.90
CA ALA C 288 39.31 -7.07 -9.60
C ALA C 288 39.37 -8.16 -8.54
N VAL C 289 38.26 -8.32 -7.82
CA VAL C 289 38.14 -9.34 -6.79
C VAL C 289 36.77 -10.01 -6.92
N ASP C 290 36.77 -11.34 -6.84
CA ASP C 290 35.53 -12.11 -6.96
C ASP C 290 34.63 -11.86 -5.75
N CYS C 291 33.36 -12.20 -5.91
CA CYS C 291 32.38 -12.08 -4.83
C CYS C 291 32.02 -13.39 -4.18
N ALA C 292 32.43 -14.53 -4.77
CA ALA C 292 32.14 -15.82 -4.16
C ALA C 292 33.27 -16.83 -4.34
N LEU C 293 34.49 -16.36 -4.61
CA LEU C 293 35.60 -17.29 -4.78
C LEU C 293 36.07 -17.86 -3.45
N ASP C 294 36.16 -17.01 -2.43
CA ASP C 294 36.61 -17.44 -1.11
C ASP C 294 36.08 -16.43 -0.09
N PRO C 295 36.08 -16.79 1.19
CA PRO C 295 35.49 -15.86 2.19
C PRO C 295 36.10 -14.47 2.17
N LEU C 296 37.40 -14.35 1.93
CA LEU C 296 38.00 -13.02 1.86
C LEU C 296 37.44 -12.22 0.70
N SER C 297 37.24 -12.86 -0.45
CA SER C 297 36.71 -12.14 -1.61
C SER C 297 35.25 -11.77 -1.41
N GLU C 298 34.47 -12.64 -0.77
CA GLU C 298 33.09 -12.29 -0.43
C GLU C 298 33.05 -11.10 0.52
N THR C 299 33.95 -11.09 1.50
CA THR C 299 34.03 -9.95 2.43
C THR C 299 34.41 -8.67 1.69
N LYS C 300 35.37 -8.75 0.77
CA LYS C 300 35.77 -7.59 0.00
C LYS C 300 34.61 -7.06 -0.84
N CYS C 301 33.85 -7.97 -1.46
CA CYS C 301 32.69 -7.55 -2.22
C CYS C 301 31.63 -6.90 -1.33
N THR C 302 31.41 -7.46 -0.14
CA THR C 302 30.42 -6.89 0.77
C THR C 302 30.83 -5.50 1.24
N LEU C 303 32.11 -5.31 1.59
CA LEU C 303 32.57 -4.03 2.11
C LEU C 303 32.85 -3.01 1.01
N LYS C 304 32.81 -3.41 -0.26
CA LYS C 304 33.05 -2.51 -1.38
C LYS C 304 34.42 -1.83 -1.30
N SER C 305 35.40 -2.51 -0.70
CA SER C 305 36.73 -1.96 -0.56
C SER C 305 37.78 -3.04 -0.78
N PHE C 306 38.80 -2.72 -1.57
CA PHE C 306 39.87 -3.68 -1.83
C PHE C 306 40.67 -4.03 -0.59
N THR C 307 40.79 -3.10 0.36
CA THR C 307 41.50 -3.34 1.61
C THR C 307 40.47 -3.53 2.72
N VAL C 308 40.53 -4.69 3.37
CA VAL C 308 39.57 -5.07 4.40
C VAL C 308 40.28 -4.98 5.75
N GLU C 309 39.72 -4.18 6.65
CA GLU C 309 40.30 -4.03 7.98
C GLU C 309 40.12 -5.31 8.79
N LYS C 310 41.00 -5.49 9.78
CA LYS C 310 40.91 -6.65 10.64
C LYS C 310 39.61 -6.60 11.45
N GLY C 311 38.87 -7.69 11.42
CA GLY C 311 37.62 -7.77 12.16
C GLY C 311 36.79 -8.95 11.70
N ILE C 312 35.51 -8.89 12.08
CA ILE C 312 34.53 -9.91 11.75
C ILE C 312 33.41 -9.25 10.97
N TYR C 313 33.13 -9.76 9.77
CA TYR C 313 32.21 -9.11 8.84
C TYR C 313 31.18 -10.12 8.37
N GLN C 314 29.91 -9.78 8.52
CA GLN C 314 28.83 -10.65 8.03
C GLN C 314 28.70 -10.47 6.52
N THR C 315 28.66 -11.59 5.79
CA THR C 315 28.66 -11.57 4.33
C THR C 315 27.36 -12.08 3.72
N SER C 316 26.83 -13.20 4.22
CA SER C 316 25.63 -13.79 3.65
C SER C 316 24.87 -14.49 4.78
N ASN C 317 23.94 -15.35 4.41
CA ASN C 317 23.15 -16.11 5.38
C ASN C 317 23.12 -17.58 4.98
N PHE C 318 23.54 -18.44 5.90
CA PHE C 318 23.43 -19.88 5.69
C PHE C 318 21.97 -20.32 5.77
N ARG C 319 21.65 -21.36 5.00
CA ARG C 319 20.29 -21.91 5.00
C ARG C 319 20.37 -23.36 4.57
N VAL C 320 19.65 -24.22 5.29
CA VAL C 320 19.65 -25.65 5.01
C VAL C 320 18.41 -25.97 4.17
N GLN C 321 18.64 -26.35 2.91
CA GLN C 321 17.54 -26.71 2.04
C GLN C 321 16.94 -28.06 2.46
N PRO C 322 15.66 -28.28 2.21
CA PRO C 322 15.06 -29.58 2.53
C PRO C 322 15.70 -30.70 1.72
N THR C 323 16.24 -31.69 2.42
CA THR C 323 16.96 -32.77 1.75
C THR C 323 16.00 -33.68 0.98
N GLU C 324 14.81 -33.92 1.51
CA GLU C 324 13.84 -34.80 0.84
C GLU C 324 12.45 -34.31 1.19
N SER C 325 11.45 -35.16 0.90
CA SER C 325 10.06 -34.86 1.22
C SER C 325 9.42 -36.06 1.90
N ILE C 326 8.55 -35.79 2.86
CA ILE C 326 7.78 -36.83 3.54
C ILE C 326 6.33 -36.37 3.63
N VAL C 327 5.41 -37.25 3.25
CA VAL C 327 3.98 -36.97 3.27
C VAL C 327 3.28 -38.16 3.91
N ARG C 328 2.38 -37.89 4.87
CA ARG C 328 1.65 -38.95 5.55
C ARG C 328 0.20 -38.54 5.70
N PHE C 329 -0.69 -39.54 5.60
CA PHE C 329 -2.13 -39.36 5.70
C PHE C 329 -2.71 -40.50 6.53
N PRO C 330 -3.92 -40.36 7.08
CA PRO C 330 -4.48 -41.45 7.89
C PRO C 330 -4.57 -42.75 7.11
N ASN C 331 -4.23 -43.84 7.79
CA ASN C 331 -4.16 -45.15 7.15
C ASN C 331 -5.52 -45.84 7.21
N ILE C 332 -5.91 -46.46 6.09
CA ILE C 332 -7.15 -47.22 5.91
C ILE C 332 -8.32 -46.48 6.56
N THR C 333 -8.58 -45.26 6.07
CA THR C 333 -9.63 -44.42 6.66
C THR C 333 -10.98 -45.11 6.60
N ASN C 334 -11.35 -45.65 5.43
CA ASN C 334 -12.61 -46.35 5.28
C ASN C 334 -12.51 -47.29 4.08
N LEU C 335 -13.43 -48.25 4.01
CA LEU C 335 -13.46 -49.23 2.95
C LEU C 335 -14.84 -49.24 2.31
N CYS C 336 -14.91 -48.85 1.04
CA CYS C 336 -16.13 -49.06 0.28
C CYS C 336 -16.29 -50.55 -0.02
N PRO C 337 -17.53 -51.03 -0.21
CA PRO C 337 -17.70 -52.45 -0.54
C PRO C 337 -16.93 -52.86 -1.79
N PHE C 338 -17.25 -52.26 -2.94
CA PHE C 338 -16.50 -52.48 -4.18
C PHE C 338 -16.34 -53.95 -4.51
N GLY C 339 -15.12 -54.47 -4.37
CA GLY C 339 -14.86 -55.87 -4.67
C GLY C 339 -15.58 -56.84 -3.76
N GLU C 340 -16.03 -56.38 -2.59
CA GLU C 340 -16.86 -57.23 -1.74
C GLU C 340 -18.20 -57.52 -2.42
N VAL C 341 -18.73 -56.54 -3.17
CA VAL C 341 -19.91 -56.79 -3.98
C VAL C 341 -19.61 -57.80 -5.07
N PHE C 342 -18.39 -57.75 -5.62
CA PHE C 342 -17.95 -58.78 -6.56
C PHE C 342 -17.89 -60.15 -5.87
N ASN C 343 -17.65 -60.14 -4.57
CA ASN C 343 -17.57 -61.35 -3.76
C ASN C 343 -18.91 -61.74 -3.14
N ALA C 344 -19.99 -61.03 -3.49
CA ALA C 344 -21.29 -61.31 -2.89
C ALA C 344 -21.79 -62.69 -3.31
N THR C 345 -22.69 -63.25 -2.49
CA THR C 345 -23.18 -64.60 -2.75
C THR C 345 -24.06 -64.64 -4.00
N ARG C 346 -25.01 -63.72 -4.11
CA ARG C 346 -25.97 -63.72 -5.21
C ARG C 346 -25.67 -62.59 -6.17
N PHE C 347 -25.71 -62.90 -7.46
CA PHE C 347 -25.50 -61.92 -8.53
C PHE C 347 -26.79 -61.77 -9.32
N ALA C 348 -27.20 -60.52 -9.54
CA ALA C 348 -28.43 -60.26 -10.27
C ALA C 348 -28.24 -60.57 -11.76
N SER C 349 -29.38 -60.68 -12.46
CA SER C 349 -29.36 -60.88 -13.89
C SER C 349 -29.28 -59.52 -14.61
N VAL C 350 -29.05 -59.58 -15.92
CA VAL C 350 -28.98 -58.35 -16.70
C VAL C 350 -30.35 -57.69 -16.79
N TYR C 351 -31.42 -58.48 -16.90
CA TYR C 351 -32.77 -57.92 -16.91
C TYR C 351 -33.15 -57.39 -15.53
N ALA C 352 -32.65 -58.02 -14.48
CA ALA C 352 -32.96 -57.63 -13.09
C ALA C 352 -31.75 -57.01 -12.41
N TRP C 353 -30.98 -56.20 -13.13
CA TRP C 353 -29.81 -55.56 -12.55
C TRP C 353 -30.22 -54.62 -11.43
N ASN C 354 -29.47 -54.67 -10.33
CA ASN C 354 -29.77 -53.89 -9.13
C ASN C 354 -28.68 -52.86 -8.89
N ARG C 355 -29.07 -51.74 -8.31
CA ARG C 355 -28.18 -50.61 -8.09
C ARG C 355 -27.81 -50.52 -6.61
N LYS C 356 -26.51 -50.49 -6.33
CA LYS C 356 -25.99 -50.39 -4.97
C LYS C 356 -25.34 -49.02 -4.80
N ARG C 357 -25.69 -48.33 -3.71
CA ARG C 357 -25.21 -46.98 -3.45
C ARG C 357 -23.89 -47.07 -2.68
N ILE C 358 -22.78 -46.87 -3.40
CA ILE C 358 -21.45 -46.82 -2.78
C ILE C 358 -21.22 -45.37 -2.37
N SER C 359 -21.65 -45.03 -1.17
CA SER C 359 -21.53 -43.67 -0.65
C SER C 359 -20.85 -43.70 0.71
N ASN C 360 -20.42 -42.52 1.16
CA ASN C 360 -19.78 -42.29 2.46
C ASN C 360 -18.81 -43.42 2.83
N CYS C 361 -17.78 -43.58 1.99
CA CYS C 361 -16.71 -44.53 2.26
C CYS C 361 -15.53 -44.19 1.38
N VAL C 362 -14.34 -44.54 1.84
CA VAL C 362 -13.13 -44.39 1.06
C VAL C 362 -12.99 -45.58 0.12
N ALA C 363 -12.94 -45.32 -1.18
CA ALA C 363 -12.92 -46.35 -2.20
C ALA C 363 -11.51 -46.52 -2.74
N ASP C 364 -11.07 -47.76 -2.86
CA ASP C 364 -9.76 -48.10 -3.40
C ASP C 364 -9.93 -48.62 -4.82
N TYR C 365 -9.25 -47.97 -5.78
CA TYR C 365 -9.36 -48.34 -7.18
C TYR C 365 -8.09 -48.96 -7.76
N SER C 366 -6.94 -48.78 -7.11
CA SER C 366 -5.68 -49.26 -7.67
C SER C 366 -5.65 -50.78 -7.71
N VAL C 367 -6.04 -51.45 -6.62
CA VAL C 367 -5.97 -52.89 -6.56
C VAL C 367 -7.01 -53.56 -7.46
N LEU C 368 -8.03 -52.82 -7.89
CA LEU C 368 -9.08 -53.42 -8.70
C LEU C 368 -8.55 -53.85 -10.07
N TYR C 369 -7.85 -52.96 -10.77
CA TYR C 369 -7.33 -53.31 -12.08
C TYR C 369 -6.09 -54.20 -12.01
N ASN C 370 -5.45 -54.29 -10.84
CA ASN C 370 -4.32 -55.19 -10.69
C ASN C 370 -4.76 -56.64 -10.65
N SER C 371 -6.02 -56.90 -10.29
CA SER C 371 -6.53 -58.26 -10.24
C SER C 371 -6.53 -58.88 -11.64
N ALA C 372 -6.01 -60.11 -11.72
CA ALA C 372 -5.92 -60.83 -12.98
C ALA C 372 -7.14 -61.70 -13.27
N SER C 373 -8.08 -61.80 -12.33
CA SER C 373 -9.28 -62.61 -12.54
C SER C 373 -10.28 -61.95 -13.49
N PHE C 374 -10.06 -60.70 -13.87
CA PHE C 374 -10.96 -59.96 -14.73
C PHE C 374 -10.50 -60.06 -16.17
N SER C 375 -11.42 -60.42 -17.07
CA SER C 375 -11.10 -60.57 -18.48
C SER C 375 -11.34 -59.28 -19.27
N THR C 376 -12.27 -58.44 -18.81
CA THR C 376 -12.63 -57.21 -19.50
C THR C 376 -12.53 -56.04 -18.53
N PHE C 377 -11.79 -55.00 -18.90
CA PHE C 377 -11.62 -53.82 -18.08
C PHE C 377 -11.66 -52.59 -18.98
N LYS C 378 -12.68 -51.76 -18.80
CA LYS C 378 -12.84 -50.55 -19.61
C LYS C 378 -13.36 -49.44 -18.73
N CYS C 379 -12.79 -48.24 -18.89
CA CYS C 379 -13.19 -47.06 -18.14
C CYS C 379 -13.47 -45.92 -19.10
N TYR C 380 -14.62 -45.27 -18.94
CA TYR C 380 -15.04 -44.17 -19.80
C TYR C 380 -15.08 -42.88 -19.00
N GLY C 381 -14.39 -41.86 -19.49
CA GLY C 381 -14.45 -40.54 -18.90
C GLY C 381 -13.47 -40.26 -17.78
N VAL C 382 -12.70 -41.25 -17.33
CA VAL C 382 -11.75 -41.05 -16.26
C VAL C 382 -10.63 -42.08 -16.40
N SER C 383 -9.42 -41.66 -16.05
CA SER C 383 -8.25 -42.54 -16.10
C SER C 383 -8.19 -43.40 -14.84
N PRO C 384 -7.59 -44.60 -14.92
CA PRO C 384 -7.55 -45.50 -13.76
C PRO C 384 -6.84 -44.91 -12.54
N THR C 385 -5.59 -44.49 -12.71
CA THR C 385 -4.80 -44.05 -11.56
C THR C 385 -5.38 -42.77 -10.94
N LYS C 386 -5.85 -41.84 -11.78
CA LYS C 386 -6.32 -40.57 -11.26
C LYS C 386 -7.58 -40.72 -10.42
N LEU C 387 -8.28 -41.85 -10.56
CA LEU C 387 -9.45 -42.08 -9.71
C LEU C 387 -9.08 -42.12 -8.24
N ASN C 388 -7.88 -42.62 -7.92
CA ASN C 388 -7.44 -42.68 -6.53
C ASN C 388 -7.19 -41.29 -5.96
N ASP C 389 -6.73 -40.37 -6.78
CA ASP C 389 -6.39 -39.04 -6.31
C ASP C 389 -7.56 -38.06 -6.41
N LEU C 390 -8.70 -38.48 -6.95
CA LEU C 390 -9.86 -37.61 -7.11
C LEU C 390 -10.97 -38.06 -6.18
N CYS C 391 -11.75 -37.10 -5.68
CA CYS C 391 -12.90 -37.37 -4.80
C CYS C 391 -14.19 -37.12 -5.55
N PHE C 392 -15.15 -38.03 -5.35
CA PHE C 392 -16.37 -38.08 -6.16
C PHE C 392 -17.54 -38.23 -5.19
N THR C 393 -18.53 -37.34 -5.29
CA THR C 393 -19.59 -37.28 -4.27
C THR C 393 -20.39 -38.57 -4.20
N ASN C 394 -20.77 -39.13 -5.35
CA ASN C 394 -21.65 -40.29 -5.37
C ASN C 394 -21.05 -41.37 -6.26
N VAL C 395 -21.04 -42.60 -5.75
CA VAL C 395 -20.55 -43.76 -6.48
C VAL C 395 -21.62 -44.84 -6.44
N TYR C 396 -21.76 -45.56 -7.55
CA TYR C 396 -22.74 -46.62 -7.68
C TYR C 396 -22.04 -47.91 -8.11
N ALA C 397 -22.68 -49.04 -7.84
CA ALA C 397 -22.20 -50.35 -8.25
C ALA C 397 -23.39 -51.21 -8.63
N ASP C 398 -23.59 -51.39 -9.94
CA ASP C 398 -24.73 -52.16 -10.45
C ASP C 398 -24.20 -53.53 -10.90
N SER C 399 -24.72 -54.59 -10.29
CA SER C 399 -24.27 -55.94 -10.57
C SER C 399 -25.29 -56.68 -11.43
N PHE C 400 -24.81 -57.35 -12.48
CA PHE C 400 -25.67 -58.10 -13.38
C PHE C 400 -24.82 -59.16 -14.08
N VAL C 401 -25.51 -60.08 -14.75
CA VAL C 401 -24.88 -61.23 -15.41
C VAL C 401 -25.36 -61.31 -16.85
N ILE C 402 -24.42 -61.44 -17.78
CA ILE C 402 -24.71 -61.57 -19.20
C ILE C 402 -23.96 -62.78 -19.75
N ARG C 403 -24.02 -62.98 -21.07
CA ARG C 403 -23.24 -64.03 -21.70
C ARG C 403 -21.99 -63.43 -22.35
N GLY C 404 -21.25 -64.27 -23.07
CA GLY C 404 -19.91 -63.87 -23.50
C GLY C 404 -19.89 -62.72 -24.49
N ASP C 405 -20.74 -62.78 -25.52
CA ASP C 405 -20.64 -61.80 -26.61
C ASP C 405 -21.23 -60.45 -26.22
N GLU C 406 -22.10 -60.43 -25.22
CA GLU C 406 -22.76 -59.18 -24.82
C GLU C 406 -21.87 -58.28 -23.98
N VAL C 407 -20.60 -58.66 -23.75
CA VAL C 407 -19.71 -57.86 -22.92
C VAL C 407 -19.49 -56.49 -23.55
N ARG C 408 -19.28 -56.45 -24.87
CA ARG C 408 -19.05 -55.19 -25.56
C ARG C 408 -20.27 -54.27 -25.49
N GLN C 409 -21.46 -54.81 -25.26
CA GLN C 409 -22.67 -54.01 -25.35
C GLN C 409 -22.81 -53.00 -24.22
N ILE C 410 -22.11 -53.21 -23.11
CA ILE C 410 -22.16 -52.26 -21.98
C ILE C 410 -21.09 -51.21 -22.28
N ALA C 411 -21.47 -50.22 -23.08
CA ALA C 411 -20.57 -49.15 -23.52
C ALA C 411 -21.37 -48.06 -24.19
N PRO C 412 -20.95 -46.80 -24.10
CA PRO C 412 -21.65 -45.73 -24.82
C PRO C 412 -21.62 -45.94 -26.31
N GLY C 413 -22.74 -45.62 -26.97
CA GLY C 413 -22.82 -45.76 -28.41
C GLY C 413 -22.91 -47.18 -28.92
N GLN C 414 -23.33 -48.12 -28.08
CA GLN C 414 -23.44 -49.52 -28.46
C GLN C 414 -24.88 -49.86 -28.83
N THR C 415 -25.03 -50.84 -29.71
CA THR C 415 -26.33 -51.31 -30.16
C THR C 415 -26.45 -52.80 -29.92
N GLY C 416 -27.64 -53.24 -29.53
CA GLY C 416 -27.89 -54.64 -29.27
C GLY C 416 -29.08 -54.80 -28.36
N LYS C 417 -29.45 -56.08 -28.15
CA LYS C 417 -30.60 -56.38 -27.30
C LYS C 417 -30.35 -55.96 -25.86
N ILE C 418 -29.16 -56.23 -25.33
CA ILE C 418 -28.86 -55.88 -23.94
C ILE C 418 -28.74 -54.38 -23.79
N ALA C 419 -28.01 -53.73 -24.70
CA ALA C 419 -27.72 -52.30 -24.56
C ALA C 419 -28.95 -51.43 -24.82
N ASP C 420 -29.98 -51.95 -25.48
CA ASP C 420 -31.14 -51.16 -25.82
C ASP C 420 -32.39 -51.53 -25.01
N TYR C 421 -32.42 -52.70 -24.39
CA TYR C 421 -33.61 -53.14 -23.67
C TYR C 421 -33.34 -53.64 -22.26
N ASN C 422 -32.09 -53.87 -21.88
CA ASN C 422 -31.77 -54.40 -20.55
C ASN C 422 -30.97 -53.42 -19.71
N TYR C 423 -29.92 -52.83 -20.26
CA TYR C 423 -29.08 -51.88 -19.52
C TYR C 423 -28.44 -50.94 -20.52
N LYS C 424 -28.82 -49.67 -20.48
CA LYS C 424 -28.35 -48.66 -21.43
C LYS C 424 -27.39 -47.71 -20.73
N LEU C 425 -26.26 -47.45 -21.39
CA LEU C 425 -25.28 -46.48 -20.89
C LEU C 425 -25.39 -45.17 -21.66
N PRO C 426 -25.22 -44.04 -20.98
CA PRO C 426 -25.31 -42.75 -21.68
C PRO C 426 -24.11 -42.52 -22.58
N ASP C 427 -24.29 -41.58 -23.52
CA ASP C 427 -23.19 -41.19 -24.40
C ASP C 427 -22.05 -40.57 -23.61
N ASP C 428 -22.39 -39.80 -22.57
CA ASP C 428 -21.40 -39.16 -21.70
C ASP C 428 -21.15 -39.94 -20.42
N PHE C 429 -21.17 -41.27 -20.48
CA PHE C 429 -20.98 -42.08 -19.29
C PHE C 429 -19.61 -41.80 -18.66
N THR C 430 -19.61 -41.57 -17.36
CA THR C 430 -18.40 -41.35 -16.59
C THR C 430 -18.30 -42.42 -15.53
N GLY C 431 -17.30 -43.28 -15.64
CA GLY C 431 -17.14 -44.38 -14.70
C GLY C 431 -16.30 -45.49 -15.31
N CYS C 432 -16.53 -46.71 -14.83
CA CYS C 432 -15.82 -47.88 -15.31
C CYS C 432 -16.79 -49.05 -15.41
N VAL C 433 -16.49 -49.95 -16.34
CA VAL C 433 -17.24 -51.18 -16.55
C VAL C 433 -16.27 -52.35 -16.40
N ILE C 434 -16.58 -53.27 -15.49
CA ILE C 434 -15.74 -54.41 -15.20
C ILE C 434 -16.51 -55.69 -15.53
N ALA C 435 -15.87 -56.60 -16.26
CA ALA C 435 -16.48 -57.86 -16.63
C ALA C 435 -15.45 -58.97 -16.51
N TRP C 436 -15.91 -60.17 -16.14
CA TRP C 436 -15.02 -61.30 -15.99
C TRP C 436 -15.80 -62.59 -16.22
N ASN C 437 -15.06 -63.66 -16.53
CA ASN C 437 -15.67 -64.96 -16.75
C ASN C 437 -16.25 -65.50 -15.45
N SER C 438 -17.44 -66.09 -15.55
CA SER C 438 -18.14 -66.62 -14.38
C SER C 438 -18.75 -67.98 -14.69
N ASN C 439 -18.05 -68.78 -15.50
CA ASN C 439 -18.55 -70.11 -15.84
C ASN C 439 -18.52 -71.04 -14.64
N ASN C 440 -17.53 -70.89 -13.77
CA ASN C 440 -17.34 -71.82 -12.67
C ASN C 440 -18.41 -71.71 -11.59
N LEU C 441 -19.20 -70.63 -11.57
CA LEU C 441 -20.22 -70.45 -10.55
C LEU C 441 -21.61 -70.21 -11.11
N ASP C 442 -21.73 -69.59 -12.28
CA ASP C 442 -23.03 -69.25 -12.85
C ASP C 442 -23.50 -70.24 -13.91
N SER C 443 -22.79 -71.35 -14.10
CA SER C 443 -23.17 -72.36 -15.07
C SER C 443 -23.38 -73.70 -14.37
N LYS C 444 -24.41 -74.42 -14.79
CA LYS C 444 -24.76 -75.71 -14.22
C LYS C 444 -24.89 -76.73 -15.35
N VAL C 445 -24.45 -77.96 -15.08
CA VAL C 445 -24.55 -79.02 -16.08
C VAL C 445 -26.00 -79.26 -16.44
N GLY C 446 -26.28 -79.35 -17.73
CA GLY C 446 -27.63 -79.53 -18.23
C GLY C 446 -28.37 -78.24 -18.52
N GLY C 447 -27.82 -77.09 -18.14
CA GLY C 447 -28.46 -75.81 -18.41
C GLY C 447 -28.96 -75.10 -17.17
N ASN C 448 -28.44 -73.91 -16.91
CA ASN C 448 -28.88 -73.07 -15.81
C ASN C 448 -29.68 -71.91 -16.38
N TYR C 449 -30.94 -71.80 -15.98
CA TYR C 449 -31.86 -70.81 -16.52
C TYR C 449 -32.30 -69.79 -15.47
N ASN C 450 -31.43 -69.49 -14.52
CA ASN C 450 -31.73 -68.50 -13.49
C ASN C 450 -31.49 -67.07 -13.94
N TYR C 451 -30.79 -66.86 -15.05
CA TYR C 451 -30.50 -65.54 -15.57
C TYR C 451 -31.32 -65.30 -16.82
N LEU C 452 -32.04 -64.18 -16.86
CA LEU C 452 -32.94 -63.86 -17.96
C LEU C 452 -32.55 -62.52 -18.58
N TYR C 453 -33.13 -62.24 -19.74
CA TYR C 453 -32.89 -60.99 -20.46
C TYR C 453 -34.14 -60.65 -21.27
N ARG C 454 -34.22 -59.38 -21.68
CA ARG C 454 -35.37 -58.89 -22.42
C ARG C 454 -35.06 -58.87 -23.91
N LEU C 455 -35.97 -59.43 -24.71
CA LEU C 455 -35.82 -59.44 -26.16
C LEU C 455 -36.52 -58.27 -26.83
N PHE C 456 -37.71 -57.90 -26.37
CA PHE C 456 -38.51 -56.87 -27.00
C PHE C 456 -38.88 -55.78 -26.01
N ARG C 457 -38.83 -54.54 -26.48
CA ARG C 457 -39.28 -53.39 -25.71
C ARG C 457 -39.79 -52.34 -26.68
N LYS C 458 -40.87 -51.65 -26.29
CA LYS C 458 -41.50 -50.68 -27.19
C LYS C 458 -40.55 -49.54 -27.53
N SER C 459 -39.82 -49.03 -26.55
CA SER C 459 -38.88 -47.94 -26.75
C SER C 459 -37.52 -48.33 -26.17
N ASN C 460 -36.47 -47.71 -26.71
CA ASN C 460 -35.13 -47.97 -26.21
C ASN C 460 -34.99 -47.48 -24.78
N LEU C 461 -34.29 -48.27 -23.96
CA LEU C 461 -34.09 -47.92 -22.56
C LEU C 461 -33.30 -46.62 -22.44
N LYS C 462 -33.77 -45.73 -21.58
CA LYS C 462 -32.99 -44.54 -21.25
C LYS C 462 -31.76 -44.95 -20.44
N PRO C 463 -30.69 -44.15 -20.48
CA PRO C 463 -29.51 -44.47 -19.67
C PRO C 463 -29.85 -44.59 -18.19
N PHE C 464 -29.30 -45.63 -17.56
CA PHE C 464 -29.54 -45.91 -16.14
C PHE C 464 -31.03 -46.07 -15.84
N GLU C 465 -31.69 -46.94 -16.59
CA GLU C 465 -33.10 -47.26 -16.39
C GLU C 465 -33.27 -48.76 -16.24
N ARG C 466 -34.28 -49.16 -15.46
CA ARG C 466 -34.55 -50.54 -15.15
C ARG C 466 -35.96 -50.90 -15.57
N ASP C 467 -36.13 -52.09 -16.15
CA ASP C 467 -37.43 -52.57 -16.62
C ASP C 467 -37.71 -53.93 -15.98
N ILE C 468 -38.64 -53.97 -15.03
CA ILE C 468 -39.09 -55.22 -14.43
C ILE C 468 -40.58 -55.36 -14.67
N SER C 469 -41.06 -54.80 -15.79
CA SER C 469 -42.48 -54.82 -16.08
C SER C 469 -42.99 -56.25 -16.30
N THR C 470 -42.19 -57.07 -16.99
CA THR C 470 -42.51 -58.47 -17.34
C THR C 470 -43.99 -58.63 -17.71
N GLU C 471 -44.44 -57.78 -18.63
CA GLU C 471 -45.80 -57.81 -19.15
C GLU C 471 -45.80 -58.42 -20.55
N ILE C 472 -46.98 -58.87 -20.97
CA ILE C 472 -47.12 -59.53 -22.27
C ILE C 472 -46.91 -58.47 -23.36
N TYR C 473 -45.76 -58.53 -24.03
CA TYR C 473 -45.43 -57.53 -25.04
C TYR C 473 -46.21 -57.80 -26.32
N GLN C 474 -46.60 -56.72 -27.00
CA GLN C 474 -47.34 -56.79 -28.25
C GLN C 474 -46.47 -56.29 -29.39
N ALA C 475 -46.38 -57.11 -30.45
CA ALA C 475 -45.61 -56.77 -31.64
C ALA C 475 -46.46 -56.84 -32.90
N GLY C 476 -47.78 -56.71 -32.78
CA GLY C 476 -48.67 -56.81 -33.91
C GLY C 476 -49.92 -55.99 -33.71
N SER C 477 -50.74 -55.95 -34.77
CA SER C 477 -51.97 -55.17 -34.72
C SER C 477 -52.99 -55.77 -33.76
N THR C 478 -53.01 -57.09 -33.62
CA THR C 478 -53.98 -57.73 -32.73
C THR C 478 -53.67 -57.38 -31.28
N PRO C 479 -54.65 -56.86 -30.52
CA PRO C 479 -54.39 -56.52 -29.12
C PRO C 479 -54.25 -57.73 -28.23
N CYS C 480 -54.06 -57.50 -26.93
CA CYS C 480 -53.86 -58.60 -25.99
C CYS C 480 -54.47 -58.22 -24.65
N ASN C 481 -54.75 -59.23 -23.84
CA ASN C 481 -55.31 -59.07 -22.50
C ASN C 481 -54.52 -59.89 -21.50
N GLY C 482 -53.18 -59.84 -21.60
CA GLY C 482 -52.34 -60.61 -20.71
C GLY C 482 -52.45 -62.11 -20.86
N VAL C 483 -52.70 -62.59 -22.08
CA VAL C 483 -52.80 -64.03 -22.37
C VAL C 483 -51.93 -64.33 -23.57
N GLU C 484 -51.08 -65.36 -23.45
CA GLU C 484 -50.18 -65.72 -24.55
C GLU C 484 -50.98 -66.14 -25.77
N GLY C 485 -50.58 -65.64 -26.93
CA GLY C 485 -51.29 -65.93 -28.17
C GLY C 485 -50.41 -65.90 -29.39
N PHE C 486 -51.02 -65.73 -30.57
CA PHE C 486 -50.26 -65.72 -31.81
C PHE C 486 -49.27 -64.55 -31.87
N ASN C 487 -49.73 -63.37 -31.47
CA ASN C 487 -48.89 -62.18 -31.44
C ASN C 487 -48.55 -61.73 -30.03
N CYS C 488 -48.94 -62.50 -29.02
CA CYS C 488 -48.66 -62.18 -27.63
C CYS C 488 -47.48 -63.04 -27.16
N TYR C 489 -46.33 -62.42 -26.92
CA TYR C 489 -45.11 -63.13 -26.57
C TYR C 489 -44.63 -62.68 -25.19
N PHE C 490 -43.99 -63.60 -24.49
CA PHE C 490 -43.31 -63.27 -23.24
C PHE C 490 -41.97 -62.61 -23.56
N PRO C 491 -41.73 -61.37 -23.12
CA PRO C 491 -40.49 -60.68 -23.48
C PRO C 491 -39.27 -61.12 -22.68
N LEU C 492 -39.41 -62.07 -21.76
CA LEU C 492 -38.32 -62.53 -20.92
C LEU C 492 -37.89 -63.92 -21.35
N GLN C 493 -36.61 -64.07 -21.65
CA GLN C 493 -36.03 -65.35 -22.05
C GLN C 493 -34.83 -65.64 -21.16
N SER C 494 -34.71 -66.90 -20.74
CA SER C 494 -33.64 -67.32 -19.84
C SER C 494 -32.48 -67.89 -20.64
N TYR C 495 -31.27 -67.44 -20.32
CA TYR C 495 -30.08 -67.95 -20.97
C TYR C 495 -29.88 -69.43 -20.65
N GLY C 496 -29.40 -70.18 -21.63
CA GLY C 496 -28.99 -71.55 -21.38
C GLY C 496 -27.52 -71.61 -21.04
N PHE C 497 -27.21 -71.66 -19.75
CA PHE C 497 -25.83 -71.58 -19.25
C PHE C 497 -25.34 -72.99 -18.95
N GLN C 498 -24.44 -73.50 -19.78
CA GLN C 498 -23.85 -74.80 -19.58
C GLN C 498 -22.33 -74.68 -19.62
N PRO C 499 -21.62 -75.51 -18.84
CA PRO C 499 -20.15 -75.45 -18.86
C PRO C 499 -19.54 -75.80 -20.20
N THR C 500 -20.25 -76.55 -21.05
CA THR C 500 -19.72 -76.95 -22.34
C THR C 500 -19.93 -75.90 -23.42
N ASN C 501 -20.56 -74.78 -23.09
CA ASN C 501 -20.81 -73.73 -24.07
C ASN C 501 -19.50 -73.03 -24.46
N GLY C 502 -19.55 -72.33 -25.57
CA GLY C 502 -18.41 -71.57 -26.03
C GLY C 502 -18.18 -70.33 -25.19
N VAL C 503 -17.04 -69.68 -25.44
CA VAL C 503 -16.68 -68.48 -24.69
C VAL C 503 -17.69 -67.36 -24.97
N GLY C 504 -18.21 -67.31 -26.19
CA GLY C 504 -19.16 -66.27 -26.55
C GLY C 504 -20.53 -66.42 -25.92
N TYR C 505 -20.79 -67.56 -25.26
CA TYR C 505 -22.06 -67.80 -24.60
C TYR C 505 -21.92 -68.14 -23.13
N GLN C 506 -20.69 -68.27 -22.62
CA GLN C 506 -20.50 -68.57 -21.21
C GLN C 506 -20.94 -67.38 -20.36
N PRO C 507 -21.40 -67.63 -19.13
CA PRO C 507 -21.81 -66.53 -18.26
C PRO C 507 -20.65 -65.61 -17.91
N TYR C 508 -20.94 -64.33 -17.80
CA TYR C 508 -19.96 -63.30 -17.46
C TYR C 508 -20.59 -62.33 -16.48
N ARG C 509 -19.94 -62.16 -15.32
CA ARG C 509 -20.42 -61.20 -14.33
C ARG C 509 -19.90 -59.81 -14.70
N VAL C 510 -20.81 -58.84 -14.79
CA VAL C 510 -20.47 -57.49 -15.18
C VAL C 510 -21.02 -56.52 -14.15
N VAL C 511 -20.19 -55.56 -13.73
CA VAL C 511 -20.58 -54.50 -12.81
C VAL C 511 -20.12 -53.17 -13.37
N VAL C 512 -20.97 -52.16 -13.29
CA VAL C 512 -20.65 -50.81 -13.75
C VAL C 512 -20.57 -49.91 -12.53
N LEU C 513 -19.40 -49.31 -12.32
CA LEU C 513 -19.20 -48.33 -11.25
C LEU C 513 -19.57 -46.97 -11.79
N SER C 514 -20.77 -46.50 -11.44
CA SER C 514 -21.30 -45.25 -11.95
C SER C 514 -20.86 -44.11 -11.05
N PHE C 515 -20.10 -43.18 -11.61
CA PHE C 515 -19.58 -42.03 -10.88
C PHE C 515 -20.34 -40.78 -11.32
N GLU C 516 -21.01 -40.13 -10.37
CA GLU C 516 -21.82 -38.96 -10.65
C GLU C 516 -21.53 -37.90 -9.61
N LEU C 517 -21.26 -36.68 -10.07
CA LEU C 517 -20.90 -35.57 -9.19
C LEU C 517 -21.99 -34.52 -9.26
N LEU C 518 -22.37 -33.99 -8.10
CA LEU C 518 -23.43 -32.99 -8.01
C LEU C 518 -22.98 -31.80 -7.17
N HIS C 519 -23.93 -30.91 -6.85
CA HIS C 519 -23.65 -29.76 -6.01
C HIS C 519 -23.35 -30.14 -4.57
N ALA C 520 -23.64 -31.39 -4.17
CA ALA C 520 -23.44 -31.80 -2.78
C ALA C 520 -21.96 -31.98 -2.48
N PRO C 521 -21.56 -31.82 -1.20
CA PRO C 521 -20.16 -32.07 -0.83
C PRO C 521 -19.78 -33.52 -1.03
N ALA C 522 -18.51 -33.75 -1.36
CA ALA C 522 -18.02 -35.08 -1.66
C ALA C 522 -17.96 -35.94 -0.39
N THR C 523 -18.21 -37.23 -0.58
CA THR C 523 -18.14 -38.22 0.50
C THR C 523 -17.15 -39.34 0.22
N VAL C 524 -17.03 -39.76 -1.03
CA VAL C 524 -16.16 -40.87 -1.41
C VAL C 524 -14.87 -40.30 -1.97
N CYS C 525 -13.74 -40.80 -1.46
CA CYS C 525 -12.41 -40.38 -1.88
C CYS C 525 -11.54 -41.62 -2.10
N GLY C 526 -10.52 -41.46 -2.93
CA GLY C 526 -9.55 -42.50 -3.14
C GLY C 526 -8.42 -42.40 -2.15
N PRO C 527 -7.61 -43.46 -2.07
CA PRO C 527 -6.42 -43.39 -1.23
C PRO C 527 -5.44 -42.36 -1.78
N LYS C 528 -4.70 -41.73 -0.88
CA LYS C 528 -3.77 -40.66 -1.25
C LYS C 528 -2.35 -41.13 -1.41
N LYS C 529 -2.06 -42.42 -1.17
CA LYS C 529 -0.74 -43.02 -1.36
C LYS C 529 0.32 -42.25 -0.56
N SER C 530 0.17 -42.32 0.76
CA SER C 530 1.08 -41.62 1.65
C SER C 530 2.49 -42.20 1.58
N THR C 531 3.48 -41.32 1.58
CA THR C 531 4.87 -41.73 1.53
C THR C 531 5.38 -42.04 2.94
N ASN C 532 6.68 -42.33 3.03
CA ASN C 532 7.30 -42.67 4.29
C ASN C 532 7.65 -41.41 5.08
N LEU C 533 8.28 -41.58 6.23
CA LEU C 533 8.67 -40.48 7.10
C LEU C 533 10.11 -40.64 7.52
N VAL C 534 10.86 -39.54 7.47
CA VAL C 534 12.26 -39.51 7.88
C VAL C 534 12.42 -38.41 8.93
N LYS C 535 12.97 -38.77 10.08
CA LYS C 535 13.18 -37.83 11.18
C LYS C 535 14.67 -37.51 11.33
N ASN C 536 14.95 -36.58 12.24
CA ASN C 536 16.30 -36.14 12.61
C ASN C 536 17.06 -35.51 11.46
N LYS C 537 16.40 -35.27 10.32
CA LYS C 537 17.01 -34.63 9.17
C LYS C 537 16.08 -33.53 8.65
N CYS C 538 16.67 -32.43 8.21
CA CYS C 538 15.87 -31.32 7.68
C CYS C 538 15.18 -31.75 6.38
N VAL C 539 13.87 -31.96 6.46
CA VAL C 539 13.09 -32.44 5.32
C VAL C 539 11.85 -31.57 5.17
N ASN C 540 11.22 -31.67 4.00
CA ASN C 540 9.96 -30.99 3.73
C ASN C 540 8.82 -31.94 4.09
N PHE C 541 8.05 -31.59 5.11
CA PHE C 541 7.03 -32.47 5.67
C PHE C 541 5.64 -31.91 5.43
N ASN C 542 4.67 -32.81 5.32
CA ASN C 542 3.27 -32.44 5.14
C ASN C 542 2.40 -33.55 5.72
N PHE C 543 1.66 -33.24 6.78
CA PHE C 543 0.76 -34.19 7.42
C PHE C 543 -0.67 -33.68 7.30
N ASN C 544 -1.44 -34.28 6.40
CA ASN C 544 -2.87 -34.02 6.23
C ASN C 544 -3.15 -32.58 5.77
N GLY C 545 -2.11 -31.81 5.48
CA GLY C 545 -2.28 -30.45 5.01
C GLY C 545 -1.53 -29.39 5.76
N LEU C 546 -0.69 -29.75 6.74
CA LEU C 546 0.08 -28.75 7.47
C LEU C 546 1.18 -28.16 6.58
N THR C 547 1.75 -28.98 5.69
CA THR C 547 2.69 -28.58 4.64
C THR C 547 3.69 -27.53 5.11
N GLY C 548 4.47 -27.92 6.12
CA GLY C 548 5.53 -27.09 6.66
C GLY C 548 6.91 -27.57 6.24
N THR C 549 7.92 -26.91 6.81
CA THR C 549 9.32 -27.26 6.59
C THR C 549 10.03 -27.29 7.93
N GLY C 550 10.74 -28.38 8.18
CA GLY C 550 11.50 -28.49 9.42
C GLY C 550 11.99 -29.90 9.63
N VAL C 551 12.79 -30.07 10.68
CA VAL C 551 13.34 -31.36 11.06
C VAL C 551 12.55 -31.90 12.25
N LEU C 552 12.08 -33.14 12.13
CA LEU C 552 11.18 -33.74 13.11
C LEU C 552 11.98 -34.60 14.09
N THR C 553 11.70 -34.42 15.38
CA THR C 553 12.33 -35.20 16.44
C THR C 553 11.25 -35.81 17.32
N GLU C 554 11.59 -36.93 17.95
CA GLU C 554 10.68 -37.54 18.92
C GLU C 554 10.49 -36.61 20.11
N SER C 555 9.25 -36.42 20.53
CA SER C 555 8.89 -35.41 21.51
C SER C 555 8.41 -36.05 22.81
N ASN C 556 8.78 -35.44 23.93
CA ASN C 556 8.33 -35.92 25.23
C ASN C 556 6.89 -35.53 25.55
N LYS C 557 6.42 -34.40 25.01
CA LYS C 557 5.09 -33.90 25.35
C LYS C 557 4.01 -34.86 24.86
N LYS C 558 2.88 -34.86 25.56
CA LYS C 558 1.78 -35.79 25.28
C LYS C 558 0.55 -35.01 24.86
N PHE C 559 -0.10 -35.47 23.78
CA PHE C 559 -1.31 -34.85 23.29
C PHE C 559 -2.53 -35.39 24.03
N LEU C 560 -3.68 -34.79 23.75
CA LEU C 560 -4.95 -35.35 24.14
C LEU C 560 -5.40 -36.37 23.08
N PRO C 561 -6.25 -37.32 23.47
CA PRO C 561 -6.65 -38.38 22.52
C PRO C 561 -7.25 -37.84 21.23
N PHE C 562 -7.99 -36.74 21.31
CA PHE C 562 -8.60 -36.18 20.10
C PHE C 562 -7.68 -35.16 19.43
N GLN C 563 -6.91 -34.41 20.22
CA GLN C 563 -6.07 -33.34 19.68
C GLN C 563 -5.05 -33.90 18.70
N GLN C 564 -4.96 -33.27 17.53
CA GLN C 564 -4.14 -33.78 16.43
C GLN C 564 -2.75 -33.14 16.40
N PHE C 565 -2.68 -31.83 16.22
CA PHE C 565 -1.41 -31.13 16.09
C PHE C 565 -1.36 -29.93 17.02
N GLY C 566 -0.21 -29.75 17.68
CA GLY C 566 -0.04 -28.69 18.65
C GLY C 566 0.37 -27.37 18.03
N ARG C 567 0.70 -26.43 18.91
CA ARG C 567 1.07 -25.08 18.50
C ARG C 567 1.74 -24.39 19.67
N ASP C 568 2.43 -23.30 19.36
CA ASP C 568 3.12 -22.48 20.36
C ASP C 568 2.38 -21.16 20.53
N ILE C 569 2.79 -20.39 21.54
CA ILE C 569 2.14 -19.12 21.84
C ILE C 569 2.22 -18.15 20.66
N ALA C 570 3.25 -18.29 19.83
CA ALA C 570 3.44 -17.43 18.68
C ALA C 570 2.72 -17.93 17.44
N ASP C 571 1.75 -18.84 17.60
CA ASP C 571 0.96 -19.44 16.53
C ASP C 571 1.80 -20.28 15.57
N THR C 572 3.02 -20.66 15.96
CA THR C 572 3.85 -21.49 15.11
C THR C 572 3.75 -22.95 15.53
N THR C 573 3.62 -23.83 14.54
CA THR C 573 3.50 -25.26 14.82
C THR C 573 4.75 -25.78 15.51
N ASP C 574 4.57 -26.58 16.56
CA ASP C 574 5.67 -27.09 17.35
C ASP C 574 5.63 -28.59 17.60
N ALA C 575 4.52 -29.26 17.31
CA ALA C 575 4.42 -30.70 17.51
C ALA C 575 3.25 -31.22 16.69
N VAL C 576 3.47 -32.33 15.99
CA VAL C 576 2.44 -32.94 15.16
C VAL C 576 2.42 -34.44 15.42
N ARG C 577 1.21 -35.01 15.39
CA ARG C 577 1.02 -36.45 15.50
C ARG C 577 0.84 -37.04 14.12
N ASP C 578 1.58 -38.10 13.83
CA ASP C 578 1.47 -38.76 12.54
C ASP C 578 0.11 -39.45 12.43
N PRO C 579 -0.67 -39.17 11.37
CA PRO C 579 -1.96 -39.86 11.23
C PRO C 579 -1.85 -41.37 11.16
N GLN C 580 -0.81 -41.90 10.51
CA GLN C 580 -0.68 -43.36 10.41
C GLN C 580 -0.41 -43.99 11.77
N THR C 581 0.57 -43.48 12.50
CA THR C 581 0.92 -43.99 13.82
C THR C 581 0.86 -42.85 14.82
N LEU C 582 0.08 -43.03 15.88
CA LEU C 582 -0.22 -41.95 16.81
C LEU C 582 0.92 -41.81 17.81
N GLU C 583 1.81 -40.86 17.54
CA GLU C 583 2.85 -40.47 18.49
C GLU C 583 3.06 -38.98 18.38
N ILE C 584 4.08 -38.47 19.07
CA ILE C 584 4.33 -37.04 19.16
C ILE C 584 5.68 -36.73 18.53
N LEU C 585 5.72 -35.71 17.67
CA LEU C 585 6.92 -35.32 16.95
C LEU C 585 7.12 -33.82 17.08
N ASP C 586 8.08 -33.41 17.91
CA ASP C 586 8.44 -32.01 18.03
C ASP C 586 9.11 -31.56 16.74
N ILE C 587 8.68 -30.43 16.20
CA ILE C 587 9.18 -29.90 14.93
C ILE C 587 9.85 -28.56 15.18
N THR C 588 11.08 -28.44 14.68
CA THR C 588 11.85 -27.20 14.75
C THR C 588 12.26 -26.80 13.34
N PRO C 589 12.29 -25.49 13.06
CA PRO C 589 12.61 -25.04 11.69
C PRO C 589 14.04 -25.41 11.30
N CYS C 590 14.28 -25.38 9.99
CA CYS C 590 15.59 -25.74 9.46
C CYS C 590 16.67 -24.82 10.02
N SER C 591 17.83 -25.39 10.29
CA SER C 591 18.94 -24.63 10.85
C SER C 591 19.37 -23.53 9.90
N PHE C 592 19.61 -22.34 10.44
CA PHE C 592 20.04 -21.20 9.65
C PHE C 592 20.79 -20.22 10.54
N GLY C 593 21.58 -19.36 9.92
CA GLY C 593 22.29 -18.33 10.64
C GLY C 593 23.23 -17.61 9.72
N GLY C 594 23.61 -16.41 10.14
CA GLY C 594 24.52 -15.61 9.35
C GLY C 594 25.92 -16.20 9.32
N VAL C 595 26.64 -15.89 8.26
CA VAL C 595 28.03 -16.32 8.10
C VAL C 595 28.92 -15.09 8.18
N SER C 596 29.86 -15.11 9.13
CA SER C 596 30.76 -13.99 9.37
C SER C 596 32.19 -14.44 9.12
N VAL C 597 32.89 -13.71 8.28
CA VAL C 597 34.26 -14.05 7.88
C VAL C 597 35.21 -13.30 8.81
N ILE C 598 35.86 -14.04 9.71
CA ILE C 598 36.83 -13.45 10.63
C ILE C 598 38.18 -13.47 9.92
N THR C 599 38.59 -12.31 9.39
CA THR C 599 39.85 -12.21 8.70
C THR C 599 40.72 -11.13 9.36
N PRO C 600 42.02 -11.36 9.48
CA PRO C 600 42.91 -10.29 9.95
C PRO C 600 43.05 -9.22 8.89
N GLY C 601 43.91 -8.23 9.13
CA GLY C 601 44.16 -7.22 8.12
C GLY C 601 44.62 -7.86 6.82
N THR C 602 44.04 -7.41 5.71
CA THR C 602 44.41 -7.95 4.40
C THR C 602 45.89 -7.72 4.12
N ASN C 603 46.44 -6.61 4.62
CA ASN C 603 47.88 -6.38 4.49
C ASN C 603 48.68 -7.39 5.31
N THR C 604 48.14 -7.85 6.43
CA THR C 604 48.83 -8.83 7.26
C THR C 604 48.79 -10.23 6.66
N SER C 605 47.62 -10.65 6.17
CA SER C 605 47.46 -12.00 5.65
C SER C 605 46.16 -12.07 4.85
N ASN C 606 46.02 -13.15 4.10
CA ASN C 606 44.80 -13.43 3.33
C ASN C 606 44.06 -14.65 3.85
N GLN C 607 44.50 -15.24 4.96
CA GLN C 607 43.85 -16.40 5.54
C GLN C 607 42.70 -15.95 6.43
N VAL C 608 41.62 -16.72 6.43
CA VAL C 608 40.39 -16.35 7.09
C VAL C 608 39.92 -17.47 8.00
N ALA C 609 38.78 -17.25 8.64
CA ALA C 609 38.13 -18.23 9.50
C ALA C 609 36.65 -17.89 9.59
N VAL C 610 35.81 -18.80 9.12
CA VAL C 610 34.38 -18.55 8.92
C VAL C 610 33.60 -18.96 10.16
N LEU C 611 32.69 -18.10 10.60
CA LEU C 611 31.78 -18.39 11.71
C LEU C 611 30.38 -18.59 11.15
N TYR C 612 29.80 -19.75 11.42
CA TYR C 612 28.40 -20.02 11.09
C TYR C 612 27.58 -19.88 12.36
N GLN C 613 26.78 -18.81 12.44
CA GLN C 613 26.08 -18.48 13.68
C GLN C 613 25.02 -19.53 14.02
N ASP C 614 25.01 -19.94 15.29
CA ASP C 614 23.91 -20.71 15.88
C ASP C 614 23.60 -21.98 15.09
N VAL C 615 24.61 -22.81 14.89
CA VAL C 615 24.44 -24.07 14.17
C VAL C 615 25.56 -25.02 14.59
N ASN C 616 25.20 -26.26 14.90
CA ASN C 616 26.19 -27.26 15.24
C ASN C 616 26.98 -27.68 14.00
N CYS C 617 28.10 -28.37 14.25
CA CYS C 617 29.08 -28.64 13.21
C CYS C 617 28.82 -29.94 12.46
N THR C 618 27.56 -30.37 12.37
CA THR C 618 27.21 -31.56 11.60
C THR C 618 26.52 -31.25 10.29
N GLU C 619 25.72 -30.19 10.22
CA GLU C 619 24.97 -29.86 9.01
C GLU C 619 25.60 -28.74 8.21
N VAL C 620 26.84 -28.35 8.53
CA VAL C 620 27.49 -27.24 7.81
C VAL C 620 27.70 -27.57 6.33
N PRO C 621 28.28 -28.72 5.95
CA PRO C 621 28.52 -28.95 4.51
C PRO C 621 27.25 -28.98 3.67
N VAL C 622 26.12 -29.39 4.24
CA VAL C 622 24.84 -29.64 3.55
C VAL C 622 25.03 -30.09 2.11
N TYR C 636 32.56 -25.22 4.43
CA TYR C 636 33.83 -24.62 4.03
C TYR C 636 34.80 -25.70 3.58
N SER C 637 35.62 -25.37 2.59
CA SER C 637 36.51 -26.38 2.00
C SER C 637 37.53 -26.88 3.00
N THR C 638 38.07 -25.98 3.83
CA THR C 638 39.12 -26.35 4.79
C THR C 638 38.46 -26.91 6.05
N GLY C 639 38.11 -28.19 5.98
CA GLY C 639 37.53 -28.92 7.10
C GLY C 639 38.51 -29.64 7.98
N SER C 640 39.81 -29.32 7.88
CA SER C 640 40.80 -29.99 8.72
C SER C 640 40.59 -29.70 10.20
N ASN C 641 40.30 -28.45 10.54
CA ASN C 641 40.01 -28.05 11.92
C ASN C 641 38.68 -27.33 11.95
N VAL C 642 37.76 -27.83 12.77
CA VAL C 642 36.40 -27.30 12.88
C VAL C 642 36.07 -27.19 14.36
N PHE C 643 36.18 -25.98 14.91
CA PHE C 643 35.87 -25.73 16.31
C PHE C 643 34.40 -25.39 16.47
N GLN C 644 33.86 -25.69 17.66
CA GLN C 644 32.46 -25.47 17.96
C GLN C 644 32.33 -24.62 19.22
N THR C 645 31.40 -23.66 19.21
CA THR C 645 31.15 -22.80 20.35
C THR C 645 29.68 -22.39 20.33
N ARG C 646 29.23 -21.82 21.45
CA ARG C 646 27.83 -21.38 21.53
C ARG C 646 27.51 -20.35 20.47
N ALA C 647 28.49 -19.52 20.08
CA ALA C 647 28.26 -18.57 19.01
C ALA C 647 27.96 -19.27 17.70
N GLY C 648 28.63 -20.37 17.43
CA GLY C 648 28.34 -21.15 16.25
C GLY C 648 29.49 -22.08 15.91
N CYS C 649 29.43 -22.60 14.68
CA CYS C 649 30.44 -23.54 14.17
C CYS C 649 31.55 -22.73 13.52
N LEU C 650 32.66 -22.56 14.23
CA LEU C 650 33.79 -21.78 13.76
C LEU C 650 34.73 -22.67 12.97
N ILE C 651 34.74 -22.47 11.65
CA ILE C 651 35.60 -23.23 10.74
C ILE C 651 36.84 -22.40 10.45
N GLY C 652 37.93 -23.07 10.09
CA GLY C 652 39.15 -22.39 9.70
C GLY C 652 39.99 -21.89 10.86
N ALA C 653 39.60 -22.16 12.10
CA ALA C 653 40.35 -21.74 13.27
C ALA C 653 40.52 -22.92 14.21
N GLU C 654 41.70 -23.02 14.81
CA GLU C 654 41.99 -24.07 15.77
C GLU C 654 41.83 -23.55 17.18
N HIS C 655 41.11 -24.31 18.01
CA HIS C 655 40.85 -23.90 19.38
C HIS C 655 42.16 -23.80 20.16
N VAL C 656 42.20 -22.83 21.08
CA VAL C 656 43.38 -22.58 21.90
C VAL C 656 42.97 -22.67 23.37
N ASN C 657 43.68 -23.50 24.12
CA ASN C 657 43.46 -23.70 25.54
C ASN C 657 43.99 -22.54 26.38
N ASN C 658 44.79 -21.66 25.80
CA ASN C 658 45.34 -20.50 26.50
C ASN C 658 44.31 -19.39 26.54
N SER C 659 44.75 -18.19 26.94
CA SER C 659 43.87 -17.04 27.07
C SER C 659 44.66 -15.76 26.89
N TYR C 660 44.25 -14.93 25.94
CA TYR C 660 44.84 -13.62 25.69
C TYR C 660 43.73 -12.58 25.62
N GLU C 661 44.13 -11.32 25.52
CA GLU C 661 43.16 -10.25 25.38
C GLU C 661 42.46 -10.32 24.03
N CYS C 662 41.26 -9.76 23.98
CA CYS C 662 40.40 -9.92 22.81
C CYS C 662 40.83 -9.01 21.67
N ASP C 663 40.83 -9.56 20.46
CA ASP C 663 41.08 -8.79 19.24
C ASP C 663 39.85 -8.73 18.34
N ILE C 664 39.29 -9.88 17.97
CA ILE C 664 38.14 -9.97 17.09
C ILE C 664 37.03 -10.71 17.83
N PRO C 665 36.03 -9.99 18.32
CA PRO C 665 34.94 -10.66 19.05
C PRO C 665 34.13 -11.59 18.16
N ILE C 666 34.14 -12.87 18.49
CA ILE C 666 33.35 -13.87 17.79
C ILE C 666 31.95 -14.00 18.39
N GLY C 667 31.87 -14.05 19.72
CA GLY C 667 30.59 -14.18 20.39
C GLY C 667 30.61 -15.26 21.45
N ALA C 668 29.67 -15.18 22.40
CA ALA C 668 29.51 -16.18 23.45
C ALA C 668 30.76 -16.33 24.31
N GLY C 669 31.56 -15.27 24.39
CA GLY C 669 32.76 -15.30 25.20
C GLY C 669 33.99 -15.86 24.52
N ILE C 670 33.84 -16.42 23.32
CA ILE C 670 34.97 -16.85 22.51
C ILE C 670 35.29 -15.75 21.52
N CYS C 671 36.55 -15.33 21.47
CA CYS C 671 36.92 -14.34 20.47
C CYS C 671 38.32 -14.65 19.95
N ALA C 672 38.48 -14.55 18.63
CA ALA C 672 39.67 -15.01 17.95
C ALA C 672 40.70 -13.89 17.78
N SER C 673 41.87 -14.27 17.29
CA SER C 673 42.95 -13.35 17.02
C SER C 673 43.94 -14.03 16.08
N TYR C 674 44.77 -13.22 15.42
CA TYR C 674 45.79 -13.71 14.50
C TYR C 674 47.09 -13.88 15.28
N GLN C 675 47.52 -15.13 15.44
CA GLN C 675 48.72 -15.44 16.21
C GLN C 675 49.58 -16.43 15.43
N THR C 676 50.87 -16.39 15.70
CA THR C 676 51.83 -17.29 15.07
C THR C 676 51.60 -18.73 15.51
N SER C 686 53.56 -21.08 9.60
CA SER C 686 53.02 -21.46 10.90
C SER C 686 52.07 -20.40 11.43
N GLN C 687 51.27 -19.82 10.53
CA GLN C 687 50.32 -18.78 10.88
C GLN C 687 48.90 -19.29 10.69
N SER C 688 48.04 -19.02 11.68
CA SER C 688 46.65 -19.42 11.61
C SER C 688 45.85 -18.55 12.55
N ILE C 689 44.53 -18.58 12.37
CA ILE C 689 43.61 -17.84 13.23
C ILE C 689 43.22 -18.73 14.40
N ILE C 690 43.35 -18.18 15.61
CA ILE C 690 43.17 -18.95 16.84
C ILE C 690 42.01 -18.35 17.63
N ALA C 691 41.06 -19.20 17.99
CA ALA C 691 39.94 -18.82 18.86
C ALA C 691 40.19 -19.33 20.26
N TYR C 692 39.65 -18.63 21.26
CA TYR C 692 39.92 -18.98 22.65
C TYR C 692 38.93 -18.25 23.54
N THR C 693 38.91 -18.65 24.81
CA THR C 693 38.12 -17.94 25.80
C THR C 693 38.79 -16.62 26.14
N MET C 694 38.01 -15.54 26.10
CA MET C 694 38.54 -14.23 26.42
C MET C 694 39.06 -14.19 27.84
N SER C 695 40.27 -13.68 28.01
CA SER C 695 40.78 -13.35 29.34
C SER C 695 40.61 -11.85 29.53
N LEU C 696 39.82 -11.47 30.53
CA LEU C 696 39.51 -10.06 30.75
C LEU C 696 40.73 -9.25 31.17
N GLY C 697 41.82 -9.91 31.50
CA GLY C 697 43.05 -9.24 31.85
C GLY C 697 43.87 -10.10 32.79
N ALA C 698 44.99 -9.53 33.23
CA ALA C 698 45.84 -10.20 34.21
C ALA C 698 45.12 -10.23 35.55
N GLU C 699 45.02 -11.41 36.15
CA GLU C 699 44.29 -11.55 37.41
C GLU C 699 45.14 -10.98 38.54
N ASN C 700 44.92 -9.70 38.85
CA ASN C 700 45.71 -9.02 39.87
C ASN C 700 44.97 -9.00 41.20
N SER C 701 45.00 -10.10 41.93
CA SER C 701 44.40 -10.12 43.26
C SER C 701 45.20 -9.25 44.22
N VAL C 702 44.64 -8.09 44.56
CA VAL C 702 45.30 -7.21 45.52
C VAL C 702 45.34 -7.91 46.87
N ALA C 703 46.49 -7.80 47.54
CA ALA C 703 46.72 -8.46 48.82
C ALA C 703 46.02 -7.66 49.92
N TYR C 704 44.70 -7.83 49.99
CA TYR C 704 43.93 -7.20 51.05
C TYR C 704 44.32 -7.79 52.40
N SER C 705 44.37 -6.93 53.41
CA SER C 705 44.66 -7.37 54.76
C SER C 705 44.06 -6.37 55.75
N ASN C 706 44.10 -6.75 57.03
CA ASN C 706 43.57 -5.89 58.06
C ASN C 706 44.32 -4.56 58.15
N ASN C 707 45.65 -4.61 58.03
CA ASN C 707 46.49 -3.42 58.19
C ASN C 707 47.55 -3.39 57.08
N SER C 708 47.16 -2.84 55.93
CA SER C 708 48.10 -2.66 54.82
C SER C 708 47.49 -1.70 53.81
N ILE C 709 48.24 -0.64 53.50
CA ILE C 709 47.88 0.30 52.45
C ILE C 709 48.96 0.26 51.39
N ALA C 710 48.60 0.65 50.17
CA ALA C 710 49.54 0.97 49.12
C ALA C 710 49.33 2.43 48.75
N ILE C 711 50.41 3.21 48.77
CA ILE C 711 50.36 4.65 48.51
C ILE C 711 51.43 4.99 47.49
N PRO C 712 51.08 5.63 46.38
CA PRO C 712 52.07 5.85 45.32
C PRO C 712 53.16 6.83 45.73
N THR C 713 54.32 6.67 45.10
CA THR C 713 55.47 7.55 45.36
C THR C 713 55.54 8.68 44.33
N ASN C 714 55.47 8.34 43.05
CA ASN C 714 55.39 9.33 41.97
C ASN C 714 54.18 8.99 41.10
N PHE C 715 54.05 9.74 40.00
CA PHE C 715 52.80 9.78 39.25
C PHE C 715 53.12 9.81 37.77
N THR C 716 52.11 10.14 36.97
CA THR C 716 52.25 10.31 35.54
C THR C 716 51.17 11.29 35.07
N ILE C 717 51.60 12.40 34.49
CA ILE C 717 50.65 13.38 33.92
C ILE C 717 50.44 12.97 32.47
N SER C 718 49.50 12.05 32.27
CA SER C 718 49.19 11.53 30.96
C SER C 718 47.94 12.20 30.43
N VAL C 719 47.96 12.56 29.15
CA VAL C 719 46.82 13.16 28.47
C VAL C 719 46.31 12.19 27.42
N THR C 720 45.01 11.93 27.43
CA THR C 720 44.38 11.02 26.49
C THR C 720 43.29 11.76 25.75
N THR C 721 43.18 11.48 24.45
CA THR C 721 42.24 12.19 23.59
C THR C 721 40.88 11.49 23.62
N GLU C 722 39.87 12.22 24.08
CA GLU C 722 38.48 11.78 23.98
C GLU C 722 37.82 12.56 22.86
N ILE C 723 37.22 11.84 21.92
CA ILE C 723 36.71 12.42 20.69
C ILE C 723 35.19 12.28 20.69
N LEU C 724 34.49 13.39 20.42
CA LEU C 724 33.05 13.41 20.44
C LEU C 724 32.51 14.13 19.21
N PRO C 725 31.55 13.53 18.52
CA PRO C 725 30.84 14.26 17.46
C PRO C 725 30.02 15.40 18.04
N VAL C 726 29.84 16.45 17.23
CA VAL C 726 29.11 17.62 17.69
C VAL C 726 27.94 17.92 16.76
N SER C 727 28.08 17.56 15.49
CA SER C 727 27.06 17.84 14.49
C SER C 727 27.34 17.01 13.25
N MET C 728 26.50 17.17 12.24
CA MET C 728 26.71 16.59 10.92
C MET C 728 26.56 17.68 9.88
N THR C 729 26.76 17.31 8.63
CA THR C 729 26.44 18.22 7.53
C THR C 729 24.95 18.52 7.55
N LYS C 730 24.60 19.79 7.32
CA LYS C 730 23.21 20.24 7.38
C LYS C 730 22.53 19.95 6.03
N THR C 731 22.03 18.72 5.90
CA THR C 731 21.30 18.35 4.71
C THR C 731 19.89 18.96 4.75
N SER C 732 19.43 19.45 3.60
CA SER C 732 18.11 20.06 3.44
C SER C 732 17.52 19.54 2.13
N VAL C 733 16.64 18.56 2.22
CA VAL C 733 16.08 17.90 1.04
C VAL C 733 14.71 18.49 0.76
N ASP C 734 14.46 18.83 -0.51
CA ASP C 734 13.19 19.37 -0.95
C ASP C 734 12.52 18.36 -1.87
N CYS C 735 11.27 18.01 -1.59
CA CYS C 735 10.60 16.98 -2.36
C CYS C 735 10.42 17.38 -3.82
N THR C 736 10.11 18.66 -4.05
CA THR C 736 9.75 19.11 -5.39
C THR C 736 10.86 18.84 -6.39
N MET C 737 12.09 18.66 -5.92
CA MET C 737 13.18 18.20 -6.76
C MET C 737 13.52 16.72 -6.55
N TYR C 738 13.42 16.22 -5.31
CA TYR C 738 13.84 14.85 -5.04
C TYR C 738 12.76 13.83 -5.41
N ILE C 739 11.61 13.87 -4.73
CA ILE C 739 10.59 12.86 -4.96
C ILE C 739 9.84 13.10 -6.26
N CYS C 740 10.02 14.26 -6.87
CA CYS C 740 9.48 14.54 -8.20
C CYS C 740 10.50 15.37 -8.96
N GLY C 741 10.65 15.09 -10.25
CA GLY C 741 11.57 15.84 -11.07
C GLY C 741 11.01 17.18 -11.46
N ASP C 742 11.29 17.62 -12.68
CA ASP C 742 10.71 18.85 -13.21
C ASP C 742 9.32 18.64 -13.78
N SER C 743 8.80 17.42 -13.74
CA SER C 743 7.48 17.14 -14.29
C SER C 743 6.40 17.76 -13.42
N THR C 744 5.47 18.46 -14.05
CA THR C 744 4.35 19.06 -13.32
C THR C 744 3.34 18.02 -12.86
N GLU C 745 3.20 16.92 -13.61
CA GLU C 745 2.25 15.89 -13.22
C GLU C 745 2.62 15.26 -11.88
N CYS C 746 3.92 15.01 -11.67
CA CYS C 746 4.35 14.45 -10.40
C CYS C 746 4.07 15.41 -9.26
N SER C 747 4.29 16.71 -9.49
CA SER C 747 3.98 17.72 -8.46
C SER C 747 2.49 17.74 -8.14
N ASN C 748 1.66 17.67 -9.18
CA ASN C 748 0.21 17.71 -8.96
C ASN C 748 -0.25 16.47 -8.21
N LEU C 749 0.32 15.30 -8.52
CA LEU C 749 -0.05 14.09 -7.78
C LEU C 749 0.52 14.11 -6.36
N LEU C 750 1.65 14.78 -6.16
CA LEU C 750 2.18 14.99 -4.81
C LEU C 750 1.24 15.85 -4.00
N LEU C 751 0.64 16.86 -4.63
CA LEU C 751 -0.29 17.74 -3.93
C LEU C 751 -1.49 16.99 -3.36
N GLN C 752 -1.78 15.79 -3.88
CA GLN C 752 -2.80 14.94 -3.25
C GLN C 752 -2.40 14.58 -1.83
N TYR C 753 -1.17 14.14 -1.63
CA TYR C 753 -0.63 13.96 -0.29
C TYR C 753 -0.54 15.33 0.38
N GLY C 754 -1.28 15.50 1.48
CA GLY C 754 -1.55 16.80 2.04
C GLY C 754 -0.35 17.62 2.49
N SER C 755 0.31 17.20 3.57
CA SER C 755 1.37 18.00 4.18
C SER C 755 2.56 17.16 4.63
N PHE C 756 2.80 16.02 3.97
CA PHE C 756 3.99 15.24 4.30
C PHE C 756 5.26 16.01 4.01
N CYS C 757 5.27 16.78 2.92
CA CYS C 757 6.49 17.48 2.51
C CYS C 757 6.79 18.67 3.39
N THR C 758 5.76 19.41 3.80
CA THR C 758 5.97 20.47 4.78
C THR C 758 6.51 19.88 6.08
N GLN C 759 6.00 18.72 6.48
CA GLN C 759 6.49 18.05 7.68
C GLN C 759 7.96 17.69 7.55
N LEU C 760 8.34 17.06 6.43
CA LEU C 760 9.73 16.65 6.25
C LEU C 760 10.67 17.85 6.18
N ASN C 761 10.27 18.88 5.44
CA ASN C 761 11.12 20.07 5.33
C ASN C 761 11.27 20.77 6.67
N ARG C 762 10.19 20.86 7.44
CA ARG C 762 10.29 21.44 8.78
C ARG C 762 11.19 20.62 9.67
N ALA C 763 11.08 19.28 9.58
CA ALA C 763 11.95 18.43 10.40
C ALA C 763 13.42 18.64 10.05
N LEU C 764 13.73 18.69 8.75
CA LEU C 764 15.13 18.84 8.35
C LEU C 764 15.66 20.23 8.67
N THR C 765 14.83 21.28 8.52
CA THR C 765 15.29 22.61 8.87
C THR C 765 15.42 22.78 10.38
N GLY C 766 14.58 22.09 11.16
CA GLY C 766 14.76 22.08 12.59
C GLY C 766 16.03 21.37 12.99
N ILE C 767 16.36 20.28 12.29
CA ILE C 767 17.63 19.61 12.53
C ILE C 767 18.79 20.55 12.22
N ALA C 768 18.72 21.28 11.11
CA ALA C 768 19.81 22.19 10.75
C ALA C 768 19.98 23.30 11.78
N VAL C 769 18.86 23.90 12.21
CA VAL C 769 18.92 24.94 13.24
C VAL C 769 19.46 24.36 14.53
N GLU C 770 19.09 23.10 14.83
CA GLU C 770 19.62 22.43 16.01
C GLU C 770 21.12 22.19 15.89
N GLN C 771 21.64 21.95 14.68
CA GLN C 771 23.08 21.79 14.53
C GLN C 771 23.81 23.12 14.71
N ASP C 772 23.23 24.21 14.20
CA ASP C 772 23.80 25.52 14.49
C ASP C 772 23.82 25.79 15.99
N LYS C 773 22.73 25.46 16.68
CA LYS C 773 22.68 25.60 18.12
C LYS C 773 23.71 24.69 18.79
N ASN C 774 23.88 23.47 18.28
CA ASN C 774 24.86 22.56 18.83
C ASN C 774 26.25 23.15 18.78
N THR C 775 26.63 23.68 17.61
CA THR C 775 27.94 24.34 17.51
C THR C 775 28.03 25.52 18.46
N GLN C 776 26.93 26.28 18.59
CA GLN C 776 26.97 27.48 19.42
C GLN C 776 27.13 27.13 20.90
N GLU C 777 26.51 26.03 21.36
CA GLU C 777 26.65 25.68 22.76
C GLU C 777 27.96 24.95 23.05
N VAL C 778 28.39 24.05 22.15
CA VAL C 778 29.64 23.35 22.38
C VAL C 778 30.81 24.31 22.33
N PHE C 779 30.88 25.16 21.30
CA PHE C 779 32.06 26.00 21.09
C PHE C 779 31.95 27.39 21.69
N ALA C 780 30.77 28.02 21.64
CA ALA C 780 30.64 29.38 22.13
C ALA C 780 30.18 29.43 23.59
N GLN C 781 30.93 28.75 24.46
CA GLN C 781 30.74 28.97 25.90
C GLN C 781 31.07 30.40 26.28
N VAL C 782 32.03 31.01 25.59
CA VAL C 782 32.46 32.37 25.85
C VAL C 782 32.29 33.19 24.58
N LYS C 783 31.67 34.36 24.72
CA LYS C 783 31.47 35.26 23.59
C LYS C 783 32.56 36.32 23.49
N GLN C 784 33.26 36.60 24.58
CA GLN C 784 34.35 37.56 24.59
C GLN C 784 35.63 36.83 24.20
N ILE C 785 36.19 37.16 23.04
CA ILE C 785 37.19 36.32 22.38
C ILE C 785 38.56 36.68 22.93
N TYR C 786 39.30 35.68 23.39
CA TYR C 786 40.61 35.92 23.95
C TYR C 786 41.70 35.64 22.92
N LYS C 787 42.90 36.16 23.21
CA LYS C 787 44.07 35.91 22.37
C LYS C 787 45.26 35.56 23.25
N THR C 788 46.15 34.74 22.70
CA THR C 788 47.33 34.30 23.42
C THR C 788 48.30 35.46 23.63
N PRO C 789 49.06 35.44 24.73
CA PRO C 789 50.01 36.52 24.98
C PRO C 789 51.14 36.50 23.96
N PRO C 790 51.81 37.64 23.75
CA PRO C 790 52.92 37.66 22.78
C PRO C 790 54.06 36.71 23.14
N ILE C 791 54.32 36.51 24.43
CA ILE C 791 55.43 35.67 24.89
C ILE C 791 54.86 34.46 25.61
N LYS C 792 55.34 33.27 25.24
CA LYS C 792 54.88 32.01 25.84
C LYS C 792 55.80 31.67 27.02
N ASP C 793 55.66 32.44 28.09
CA ASP C 793 56.42 32.23 29.32
C ASP C 793 55.53 31.42 30.26
N PHE C 794 55.42 30.12 29.99
CA PHE C 794 54.53 29.23 30.72
C PHE C 794 55.27 28.33 31.69
N GLY C 795 56.50 28.70 32.05
CA GLY C 795 57.27 27.93 33.01
C GLY C 795 57.59 26.52 32.56
N GLY C 796 57.96 26.35 31.29
CA GLY C 796 58.30 25.05 30.77
C GLY C 796 57.16 24.30 30.11
N PHE C 797 55.93 24.80 30.22
CA PHE C 797 54.77 24.16 29.60
C PHE C 797 54.65 24.68 28.18
N ASN C 798 54.65 23.76 27.21
CA ASN C 798 54.69 24.11 25.80
C ASN C 798 53.32 23.88 25.19
N PHE C 799 52.79 24.92 24.53
CA PHE C 799 51.50 24.85 23.87
C PHE C 799 51.58 25.14 22.37
N SER C 800 52.77 25.04 21.78
CA SER C 800 52.91 25.31 20.35
C SER C 800 52.02 24.39 19.53
N GLN C 801 51.81 23.16 20.02
CA GLN C 801 50.90 22.25 19.34
C GLN C 801 49.45 22.64 19.56
N ILE C 802 49.12 23.06 20.79
CA ILE C 802 47.73 23.36 21.11
C ILE C 802 47.30 24.70 20.53
N LEU C 803 48.12 25.73 20.69
CA LEU C 803 47.77 27.07 20.26
C LEU C 803 47.99 27.23 18.76
N PRO C 804 47.21 28.10 18.11
CA PRO C 804 47.39 28.32 16.67
C PRO C 804 48.76 28.87 16.34
N ASP C 805 49.34 28.39 15.22
CA ASP C 805 50.60 28.88 14.67
C ASP C 805 50.34 29.90 13.58
N PRO C 806 50.76 31.16 13.77
CA PRO C 806 50.49 32.19 12.75
C PRO C 806 51.13 31.90 11.41
N SER C 807 52.14 31.02 11.35
CA SER C 807 52.78 30.71 10.08
C SER C 807 51.81 30.08 9.10
N LYS C 808 50.93 29.21 9.60
CA LYS C 808 49.98 28.54 8.73
C LYS C 808 49.00 29.55 8.15
N PRO C 809 48.51 29.35 6.92
CA PRO C 809 47.58 30.33 6.32
C PRO C 809 46.32 30.52 7.14
N SER C 810 45.79 29.45 7.73
CA SER C 810 44.68 29.55 8.65
C SER C 810 45.24 29.64 10.07
N LYS C 811 44.45 30.21 10.99
CA LYS C 811 44.84 30.27 12.39
C LYS C 811 44.54 28.94 13.08
N ARG C 812 45.09 27.88 12.50
CA ARG C 812 44.91 26.51 12.99
C ARG C 812 46.23 25.99 13.53
N SER C 813 46.15 25.31 14.69
CA SER C 813 47.32 24.74 15.32
C SER C 813 47.73 23.48 14.57
N PRO C 814 48.97 23.03 14.77
CA PRO C 814 49.37 21.77 14.11
C PRO C 814 48.47 20.60 14.47
N ILE C 815 47.91 20.60 15.69
CA ILE C 815 47.10 19.47 16.14
C ILE C 815 45.79 19.39 15.37
N GLU C 816 45.00 20.47 15.37
CA GLU C 816 43.77 20.43 14.56
C GLU C 816 44.10 20.31 13.09
N ASP C 817 45.29 20.74 12.65
CA ASP C 817 45.70 20.46 11.29
C ASP C 817 45.82 18.95 11.05
N LEU C 818 46.40 18.23 12.01
CA LEU C 818 46.43 16.77 11.95
C LEU C 818 45.03 16.19 11.96
N LEU C 819 44.16 16.77 12.78
CA LEU C 819 42.77 16.31 12.85
C LEU C 819 42.08 16.48 11.51
N PHE C 820 42.29 17.62 10.86
CA PHE C 820 41.63 17.94 9.59
C PHE C 820 42.21 17.12 8.44
N ASN C 821 43.50 16.79 8.51
CA ASN C 821 44.08 15.93 7.49
C ASN C 821 43.63 14.48 7.66
N LYS C 822 43.57 14.01 8.90
CA LYS C 822 43.16 12.63 9.16
C LYS C 822 41.70 12.41 8.76
N VAL C 823 40.82 13.32 9.12
CA VAL C 823 39.39 13.15 8.84
C VAL C 823 39.12 13.58 7.40
N THR C 824 38.47 12.70 6.65
CA THR C 824 38.15 12.96 5.25
C THR C 824 36.65 12.89 5.02
N LYS C 851 25.56 15.79 -9.13
CA LYS C 851 25.87 15.87 -7.72
C LYS C 851 24.62 16.23 -6.91
N PHE C 852 23.78 17.10 -7.47
CA PHE C 852 22.59 17.61 -6.79
C PHE C 852 21.35 17.11 -7.52
N ASN C 853 20.43 16.50 -6.76
CA ASN C 853 19.13 16.11 -7.27
C ASN C 853 18.07 16.52 -6.25
N GLY C 854 18.18 17.76 -5.77
CA GLY C 854 17.33 18.25 -4.72
C GLY C 854 17.93 18.25 -3.34
N LEU C 855 19.13 17.71 -3.18
CA LEU C 855 19.82 17.67 -1.90
C LEU C 855 20.86 18.79 -1.87
N THR C 856 20.86 19.57 -0.79
CA THR C 856 21.81 20.64 -0.61
C THR C 856 22.46 20.52 0.76
N VAL C 857 23.68 21.04 0.88
CA VAL C 857 24.42 21.06 2.13
C VAL C 857 24.52 22.51 2.57
N LEU C 858 23.60 22.93 3.44
CA LEU C 858 23.65 24.29 3.96
C LEU C 858 24.96 24.50 4.71
N PRO C 859 25.69 25.57 4.42
CA PRO C 859 26.96 25.81 5.09
C PRO C 859 26.76 25.96 6.58
N PRO C 860 27.69 25.45 7.40
CA PRO C 860 27.61 25.69 8.84
C PRO C 860 27.76 27.18 9.13
N LEU C 861 26.89 27.71 9.98
CA LEU C 861 26.91 29.15 10.26
C LEU C 861 28.25 29.59 10.80
N LEU C 862 28.78 28.86 11.79
CA LEU C 862 30.15 29.10 12.25
C LEU C 862 31.08 28.34 11.31
N THR C 863 31.68 29.05 10.36
CA THR C 863 32.60 28.40 9.43
C THR C 863 33.85 27.95 10.16
N ASP C 864 34.66 27.15 9.45
CA ASP C 864 35.81 26.52 10.09
C ASP C 864 36.78 27.53 10.66
N GLU C 865 36.88 28.71 10.04
CA GLU C 865 37.82 29.71 10.54
C GLU C 865 37.37 30.27 11.89
N MET C 866 36.12 30.68 12.00
CA MET C 866 35.64 31.19 13.28
C MET C 866 35.41 30.07 14.29
N ILE C 867 35.19 28.83 13.83
CA ILE C 867 35.21 27.72 14.76
C ILE C 867 36.59 27.56 15.37
N ALA C 868 37.63 27.64 14.54
CA ALA C 868 39.00 27.59 15.04
C ALA C 868 39.27 28.78 15.94
N GLN C 869 38.67 29.93 15.65
CA GLN C 869 38.89 31.10 16.50
C GLN C 869 38.18 30.95 17.84
N TYR C 870 37.00 30.33 17.85
CA TYR C 870 36.35 30.01 19.12
C TYR C 870 37.17 29.04 19.95
N THR C 871 37.70 28.00 19.31
CA THR C 871 38.54 27.06 20.04
C THR C 871 39.81 27.72 20.54
N SER C 872 40.37 28.63 19.74
CA SER C 872 41.54 29.38 20.18
C SER C 872 41.20 30.26 21.38
N ALA C 873 40.03 30.87 21.36
CA ALA C 873 39.60 31.71 22.49
C ALA C 873 39.44 30.86 23.75
N LEU C 874 38.82 29.68 23.62
CA LEU C 874 38.67 28.79 24.76
C LEU C 874 40.04 28.35 25.28
N LEU C 875 40.95 28.01 24.37
CA LEU C 875 42.30 27.64 24.77
C LEU C 875 42.99 28.77 25.50
N ALA C 876 42.89 29.99 24.97
CA ALA C 876 43.54 31.14 25.59
C ALA C 876 42.95 31.40 26.98
N GLY C 877 41.64 31.20 27.13
CA GLY C 877 41.06 31.25 28.47
C GLY C 877 41.65 30.20 29.38
N THR C 878 41.79 28.97 28.90
CA THR C 878 42.33 27.90 29.72
C THR C 878 43.75 28.21 30.17
N ILE C 879 44.56 28.80 29.29
CA ILE C 879 45.94 29.12 29.67
C ILE C 879 46.00 30.35 30.56
N THR C 880 45.57 31.51 30.06
CA THR C 880 45.82 32.77 30.75
C THR C 880 44.82 33.11 31.85
N SER C 881 43.71 32.38 31.96
CA SER C 881 42.74 32.68 32.99
C SER C 881 42.22 31.46 33.75
N GLY C 882 42.56 30.25 33.34
CA GLY C 882 42.14 29.08 34.09
C GLY C 882 40.69 28.76 33.81
N TRP C 883 39.89 28.67 34.88
CA TRP C 883 38.48 28.37 34.76
C TRP C 883 37.59 29.59 34.93
N THR C 884 38.14 30.71 35.40
CA THR C 884 37.30 31.81 35.83
C THR C 884 36.54 32.45 34.67
N PHE C 885 37.04 32.29 33.45
CA PHE C 885 36.36 32.92 32.31
C PHE C 885 35.08 32.18 31.97
N GLY C 886 34.86 30.99 32.53
CA GLY C 886 33.59 30.32 32.36
C GLY C 886 32.54 30.79 33.36
N ALA C 887 32.99 31.36 34.47
CA ALA C 887 32.10 31.85 35.51
C ALA C 887 31.85 33.34 35.45
N GLY C 888 32.29 34.01 34.39
CA GLY C 888 32.08 35.43 34.24
C GLY C 888 33.28 36.11 33.61
N PRO C 889 33.68 37.24 34.19
CA PRO C 889 34.88 37.94 33.69
C PRO C 889 36.14 37.13 33.95
N ALA C 890 37.03 37.10 32.97
CA ALA C 890 38.26 36.34 33.09
C ALA C 890 39.22 37.01 34.05
N LEU C 891 39.89 36.21 34.85
CA LEU C 891 40.93 36.66 35.78
C LEU C 891 42.26 36.09 35.31
N GLN C 892 43.24 36.97 35.07
CA GLN C 892 44.53 36.47 34.62
C GLN C 892 45.20 35.69 35.74
N ILE C 893 45.73 34.53 35.38
CA ILE C 893 46.41 33.64 36.32
C ILE C 893 47.55 32.93 35.60
N PRO C 894 48.79 33.07 36.05
CA PRO C 894 49.89 32.39 35.37
C PRO C 894 49.78 30.89 35.54
N PHE C 895 50.30 30.17 34.55
CA PHE C 895 50.03 28.74 34.45
C PHE C 895 50.53 27.90 35.63
N PRO C 896 51.71 28.15 36.20
CA PRO C 896 52.13 27.30 37.34
C PRO C 896 51.13 27.26 38.49
N MET C 897 50.52 28.39 38.85
CA MET C 897 49.50 28.33 39.89
C MET C 897 48.13 27.91 39.38
N GLN C 898 47.88 27.92 38.07
CA GLN C 898 46.71 27.20 37.58
C GLN C 898 46.88 25.70 37.80
N MET C 899 48.05 25.17 37.48
CA MET C 899 48.34 23.78 37.82
C MET C 899 48.32 23.54 39.31
N ALA C 900 48.76 24.51 40.12
CA ALA C 900 48.63 24.38 41.56
C ALA C 900 47.18 24.25 41.98
N TYR C 901 46.30 25.07 41.38
CA TYR C 901 44.87 24.95 41.61
C TYR C 901 44.37 23.56 41.27
N ARG C 902 44.68 23.08 40.06
CA ARG C 902 44.13 21.81 39.60
C ARG C 902 44.67 20.65 40.42
N PHE C 903 45.93 20.73 40.87
CA PHE C 903 46.46 19.73 41.78
C PHE C 903 45.73 19.78 43.12
N ASN C 904 45.43 20.99 43.61
CA ASN C 904 44.59 21.12 44.79
C ASN C 904 43.20 20.53 44.55
N GLY C 905 42.79 20.41 43.29
CA GLY C 905 41.49 19.83 43.00
C GLY C 905 41.42 18.34 43.26
N ILE C 906 42.56 17.64 43.17
CA ILE C 906 42.60 16.19 43.33
C ILE C 906 42.98 15.82 44.75
N GLY C 907 43.11 16.81 45.63
CA GLY C 907 43.43 16.56 47.01
C GLY C 907 44.90 16.52 47.35
N VAL C 908 45.77 17.02 46.47
CA VAL C 908 47.20 17.14 46.75
C VAL C 908 47.55 18.63 46.74
N THR C 909 48.36 19.04 47.71
CA THR C 909 48.68 20.46 47.83
C THR C 909 49.63 20.88 46.72
N GLN C 910 49.88 22.20 46.65
CA GLN C 910 50.67 22.78 45.57
C GLN C 910 52.14 22.38 45.64
N ASN C 911 52.59 21.81 46.77
CA ASN C 911 53.98 21.42 46.88
C ASN C 911 54.33 20.29 45.92
N VAL C 912 53.34 19.47 45.54
CA VAL C 912 53.60 18.38 44.61
C VAL C 912 54.01 18.93 43.26
N LEU C 913 53.30 19.96 42.78
CA LEU C 913 53.66 20.57 41.50
C LEU C 913 54.93 21.40 41.63
N TYR C 914 55.02 22.25 42.65
CA TYR C 914 56.11 23.22 42.69
C TYR C 914 57.44 22.58 43.05
N GLU C 915 57.45 21.60 43.95
CA GLU C 915 58.69 20.87 44.23
C GLU C 915 59.06 19.93 43.09
N ASN C 916 58.26 19.90 42.02
CA ASN C 916 58.48 19.02 40.88
C ASN C 916 58.16 19.73 39.57
N GLN C 917 58.36 21.05 39.51
CA GLN C 917 57.78 21.86 38.43
C GLN C 917 58.39 21.51 37.08
N LYS C 918 59.72 21.50 37.00
CA LYS C 918 60.37 21.24 35.71
C LYS C 918 60.05 19.84 35.20
N LEU C 919 60.08 18.85 36.09
CA LEU C 919 59.78 17.49 35.68
C LEU C 919 58.36 17.34 35.16
N ILE C 920 57.38 17.94 35.86
CA ILE C 920 56.00 17.84 35.40
C ILE C 920 55.80 18.60 34.10
N ALA C 921 56.47 19.75 33.95
CA ALA C 921 56.39 20.48 32.69
C ALA C 921 56.91 19.63 31.53
N ASN C 922 58.06 18.98 31.74
CA ASN C 922 58.60 18.11 30.70
C ASN C 922 57.68 16.94 30.44
N GLN C 923 57.07 16.38 31.49
CA GLN C 923 56.12 15.29 31.31
C GLN C 923 54.93 15.72 30.47
N PHE C 924 54.41 16.92 30.73
CA PHE C 924 53.25 17.40 29.98
C PHE C 924 53.63 17.64 28.52
N ASN C 925 54.81 18.24 28.28
CA ASN C 925 55.25 18.46 26.91
C ASN C 925 55.43 17.15 26.16
N SER C 926 56.08 16.16 26.81
CA SER C 926 56.28 14.86 26.18
C SER C 926 54.95 14.15 25.95
N ALA C 927 53.99 14.33 26.86
CA ALA C 927 52.66 13.76 26.66
C ALA C 927 51.98 14.37 25.45
N ILE C 928 52.09 15.69 25.29
CA ILE C 928 51.52 16.35 24.12
C ILE C 928 52.16 15.81 22.84
N GLY C 929 53.49 15.68 22.84
CA GLY C 929 54.16 15.10 21.68
C GLY C 929 53.71 13.68 21.40
N LYS C 930 53.56 12.88 22.46
CA LYS C 930 53.15 11.49 22.30
C LYS C 930 51.73 11.37 21.74
N ILE C 931 50.82 12.22 22.19
CA ILE C 931 49.47 12.18 21.65
C ILE C 931 49.45 12.67 20.21
N GLN C 932 50.32 13.63 19.87
CA GLN C 932 50.44 14.02 18.47
C GLN C 932 50.91 12.85 17.63
N ASP C 933 51.90 12.11 18.12
CA ASP C 933 52.41 10.94 17.42
C ASP C 933 51.32 9.88 17.26
N SER C 934 50.56 9.64 18.33
CA SER C 934 49.51 8.63 18.27
C SER C 934 48.41 9.03 17.29
N LEU C 935 48.04 10.32 17.28
CA LEU C 935 47.05 10.79 16.32
C LEU C 935 47.55 10.64 14.90
N SER C 936 48.83 10.97 14.66
CA SER C 936 49.38 10.89 13.31
C SER C 936 49.48 9.44 12.83
N SER C 937 49.89 8.53 13.70
CA SER C 937 50.19 7.16 13.29
C SER C 937 48.91 6.34 13.12
N THR C 938 48.15 6.17 14.20
CA THR C 938 46.97 5.32 14.16
C THR C 938 45.88 5.95 13.33
N PRO C 939 45.38 5.28 12.27
CA PRO C 939 44.30 5.87 11.48
C PRO C 939 42.93 5.71 12.10
N SER C 940 42.75 4.77 13.02
CA SER C 940 41.47 4.55 13.67
C SER C 940 41.29 5.41 14.93
N ALA C 941 42.25 6.29 15.23
CA ALA C 941 42.10 7.18 16.37
C ALA C 941 40.89 8.10 16.19
N LEU C 942 40.69 8.59 14.96
CA LEU C 942 39.52 9.41 14.66
C LEU C 942 38.33 8.53 14.31
N GLY C 943 38.00 7.59 15.19
CA GLY C 943 36.91 6.67 14.90
C GLY C 943 35.56 7.36 14.87
N LYS C 944 35.29 8.23 15.85
CA LYS C 944 33.92 8.69 16.07
C LYS C 944 33.48 9.68 14.99
N LEU C 945 34.26 10.74 14.75
CA LEU C 945 33.87 11.73 13.76
C LEU C 945 33.88 11.14 12.35
N GLN C 946 34.89 10.32 12.04
CA GLN C 946 34.91 9.68 10.73
C GLN C 946 33.72 8.74 10.56
N ASP C 947 33.34 8.04 11.64
CA ASP C 947 32.16 7.18 11.56
C ASP C 947 30.89 8.00 11.37
N VAL C 948 30.78 9.15 12.02
CA VAL C 948 29.61 10.00 11.85
C VAL C 948 29.53 10.52 10.42
N VAL C 949 30.65 10.99 9.89
CA VAL C 949 30.68 11.47 8.51
C VAL C 949 30.34 10.35 7.54
N ASN C 950 30.90 9.16 7.77
CA ASN C 950 30.61 8.02 6.91
C ASN C 950 29.14 7.61 7.00
N GLN C 951 28.56 7.65 8.20
CA GLN C 951 27.15 7.30 8.34
C GLN C 951 26.26 8.30 7.61
N ASN C 952 26.55 9.59 7.76
CA ASN C 952 25.75 10.59 7.05
C ASN C 952 25.90 10.47 5.54
N ALA C 953 27.14 10.27 5.07
CA ALA C 953 27.37 10.09 3.65
C ALA C 953 26.71 8.83 3.13
N GLN C 954 26.71 7.76 3.92
CA GLN C 954 26.05 6.53 3.53
C GLN C 954 24.54 6.71 3.44
N ALA C 955 23.97 7.44 4.41
CA ALA C 955 22.54 7.72 4.36
C ALA C 955 22.18 8.53 3.12
N LEU C 956 22.97 9.56 2.82
CA LEU C 956 22.71 10.36 1.62
C LEU C 956 22.90 9.53 0.35
N ASN C 957 23.92 8.68 0.31
CA ASN C 957 24.17 7.86 -0.86
C ASN C 957 23.06 6.86 -1.09
N THR C 958 22.57 6.22 -0.02
CA THR C 958 21.45 5.30 -0.16
C THR C 958 20.19 6.05 -0.57
N LEU C 959 19.98 7.26 -0.05
CA LEU C 959 18.85 8.06 -0.49
C LEU C 959 18.92 8.34 -1.98
N VAL C 960 20.11 8.70 -2.47
CA VAL C 960 20.27 8.98 -3.90
C VAL C 960 20.08 7.71 -4.71
N LYS C 961 20.62 6.58 -4.23
CA LYS C 961 20.46 5.32 -4.94
C LYS C 961 19.00 4.88 -5.00
N GLN C 962 18.21 5.26 -4.00
CA GLN C 962 16.81 4.86 -3.98
C GLN C 962 16.03 5.40 -5.17
N LEU C 963 16.51 6.46 -5.82
CA LEU C 963 15.86 6.93 -7.05
C LEU C 963 15.94 5.87 -8.14
N SER C 964 17.09 5.21 -8.28
CA SER C 964 17.24 4.15 -9.27
C SER C 964 16.42 2.92 -8.94
N SER C 965 15.89 2.82 -7.72
CA SER C 965 15.05 1.68 -7.37
C SER C 965 13.68 1.80 -8.05
N ASN C 966 13.22 0.69 -8.62
CA ASN C 966 11.99 0.70 -9.40
C ASN C 966 10.75 0.90 -8.52
N PHE C 967 10.79 0.37 -7.30
CA PHE C 967 9.66 0.43 -6.36
C PHE C 967 8.40 -0.20 -6.95
N GLY C 968 8.56 -1.21 -7.81
CA GLY C 968 7.43 -1.93 -8.36
C GLY C 968 6.75 -1.28 -9.54
N ALA C 969 7.25 -0.14 -10.02
CA ALA C 969 6.67 0.52 -11.19
C ALA C 969 7.17 -0.18 -12.45
N ILE C 970 6.91 0.43 -13.61
CA ILE C 970 7.47 -0.09 -14.85
C ILE C 970 8.86 0.47 -15.12
N SER C 971 9.23 1.58 -14.49
CA SER C 971 10.56 2.16 -14.65
C SER C 971 10.86 3.01 -13.42
N SER C 972 12.14 3.32 -13.25
CA SER C 972 12.61 4.14 -12.14
C SER C 972 12.96 5.56 -12.58
N VAL C 973 12.44 5.99 -13.73
CA VAL C 973 12.72 7.31 -14.28
C VAL C 973 11.40 8.04 -14.44
N LEU C 974 11.35 9.29 -13.98
CA LEU C 974 10.14 10.09 -14.10
C LEU C 974 9.74 10.28 -15.57
N ASN C 975 10.69 10.72 -16.39
CA ASN C 975 10.40 11.01 -17.80
C ASN C 975 9.97 9.74 -18.53
N ASP C 976 10.63 8.62 -18.25
CA ASP C 976 10.26 7.37 -18.90
C ASP C 976 8.83 6.95 -18.53
N ILE C 977 8.37 7.37 -17.36
CA ILE C 977 6.98 7.11 -16.99
C ILE C 977 6.04 8.08 -17.71
N LEU C 978 6.46 9.35 -17.82
CA LEU C 978 5.64 10.33 -18.53
C LEU C 978 5.39 9.89 -19.98
N SER C 979 6.44 9.54 -20.69
CA SER C 979 6.34 9.02 -22.05
C SER C 979 6.06 7.53 -22.02
N ARG C 980 5.77 6.98 -23.18
CA ARG C 980 5.49 5.56 -23.42
C ARG C 980 4.26 5.08 -22.64
N LEU C 981 3.56 5.97 -21.93
CA LEU C 981 2.42 5.59 -21.10
C LEU C 981 1.33 6.64 -21.25
N ASP C 982 0.09 6.18 -21.38
CA ASP C 982 -1.03 7.09 -21.37
C ASP C 982 -1.16 7.74 -19.99
N PRO C 983 -1.57 9.01 -19.93
CA PRO C 983 -1.61 9.74 -18.65
C PRO C 983 -2.44 9.04 -17.58
N PRO C 984 -3.57 8.39 -17.92
CA PRO C 984 -4.32 7.68 -16.86
C PRO C 984 -3.50 6.64 -16.11
N GLU C 985 -2.90 5.68 -16.82
CA GLU C 985 -2.10 4.66 -16.14
C GLU C 985 -0.78 5.23 -15.65
N ALA C 986 -0.29 6.27 -16.33
CA ALA C 986 0.89 6.97 -15.84
C ALA C 986 0.63 7.58 -14.46
N GLU C 987 -0.61 7.97 -14.19
CA GLU C 987 -0.94 8.48 -12.87
C GLU C 987 -0.78 7.40 -11.80
N VAL C 988 -1.23 6.18 -12.11
CA VAL C 988 -1.08 5.08 -11.14
C VAL C 988 0.39 4.75 -10.95
N GLN C 989 1.16 4.72 -12.04
CA GLN C 989 2.58 4.42 -11.91
C GLN C 989 3.32 5.52 -11.13
N ILE C 990 2.94 6.77 -11.37
CA ILE C 990 3.51 7.88 -10.60
C ILE C 990 3.11 7.77 -9.14
N ASP C 991 1.89 7.30 -8.87
CA ASP C 991 1.48 7.08 -7.48
C ASP C 991 2.35 6.03 -6.82
N ARG C 992 2.61 4.92 -7.53
CA ARG C 992 3.50 3.90 -6.98
C ARG C 992 4.89 4.46 -6.70
N LEU C 993 5.47 5.15 -7.68
CA LEU C 993 6.81 5.71 -7.52
C LEU C 993 6.85 6.77 -6.43
N ILE C 994 5.80 7.59 -6.33
CA ILE C 994 5.78 8.67 -5.36
C ILE C 994 5.64 8.12 -3.95
N THR C 995 4.83 7.07 -3.77
CA THR C 995 4.72 6.47 -2.46
C THR C 995 6.01 5.77 -2.08
N GLY C 996 6.70 5.18 -3.07
CA GLY C 996 7.98 4.55 -2.77
C GLY C 996 9.05 5.56 -2.36
N ARG C 997 9.17 6.64 -3.13
CA ARG C 997 10.19 7.64 -2.82
C ARG C 997 9.83 8.42 -1.56
N LEU C 998 8.54 8.63 -1.29
CA LEU C 998 8.16 9.27 -0.05
C LEU C 998 8.40 8.36 1.14
N GLN C 999 8.21 7.05 0.97
CA GLN C 999 8.61 6.11 2.00
C GLN C 999 10.11 6.19 2.27
N SER C 1000 10.89 6.25 1.20
CA SER C 1000 12.35 6.36 1.37
C SER C 1000 12.75 7.65 2.06
N LEU C 1001 12.14 8.78 1.66
CA LEU C 1001 12.49 10.06 2.27
C LEU C 1001 12.03 10.11 3.72
N GLN C 1002 10.86 9.55 4.03
CA GLN C 1002 10.42 9.49 5.41
C GLN C 1002 11.35 8.63 6.25
N THR C 1003 11.79 7.49 5.70
CA THR C 1003 12.75 6.65 6.41
C THR C 1003 14.05 7.40 6.66
N TYR C 1004 14.54 8.11 5.64
CA TYR C 1004 15.78 8.87 5.81
C TYR C 1004 15.61 9.97 6.85
N VAL C 1005 14.47 10.66 6.84
CA VAL C 1005 14.23 11.73 7.80
C VAL C 1005 14.15 11.18 9.22
N THR C 1006 13.48 10.03 9.39
CA THR C 1006 13.40 9.43 10.71
C THR C 1006 14.76 8.95 11.20
N GLN C 1007 15.55 8.33 10.31
CA GLN C 1007 16.89 7.91 10.70
C GLN C 1007 17.78 9.09 11.02
N GLN C 1008 17.65 10.18 10.26
CA GLN C 1008 18.40 11.38 10.56
C GLN C 1008 17.95 12.02 11.86
N LEU C 1009 16.66 11.92 12.19
CA LEU C 1009 16.20 12.41 13.49
C LEU C 1009 16.76 11.57 14.63
N ILE C 1010 16.83 10.25 14.44
CA ILE C 1010 17.46 9.39 15.44
C ILE C 1010 18.93 9.77 15.61
N ARG C 1011 19.63 9.93 14.49
CA ARG C 1011 21.04 10.29 14.54
C ARG C 1011 21.25 11.68 15.14
N ALA C 1012 20.34 12.60 14.86
CA ALA C 1012 20.45 13.94 15.44
C ALA C 1012 20.12 13.94 16.92
N ALA C 1013 19.23 13.06 17.37
CA ALA C 1013 19.01 12.91 18.81
C ALA C 1013 20.23 12.32 19.49
N GLU C 1014 20.86 11.32 18.85
CA GLU C 1014 22.09 10.77 19.39
C GLU C 1014 23.19 11.82 19.46
N ILE C 1015 23.36 12.60 18.39
CA ILE C 1015 24.40 13.61 18.36
C ILE C 1015 24.02 14.80 19.25
N ARG C 1016 22.73 15.00 19.52
CA ARG C 1016 22.32 16.01 20.50
C ARG C 1016 22.67 15.57 21.91
N ALA C 1017 22.50 14.29 22.22
CA ALA C 1017 23.00 13.78 23.48
C ALA C 1017 24.51 13.94 23.57
N SER C 1018 25.22 13.62 22.48
CA SER C 1018 26.66 13.77 22.45
C SER C 1018 27.09 15.23 22.54
N ALA C 1019 26.30 16.15 21.98
CA ALA C 1019 26.62 17.57 22.02
C ALA C 1019 26.32 18.17 23.38
N ASN C 1020 25.26 17.74 24.05
CA ASN C 1020 25.05 18.11 25.44
C ASN C 1020 26.18 17.59 26.31
N LEU C 1021 26.61 16.35 26.05
CA LEU C 1021 27.75 15.80 26.78
C LEU C 1021 29.02 16.59 26.49
N ALA C 1022 29.21 17.02 25.24
CA ALA C 1022 30.40 17.78 24.89
C ALA C 1022 30.38 19.17 25.52
N ALA C 1023 29.21 19.83 25.52
CA ALA C 1023 29.11 21.14 26.14
C ALA C 1023 29.31 21.06 27.65
N THR C 1024 28.72 20.06 28.30
CA THR C 1024 28.93 19.93 29.73
C THR C 1024 30.35 19.47 30.05
N LYS C 1025 30.97 18.70 29.15
CA LYS C 1025 32.38 18.37 29.31
C LYS C 1025 33.25 19.60 29.19
N MET C 1026 32.95 20.46 28.22
CA MET C 1026 33.63 21.74 28.10
C MET C 1026 33.52 22.51 29.40
N SER C 1027 32.30 22.61 29.93
CA SER C 1027 32.05 23.39 31.13
C SER C 1027 32.74 22.82 32.36
N GLU C 1028 32.71 21.49 32.53
CA GLU C 1028 33.26 20.89 33.74
C GLU C 1028 34.76 20.58 33.65
N CYS C 1029 35.35 20.58 32.46
CA CYS C 1029 36.74 20.17 32.32
C CYS C 1029 37.63 21.31 31.86
N VAL C 1030 37.20 22.10 30.88
CA VAL C 1030 38.03 23.21 30.42
C VAL C 1030 37.57 24.55 31.00
N LEU C 1031 36.36 24.62 31.54
CA LEU C 1031 35.88 25.78 32.28
C LEU C 1031 35.94 25.56 33.78
N GLY C 1032 36.62 24.50 34.22
CA GLY C 1032 36.72 24.17 35.63
C GLY C 1032 37.33 22.79 35.79
N GLN C 1033 37.76 22.44 36.99
CA GLN C 1033 38.16 21.07 37.26
C GLN C 1033 36.96 20.25 37.68
N SER C 1034 36.86 19.04 37.13
CA SER C 1034 35.73 18.16 37.37
C SER C 1034 36.12 17.09 38.38
N LYS C 1035 35.44 17.06 39.51
CA LYS C 1035 35.54 16.00 40.49
C LYS C 1035 34.65 14.81 40.12
N ARG C 1036 33.91 14.93 39.03
CA ARG C 1036 33.02 13.88 38.55
C ARG C 1036 33.88 12.73 38.04
N VAL C 1037 33.99 11.67 38.84
CA VAL C 1037 35.01 10.65 38.63
C VAL C 1037 34.84 9.97 37.28
N ASP C 1038 35.96 9.78 36.58
CA ASP C 1038 36.00 9.11 35.28
C ASP C 1038 35.09 9.81 34.27
N PHE C 1039 35.19 11.14 34.23
CA PHE C 1039 34.46 11.93 33.25
C PHE C 1039 35.40 12.62 32.26
N CYS C 1040 36.35 13.43 32.74
CA CYS C 1040 37.33 14.08 31.87
C CYS C 1040 38.62 13.27 31.95
N GLY C 1041 38.64 12.17 31.19
CA GLY C 1041 39.81 11.31 31.15
C GLY C 1041 39.85 10.32 32.30
N LYS C 1042 40.55 9.22 32.06
CA LYS C 1042 40.67 8.15 33.05
C LYS C 1042 41.67 8.54 34.12
N GLY C 1043 41.17 8.86 35.31
CA GLY C 1043 42.01 9.24 36.43
C GLY C 1043 41.59 10.57 37.01
N TYR C 1044 42.31 10.96 38.06
CA TYR C 1044 42.11 12.27 38.67
C TYR C 1044 42.35 13.36 37.64
N HIS C 1045 41.27 14.05 37.27
CA HIS C 1045 41.34 14.98 36.15
C HIS C 1045 42.08 16.25 36.53
N LEU C 1046 42.76 16.84 35.55
CA LEU C 1046 43.45 18.12 35.71
C LEU C 1046 42.80 19.22 34.90
N MET C 1047 42.70 19.06 33.59
CA MET C 1047 42.13 20.07 32.70
C MET C 1047 41.99 19.45 31.32
N SER C 1048 41.48 20.24 30.37
CA SER C 1048 41.21 19.73 29.05
C SER C 1048 41.58 20.78 28.02
N PHE C 1049 41.44 20.41 26.74
CA PHE C 1049 41.75 21.27 25.62
C PHE C 1049 40.85 20.95 24.43
N PRO C 1050 39.87 21.80 24.13
CA PRO C 1050 39.03 21.56 22.95
C PRO C 1050 39.81 21.84 21.67
N GLN C 1051 39.66 20.95 20.69
CA GLN C 1051 40.33 21.08 19.41
C GLN C 1051 39.28 20.91 18.32
N SER C 1052 39.16 21.89 17.45
CA SER C 1052 38.15 21.85 16.39
C SER C 1052 38.45 20.71 15.43
N ALA C 1053 37.42 19.95 15.09
CA ALA C 1053 37.53 18.81 14.20
C ALA C 1053 36.30 18.77 13.31
N PRO C 1054 36.38 18.13 12.13
CA PRO C 1054 35.25 18.18 11.19
C PRO C 1054 33.96 17.62 11.77
N HIS C 1055 32.97 18.48 11.98
CA HIS C 1055 31.68 18.10 12.53
C HIS C 1055 31.86 17.29 13.81
N GLY C 1056 32.55 17.90 14.76
CA GLY C 1056 32.84 17.24 16.02
C GLY C 1056 33.78 18.09 16.85
N VAL C 1057 34.36 17.44 17.86
CA VAL C 1057 35.32 18.10 18.75
C VAL C 1057 36.23 17.03 19.33
N VAL C 1058 37.47 17.43 19.60
CA VAL C 1058 38.48 16.55 20.18
C VAL C 1058 38.98 17.19 21.46
N PHE C 1059 39.02 16.40 22.53
CA PHE C 1059 39.48 16.89 23.82
C PHE C 1059 40.83 16.29 24.16
N LEU C 1060 41.68 17.07 24.82
CA LEU C 1060 42.98 16.61 25.31
C LEU C 1060 42.88 16.59 26.83
N HIS C 1061 42.38 15.49 27.37
CA HIS C 1061 42.16 15.37 28.81
C HIS C 1061 43.48 15.11 29.50
N VAL C 1062 44.11 16.16 30.00
CA VAL C 1062 45.32 16.03 30.81
C VAL C 1062 44.89 15.49 32.17
N THR C 1063 45.24 14.24 32.47
CA THR C 1063 44.82 13.57 33.69
C THR C 1063 46.03 13.27 34.57
N TYR C 1064 45.75 12.68 35.73
CA TYR C 1064 46.74 12.30 36.71
C TYR C 1064 46.58 10.81 37.02
N VAL C 1065 47.68 10.07 36.93
CA VAL C 1065 47.65 8.62 37.17
C VAL C 1065 48.87 8.22 38.00
N PRO C 1066 48.69 7.69 39.21
CA PRO C 1066 49.84 7.26 40.00
C PRO C 1066 50.59 6.12 39.32
N ALA C 1067 51.90 6.05 39.57
CA ALA C 1067 52.77 5.14 38.84
C ALA C 1067 53.41 4.07 39.73
N GLN C 1068 54.14 4.45 40.76
CA GLN C 1068 54.97 3.51 41.53
C GLN C 1068 54.35 3.31 42.91
N GLU C 1069 54.12 2.05 43.27
CA GLU C 1069 53.43 1.73 44.51
C GLU C 1069 54.43 1.37 45.61
N LYS C 1070 54.34 2.08 46.74
CA LYS C 1070 55.04 1.72 47.97
C LYS C 1070 53.99 1.49 49.04
N ASN C 1071 54.06 0.34 49.70
CA ASN C 1071 53.02 -0.09 50.62
C ASN C 1071 53.54 -0.18 52.05
N PHE C 1072 52.65 0.02 53.02
CA PHE C 1072 53.04 0.12 54.43
C PHE C 1072 51.90 -0.46 55.28
N THR C 1073 51.95 -0.16 56.57
CA THR C 1073 50.97 -0.63 57.55
C THR C 1073 50.17 0.56 58.07
N THR C 1074 48.86 0.38 58.22
CA THR C 1074 47.95 1.46 58.58
C THR C 1074 47.32 1.21 59.94
N ALA C 1075 47.28 2.26 60.76
CA ALA C 1075 46.56 2.26 62.03
C ALA C 1075 45.71 3.53 62.07
N PRO C 1076 44.38 3.42 62.08
CA PRO C 1076 43.55 4.61 61.94
C PRO C 1076 43.74 5.64 63.03
N ALA C 1077 44.22 5.24 64.21
CA ALA C 1077 44.29 6.16 65.33
C ALA C 1077 45.63 5.94 66.05
N ILE C 1078 45.90 6.81 67.02
CA ILE C 1078 47.19 6.83 67.72
C ILE C 1078 46.94 7.17 69.18
N CYS C 1079 47.51 6.38 70.09
CA CYS C 1079 47.43 6.63 71.52
C CYS C 1079 48.61 7.53 71.90
N HIS C 1080 48.41 8.84 71.77
CA HIS C 1080 49.47 9.77 72.15
C HIS C 1080 49.54 9.93 73.67
N ASP C 1081 48.43 10.29 74.29
CA ASP C 1081 48.33 10.44 75.73
C ASP C 1081 47.22 9.55 76.28
N GLY C 1082 47.17 8.31 75.81
CA GLY C 1082 46.08 7.42 76.16
C GLY C 1082 44.77 7.71 75.48
N LYS C 1083 44.76 8.56 74.45
CA LYS C 1083 43.55 8.96 73.76
C LYS C 1083 43.84 9.05 72.26
N ALA C 1084 42.83 8.77 71.44
CA ALA C 1084 43.04 8.56 70.02
C ALA C 1084 43.38 9.85 69.29
N HIS C 1085 44.05 9.70 68.15
CA HIS C 1085 44.38 10.80 67.25
C HIS C 1085 44.14 10.36 65.82
N PHE C 1086 43.46 11.19 65.04
CA PHE C 1086 43.11 10.91 63.67
C PHE C 1086 43.80 11.90 62.75
N PRO C 1087 44.03 11.54 61.48
CA PRO C 1087 44.67 12.47 60.54
C PRO C 1087 43.66 13.47 60.00
N ARG C 1088 44.00 14.75 60.07
CA ARG C 1088 43.14 15.78 59.48
C ARG C 1088 43.00 15.57 57.98
N GLU C 1089 44.11 15.23 57.31
CA GLU C 1089 44.12 14.94 55.88
C GLU C 1089 45.18 13.88 55.63
N GLY C 1090 44.76 12.69 55.23
CA GLY C 1090 45.66 11.61 54.95
C GLY C 1090 45.43 10.39 55.83
N VAL C 1091 46.36 9.45 55.75
CA VAL C 1091 46.25 8.17 56.44
C VAL C 1091 47.57 7.89 57.16
N PHE C 1092 47.45 7.31 58.36
CA PHE C 1092 48.59 6.95 59.18
C PHE C 1092 49.26 5.71 58.60
N VAL C 1093 50.54 5.84 58.25
CA VAL C 1093 51.33 4.74 57.71
C VAL C 1093 52.67 4.71 58.42
N SER C 1094 53.48 3.71 58.10
CA SER C 1094 54.79 3.59 58.71
C SER C 1094 55.68 2.70 57.84
N ASN C 1095 56.96 3.07 57.74
CA ASN C 1095 57.92 2.23 57.05
C ASN C 1095 58.47 1.10 57.93
N GLY C 1096 58.01 1.01 59.18
CA GLY C 1096 58.40 -0.06 60.07
C GLY C 1096 58.84 0.41 61.44
N THR C 1097 59.44 1.59 61.50
CA THR C 1097 60.00 2.09 62.75
C THR C 1097 59.31 3.35 63.25
N HIS C 1098 59.11 4.35 62.40
CA HIS C 1098 58.52 5.62 62.80
C HIS C 1098 57.26 5.87 61.97
N TRP C 1099 56.16 6.17 62.66
CA TRP C 1099 54.85 6.28 62.03
C TRP C 1099 54.69 7.68 61.45
N PHE C 1100 54.35 7.74 60.16
CA PHE C 1100 54.17 8.99 59.43
C PHE C 1100 52.80 9.04 58.79
N VAL C 1101 52.19 10.22 58.80
CA VAL C 1101 50.93 10.46 58.10
C VAL C 1101 51.24 11.06 56.74
N THR C 1102 50.57 10.55 55.70
CA THR C 1102 50.81 11.01 54.34
C THR C 1102 49.49 11.21 53.62
N GLN C 1103 49.53 12.02 52.56
CA GLN C 1103 48.34 12.29 51.78
C GLN C 1103 47.98 11.07 50.94
N ARG C 1104 46.80 11.12 50.34
CA ARG C 1104 46.16 9.92 49.82
C ARG C 1104 46.49 9.61 48.37
N ASN C 1105 47.34 10.41 47.72
CA ASN C 1105 47.71 10.12 46.34
C ASN C 1105 49.17 10.41 46.04
N PHE C 1106 50.01 10.57 47.07
CA PHE C 1106 51.41 10.87 46.88
C PHE C 1106 52.16 10.64 48.18
N TYR C 1107 53.28 9.94 48.13
CA TYR C 1107 54.01 9.60 49.35
C TYR C 1107 54.84 10.82 49.77
N GLU C 1108 54.23 11.66 50.61
CA GLU C 1108 54.92 12.77 51.26
C GLU C 1108 54.65 12.61 52.75
N PRO C 1109 55.41 11.74 53.43
CA PRO C 1109 55.19 11.54 54.86
C PRO C 1109 55.75 12.67 55.69
N GLN C 1110 55.12 12.89 56.85
CA GLN C 1110 55.63 13.85 57.83
C GLN C 1110 55.48 13.24 59.22
N ILE C 1111 56.28 13.75 60.15
CA ILE C 1111 56.18 13.34 61.54
C ILE C 1111 54.82 13.74 62.09
N ILE C 1112 54.23 12.85 62.89
CA ILE C 1112 52.90 13.11 63.43
C ILE C 1112 52.96 14.33 64.34
N THR C 1113 52.16 15.34 64.02
CA THR C 1113 52.13 16.58 64.79
C THR C 1113 50.69 16.95 65.08
N THR C 1114 50.48 17.61 66.23
CA THR C 1114 49.13 17.96 66.65
C THR C 1114 48.44 18.89 65.67
N ASP C 1115 49.21 19.73 64.96
CA ASP C 1115 48.60 20.63 63.98
C ASP C 1115 47.97 19.85 62.83
N ASN C 1116 48.48 18.65 62.55
CA ASN C 1116 47.96 17.82 61.47
C ASN C 1116 47.00 16.75 61.96
N THR C 1117 46.82 16.60 63.26
CA THR C 1117 45.96 15.57 63.82
C THR C 1117 44.91 16.21 64.72
N PHE C 1118 43.65 15.82 64.54
CA PHE C 1118 42.57 16.27 65.39
C PHE C 1118 42.22 15.17 66.39
N VAL C 1119 42.29 15.52 67.67
CA VAL C 1119 42.08 14.54 68.74
C VAL C 1119 40.60 14.27 68.89
N SER C 1120 40.25 13.03 69.21
CA SER C 1120 38.85 12.63 69.27
C SER C 1120 38.73 11.33 70.05
N GLY C 1121 37.97 11.35 71.14
CA GLY C 1121 37.54 10.14 71.80
C GLY C 1121 38.56 9.53 72.74
N ASN C 1122 38.35 8.24 73.02
CA ASN C 1122 39.17 7.47 73.95
C ASN C 1122 39.78 6.30 73.18
N CYS C 1123 40.99 5.90 73.58
CA CYS C 1123 41.76 4.93 72.80
C CYS C 1123 41.03 3.60 72.63
N ASP C 1124 40.44 3.08 73.71
CA ASP C 1124 39.91 1.72 73.68
C ASP C 1124 38.68 1.57 72.80
N VAL C 1125 37.99 2.67 72.47
CA VAL C 1125 36.77 2.58 71.69
C VAL C 1125 37.05 2.07 70.28
N VAL C 1126 38.09 2.58 69.64
CA VAL C 1126 38.39 2.23 68.26
C VAL C 1126 39.34 1.05 68.21
N ILE C 1127 39.33 0.35 67.07
CA ILE C 1127 40.17 -0.82 66.83
C ILE C 1127 41.21 -0.46 65.79
N GLY C 1128 42.36 -1.16 65.84
CA GLY C 1128 43.45 -0.92 64.92
C GLY C 1128 44.43 0.14 65.38
N ILE C 1129 44.08 0.91 66.41
CA ILE C 1129 44.94 1.99 66.88
C ILE C 1129 46.20 1.40 67.51
N VAL C 1130 47.33 2.09 67.31
CA VAL C 1130 48.62 1.68 67.86
C VAL C 1130 49.17 2.78 68.75
N ASN C 1131 50.11 2.41 69.61
CA ASN C 1131 50.70 3.34 70.55
C ASN C 1131 51.84 4.11 69.89
N ASN C 1132 51.77 5.44 69.96
CA ASN C 1132 52.78 6.30 69.35
C ASN C 1132 52.71 7.67 70.01
N THR C 1133 53.82 8.40 69.92
CA THR C 1133 53.91 9.74 70.47
C THR C 1133 53.78 10.78 69.36
N VAL C 1134 53.32 11.97 69.74
CA VAL C 1134 53.12 13.08 68.81
C VAL C 1134 53.92 14.26 69.33
N TYR C 1135 54.73 14.86 68.45
CA TYR C 1135 55.55 16.00 68.84
C TYR C 1135 54.68 17.20 69.17
N ASP C 1136 55.10 17.97 70.17
CA ASP C 1136 54.41 19.19 70.54
C ASP C 1136 55.23 20.38 70.05
N PRO C 1137 54.75 21.13 69.05
CA PRO C 1137 55.52 22.29 68.59
C PRO C 1137 55.68 23.37 69.65
N LEU C 1138 54.84 23.39 70.68
CA LEU C 1138 54.90 24.41 71.72
C LEU C 1138 55.87 24.05 72.85
N GLN C 1139 56.18 22.76 73.02
CA GLN C 1139 57.06 22.36 74.11
C GLN C 1139 58.47 22.96 73.99
N PRO C 1140 59.12 23.01 72.81
CA PRO C 1140 60.42 23.71 72.75
C PRO C 1140 60.30 25.18 73.09
N GLU C 1141 59.19 25.81 72.73
CA GLU C 1141 58.97 27.21 73.11
C GLU C 1141 58.86 27.36 74.61
N LEU C 1142 58.15 26.44 75.27
CA LEU C 1142 58.02 26.49 76.72
C LEU C 1142 59.36 26.27 77.40
N ASP C 1143 60.15 25.30 76.92
CA ASP C 1143 61.44 25.03 77.53
C ASP C 1143 62.40 26.20 77.33
N SER C 1144 62.40 26.80 76.14
CA SER C 1144 63.29 27.90 75.84
C SER C 1144 62.74 29.22 76.38
N GLN D 1 -9.32 -9.33 -52.45
CA GLN D 1 -9.75 -9.10 -53.82
C GLN D 1 -11.27 -9.13 -53.90
N SER D 2 -11.89 -9.87 -52.98
CA SER D 2 -13.33 -10.05 -52.94
C SER D 2 -13.88 -9.53 -51.61
N LEU D 3 -14.98 -8.81 -51.67
CA LEU D 3 -15.67 -8.29 -50.49
C LEU D 3 -17.13 -8.68 -50.58
N GLU D 4 -17.66 -9.26 -49.50
CA GLU D 4 -19.05 -9.71 -49.44
C GLU D 4 -19.72 -9.11 -48.21
N GLU D 5 -20.96 -8.68 -48.38
CA GLU D 5 -21.76 -8.10 -47.31
C GLU D 5 -22.86 -9.06 -46.87
N SER D 6 -23.23 -8.95 -45.59
CA SER D 6 -24.28 -9.78 -45.02
C SER D 6 -24.85 -9.09 -43.80
N GLY D 7 -26.02 -9.57 -43.36
CA GLY D 7 -26.67 -9.06 -42.18
C GLY D 7 -27.84 -8.13 -42.43
N GLY D 8 -28.23 -7.92 -43.69
CA GLY D 8 -29.35 -7.04 -43.97
C GLY D 8 -30.65 -7.82 -44.13
N ASP D 9 -31.70 -7.30 -43.51
CA ASP D 9 -33.03 -7.91 -43.55
C ASP D 9 -34.04 -6.86 -43.06
N LEU D 10 -35.29 -7.29 -42.89
CA LEU D 10 -36.34 -6.39 -42.44
C LEU D 10 -36.33 -6.32 -40.91
N VAL D 11 -36.20 -5.10 -40.38
CA VAL D 11 -36.05 -4.87 -38.95
C VAL D 11 -37.05 -3.80 -38.51
N LYS D 12 -37.69 -4.03 -37.36
CA LYS D 12 -38.61 -3.06 -36.80
C LYS D 12 -37.86 -1.82 -36.31
N PRO D 13 -38.51 -0.66 -36.31
CA PRO D 13 -37.84 0.56 -35.87
C PRO D 13 -37.48 0.50 -34.38
N GLY D 14 -36.40 1.19 -34.04
CA GLY D 14 -35.97 1.33 -32.65
C GLY D 14 -34.97 0.30 -32.18
N THR D 15 -34.81 -0.81 -32.89
CA THR D 15 -33.87 -1.85 -32.49
C THR D 15 -32.53 -1.62 -33.18
N SER D 16 -31.64 -2.61 -33.10
CA SER D 16 -30.30 -2.51 -33.67
C SER D 16 -30.04 -3.69 -34.59
N LEU D 17 -29.25 -3.44 -35.64
CA LEU D 17 -28.86 -4.47 -36.59
C LEU D 17 -27.35 -4.38 -36.82
N THR D 18 -26.75 -5.54 -37.13
CA THR D 18 -25.33 -5.62 -37.39
C THR D 18 -25.08 -5.98 -38.85
N LEU D 19 -24.03 -5.40 -39.43
CA LEU D 19 -23.64 -5.62 -40.81
C LEU D 19 -22.18 -6.04 -40.84
N THR D 20 -21.85 -7.04 -41.66
CA THR D 20 -20.53 -7.64 -41.65
C THR D 20 -19.99 -7.72 -43.08
N CYS D 21 -18.72 -7.36 -43.24
CA CYS D 21 -17.97 -7.56 -44.48
C CYS D 21 -16.78 -8.46 -44.21
N THR D 22 -16.50 -9.36 -45.17
CA THR D 22 -15.45 -10.35 -45.02
C THR D 22 -14.35 -10.09 -46.03
N ALA D 23 -13.11 -10.13 -45.55
CA ALA D 23 -11.94 -9.96 -46.41
C ALA D 23 -11.48 -11.33 -46.90
N SER D 24 -11.51 -11.52 -48.22
CA SER D 24 -11.06 -12.75 -48.85
C SER D 24 -10.02 -12.40 -49.91
N GLY D 25 -8.89 -13.10 -49.88
CA GLY D 25 -7.78 -12.80 -50.77
C GLY D 25 -6.83 -11.74 -50.28
N PHE D 26 -7.11 -11.13 -49.12
CA PHE D 26 -6.23 -10.14 -48.53
C PHE D 26 -6.57 -10.03 -47.05
N SER D 27 -5.71 -9.34 -46.30
CA SER D 27 -5.88 -9.15 -44.87
C SER D 27 -6.01 -7.66 -44.56
N PHE D 28 -6.65 -7.38 -43.42
CA PHE D 28 -6.89 -6.00 -42.98
C PHE D 28 -5.60 -5.45 -42.38
N SER D 29 -4.71 -5.03 -43.26
CA SER D 29 -3.44 -4.46 -42.85
C SER D 29 -3.60 -2.97 -42.53
N HIS D 30 -2.54 -2.40 -41.93
CA HIS D 30 -2.57 -0.99 -41.58
C HIS D 30 -2.62 -0.08 -42.80
N ASN D 31 -2.25 -0.59 -43.98
CA ASN D 31 -2.24 0.20 -45.19
C ASN D 31 -3.63 0.36 -45.81
N TYR D 32 -4.64 -0.29 -45.26
CA TYR D 32 -5.99 -0.24 -45.82
C TYR D 32 -6.90 0.60 -44.92
N VAL D 33 -7.83 1.31 -45.56
CA VAL D 33 -8.84 2.10 -44.87
C VAL D 33 -10.21 1.62 -45.33
N MET D 34 -11.07 1.28 -44.37
CA MET D 34 -12.38 0.72 -44.67
C MET D 34 -13.47 1.72 -44.32
N CYS D 35 -14.41 1.91 -45.24
CA CYS D 35 -15.52 2.84 -45.06
C CYS D 35 -16.81 2.21 -45.56
N TRP D 36 -17.92 2.84 -45.18
CA TRP D 36 -19.25 2.40 -45.57
C TRP D 36 -19.89 3.45 -46.47
N VAL D 37 -20.46 3.01 -47.58
CA VAL D 37 -21.18 3.89 -48.50
C VAL D 37 -22.62 3.40 -48.59
N ARG D 38 -23.55 4.27 -48.25
CA ARG D 38 -24.97 3.94 -48.22
C ARG D 38 -25.72 4.81 -49.21
N GLN D 39 -26.58 4.19 -50.02
CA GLN D 39 -27.40 4.91 -50.97
C GLN D 39 -28.86 4.49 -50.78
N ALA D 40 -29.76 5.46 -50.83
CA ALA D 40 -31.18 5.19 -50.70
C ALA D 40 -31.76 4.71 -52.01
N PRO D 41 -32.89 4.01 -51.98
CA PRO D 41 -33.54 3.61 -53.24
C PRO D 41 -33.84 4.81 -54.13
N GLY D 42 -33.20 4.84 -55.29
CA GLY D 42 -33.35 5.96 -56.20
C GLY D 42 -32.78 7.26 -55.69
N LYS D 43 -31.63 7.21 -55.02
CA LYS D 43 -31.01 8.41 -54.49
C LYS D 43 -29.49 8.24 -54.54
N GLY D 44 -28.79 9.29 -54.14
CA GLY D 44 -27.34 9.31 -54.16
C GLY D 44 -26.71 8.54 -53.01
N LEU D 45 -25.39 8.55 -53.00
CA LEU D 45 -24.60 7.83 -52.01
C LEU D 45 -24.05 8.79 -50.96
N GLU D 46 -23.61 8.23 -49.84
CA GLU D 46 -23.04 9.01 -48.75
C GLU D 46 -22.17 8.10 -47.90
N CYS D 47 -21.13 8.69 -47.31
CA CYS D 47 -20.22 7.97 -46.44
C CYS D 47 -20.76 7.93 -45.02
N VAL D 48 -20.86 6.72 -44.47
CA VAL D 48 -21.40 6.53 -43.12
C VAL D 48 -20.30 6.79 -42.09
N ALA D 49 -19.24 6.00 -42.15
CA ALA D 49 -18.14 6.14 -41.22
C ALA D 49 -16.92 5.38 -41.76
N CYS D 50 -15.76 5.69 -41.19
CA CYS D 50 -14.50 5.14 -41.66
C CYS D 50 -13.65 4.68 -40.49
N ILE D 51 -12.81 3.69 -40.75
CA ILE D 51 -11.86 3.18 -39.76
C ILE D 51 -10.48 3.08 -40.42
N TYR D 52 -9.46 3.58 -39.73
CA TYR D 52 -8.08 3.53 -40.19
C TYR D 52 -7.36 2.45 -39.40
N PHE D 53 -6.90 1.41 -40.10
CA PHE D 53 -6.15 0.35 -39.42
C PHE D 53 -4.76 0.81 -39.01
N GLY D 54 -4.23 1.87 -39.62
CA GLY D 54 -2.91 2.35 -39.24
C GLY D 54 -2.86 2.93 -37.84
N PHE D 55 -3.88 3.71 -37.47
CA PHE D 55 -3.91 4.35 -36.16
C PHE D 55 -4.79 3.63 -35.15
N GLY D 56 -5.77 2.87 -35.61
CA GLY D 56 -6.71 2.24 -34.70
C GLY D 56 -7.84 3.14 -34.25
N ASP D 57 -8.03 4.28 -34.91
CA ASP D 57 -9.10 5.22 -34.59
C ASP D 57 -10.15 5.18 -35.70
N THR D 58 -11.30 5.77 -35.41
CA THR D 58 -12.44 5.73 -36.32
C THR D 58 -13.11 7.10 -36.40
N TYR D 59 -13.40 7.53 -37.62
CA TYR D 59 -14.10 8.77 -37.89
C TYR D 59 -15.56 8.47 -38.25
N TYR D 60 -16.45 9.35 -37.81
CA TYR D 60 -17.88 9.19 -38.07
C TYR D 60 -18.42 10.41 -38.79
N ALA D 61 -19.53 10.22 -39.50
CA ALA D 61 -20.15 11.30 -40.24
C ALA D 61 -20.82 12.28 -39.27
N SER D 62 -21.09 13.48 -39.78
CA SER D 62 -21.69 14.53 -38.95
C SER D 62 -23.11 14.18 -38.54
N TRP D 63 -23.88 13.55 -39.42
CA TRP D 63 -25.28 13.27 -39.12
C TRP D 63 -25.45 12.19 -38.07
N ALA D 64 -24.39 11.49 -37.68
CA ALA D 64 -24.44 10.47 -36.64
C ALA D 64 -23.71 10.96 -35.40
N LYS D 65 -24.36 10.84 -34.24
CA LYS D 65 -23.78 11.23 -32.95
C LYS D 65 -23.84 10.00 -32.04
N GLY D 66 -22.82 9.15 -32.12
CA GLY D 66 -22.78 7.94 -31.34
C GLY D 66 -23.73 6.86 -31.80
N ARG D 67 -24.46 7.07 -32.89
CA ARG D 67 -25.42 6.09 -33.37
C ARG D 67 -24.77 4.97 -34.18
N ILE D 68 -23.52 5.15 -34.60
CA ILE D 68 -22.83 4.21 -35.47
C ILE D 68 -21.58 3.72 -34.74
N THR D 69 -21.28 2.43 -34.87
CA THR D 69 -20.13 1.83 -34.21
C THR D 69 -19.38 0.97 -35.22
N ILE D 70 -18.05 1.10 -35.23
CA ILE D 70 -17.17 0.29 -36.09
C ILE D 70 -16.23 -0.49 -35.19
N SER D 71 -16.08 -1.77 -35.48
CA SER D 71 -15.12 -2.61 -34.77
C SER D 71 -14.61 -3.71 -35.70
N LYS D 72 -13.31 -3.72 -35.94
CA LYS D 72 -12.68 -4.78 -36.72
C LYS D 72 -12.49 -5.98 -35.81
N THR D 73 -13.34 -6.99 -35.96
CA THR D 73 -13.33 -8.14 -35.06
C THR D 73 -12.15 -9.08 -35.31
N SER D 74 -11.68 -9.16 -36.56
CA SER D 74 -10.60 -10.07 -36.90
C SER D 74 -9.93 -9.57 -38.17
N SER D 75 -8.87 -10.27 -38.58
CA SER D 75 -8.11 -9.87 -39.76
C SER D 75 -8.92 -9.95 -41.04
N THR D 76 -10.08 -10.62 -41.02
CA THR D 76 -10.93 -10.76 -42.20
C THR D 76 -12.37 -10.35 -41.92
N THR D 77 -12.64 -9.73 -40.77
CA THR D 77 -13.99 -9.29 -40.43
C THR D 77 -13.95 -7.88 -39.86
N VAL D 78 -14.81 -7.01 -40.39
CA VAL D 78 -15.07 -5.69 -39.81
C VAL D 78 -16.57 -5.51 -39.74
N THR D 79 -17.07 -5.18 -38.56
CA THR D 79 -18.51 -5.14 -38.31
C THR D 79 -19.00 -3.70 -38.21
N LEU D 80 -20.28 -3.52 -38.54
CA LEU D 80 -20.98 -2.25 -38.46
C LEU D 80 -22.20 -2.41 -37.57
N GLN D 81 -22.57 -1.34 -36.86
CA GLN D 81 -23.71 -1.38 -35.95
C GLN D 81 -24.45 -0.06 -36.05
N MET D 82 -25.74 -0.13 -36.39
CA MET D 82 -26.60 1.05 -36.46
C MET D 82 -27.69 0.92 -35.40
N THR D 83 -27.79 1.92 -34.54
CA THR D 83 -28.78 1.94 -33.47
C THR D 83 -29.85 2.98 -33.78
N SER D 84 -30.99 2.86 -33.08
CA SER D 84 -32.13 3.75 -33.26
C SER D 84 -32.56 3.80 -34.72
N LEU D 85 -32.86 2.62 -35.27
CA LEU D 85 -33.20 2.51 -36.68
C LEU D 85 -34.52 3.22 -36.96
N THR D 86 -34.53 4.04 -38.00
CA THR D 86 -35.72 4.78 -38.44
C THR D 86 -35.91 4.56 -39.94
N ALA D 87 -36.91 5.22 -40.50
CA ALA D 87 -37.16 5.13 -41.94
C ALA D 87 -36.01 5.70 -42.76
N ALA D 88 -35.20 6.58 -42.18
CA ALA D 88 -34.05 7.12 -42.89
C ALA D 88 -32.96 6.08 -43.09
N ASP D 89 -33.02 4.97 -42.36
CA ASP D 89 -32.04 3.90 -42.51
C ASP D 89 -32.45 2.87 -43.56
N THR D 90 -33.60 3.05 -44.21
CA THR D 90 -34.04 2.17 -45.29
C THR D 90 -33.22 2.48 -46.53
N ALA D 91 -32.14 1.73 -46.74
CA ALA D 91 -31.24 1.96 -47.87
C ALA D 91 -30.39 0.72 -48.07
N THR D 92 -29.58 0.75 -49.12
CA THR D 92 -28.66 -0.34 -49.44
C THR D 92 -27.26 0.06 -49.03
N TYR D 93 -26.57 -0.83 -48.33
CA TYR D 93 -25.28 -0.52 -47.71
C TYR D 93 -24.17 -1.28 -48.42
N PHE D 94 -23.13 -0.57 -48.83
CA PHE D 94 -21.96 -1.15 -49.47
C PHE D 94 -20.73 -0.91 -48.59
N CYS D 95 -19.71 -1.75 -48.81
CA CYS D 95 -18.42 -1.58 -48.17
C CYS D 95 -17.32 -1.87 -49.17
N ALA D 96 -16.30 -1.01 -49.18
CA ALA D 96 -15.24 -1.08 -50.17
C ALA D 96 -13.89 -0.95 -49.47
N ARG D 97 -12.83 -0.92 -50.27
CA ARG D 97 -11.46 -0.90 -49.78
C ARG D 97 -10.71 0.32 -50.29
N ALA D 98 -9.88 0.91 -49.43
CA ALA D 98 -9.07 2.07 -49.76
C ALA D 98 -7.66 1.87 -49.24
N LEU D 99 -6.76 2.75 -49.66
CA LEU D 99 -5.35 2.70 -49.28
C LEU D 99 -4.94 4.00 -48.61
N GLY D 100 -4.17 3.88 -47.54
CA GLY D 100 -3.64 5.03 -46.81
C GLY D 100 -2.15 5.17 -47.03
N TYR D 101 -1.73 6.34 -47.48
CA TYR D 101 -0.33 6.61 -47.76
C TYR D 101 0.01 8.02 -47.31
N TYR D 102 1.31 8.25 -47.13
CA TYR D 102 1.84 9.50 -46.58
C TYR D 102 2.71 10.19 -47.62
N ILE D 103 2.57 11.52 -47.71
CA ILE D 103 3.39 12.33 -48.60
C ILE D 103 3.90 13.53 -47.82
N TYR D 104 5.16 13.89 -48.08
CA TYR D 104 5.77 15.06 -47.46
C TYR D 104 5.25 16.32 -48.14
N GLY D 105 4.86 17.31 -47.33
CA GLY D 105 4.35 18.56 -47.85
C GLY D 105 4.96 19.74 -47.12
N ASP D 106 4.60 20.94 -47.59
CA ASP D 106 5.15 22.16 -47.01
C ASP D 106 4.68 22.34 -45.57
N ALA D 107 3.37 22.22 -45.33
CA ALA D 107 2.85 22.35 -43.96
C ALA D 107 3.31 21.21 -43.08
N GLY D 108 3.33 19.99 -43.61
CA GLY D 108 3.73 18.83 -42.85
C GLY D 108 3.47 17.54 -43.58
N ASP D 109 3.09 16.50 -42.84
CA ASP D 109 2.84 15.18 -43.40
C ASP D 109 1.37 14.82 -43.22
N ILE D 110 0.72 14.44 -44.31
CA ILE D 110 -0.73 14.25 -44.33
C ILE D 110 -1.02 12.82 -44.79
N TYR D 111 -2.14 12.28 -44.30
CA TYR D 111 -2.55 10.93 -44.67
C TYR D 111 -3.56 10.98 -45.81
N ILE D 112 -3.38 10.13 -46.82
CA ILE D 112 -4.19 10.15 -48.01
C ILE D 112 -4.92 8.82 -48.16
N ALA D 113 -6.25 8.87 -48.12
CA ALA D 113 -7.12 7.78 -48.58
C ALA D 113 -8.15 8.44 -49.49
N ASP D 114 -7.78 8.61 -50.76
CA ASP D 114 -8.52 9.52 -51.63
C ASP D 114 -9.72 8.86 -52.31
N TYR D 115 -9.49 7.80 -53.08
CA TYR D 115 -10.53 7.20 -53.89
C TYR D 115 -10.78 5.76 -53.44
N PHE D 116 -11.82 5.17 -54.01
CA PHE D 116 -12.25 3.82 -53.67
C PHE D 116 -12.16 2.96 -54.93
N LYS D 117 -11.53 1.79 -54.81
CA LYS D 117 -11.21 0.99 -55.99
C LYS D 117 -12.11 -0.23 -56.17
N LEU D 118 -12.20 -1.11 -55.18
CA LEU D 118 -13.00 -2.32 -55.29
C LEU D 118 -14.05 -2.34 -54.19
N TRP D 119 -15.23 -2.88 -54.51
CA TRP D 119 -16.41 -2.76 -53.67
C TRP D 119 -17.01 -4.15 -53.45
N GLY D 120 -18.17 -4.16 -52.80
CA GLY D 120 -18.92 -5.38 -52.58
C GLY D 120 -20.35 -5.24 -53.08
N PRO D 121 -21.02 -6.38 -53.28
CA PRO D 121 -22.39 -6.33 -53.84
C PRO D 121 -23.36 -5.49 -53.02
N GLY D 122 -23.27 -5.54 -51.70
CA GLY D 122 -24.14 -4.73 -50.87
C GLY D 122 -25.32 -5.51 -50.36
N THR D 123 -25.87 -5.06 -49.22
CA THR D 123 -27.03 -5.67 -48.60
C THR D 123 -28.06 -4.59 -48.29
N LEU D 124 -29.30 -4.84 -48.69
CA LEU D 124 -30.39 -3.89 -48.46
C LEU D 124 -30.91 -4.03 -47.04
N VAL D 125 -31.00 -2.91 -46.33
CA VAL D 125 -31.54 -2.85 -44.98
C VAL D 125 -32.85 -2.10 -45.04
N THR D 126 -33.93 -2.74 -44.60
CA THR D 126 -35.27 -2.16 -44.60
C THR D 126 -35.76 -2.01 -43.19
N VAL D 127 -36.22 -0.82 -42.84
CA VAL D 127 -36.74 -0.51 -41.50
C VAL D 127 -38.21 -0.20 -41.63
N SER D 128 -39.06 -1.02 -41.03
CA SER D 128 -40.50 -0.81 -41.04
C SER D 128 -41.11 -1.59 -39.88
N SER D 129 -42.31 -1.18 -39.49
CA SER D 129 -43.01 -1.81 -38.37
C SER D 129 -43.38 -3.26 -38.69
N ASP E 2 -18.84 18.58 -43.63
CA ASP E 2 -18.59 20.00 -43.89
C ASP E 2 -18.27 20.25 -45.35
N ILE E 3 -18.48 19.24 -46.20
CA ILE E 3 -18.18 19.31 -47.63
C ILE E 3 -19.42 18.88 -48.39
N VAL E 4 -19.70 19.58 -49.49
CA VAL E 4 -20.81 19.24 -50.38
C VAL E 4 -20.29 19.24 -51.82
N MET E 5 -20.51 18.13 -52.52
CA MET E 5 -20.17 18.01 -53.93
C MET E 5 -21.42 18.28 -54.75
N THR E 6 -21.49 19.46 -55.35
CA THR E 6 -22.63 19.84 -56.18
C THR E 6 -22.39 19.34 -57.60
N GLN E 7 -23.33 18.55 -58.11
CA GLN E 7 -23.21 17.95 -59.44
C GLN E 7 -24.34 18.49 -60.33
N THR E 8 -23.96 19.07 -61.46
CA THR E 8 -24.90 19.63 -62.41
C THR E 8 -24.49 19.22 -63.81
N PRO E 9 -25.46 18.99 -64.71
CA PRO E 9 -26.90 18.97 -64.49
C PRO E 9 -27.35 17.62 -63.92
N ALA E 10 -28.62 17.49 -63.52
CA ALA E 10 -29.09 16.23 -62.96
C ALA E 10 -29.06 15.09 -63.97
N SER E 11 -29.06 15.40 -65.26
CA SER E 11 -29.01 14.37 -66.29
C SER E 11 -28.35 14.93 -67.54
N VAL E 12 -27.77 14.04 -68.34
CA VAL E 12 -27.09 14.39 -69.57
C VAL E 12 -27.50 13.40 -70.66
N GLU E 13 -27.70 13.91 -71.87
CA GLU E 13 -28.15 13.09 -72.98
C GLU E 13 -27.32 13.39 -74.23
N ALA E 14 -27.17 12.36 -75.08
CA ALA E 14 -26.52 12.48 -76.37
C ALA E 14 -26.82 11.22 -77.16
N ALA E 15 -26.73 11.33 -78.48
CA ALA E 15 -26.94 10.19 -79.36
C ALA E 15 -25.71 9.30 -79.37
N VAL E 16 -25.75 8.26 -80.20
CA VAL E 16 -24.60 7.37 -80.32
C VAL E 16 -23.46 8.10 -81.00
N GLY E 17 -22.30 8.14 -80.35
CA GLY E 17 -21.16 8.88 -80.84
C GLY E 17 -21.07 10.32 -80.40
N GLY E 18 -22.04 10.80 -79.60
CA GLY E 18 -22.04 12.16 -79.14
C GLY E 18 -21.13 12.37 -77.94
N THR E 19 -21.19 13.58 -77.39
CA THR E 19 -20.36 13.96 -76.25
C THR E 19 -21.26 14.49 -75.14
N VAL E 20 -21.04 13.98 -73.93
CA VAL E 20 -21.75 14.42 -72.73
C VAL E 20 -20.73 14.83 -71.68
N THR E 21 -20.96 15.99 -71.06
CA THR E 21 -20.09 16.50 -70.01
C THR E 21 -20.80 16.38 -68.66
N ILE E 22 -20.01 16.24 -67.61
CA ILE E 22 -20.50 16.13 -66.25
C ILE E 22 -19.75 17.14 -65.39
N LYS E 23 -20.47 18.11 -64.85
CA LYS E 23 -19.89 19.21 -64.10
C LYS E 23 -20.04 18.95 -62.61
N CYS E 24 -18.91 18.83 -61.91
CA CYS E 24 -18.89 18.63 -60.47
C CYS E 24 -18.13 19.77 -59.82
N GLN E 25 -18.74 20.40 -58.82
CA GLN E 25 -18.15 21.53 -58.12
C GLN E 25 -17.86 21.13 -56.68
N ALA E 26 -16.69 21.54 -56.19
CA ALA E 26 -16.33 21.34 -54.80
C ALA E 26 -16.64 22.63 -54.02
N SER E 27 -17.48 22.52 -52.99
CA SER E 27 -17.84 23.69 -52.20
C SER E 27 -16.61 24.28 -51.52
N GLN E 28 -15.71 23.43 -51.02
CA GLN E 28 -14.41 23.84 -50.54
C GLN E 28 -13.35 23.06 -51.29
N SER E 29 -12.13 23.63 -51.34
CA SER E 29 -11.08 23.08 -52.18
C SER E 29 -10.78 21.62 -51.82
N ILE E 30 -10.75 20.77 -52.84
CA ILE E 30 -10.47 19.34 -52.67
C ILE E 30 -9.11 18.96 -53.24
N SER E 31 -8.50 19.82 -54.05
CA SER E 31 -7.19 19.61 -54.67
C SER E 31 -7.29 18.41 -55.61
N LYS E 32 -6.50 17.34 -55.40
CA LYS E 32 -6.34 16.29 -56.39
C LYS E 32 -7.00 14.97 -55.99
N TYR E 33 -7.73 14.94 -54.88
CA TYR E 33 -8.36 13.70 -54.42
C TYR E 33 -9.81 13.64 -54.90
N LEU E 34 -9.95 13.25 -56.15
CA LEU E 34 -11.24 13.11 -56.81
C LEU E 34 -11.33 11.76 -57.50
N ALA E 35 -12.56 11.23 -57.59
CA ALA E 35 -12.82 10.01 -58.33
C ALA E 35 -14.17 10.09 -58.99
N TRP E 36 -14.30 9.40 -60.12
CA TRP E 36 -15.55 9.26 -60.85
C TRP E 36 -15.98 7.80 -60.82
N TYR E 37 -17.28 7.56 -60.72
CA TYR E 37 -17.80 6.21 -60.60
C TYR E 37 -18.99 6.02 -61.52
N GLN E 38 -19.05 4.85 -62.16
CA GLN E 38 -20.19 4.44 -62.97
C GLN E 38 -20.96 3.37 -62.19
N GLN E 39 -22.25 3.61 -61.98
CA GLN E 39 -23.10 2.69 -61.25
C GLN E 39 -24.40 2.47 -62.02
N LYS E 40 -24.72 1.22 -62.26
CA LYS E 40 -25.95 0.67 -62.81
C LYS E 40 -26.87 0.22 -61.68
N PRO E 41 -28.18 0.21 -61.91
CA PRO E 41 -29.10 -0.21 -60.85
C PRO E 41 -28.84 -1.64 -60.40
N GLY E 42 -28.70 -1.82 -59.09
CA GLY E 42 -28.46 -3.13 -58.52
C GLY E 42 -27.03 -3.63 -58.63
N GLN E 43 -26.08 -2.78 -58.98
CA GLN E 43 -24.70 -3.20 -59.14
C GLN E 43 -23.79 -2.17 -58.47
N PRO E 44 -22.74 -2.61 -57.78
CA PRO E 44 -21.94 -1.69 -56.95
C PRO E 44 -21.23 -0.66 -57.81
N PRO E 45 -20.94 0.52 -57.26
CA PRO E 45 -20.21 1.54 -58.05
C PRO E 45 -18.87 1.00 -58.52
N LYS E 46 -18.50 1.37 -59.74
CA LYS E 46 -17.26 0.90 -60.36
C LYS E 46 -16.41 2.11 -60.69
N LEU E 47 -15.14 2.07 -60.28
CA LEU E 47 -14.28 3.23 -60.41
C LEU E 47 -13.91 3.48 -61.88
N LEU E 48 -14.12 4.70 -62.34
CA LEU E 48 -13.76 5.09 -63.70
C LEU E 48 -12.46 5.89 -63.70
N ILE E 49 -12.44 7.02 -62.98
CA ILE E 49 -11.29 7.92 -62.92
C ILE E 49 -10.87 8.05 -61.46
N PHE E 50 -9.56 8.06 -61.23
CA PHE E 50 -9.00 8.46 -59.94
C PHE E 50 -7.97 9.54 -60.20
N GLU E 51 -7.72 10.36 -59.19
CA GLU E 51 -6.83 11.53 -59.25
C GLU E 51 -7.45 12.64 -60.10
N ALA E 52 -8.62 12.40 -60.70
CA ALA E 52 -9.36 13.30 -61.60
C ALA E 52 -8.65 13.51 -62.93
N SER E 53 -7.49 12.89 -63.15
CA SER E 53 -6.80 13.00 -64.42
C SER E 53 -6.18 11.70 -64.90
N THR E 54 -6.29 10.61 -64.15
CA THR E 54 -5.65 9.35 -64.48
C THR E 54 -6.70 8.29 -64.81
N LEU E 55 -6.45 7.54 -65.87
CA LEU E 55 -7.37 6.49 -66.29
C LEU E 55 -7.13 5.23 -65.47
N GLU E 56 -8.19 4.70 -64.88
CA GLU E 56 -8.09 3.42 -64.17
C GLU E 56 -7.76 2.31 -65.15
N SER E 57 -6.95 1.35 -64.68
CA SER E 57 -6.53 0.25 -65.54
C SER E 57 -7.72 -0.52 -66.07
N GLY E 58 -7.83 -0.60 -67.40
CA GLY E 58 -8.89 -1.33 -68.06
C GLY E 58 -10.01 -0.47 -68.61
N VAL E 59 -10.14 0.78 -68.16
CA VAL E 59 -11.20 1.66 -68.65
C VAL E 59 -10.83 2.17 -70.03
N PRO E 60 -11.80 2.44 -70.90
CA PRO E 60 -11.49 3.02 -72.20
C PRO E 60 -11.04 4.47 -72.08
N SER E 61 -10.30 4.93 -73.09
CA SER E 61 -9.74 6.27 -73.08
C SER E 61 -10.81 7.35 -73.21
N ARG E 62 -12.02 7.00 -73.68
CA ARG E 62 -13.06 8.00 -73.85
C ARG E 62 -13.53 8.57 -72.51
N PHE E 63 -13.36 7.83 -71.43
CA PHE E 63 -13.68 8.32 -70.09
C PHE E 63 -12.55 9.25 -69.64
N LYS E 64 -12.72 10.55 -69.90
CA LYS E 64 -11.69 11.54 -69.62
C LYS E 64 -12.14 12.46 -68.50
N GLY E 65 -11.23 12.76 -67.59
CA GLY E 65 -11.49 13.68 -66.49
C GLY E 65 -10.44 14.78 -66.44
N ARG E 66 -10.90 16.00 -66.16
CA ARG E 66 -10.02 17.16 -66.00
C ARG E 66 -10.51 18.00 -64.83
N GLY E 67 -9.74 19.02 -64.50
CA GLY E 67 -10.08 19.96 -63.47
C GLY E 67 -9.23 19.79 -62.22
N SER E 68 -9.21 20.85 -61.42
CA SER E 68 -8.50 20.86 -60.15
C SER E 68 -9.15 21.91 -59.25
N GLY E 69 -8.85 21.79 -57.96
CA GLY E 69 -9.39 22.73 -56.99
C GLY E 69 -10.87 22.55 -56.73
N THR E 70 -11.70 23.46 -57.22
CA THR E 70 -13.14 23.43 -56.98
C THR E 70 -13.95 23.21 -58.25
N GLU E 71 -13.31 23.05 -59.40
CA GLU E 71 -14.01 22.82 -60.66
C GLU E 71 -13.54 21.51 -61.25
N PHE E 72 -14.43 20.51 -61.27
CA PHE E 72 -14.11 19.15 -61.65
C PHE E 72 -15.00 18.73 -62.81
N THR E 73 -14.39 18.06 -63.80
CA THR E 73 -15.05 17.81 -65.08
C THR E 73 -14.84 16.36 -65.50
N LEU E 74 -15.82 15.84 -66.24
CA LEU E 74 -15.75 14.51 -66.84
C LEU E 74 -16.51 14.54 -68.16
N THR E 75 -15.81 14.29 -69.26
CA THR E 75 -16.41 14.27 -70.58
C THR E 75 -16.34 12.86 -71.15
N ILE E 76 -17.43 12.43 -71.78
CA ILE E 76 -17.51 11.13 -72.45
C ILE E 76 -17.57 11.38 -73.95
N SER E 77 -16.70 10.71 -74.69
CA SER E 77 -16.67 10.82 -76.15
C SER E 77 -17.08 9.50 -76.79
N ASP E 78 -17.74 9.61 -77.94
CA ASP E 78 -18.25 8.45 -78.69
C ASP E 78 -19.14 7.59 -77.79
N LEU E 79 -20.27 8.18 -77.40
CA LEU E 79 -21.19 7.53 -76.46
C LEU E 79 -21.64 6.17 -76.99
N GLU E 80 -21.64 5.18 -76.11
CA GLU E 80 -22.07 3.83 -76.42
C GLU E 80 -23.44 3.56 -75.80
N CYS E 81 -24.09 2.49 -76.28
CA CYS E 81 -25.38 2.10 -75.73
C CYS E 81 -25.25 1.65 -74.28
N ALA E 82 -24.11 1.07 -73.90
CA ALA E 82 -23.90 0.60 -72.54
C ALA E 82 -23.49 1.71 -71.58
N ASP E 83 -23.23 2.92 -72.08
CA ASP E 83 -22.83 4.03 -71.23
C ASP E 83 -23.97 4.61 -70.42
N ALA E 84 -25.21 4.18 -70.66
CA ALA E 84 -26.37 4.69 -69.92
C ALA E 84 -26.30 4.15 -68.50
N ALA E 85 -25.90 5.01 -67.57
CA ALA E 85 -25.79 4.64 -66.16
C ALA E 85 -25.78 5.93 -65.33
N THR E 86 -25.60 5.78 -64.03
CA THR E 86 -25.55 6.92 -63.12
C THR E 86 -24.11 7.15 -62.69
N TYR E 87 -23.64 8.39 -62.85
CA TYR E 87 -22.26 8.74 -62.59
C TYR E 87 -22.19 9.67 -61.39
N TYR E 88 -21.15 9.51 -60.57
CA TYR E 88 -20.98 10.30 -59.37
C TYR E 88 -19.54 10.78 -59.25
N CYS E 89 -19.37 11.88 -58.52
CA CYS E 89 -18.06 12.45 -58.22
C CYS E 89 -17.88 12.48 -56.70
N GLN E 90 -16.75 11.96 -56.23
CA GLN E 90 -16.46 11.89 -54.80
C GLN E 90 -15.13 12.58 -54.52
N GLY E 91 -15.17 13.60 -53.67
CA GLY E 91 -13.96 14.31 -53.27
C GLY E 91 -13.60 13.98 -51.83
N TYR E 92 -12.33 13.66 -51.62
CA TYR E 92 -11.81 13.31 -50.30
C TYR E 92 -11.10 14.53 -49.72
N TYR E 93 -11.59 15.01 -48.58
CA TYR E 93 -11.01 16.16 -47.91
C TYR E 93 -10.11 15.64 -46.80
N TYR E 94 -8.79 15.73 -47.02
CA TYR E 94 -7.83 15.27 -46.01
C TYR E 94 -7.87 16.11 -44.75
N SER E 95 -8.41 17.32 -44.81
CA SER E 95 -8.49 18.16 -43.62
C SER E 95 -9.36 17.53 -42.55
N SER E 96 -10.49 16.94 -42.95
CA SER E 96 -11.40 16.28 -42.02
C SER E 96 -11.44 14.77 -42.20
N HIS E 97 -10.61 14.23 -43.09
CA HIS E 97 -10.55 12.79 -43.34
C HIS E 97 -11.92 12.22 -43.68
N SER E 98 -12.66 12.92 -44.55
CA SER E 98 -14.05 12.63 -44.81
C SER E 98 -14.29 12.43 -46.30
N TYR E 99 -15.30 11.61 -46.63
CA TYR E 99 -15.73 11.38 -47.99
C TYR E 99 -17.14 11.94 -48.18
N VAL E 100 -17.34 12.70 -49.25
CA VAL E 100 -18.64 13.24 -49.60
C VAL E 100 -18.91 12.92 -51.06
N PHE E 101 -20.11 12.40 -51.34
CA PHE E 101 -20.53 12.08 -52.69
C PHE E 101 -21.42 13.18 -53.28
N GLY E 102 -21.48 13.21 -54.60
CA GLY E 102 -22.30 14.18 -55.30
C GLY E 102 -23.75 13.73 -55.41
N GLY E 103 -24.56 14.61 -56.00
CA GLY E 103 -25.96 14.29 -56.19
C GLY E 103 -26.18 13.16 -57.18
N GLY E 104 -25.42 13.16 -58.27
CA GLY E 104 -25.55 12.12 -59.27
C GLY E 104 -25.97 12.65 -60.62
N THR E 105 -25.55 11.96 -61.69
CA THR E 105 -25.88 12.35 -63.05
C THR E 105 -26.35 11.11 -63.82
N GLU E 106 -27.46 11.23 -64.53
CA GLU E 106 -28.03 10.13 -65.29
C GLU E 106 -27.70 10.31 -66.77
N VAL E 107 -27.23 9.24 -67.40
CA VAL E 107 -26.84 9.26 -68.81
C VAL E 107 -27.94 8.58 -69.62
N VAL E 108 -28.42 9.28 -70.66
CA VAL E 108 -29.47 8.76 -71.53
C VAL E 108 -28.93 8.71 -72.95
N VAL E 109 -29.10 7.56 -73.61
CA VAL E 109 -28.66 7.37 -74.98
C VAL E 109 -29.81 7.74 -75.90
N LYS E 110 -29.70 8.88 -76.57
CA LYS E 110 -30.74 9.32 -77.49
C LYS E 110 -30.76 8.42 -78.73
N ARG E 111 -31.97 8.13 -79.21
CA ARG E 111 -32.13 7.29 -80.38
C ARG E 111 -33.34 7.75 -81.21
N GLN F 1 -54.10 -2.90 -30.11
CA GLN F 1 -55.54 -3.12 -30.00
C GLN F 1 -55.89 -4.57 -30.34
N SER F 2 -54.91 -5.45 -30.24
CA SER F 2 -55.12 -6.86 -30.53
C SER F 2 -54.04 -7.68 -29.83
N LEU F 3 -54.35 -8.97 -29.64
CA LEU F 3 -53.43 -9.91 -29.03
C LEU F 3 -53.59 -11.25 -29.73
N GLU F 4 -52.51 -11.77 -30.31
CA GLU F 4 -52.54 -13.03 -31.05
C GLU F 4 -51.68 -14.06 -30.33
N GLU F 5 -52.17 -15.30 -30.31
CA GLU F 5 -51.49 -16.40 -29.63
C GLU F 5 -51.00 -17.44 -30.63
N SER F 6 -49.94 -18.14 -30.27
CA SER F 6 -49.36 -19.17 -31.13
C SER F 6 -48.54 -20.12 -30.27
N GLY F 7 -48.18 -21.26 -30.86
CA GLY F 7 -47.37 -22.26 -30.21
C GLY F 7 -48.12 -23.48 -29.73
N GLY F 8 -49.45 -23.49 -29.83
CA GLY F 8 -50.22 -24.63 -29.37
C GLY F 8 -50.16 -25.79 -30.36
N ASP F 9 -49.99 -26.99 -29.83
CA ASP F 9 -49.86 -28.20 -30.64
C ASP F 9 -50.00 -29.40 -29.71
N LEU F 10 -49.76 -30.59 -30.26
CA LEU F 10 -49.83 -31.83 -29.50
C LEU F 10 -48.41 -32.25 -29.11
N VAL F 11 -48.17 -32.39 -27.81
CA VAL F 11 -46.86 -32.73 -27.28
C VAL F 11 -46.98 -33.90 -26.32
N LYS F 12 -45.84 -34.57 -26.09
CA LYS F 12 -45.78 -35.69 -25.17
C LYS F 12 -45.62 -35.21 -23.73
N PRO F 13 -46.04 -36.02 -22.77
CA PRO F 13 -45.88 -35.63 -21.35
C PRO F 13 -44.40 -35.54 -20.98
N GLY F 14 -44.10 -34.61 -20.06
CA GLY F 14 -42.77 -34.45 -19.53
C GLY F 14 -41.86 -33.54 -20.31
N THR F 15 -42.28 -33.07 -21.48
CA THR F 15 -41.44 -32.22 -22.31
C THR F 15 -41.68 -30.75 -21.95
N SER F 16 -41.14 -29.84 -22.76
CA SER F 16 -41.30 -28.41 -22.55
C SER F 16 -41.83 -27.76 -23.82
N LEU F 17 -42.79 -26.86 -23.67
CA LEU F 17 -43.38 -26.12 -24.77
C LEU F 17 -43.44 -24.64 -24.43
N THR F 18 -43.28 -23.80 -25.44
CA THR F 18 -43.34 -22.35 -25.27
C THR F 18 -44.47 -21.78 -26.10
N LEU F 19 -45.13 -20.76 -25.56
CA LEU F 19 -46.23 -20.06 -26.22
C LEU F 19 -45.88 -18.58 -26.31
N THR F 20 -46.36 -17.94 -27.36
CA THR F 20 -46.03 -16.53 -27.62
C THR F 20 -47.30 -15.74 -27.86
N CYS F 21 -47.37 -14.56 -27.23
CA CYS F 21 -48.44 -13.60 -27.46
C CYS F 21 -47.85 -12.35 -28.11
N THR F 22 -48.43 -11.94 -29.23
CA THR F 22 -47.93 -10.82 -30.02
C THR F 22 -48.85 -9.63 -29.88
N ALA F 23 -48.25 -8.44 -29.78
CA ALA F 23 -48.99 -7.19 -29.65
C ALA F 23 -48.92 -6.43 -30.97
N SER F 24 -50.08 -6.05 -31.49
CA SER F 24 -50.18 -5.32 -32.75
C SER F 24 -50.96 -4.03 -32.52
N GLY F 25 -50.46 -2.93 -33.07
CA GLY F 25 -51.09 -1.64 -32.92
C GLY F 25 -50.74 -0.90 -31.66
N PHE F 26 -50.01 -1.52 -30.74
CA PHE F 26 -49.58 -0.88 -29.51
C PHE F 26 -48.29 -1.52 -29.04
N SER F 27 -47.55 -0.80 -28.21
CA SER F 27 -46.30 -1.28 -27.68
C SER F 27 -46.45 -1.60 -26.19
N PHE F 28 -45.66 -2.57 -25.74
CA PHE F 28 -45.68 -2.97 -24.33
C PHE F 28 -44.94 -1.88 -23.52
N SER F 29 -45.74 -0.98 -22.97
CA SER F 29 -45.23 0.05 -22.08
C SER F 29 -45.23 -0.46 -20.63
N HIS F 30 -44.50 0.26 -19.77
CA HIS F 30 -44.48 -0.06 -18.35
C HIS F 30 -45.84 0.15 -17.68
N ASN F 31 -46.75 0.85 -18.34
CA ASN F 31 -48.10 1.04 -17.83
C ASN F 31 -48.97 -0.20 -18.00
N TYR F 32 -48.52 -1.20 -18.74
CA TYR F 32 -49.35 -2.33 -19.10
C TYR F 32 -48.94 -3.57 -18.32
N VAL F 33 -49.90 -4.47 -18.11
CA VAL F 33 -49.69 -5.73 -17.42
C VAL F 33 -50.10 -6.85 -18.36
N MET F 34 -49.23 -7.84 -18.53
CA MET F 34 -49.45 -8.93 -19.48
C MET F 34 -49.46 -10.25 -18.70
N CYS F 35 -50.56 -10.98 -18.78
CA CYS F 35 -50.74 -12.19 -18.00
C CYS F 35 -51.35 -13.28 -18.87
N TRP F 36 -51.09 -14.54 -18.51
CA TRP F 36 -51.68 -15.69 -19.18
C TRP F 36 -52.76 -16.29 -18.32
N VAL F 37 -53.93 -16.54 -18.91
CA VAL F 37 -55.04 -17.17 -18.22
C VAL F 37 -55.41 -18.44 -18.97
N ARG F 38 -55.48 -19.55 -18.25
CA ARG F 38 -55.80 -20.85 -18.82
C ARG F 38 -57.19 -21.30 -18.39
N GLN F 39 -57.82 -22.13 -19.21
CA GLN F 39 -59.12 -22.70 -18.90
C GLN F 39 -59.23 -24.07 -19.56
N ALA F 40 -59.44 -25.10 -18.75
CA ALA F 40 -59.58 -26.44 -19.26
C ALA F 40 -60.92 -26.59 -19.99
N PRO F 41 -61.02 -27.55 -20.92
CA PRO F 41 -62.30 -27.79 -21.60
C PRO F 41 -63.43 -28.08 -20.62
N GLY F 42 -64.47 -27.25 -20.63
CA GLY F 42 -65.57 -27.39 -19.70
C GLY F 42 -65.19 -27.13 -18.26
N LYS F 43 -64.36 -26.13 -18.00
CA LYS F 43 -63.94 -25.78 -16.66
C LYS F 43 -63.77 -24.27 -16.57
N GLY F 44 -63.44 -23.80 -15.37
CA GLY F 44 -63.26 -22.38 -15.13
C GLY F 44 -61.90 -21.87 -15.56
N LEU F 45 -61.65 -20.61 -15.25
CA LEU F 45 -60.43 -19.93 -15.61
C LEU F 45 -59.53 -19.76 -14.39
N GLU F 46 -58.22 -19.80 -14.62
CA GLU F 46 -57.25 -19.62 -13.56
C GLU F 46 -56.00 -18.96 -14.14
N CYS F 47 -55.26 -18.27 -13.27
CA CYS F 47 -54.06 -17.57 -13.70
C CYS F 47 -52.89 -18.54 -13.80
N VAL F 48 -51.95 -18.22 -14.70
CA VAL F 48 -50.75 -19.04 -14.88
C VAL F 48 -49.55 -18.25 -14.35
N ALA F 49 -49.30 -17.09 -14.94
CA ALA F 49 -48.20 -16.23 -14.52
C ALA F 49 -48.51 -14.81 -14.98
N CYS F 50 -47.66 -13.88 -14.55
CA CYS F 50 -47.87 -12.47 -14.85
C CYS F 50 -46.54 -11.74 -14.95
N ILE F 51 -46.57 -10.62 -15.67
CA ILE F 51 -45.49 -9.65 -15.69
C ILE F 51 -46.13 -8.27 -15.62
N TYR F 52 -45.57 -7.41 -14.77
CA TYR F 52 -46.11 -6.06 -14.61
C TYR F 52 -45.43 -5.05 -15.52
N PHE F 53 -44.23 -5.37 -16.01
CA PHE F 53 -43.54 -4.59 -17.04
C PHE F 53 -43.03 -3.25 -16.51
N GLY F 54 -43.34 -2.94 -15.24
CA GLY F 54 -42.85 -1.71 -14.67
C GLY F 54 -41.56 -1.91 -13.90
N PHE F 55 -41.53 -2.92 -13.02
CA PHE F 55 -40.29 -3.33 -12.38
C PHE F 55 -39.46 -4.26 -13.25
N GLY F 56 -40.04 -4.82 -14.30
CA GLY F 56 -39.40 -5.92 -15.00
C GLY F 56 -39.48 -7.23 -14.25
N ASP F 57 -40.40 -7.34 -13.30
CA ASP F 57 -40.55 -8.51 -12.45
C ASP F 57 -41.70 -9.37 -12.95
N THR F 58 -41.91 -10.50 -12.26
CA THR F 58 -42.94 -11.45 -12.64
C THR F 58 -43.62 -11.99 -11.39
N TYR F 59 -44.88 -12.40 -11.55
CA TYR F 59 -45.65 -13.03 -10.49
C TYR F 59 -46.04 -14.42 -10.92
N TYR F 60 -46.08 -15.35 -9.96
CA TYR F 60 -46.34 -16.76 -10.26
C TYR F 60 -47.40 -17.29 -9.30
N ALA F 61 -48.18 -18.25 -9.80
CA ALA F 61 -49.28 -18.79 -9.03
C ALA F 61 -48.78 -19.83 -8.03
N SER F 62 -49.65 -20.13 -7.05
CA SER F 62 -49.29 -21.08 -6.00
C SER F 62 -49.11 -22.50 -6.55
N TRP F 63 -49.98 -22.91 -7.48
CA TRP F 63 -49.93 -24.28 -7.98
C TRP F 63 -48.68 -24.56 -8.79
N ALA F 64 -47.97 -23.53 -9.25
CA ALA F 64 -46.74 -23.70 -10.01
C ALA F 64 -45.55 -23.36 -9.12
N LYS F 65 -44.60 -24.28 -9.03
CA LYS F 65 -43.37 -24.10 -8.25
C LYS F 65 -42.21 -24.07 -9.26
N GLY F 66 -41.94 -22.89 -9.80
CA GLY F 66 -40.92 -22.75 -10.81
C GLY F 66 -41.22 -23.46 -12.12
N ARG F 67 -42.45 -23.91 -12.32
CA ARG F 67 -42.82 -24.64 -13.53
C ARG F 67 -43.27 -23.71 -14.66
N ILE F 68 -43.46 -22.42 -14.39
CA ILE F 68 -43.88 -21.46 -15.38
C ILE F 68 -42.85 -20.35 -15.44
N THR F 69 -42.50 -19.94 -16.66
CA THR F 69 -41.54 -18.85 -16.87
C THR F 69 -42.10 -17.89 -17.91
N ILE F 70 -42.26 -16.63 -17.52
CA ILE F 70 -42.77 -15.59 -18.41
C ILE F 70 -41.70 -14.50 -18.50
N SER F 71 -41.32 -14.14 -19.73
CA SER F 71 -40.23 -13.21 -19.96
C SER F 71 -40.57 -12.28 -21.12
N LYS F 72 -39.92 -11.11 -21.13
CA LYS F 72 -40.03 -10.15 -22.22
C LYS F 72 -38.95 -10.45 -23.25
N THR F 73 -39.35 -11.02 -24.38
CA THR F 73 -38.41 -11.19 -25.48
C THR F 73 -38.17 -9.89 -26.23
N SER F 74 -39.22 -9.08 -26.41
CA SER F 74 -39.10 -7.81 -27.10
C SER F 74 -40.26 -6.91 -26.71
N SER F 75 -40.33 -5.75 -27.36
CA SER F 75 -41.33 -4.74 -27.02
C SER F 75 -42.74 -5.15 -27.44
N THR F 76 -42.87 -6.17 -28.29
CA THR F 76 -44.20 -6.62 -28.73
C THR F 76 -44.36 -8.13 -28.64
N THR F 77 -43.45 -8.84 -27.98
CA THR F 77 -43.52 -10.29 -27.85
C THR F 77 -43.39 -10.68 -26.39
N VAL F 78 -44.20 -11.66 -25.98
CA VAL F 78 -44.21 -12.19 -24.62
C VAL F 78 -44.26 -13.71 -24.71
N THR F 79 -43.44 -14.39 -23.92
CA THR F 79 -43.31 -15.84 -23.97
C THR F 79 -43.73 -16.48 -22.65
N LEU F 80 -44.38 -17.63 -22.76
CA LEU F 80 -44.67 -18.51 -21.63
C LEU F 80 -44.06 -19.87 -21.93
N GLN F 81 -43.02 -20.25 -21.18
CA GLN F 81 -42.38 -21.54 -21.32
C GLN F 81 -42.78 -22.43 -20.15
N MET F 82 -43.32 -23.60 -20.46
CA MET F 82 -43.77 -24.54 -19.45
C MET F 82 -42.86 -25.75 -19.44
N THR F 83 -42.67 -26.33 -18.27
CA THR F 83 -41.89 -27.55 -18.10
C THR F 83 -42.72 -28.59 -17.36
N SER F 84 -42.32 -29.85 -17.50
CA SER F 84 -42.97 -30.98 -16.83
C SER F 84 -44.47 -31.00 -17.11
N LEU F 85 -44.81 -31.05 -18.40
CA LEU F 85 -46.22 -31.09 -18.80
C LEU F 85 -46.85 -32.43 -18.41
N THR F 86 -48.08 -32.36 -17.92
CA THR F 86 -48.82 -33.54 -17.46
C THR F 86 -50.24 -33.49 -18.01
N ALA F 87 -51.04 -34.48 -17.62
CA ALA F 87 -52.43 -34.53 -18.07
C ALA F 87 -53.24 -33.34 -17.57
N ALA F 88 -52.83 -32.76 -16.44
CA ALA F 88 -53.51 -31.58 -15.92
C ALA F 88 -53.22 -30.32 -16.72
N ASP F 89 -52.24 -30.37 -17.63
CA ASP F 89 -51.87 -29.23 -18.44
C ASP F 89 -52.63 -29.18 -19.77
N THR F 90 -53.58 -30.09 -19.99
CA THR F 90 -54.38 -30.08 -21.21
C THR F 90 -55.47 -29.03 -21.06
N ALA F 91 -55.25 -27.87 -21.67
CA ALA F 91 -56.18 -26.75 -21.58
C ALA F 91 -55.84 -25.76 -22.68
N THR F 92 -56.66 -24.71 -22.77
CA THR F 92 -56.45 -23.63 -23.71
C THR F 92 -55.85 -22.44 -22.98
N TYR F 93 -54.71 -21.95 -23.46
CA TYR F 93 -53.99 -20.86 -22.83
C TYR F 93 -54.23 -19.58 -23.62
N PHE F 94 -54.69 -18.54 -22.93
CA PHE F 94 -54.96 -17.24 -23.53
C PHE F 94 -53.98 -16.21 -22.98
N CYS F 95 -53.76 -15.16 -23.77
CA CYS F 95 -52.95 -14.02 -23.37
C CYS F 95 -53.84 -12.79 -23.27
N ALA F 96 -53.71 -12.05 -22.18
CA ALA F 96 -54.59 -10.93 -21.89
C ALA F 96 -53.78 -9.69 -21.52
N ARG F 97 -54.36 -8.52 -21.81
CA ARG F 97 -53.73 -7.24 -21.56
C ARG F 97 -54.51 -6.50 -20.48
N ALA F 98 -53.80 -5.83 -19.59
CA ALA F 98 -54.40 -5.06 -18.51
C ALA F 98 -53.82 -3.65 -18.50
N LEU F 99 -54.31 -2.85 -17.55
CA LEU F 99 -53.81 -1.50 -17.33
C LEU F 99 -53.38 -1.35 -15.87
N GLY F 100 -52.17 -0.85 -15.67
CA GLY F 100 -51.64 -0.64 -14.32
C GLY F 100 -51.49 0.85 -14.03
N TYR F 101 -51.75 1.22 -12.78
CA TYR F 101 -51.73 2.62 -12.40
C TYR F 101 -51.54 2.71 -10.89
N TYR F 102 -51.30 3.94 -10.43
CA TYR F 102 -51.10 4.23 -9.02
C TYR F 102 -52.37 4.81 -8.42
N ILE F 103 -52.63 4.48 -7.15
CA ILE F 103 -53.69 5.11 -6.37
C ILE F 103 -53.10 5.47 -5.01
N TYR F 104 -53.68 6.49 -4.39
CA TYR F 104 -53.23 6.98 -3.09
C TYR F 104 -54.24 6.58 -2.01
N GLY F 105 -53.73 6.06 -0.91
CA GLY F 105 -54.58 5.65 0.20
C GLY F 105 -53.93 5.91 1.54
N ASP F 106 -54.60 5.51 2.62
CA ASP F 106 -54.06 5.72 3.96
C ASP F 106 -52.79 4.91 4.18
N ALA F 107 -52.74 3.69 3.64
CA ALA F 107 -51.56 2.84 3.83
C ALA F 107 -50.37 3.32 3.02
N GLY F 108 -50.61 4.05 1.93
CA GLY F 108 -49.53 4.54 1.09
C GLY F 108 -49.90 4.64 -0.37
N ASP F 109 -49.03 4.16 -1.25
CA ASP F 109 -49.26 4.18 -2.68
C ASP F 109 -49.36 2.75 -3.21
N ILE F 110 -50.35 2.49 -4.04
CA ILE F 110 -50.71 1.14 -4.44
C ILE F 110 -50.82 1.07 -5.96
N TYR F 111 -50.19 0.05 -6.54
CA TYR F 111 -50.47 -0.37 -7.91
C TYR F 111 -51.77 -1.15 -7.97
N ILE F 112 -52.52 -0.95 -9.05
CA ILE F 112 -53.76 -1.68 -9.30
C ILE F 112 -53.80 -2.10 -10.76
N ALA F 113 -54.04 -3.40 -10.99
CA ALA F 113 -54.35 -3.94 -12.31
C ALA F 113 -55.57 -4.85 -12.10
N ASP F 114 -56.76 -4.25 -12.14
CA ASP F 114 -57.96 -4.93 -11.69
C ASP F 114 -58.63 -5.78 -12.78
N TYR F 115 -58.87 -5.21 -13.95
CA TYR F 115 -59.55 -5.93 -15.02
C TYR F 115 -58.65 -6.03 -16.24
N PHE F 116 -58.86 -7.08 -17.03
CA PHE F 116 -58.02 -7.35 -18.19
C PHE F 116 -58.89 -7.17 -19.44
N LYS F 117 -58.86 -5.96 -20.00
CA LYS F 117 -59.81 -5.61 -21.06
C LYS F 117 -59.54 -6.39 -22.34
N LEU F 118 -58.29 -6.42 -22.79
CA LEU F 118 -57.95 -7.00 -24.08
C LEU F 118 -57.66 -8.49 -23.93
N TRP F 119 -58.13 -9.29 -24.89
CA TRP F 119 -57.96 -10.73 -24.86
C TRP F 119 -57.67 -11.22 -26.28
N GLY F 120 -57.11 -12.43 -26.36
CA GLY F 120 -56.76 -13.02 -27.62
C GLY F 120 -57.56 -14.26 -27.93
N PRO F 121 -57.60 -14.66 -29.20
CA PRO F 121 -58.36 -15.86 -29.58
C PRO F 121 -57.90 -17.13 -28.87
N GLY F 122 -56.61 -17.24 -28.58
CA GLY F 122 -56.10 -18.35 -27.80
C GLY F 122 -55.65 -19.52 -28.66
N THR F 123 -54.79 -20.34 -28.07
CA THR F 123 -54.28 -21.55 -28.72
C THR F 123 -54.43 -22.73 -27.76
N LEU F 124 -55.02 -23.82 -28.25
CA LEU F 124 -55.24 -25.00 -27.43
C LEU F 124 -53.95 -25.80 -27.29
N VAL F 125 -53.60 -26.15 -26.05
CA VAL F 125 -52.42 -26.94 -25.75
C VAL F 125 -52.91 -28.30 -25.25
N THR F 126 -52.43 -29.36 -25.89
CA THR F 126 -52.83 -30.73 -25.57
C THR F 126 -51.59 -31.54 -25.23
N VAL F 127 -51.64 -32.27 -24.13
CA VAL F 127 -50.53 -33.09 -23.66
C VAL F 127 -51.03 -34.52 -23.55
N SER F 128 -50.65 -35.36 -24.50
CA SER F 128 -51.01 -36.77 -24.47
C SER F 128 -49.92 -37.57 -25.19
N SER F 129 -49.83 -38.85 -24.84
CA SER F 129 -48.81 -39.73 -25.40
C SER F 129 -49.03 -39.95 -26.90
N ASP G 2 -54.88 -19.76 -1.85
CA ASP G 2 -55.14 -19.00 -0.64
C ASP G 2 -56.52 -18.34 -0.68
N ILE G 3 -56.87 -17.77 -1.84
CA ILE G 3 -58.12 -17.06 -2.03
C ILE G 3 -58.95 -17.80 -3.07
N VAL G 4 -60.22 -18.04 -2.75
CA VAL G 4 -61.13 -18.75 -3.64
C VAL G 4 -62.31 -17.86 -3.96
N MET G 5 -62.85 -18.03 -5.16
CA MET G 5 -64.02 -17.29 -5.63
C MET G 5 -65.21 -18.25 -5.64
N THR G 6 -66.27 -17.88 -4.94
CA THR G 6 -67.48 -18.70 -4.87
C THR G 6 -68.56 -18.04 -5.74
N GLN G 7 -68.90 -18.68 -6.85
CA GLN G 7 -69.92 -18.18 -7.76
C GLN G 7 -71.09 -19.16 -7.77
N THR G 8 -72.23 -18.72 -7.24
CA THR G 8 -73.41 -19.55 -7.06
C THR G 8 -74.62 -18.81 -7.60
N PRO G 9 -75.55 -19.50 -8.28
CA PRO G 9 -75.56 -20.94 -8.61
C PRO G 9 -74.75 -21.29 -9.86
N ALA G 10 -74.64 -22.59 -10.16
CA ALA G 10 -73.93 -23.03 -11.37
C ALA G 10 -74.68 -22.68 -12.64
N SER G 11 -75.98 -22.42 -12.56
CA SER G 11 -76.77 -22.08 -13.74
C SER G 11 -77.97 -21.25 -13.33
N VAL G 12 -78.34 -20.29 -14.17
CA VAL G 12 -79.50 -19.44 -13.97
C VAL G 12 -80.37 -19.51 -15.22
N GLU G 13 -81.67 -19.70 -15.03
CA GLU G 13 -82.60 -19.85 -16.14
C GLU G 13 -83.75 -18.86 -15.99
N ALA G 14 -84.18 -18.31 -17.13
CA ALA G 14 -85.29 -17.37 -17.19
C ALA G 14 -85.70 -17.20 -18.65
N ALA G 15 -86.98 -16.91 -18.86
CA ALA G 15 -87.49 -16.70 -20.20
C ALA G 15 -87.01 -15.34 -20.73
N VAL G 16 -87.38 -15.05 -21.98
CA VAL G 16 -87.02 -13.77 -22.58
C VAL G 16 -87.75 -12.65 -21.86
N GLY G 17 -87.01 -11.63 -21.44
CA GLY G 17 -87.56 -10.56 -20.64
C GLY G 17 -87.47 -10.77 -19.14
N GLY G 18 -86.97 -11.92 -18.69
CA GLY G 18 -86.84 -12.20 -17.28
C GLY G 18 -85.55 -11.63 -16.70
N THR G 19 -85.29 -12.01 -15.46
CA THR G 19 -84.12 -11.55 -14.71
C THR G 19 -83.41 -12.74 -14.11
N VAL G 20 -82.09 -12.79 -14.28
CA VAL G 20 -81.24 -13.83 -13.70
C VAL G 20 -80.18 -13.16 -12.84
N THR G 21 -79.98 -13.68 -11.63
CA THR G 21 -79.05 -13.11 -10.67
C THR G 21 -77.89 -14.07 -10.45
N ILE G 22 -76.66 -13.53 -10.51
CA ILE G 22 -75.45 -14.30 -10.28
C ILE G 22 -74.72 -13.68 -9.09
N LYS G 23 -74.37 -14.51 -8.11
CA LYS G 23 -73.72 -14.05 -6.89
C LYS G 23 -72.27 -14.51 -6.86
N CYS G 24 -71.37 -13.58 -6.53
CA CYS G 24 -69.95 -13.87 -6.39
C CYS G 24 -69.51 -13.43 -5.01
N GLN G 25 -68.93 -14.34 -4.24
CA GLN G 25 -68.53 -14.09 -2.87
C GLN G 25 -67.01 -14.14 -2.74
N ALA G 26 -66.47 -13.27 -1.90
CA ALA G 26 -65.03 -13.19 -1.68
C ALA G 26 -64.69 -13.58 -0.25
N SER G 27 -63.59 -14.31 -0.09
CA SER G 27 -63.13 -14.68 1.26
C SER G 27 -62.74 -13.45 2.06
N GLN G 28 -62.05 -12.50 1.43
CA GLN G 28 -61.71 -11.24 2.06
C GLN G 28 -62.16 -10.10 1.15
N SER G 29 -62.32 -8.92 1.75
CA SER G 29 -62.86 -7.77 1.03
C SER G 29 -61.92 -7.34 -0.09
N ILE G 30 -62.50 -7.08 -1.26
CA ILE G 30 -61.78 -6.49 -2.39
C ILE G 30 -62.34 -5.12 -2.74
N SER G 31 -63.12 -4.52 -1.84
CA SER G 31 -63.80 -3.24 -2.06
C SER G 31 -64.55 -3.24 -3.39
N LYS G 32 -64.24 -2.30 -4.28
CA LYS G 32 -64.96 -2.17 -5.54
C LYS G 32 -64.28 -2.87 -6.70
N TYR G 33 -63.14 -3.53 -6.49
CA TYR G 33 -62.38 -4.12 -7.59
C TYR G 33 -62.91 -5.51 -7.87
N LEU G 34 -64.02 -5.56 -8.59
CA LEU G 34 -64.64 -6.80 -9.04
C LEU G 34 -65.02 -6.66 -10.50
N ALA G 35 -64.93 -7.76 -11.24
CA ALA G 35 -65.21 -7.75 -12.66
C ALA G 35 -66.16 -8.89 -13.01
N TRP G 36 -66.96 -8.67 -14.06
CA TRP G 36 -67.88 -9.68 -14.57
C TRP G 36 -67.54 -9.95 -16.03
N TYR G 37 -67.37 -11.22 -16.36
CA TYR G 37 -66.97 -11.65 -17.70
C TYR G 37 -68.09 -12.47 -18.35
N GLN G 38 -68.07 -12.51 -19.68
CA GLN G 38 -68.96 -13.36 -20.46
C GLN G 38 -68.11 -14.20 -21.40
N GLN G 39 -68.54 -15.43 -21.64
CA GLN G 39 -67.79 -16.32 -22.52
C GLN G 39 -68.77 -17.23 -23.27
N LYS G 40 -68.68 -17.21 -24.57
CA LYS G 40 -69.40 -18.08 -25.47
C LYS G 40 -68.47 -19.17 -26.00
N PRO G 41 -68.99 -20.34 -26.35
CA PRO G 41 -68.12 -21.43 -26.81
C PRO G 41 -67.30 -21.00 -28.03
N GLY G 42 -66.02 -21.36 -28.01
CA GLY G 42 -65.13 -20.97 -29.08
C GLY G 42 -64.76 -19.51 -29.13
N GLN G 43 -64.99 -18.77 -28.05
CA GLN G 43 -64.70 -17.35 -28.01
C GLN G 43 -63.97 -16.98 -26.72
N PRO G 44 -63.11 -15.97 -26.78
CA PRO G 44 -62.42 -15.50 -25.57
C PRO G 44 -63.39 -14.77 -24.64
N PRO G 45 -63.06 -14.67 -23.36
CA PRO G 45 -63.91 -13.90 -22.44
C PRO G 45 -63.98 -12.43 -22.86
N LYS G 46 -65.15 -11.83 -22.64
CA LYS G 46 -65.41 -10.44 -22.97
C LYS G 46 -65.74 -9.66 -21.71
N LEU G 47 -65.39 -8.37 -21.72
CA LEU G 47 -65.59 -7.53 -20.56
C LEU G 47 -67.01 -7.01 -20.51
N LEU G 48 -67.64 -7.14 -19.33
CA LEU G 48 -68.99 -6.63 -19.10
C LEU G 48 -69.01 -5.52 -18.08
N ILE G 49 -68.50 -5.76 -16.88
CA ILE G 49 -68.52 -4.80 -15.79
C ILE G 49 -67.14 -4.78 -15.13
N PHE G 50 -66.58 -3.59 -14.98
CA PHE G 50 -65.41 -3.39 -14.15
C PHE G 50 -65.77 -2.42 -13.03
N GLU G 51 -64.94 -2.40 -11.99
CA GLU G 51 -65.18 -1.65 -10.76
C GLU G 51 -66.47 -2.06 -10.05
N ALA G 52 -67.09 -3.16 -10.48
CA ALA G 52 -68.25 -3.76 -9.85
C ALA G 52 -69.50 -2.89 -9.98
N SER G 53 -69.35 -1.70 -10.56
CA SER G 53 -70.49 -0.82 -10.79
C SER G 53 -70.41 -0.04 -12.10
N THR G 54 -69.34 -0.20 -12.87
CA THR G 54 -69.14 0.57 -14.09
C THR G 54 -69.35 -0.34 -15.30
N LEU G 55 -70.18 0.12 -16.24
CA LEU G 55 -70.49 -0.65 -17.43
C LEU G 55 -69.45 -0.39 -18.52
N GLU G 56 -69.01 -1.47 -19.17
CA GLU G 56 -68.11 -1.33 -20.31
C GLU G 56 -68.86 -0.77 -21.51
N SER G 57 -68.20 0.12 -22.26
CA SER G 57 -68.83 0.72 -23.43
C SER G 57 -69.21 -0.35 -24.45
N GLY G 58 -70.41 -0.21 -25.00
CA GLY G 58 -70.95 -1.18 -25.93
C GLY G 58 -71.76 -2.29 -25.31
N VAL G 59 -71.66 -2.48 -23.99
CA VAL G 59 -72.45 -3.47 -23.28
C VAL G 59 -73.82 -2.87 -22.99
N PRO G 60 -74.92 -3.58 -23.26
CA PRO G 60 -76.25 -3.02 -23.00
C PRO G 60 -76.44 -2.70 -21.52
N SER G 61 -77.25 -1.66 -21.26
CA SER G 61 -77.46 -1.17 -19.92
C SER G 61 -78.18 -2.16 -19.02
N ARG G 62 -78.78 -3.21 -19.57
CA ARG G 62 -79.44 -4.23 -18.77
C ARG G 62 -78.47 -5.04 -17.93
N PHE G 63 -77.16 -4.94 -18.20
CA PHE G 63 -76.14 -5.67 -17.44
C PHE G 63 -75.74 -4.77 -16.26
N LYS G 64 -76.32 -5.03 -15.10
CA LYS G 64 -76.11 -4.20 -13.91
C LYS G 64 -75.30 -4.97 -12.88
N GLY G 65 -74.24 -4.35 -12.39
CA GLY G 65 -73.40 -4.92 -11.36
C GLY G 65 -73.49 -4.11 -10.09
N ARG G 66 -73.49 -4.80 -8.95
CA ARG G 66 -73.60 -4.14 -7.65
C ARG G 66 -72.85 -4.96 -6.61
N GLY G 67 -72.57 -4.34 -5.48
CA GLY G 67 -71.90 -4.98 -4.38
C GLY G 67 -70.50 -4.43 -4.16
N SER G 68 -70.00 -4.67 -2.95
CA SER G 68 -68.67 -4.23 -2.56
C SER G 68 -68.16 -5.16 -1.46
N GLY G 69 -66.84 -5.11 -1.24
CA GLY G 69 -66.22 -5.91 -0.22
C GLY G 69 -66.17 -7.39 -0.56
N THR G 70 -66.92 -8.21 0.17
CA THR G 70 -66.93 -9.65 -0.02
C THR G 70 -68.21 -10.15 -0.69
N GLU G 71 -69.09 -9.25 -1.12
CA GLU G 71 -70.37 -9.64 -1.72
C GLU G 71 -70.58 -8.86 -3.01
N PHE G 72 -70.90 -9.57 -4.09
CA PHE G 72 -71.16 -8.95 -5.37
C PHE G 72 -72.28 -9.70 -6.07
N THR G 73 -73.00 -8.99 -6.94
CA THR G 73 -74.09 -9.57 -7.70
C THR G 73 -74.13 -8.97 -9.09
N LEU G 74 -74.60 -9.76 -10.06
CA LEU G 74 -74.81 -9.31 -11.43
C LEU G 74 -76.24 -9.64 -11.82
N THR G 75 -77.00 -8.64 -12.23
CA THR G 75 -78.41 -8.81 -12.60
C THR G 75 -78.56 -8.60 -14.10
N ILE G 76 -79.22 -9.53 -14.76
CA ILE G 76 -79.45 -9.47 -16.20
C ILE G 76 -80.96 -9.38 -16.40
N SER G 77 -81.48 -8.15 -16.49
CA SER G 77 -82.88 -7.93 -16.76
C SER G 77 -83.13 -7.90 -18.26
N ASP G 78 -84.36 -8.23 -18.65
CA ASP G 78 -84.77 -8.32 -20.05
C ASP G 78 -83.83 -9.25 -20.83
N LEU G 79 -83.82 -10.51 -20.41
CA LEU G 79 -82.93 -11.50 -21.01
C LEU G 79 -83.26 -11.72 -22.48
N GLU G 80 -82.23 -11.85 -23.29
CA GLU G 80 -82.35 -12.13 -24.71
C GLU G 80 -81.80 -13.52 -25.02
N CYS G 81 -82.03 -13.96 -26.25
CA CYS G 81 -81.54 -15.27 -26.66
C CYS G 81 -80.02 -15.29 -26.75
N ALA G 82 -79.40 -14.16 -27.09
CA ALA G 82 -77.95 -14.09 -27.22
C ALA G 82 -77.23 -14.05 -25.88
N ASP G 83 -77.95 -13.93 -24.77
CA ASP G 83 -77.33 -13.85 -23.46
C ASP G 83 -76.97 -15.20 -22.87
N ALA G 84 -77.29 -16.30 -23.56
CA ALA G 84 -76.97 -17.64 -23.09
C ALA G 84 -75.46 -17.86 -23.22
N ALA G 85 -74.74 -17.75 -22.11
CA ALA G 85 -73.30 -17.90 -22.11
C ALA G 85 -72.85 -18.24 -20.69
N THR G 86 -71.56 -18.57 -20.55
CA THR G 86 -70.96 -18.85 -19.25
C THR G 86 -70.31 -17.59 -18.73
N TYR G 87 -70.68 -17.19 -17.51
CA TYR G 87 -70.27 -15.92 -16.93
C TYR G 87 -69.36 -16.17 -15.74
N TYR G 88 -68.35 -15.31 -15.59
CA TYR G 88 -67.34 -15.44 -14.55
C TYR G 88 -67.23 -14.14 -13.77
N CYS G 89 -66.69 -14.24 -12.56
CA CYS G 89 -66.39 -13.08 -11.74
C CYS G 89 -64.93 -13.12 -11.33
N GLN G 90 -64.23 -12.01 -11.51
CA GLN G 90 -62.81 -11.90 -11.19
C GLN G 90 -62.60 -10.81 -10.16
N GLY G 91 -62.07 -11.18 -9.00
CA GLY G 91 -61.71 -10.23 -7.97
C GLY G 91 -60.22 -9.98 -7.95
N TYR G 92 -59.84 -8.73 -7.68
CA TYR G 92 -58.44 -8.33 -7.69
C TYR G 92 -58.03 -7.94 -6.27
N TYR G 93 -56.95 -8.55 -5.79
CA TYR G 93 -56.34 -8.20 -4.50
C TYR G 93 -55.06 -7.44 -4.78
N TYR G 94 -55.00 -6.18 -4.33
CA TYR G 94 -53.80 -5.37 -4.55
C TYR G 94 -52.63 -5.88 -3.73
N SER G 95 -52.88 -6.39 -2.53
CA SER G 95 -51.79 -6.84 -1.66
C SER G 95 -51.06 -8.03 -2.28
N SER G 96 -51.80 -8.97 -2.86
CA SER G 96 -51.21 -10.19 -3.39
C SER G 96 -50.93 -10.11 -4.89
N HIS G 97 -51.50 -9.12 -5.60
CA HIS G 97 -51.39 -9.03 -7.06
C HIS G 97 -51.85 -10.32 -7.72
N SER G 98 -52.88 -10.94 -7.14
CA SER G 98 -53.43 -12.20 -7.64
C SER G 98 -54.91 -12.04 -7.90
N TYR G 99 -55.36 -12.52 -9.04
CA TYR G 99 -56.76 -12.47 -9.43
C TYR G 99 -57.32 -13.88 -9.50
N VAL G 100 -58.46 -14.10 -8.86
CA VAL G 100 -59.10 -15.41 -8.79
C VAL G 100 -60.44 -15.34 -9.51
N PHE G 101 -60.69 -16.32 -10.36
CA PHE G 101 -61.92 -16.41 -11.14
C PHE G 101 -62.93 -17.32 -10.46
N GLY G 102 -64.22 -17.02 -10.67
CA GLY G 102 -65.27 -17.83 -10.10
C GLY G 102 -65.45 -19.14 -10.83
N GLY G 103 -66.30 -19.99 -10.25
CA GLY G 103 -66.58 -21.27 -10.87
C GLY G 103 -67.25 -21.14 -12.23
N GLY G 104 -68.18 -20.19 -12.36
CA GLY G 104 -68.87 -19.98 -13.61
C GLY G 104 -70.35 -20.27 -13.51
N THR G 105 -71.16 -19.52 -14.26
CA THR G 105 -72.62 -19.68 -14.25
C THR G 105 -73.12 -19.68 -15.68
N GLU G 106 -73.90 -20.69 -16.03
CA GLU G 106 -74.46 -20.82 -17.37
C GLU G 106 -75.85 -20.22 -17.42
N VAL G 107 -76.09 -19.36 -18.40
CA VAL G 107 -77.39 -18.72 -18.60
C VAL G 107 -78.17 -19.53 -19.62
N VAL G 108 -79.38 -19.94 -19.25
CA VAL G 108 -80.25 -20.72 -20.12
C VAL G 108 -81.51 -19.92 -20.40
N VAL G 109 -81.85 -19.78 -21.67
CA VAL G 109 -83.02 -19.02 -22.09
C VAL G 109 -84.22 -19.96 -22.10
N LYS G 110 -85.12 -19.77 -21.14
CA LYS G 110 -86.32 -20.60 -21.08
C LYS G 110 -87.25 -20.27 -22.24
N ARG G 111 -87.88 -21.31 -22.79
CA ARG G 111 -88.80 -21.14 -23.91
C ARG G 111 -89.88 -22.22 -23.89
N GLN H 1 -26.15 -42.96 -33.96
CA GLN H 1 -26.46 -44.12 -34.77
C GLN H 1 -26.55 -43.72 -36.24
N SER H 2 -26.47 -42.41 -36.50
CA SER H 2 -26.50 -41.87 -37.85
C SER H 2 -25.40 -40.82 -38.01
N LEU H 3 -24.86 -40.73 -39.22
CA LEU H 3 -23.81 -39.77 -39.54
C LEU H 3 -24.00 -39.32 -40.98
N GLU H 4 -24.36 -38.06 -41.18
CA GLU H 4 -24.58 -37.50 -42.52
C GLU H 4 -23.55 -36.43 -42.81
N GLU H 5 -23.00 -36.46 -44.01
CA GLU H 5 -21.96 -35.54 -44.44
C GLU H 5 -22.51 -34.51 -45.42
N SER H 6 -21.84 -33.37 -45.50
CA SER H 6 -22.25 -32.28 -46.37
C SER H 6 -21.04 -31.40 -46.66
N GLY H 7 -21.18 -30.54 -47.68
CA GLY H 7 -20.17 -29.58 -48.03
C GLY H 7 -19.34 -29.93 -49.25
N GLY H 8 -19.42 -31.16 -49.75
CA GLY H 8 -18.63 -31.55 -50.90
C GLY H 8 -19.25 -31.09 -52.21
N ASP H 9 -18.45 -30.38 -53.00
CA ASP H 9 -18.88 -29.84 -54.28
C ASP H 9 -17.65 -29.56 -55.14
N LEU H 10 -17.89 -29.28 -56.41
CA LEU H 10 -16.80 -28.95 -57.33
C LEU H 10 -16.26 -27.56 -57.02
N VAL H 11 -15.00 -27.48 -56.61
CA VAL H 11 -14.37 -26.24 -56.20
C VAL H 11 -13.02 -26.13 -56.89
N LYS H 12 -12.64 -24.91 -57.27
CA LYS H 12 -11.40 -24.68 -57.99
C LYS H 12 -10.20 -24.99 -57.09
N PRO H 13 -9.05 -25.34 -57.69
CA PRO H 13 -7.84 -25.55 -56.89
C PRO H 13 -7.37 -24.24 -56.27
N GLY H 14 -6.71 -24.37 -55.12
CA GLY H 14 -6.11 -23.23 -54.44
C GLY H 14 -7.03 -22.50 -53.48
N THR H 15 -8.31 -22.84 -53.42
CA THR H 15 -9.24 -22.21 -52.50
C THR H 15 -9.41 -23.08 -51.26
N SER H 16 -10.38 -22.74 -50.41
CA SER H 16 -10.65 -23.47 -49.19
C SER H 16 -12.11 -23.90 -49.16
N LEU H 17 -12.36 -25.10 -48.64
CA LEU H 17 -13.70 -25.66 -48.55
C LEU H 17 -13.93 -26.21 -47.14
N THR H 18 -15.20 -26.33 -46.79
CA THR H 18 -15.59 -26.87 -45.49
C THR H 18 -16.52 -28.07 -45.67
N LEU H 19 -16.43 -29.00 -44.73
CA LEU H 19 -17.27 -30.19 -44.71
C LEU H 19 -17.85 -30.35 -43.31
N THR H 20 -19.08 -30.85 -43.24
CA THR H 20 -19.77 -31.01 -41.96
C THR H 20 -20.31 -32.43 -41.85
N CYS H 21 -20.09 -33.05 -40.69
CA CYS H 21 -20.65 -34.38 -40.39
C CYS H 21 -21.58 -34.24 -39.19
N THR H 22 -22.89 -34.29 -39.46
CA THR H 22 -23.90 -34.18 -38.42
C THR H 22 -24.22 -35.57 -37.86
N ALA H 23 -24.36 -35.64 -36.55
CA ALA H 23 -24.61 -36.90 -35.86
C ALA H 23 -26.04 -36.91 -35.33
N SER H 24 -26.75 -38.00 -35.59
CA SER H 24 -28.10 -38.21 -35.10
C SER H 24 -28.15 -39.45 -34.22
N GLY H 25 -28.89 -39.36 -33.13
CA GLY H 25 -29.00 -40.46 -32.18
C GLY H 25 -28.00 -40.41 -31.03
N PHE H 26 -27.00 -39.54 -31.09
CA PHE H 26 -26.04 -39.39 -30.01
C PHE H 26 -25.40 -38.03 -30.09
N SER H 27 -24.80 -37.60 -28.99
CA SER H 27 -24.13 -36.31 -28.89
C SER H 27 -22.62 -36.50 -28.79
N PHE H 28 -21.89 -35.42 -29.05
CA PHE H 28 -20.43 -35.44 -29.06
C PHE H 28 -19.93 -35.36 -27.62
N SER H 29 -19.91 -36.52 -26.97
CA SER H 29 -19.49 -36.59 -25.57
C SER H 29 -17.99 -36.85 -25.49
N HIS H 30 -17.46 -36.83 -24.26
CA HIS H 30 -16.04 -37.03 -24.03
C HIS H 30 -15.59 -38.45 -24.32
N ASN H 31 -16.51 -39.38 -24.53
CA ASN H 31 -16.18 -40.78 -24.78
C ASN H 31 -15.97 -41.09 -26.26
N TYR H 32 -16.06 -40.08 -27.12
CA TYR H 32 -16.07 -40.31 -28.56
C TYR H 32 -14.94 -39.55 -29.25
N VAL H 33 -14.40 -40.15 -30.31
CA VAL H 33 -13.38 -39.54 -31.14
C VAL H 33 -13.77 -39.72 -32.60
N MET H 34 -13.92 -38.62 -33.33
CA MET H 34 -14.33 -38.65 -34.73
C MET H 34 -13.14 -38.34 -35.62
N CYS H 35 -13.01 -39.10 -36.71
CA CYS H 35 -11.89 -38.98 -37.63
C CYS H 35 -12.40 -38.77 -39.05
N TRP H 36 -11.60 -38.11 -39.86
CA TRP H 36 -11.91 -37.88 -41.27
C TRP H 36 -11.05 -38.80 -42.11
N VAL H 37 -11.70 -39.59 -42.97
CA VAL H 37 -11.04 -40.57 -43.82
C VAL H 37 -11.27 -40.20 -45.28
N ARG H 38 -10.19 -40.13 -46.06
CA ARG H 38 -10.25 -39.77 -47.46
C ARG H 38 -9.83 -40.95 -48.32
N GLN H 39 -10.68 -41.30 -49.29
CA GLN H 39 -10.42 -42.42 -50.20
C GLN H 39 -10.50 -41.90 -51.63
N ALA H 40 -9.36 -41.95 -52.34
CA ALA H 40 -9.34 -41.58 -53.75
C ALA H 40 -10.06 -42.63 -54.58
N PRO H 41 -10.58 -42.25 -55.75
CA PRO H 41 -11.24 -43.23 -56.62
C PRO H 41 -10.30 -44.35 -57.01
N GLY H 42 -10.66 -45.58 -56.65
CA GLY H 42 -9.82 -46.73 -56.91
C GLY H 42 -8.51 -46.73 -56.15
N LYS H 43 -8.54 -46.34 -54.88
CA LYS H 43 -7.33 -46.30 -54.06
C LYS H 43 -7.71 -46.66 -52.63
N GLY H 44 -6.68 -46.72 -51.77
CA GLY H 44 -6.87 -47.11 -50.40
C GLY H 44 -7.33 -45.97 -49.50
N LEU H 45 -7.56 -46.31 -48.24
CA LEU H 45 -7.99 -45.36 -47.23
C LEU H 45 -6.79 -44.72 -46.54
N GLU H 46 -6.96 -43.47 -46.14
CA GLU H 46 -5.93 -42.76 -45.39
C GLU H 46 -6.60 -41.83 -44.37
N CYS H 47 -5.91 -41.60 -43.26
CA CYS H 47 -6.43 -40.77 -42.19
C CYS H 47 -6.02 -39.33 -42.41
N VAL H 48 -6.99 -38.42 -42.37
CA VAL H 48 -6.74 -37.00 -42.58
C VAL H 48 -6.53 -36.31 -41.24
N ALA H 49 -7.53 -36.40 -40.36
CA ALA H 49 -7.46 -35.75 -39.06
C ALA H 49 -8.40 -36.46 -38.09
N CYS H 50 -8.18 -36.21 -36.80
CA CYS H 50 -8.99 -36.78 -35.73
C CYS H 50 -9.13 -35.76 -34.62
N ILE H 51 -10.24 -35.84 -33.89
CA ILE H 51 -10.50 -34.95 -32.77
C ILE H 51 -10.90 -35.78 -31.56
N TYR H 52 -10.42 -35.36 -30.38
CA TYR H 52 -10.73 -36.03 -29.13
C TYR H 52 -11.52 -35.06 -28.26
N PHE H 53 -12.76 -35.43 -27.94
CA PHE H 53 -13.59 -34.58 -27.10
C PHE H 53 -13.21 -34.69 -25.64
N GLY H 54 -12.65 -35.83 -25.23
CA GLY H 54 -12.27 -36.01 -23.83
C GLY H 54 -11.15 -35.08 -23.41
N PHE H 55 -10.18 -34.84 -24.31
CA PHE H 55 -9.06 -33.97 -24.00
C PHE H 55 -9.17 -32.59 -24.62
N GLY H 56 -10.03 -32.42 -25.62
CA GLY H 56 -10.10 -31.15 -26.31
C GLY H 56 -8.98 -30.90 -27.30
N ASP H 57 -8.18 -31.92 -27.59
CA ASP H 57 -7.04 -31.83 -28.50
C ASP H 57 -7.42 -32.42 -29.84
N THR H 58 -6.42 -32.46 -30.75
CA THR H 58 -6.65 -32.91 -32.11
C THR H 58 -5.38 -33.53 -32.66
N TYR H 59 -5.54 -34.34 -33.71
CA TYR H 59 -4.43 -34.98 -34.41
C TYR H 59 -4.57 -34.74 -35.90
N TYR H 60 -3.44 -34.62 -36.58
CA TYR H 60 -3.42 -34.40 -38.02
C TYR H 60 -2.51 -35.41 -38.70
N ALA H 61 -2.69 -35.54 -40.01
CA ALA H 61 -1.93 -36.50 -40.79
C ALA H 61 -0.48 -36.05 -40.97
N SER H 62 0.38 -37.02 -41.26
CA SER H 62 1.80 -36.71 -41.48
C SER H 62 1.99 -35.85 -42.73
N TRP H 63 1.29 -36.16 -43.81
CA TRP H 63 1.48 -35.41 -45.06
C TRP H 63 1.00 -33.97 -44.92
N ALA H 64 -0.10 -33.74 -44.19
CA ALA H 64 -0.63 -32.40 -44.02
C ALA H 64 0.29 -31.59 -43.12
N LYS H 65 0.52 -30.32 -43.51
CA LYS H 65 1.33 -29.37 -42.72
C LYS H 65 0.47 -28.12 -42.53
N GLY H 66 -0.37 -28.14 -41.50
CA GLY H 66 -1.27 -27.03 -41.25
C GLY H 66 -2.35 -26.84 -42.27
N ARG H 67 -2.53 -27.78 -43.20
CA ARG H 67 -3.52 -27.66 -44.25
C ARG H 67 -4.88 -28.23 -43.86
N ILE H 68 -4.98 -28.88 -42.70
CA ILE H 68 -6.24 -29.44 -42.20
C ILE H 68 -6.58 -28.77 -40.89
N THR H 69 -7.85 -28.43 -40.70
CA THR H 69 -8.32 -27.76 -39.50
C THR H 69 -9.65 -28.37 -39.09
N ILE H 70 -9.64 -29.18 -38.03
CA ILE H 70 -10.84 -29.82 -37.51
C ILE H 70 -11.13 -29.26 -36.13
N SER H 71 -12.35 -28.75 -35.93
CA SER H 71 -12.74 -28.15 -34.67
C SER H 71 -14.16 -28.57 -34.33
N LYS H 72 -14.47 -28.58 -33.03
CA LYS H 72 -15.80 -28.94 -32.53
C LYS H 72 -16.66 -27.68 -32.50
N THR H 73 -17.49 -27.51 -33.54
CA THR H 73 -18.38 -26.36 -33.59
C THR H 73 -19.59 -26.55 -32.68
N SER H 74 -20.10 -27.77 -32.58
CA SER H 74 -21.31 -28.03 -31.79
C SER H 74 -21.32 -29.49 -31.36
N SER H 75 -22.24 -29.80 -30.45
CA SER H 75 -22.38 -31.15 -29.92
C SER H 75 -22.92 -32.15 -30.94
N THR H 76 -23.39 -31.69 -32.10
CA THR H 76 -23.87 -32.58 -33.14
C THR H 76 -23.25 -32.30 -34.51
N THR H 77 -22.40 -31.28 -34.62
CA THR H 77 -21.78 -30.91 -35.89
C THR H 77 -20.28 -30.76 -35.70
N VAL H 78 -19.51 -31.33 -36.63
CA VAL H 78 -18.06 -31.15 -36.68
C VAL H 78 -17.68 -30.71 -38.09
N THR H 79 -16.88 -29.65 -38.18
CA THR H 79 -16.48 -29.07 -39.46
C THR H 79 -15.02 -29.36 -39.74
N LEU H 80 -14.72 -29.71 -40.99
CA LEU H 80 -13.37 -29.92 -41.47
C LEU H 80 -13.08 -28.88 -42.55
N GLN H 81 -12.01 -28.10 -42.35
CA GLN H 81 -11.58 -27.10 -43.31
C GLN H 81 -10.22 -27.50 -43.87
N MET H 82 -10.14 -27.59 -45.20
CA MET H 82 -8.89 -27.86 -45.89
C MET H 82 -8.59 -26.73 -46.86
N THR H 83 -7.33 -26.33 -46.91
CA THR H 83 -6.89 -25.22 -47.75
C THR H 83 -5.97 -25.75 -48.85
N SER H 84 -5.70 -24.89 -49.83
CA SER H 84 -4.81 -25.22 -50.95
C SER H 84 -5.25 -26.51 -51.63
N LEU H 85 -6.49 -26.50 -52.14
CA LEU H 85 -7.02 -27.68 -52.82
C LEU H 85 -6.18 -28.02 -54.03
N THR H 86 -5.84 -29.31 -54.16
CA THR H 86 -4.94 -29.79 -55.19
C THR H 86 -5.53 -31.03 -55.84
N ALA H 87 -4.88 -31.48 -56.92
CA ALA H 87 -5.36 -32.67 -57.62
C ALA H 87 -5.26 -33.92 -56.74
N ALA H 88 -4.44 -33.88 -55.70
CA ALA H 88 -4.33 -35.02 -54.79
C ALA H 88 -5.50 -35.09 -53.81
N ASP H 89 -6.30 -34.04 -53.70
CA ASP H 89 -7.45 -34.01 -52.81
C ASP H 89 -8.74 -34.50 -53.45
N THR H 90 -8.71 -34.82 -54.74
CA THR H 90 -9.90 -35.30 -55.44
C THR H 90 -10.24 -36.70 -54.95
N ALA H 91 -11.24 -36.81 -54.09
CA ALA H 91 -11.58 -38.08 -53.46
C ALA H 91 -12.94 -37.95 -52.79
N THR H 92 -13.33 -39.00 -52.06
CA THR H 92 -14.55 -39.02 -51.28
C THR H 92 -14.19 -38.97 -49.80
N TYR H 93 -14.87 -38.11 -49.05
CA TYR H 93 -14.56 -37.87 -47.64
C TYR H 93 -15.63 -38.51 -46.78
N PHE H 94 -15.20 -39.32 -45.81
CA PHE H 94 -16.10 -40.00 -44.89
C PHE H 94 -15.80 -39.55 -43.47
N CYS H 95 -16.84 -39.52 -42.64
CA CYS H 95 -16.70 -39.25 -41.21
C CYS H 95 -17.07 -40.50 -40.43
N ALA H 96 -16.25 -40.82 -39.43
CA ALA H 96 -16.43 -42.04 -38.64
C ALA H 96 -16.23 -41.72 -37.17
N ARG H 97 -16.87 -42.53 -36.32
CA ARG H 97 -16.81 -42.36 -34.88
C ARG H 97 -16.13 -43.57 -34.25
N ALA H 98 -15.30 -43.33 -33.24
CA ALA H 98 -14.64 -44.37 -32.48
C ALA H 98 -14.90 -44.14 -31.00
N LEU H 99 -14.79 -45.22 -30.22
CA LEU H 99 -15.07 -45.18 -28.79
C LEU H 99 -13.76 -45.12 -28.02
N GLY H 100 -13.66 -44.16 -27.11
CA GLY H 100 -12.44 -43.94 -26.33
C GLY H 100 -12.62 -44.40 -24.90
N TYR H 101 -11.56 -44.95 -24.33
CA TYR H 101 -11.60 -45.49 -22.97
C TYR H 101 -10.19 -45.59 -22.42
N TYR H 102 -10.10 -45.80 -21.11
CA TYR H 102 -8.84 -45.82 -20.38
C TYR H 102 -8.66 -47.16 -19.69
N ILE H 103 -7.49 -47.78 -19.88
CA ILE H 103 -7.16 -49.01 -19.18
C ILE H 103 -5.82 -48.83 -18.47
N TYR H 104 -5.37 -49.88 -17.78
CA TYR H 104 -4.12 -49.85 -17.04
C TYR H 104 -3.21 -50.99 -17.48
N GLY H 105 -1.91 -50.73 -17.46
CA GLY H 105 -0.92 -51.73 -17.80
C GLY H 105 0.41 -51.45 -17.14
N ASP H 106 1.46 -52.16 -17.57
CA ASP H 106 2.79 -51.92 -17.02
C ASP H 106 3.29 -50.52 -17.36
N ALA H 107 3.00 -50.05 -18.58
CA ALA H 107 3.40 -48.70 -18.96
C ALA H 107 2.70 -47.65 -18.10
N GLY H 108 1.42 -47.86 -17.81
CA GLY H 108 0.67 -46.91 -17.00
C GLY H 108 -0.77 -46.79 -17.43
N ASP H 109 -1.20 -45.56 -17.69
CA ASP H 109 -2.56 -45.28 -18.15
C ASP H 109 -2.52 -44.94 -19.64
N ILE H 110 -3.32 -45.64 -20.43
CA ILE H 110 -3.34 -45.49 -21.88
C ILE H 110 -4.76 -45.21 -22.32
N TYR H 111 -4.92 -44.29 -23.27
CA TYR H 111 -6.20 -44.00 -23.88
C TYR H 111 -6.31 -44.75 -25.20
N ILE H 112 -7.43 -45.46 -25.38
CA ILE H 112 -7.61 -46.36 -26.51
C ILE H 112 -8.72 -45.83 -27.41
N ALA H 113 -8.40 -45.67 -28.69
CA ALA H 113 -9.37 -45.34 -29.73
C ALA H 113 -8.94 -46.12 -30.97
N ASP H 114 -9.45 -47.34 -31.12
CA ASP H 114 -8.92 -48.29 -32.11
C ASP H 114 -9.75 -48.37 -33.38
N TYR H 115 -11.03 -48.73 -33.27
CA TYR H 115 -11.83 -49.03 -34.44
C TYR H 115 -13.00 -48.06 -34.58
N PHE H 116 -13.39 -47.81 -35.83
CA PHE H 116 -14.54 -46.98 -36.16
C PHE H 116 -15.72 -47.89 -36.48
N LYS H 117 -16.81 -47.72 -35.74
CA LYS H 117 -17.97 -48.60 -35.92
C LYS H 117 -18.97 -48.04 -36.93
N LEU H 118 -19.23 -46.74 -36.89
CA LEU H 118 -20.23 -46.11 -37.75
C LEU H 118 -19.54 -45.27 -38.81
N TRP H 119 -20.04 -45.36 -40.05
CA TRP H 119 -19.53 -44.58 -41.16
C TRP H 119 -20.70 -43.95 -41.91
N GLY H 120 -20.51 -42.69 -42.30
CA GLY H 120 -21.54 -41.97 -43.02
C GLY H 120 -21.40 -42.13 -44.52
N PRO H 121 -22.46 -41.78 -45.26
CA PRO H 121 -22.43 -41.99 -46.72
C PRO H 121 -21.29 -41.27 -47.42
N GLY H 122 -20.84 -40.13 -46.91
CA GLY H 122 -19.70 -39.44 -47.47
C GLY H 122 -20.10 -38.45 -48.55
N THR H 123 -19.20 -37.48 -48.78
CA THR H 123 -19.41 -36.45 -49.78
C THR H 123 -18.24 -36.44 -50.75
N LEU H 124 -18.53 -36.22 -52.02
CA LEU H 124 -17.52 -36.22 -53.06
C LEU H 124 -16.99 -34.80 -53.27
N VAL H 125 -15.67 -34.65 -53.15
CA VAL H 125 -15.01 -33.36 -53.36
C VAL H 125 -14.15 -33.48 -54.60
N THR H 126 -14.38 -32.58 -55.56
CA THR H 126 -13.64 -32.56 -56.82
C THR H 126 -12.86 -31.26 -56.91
N VAL H 127 -11.57 -31.37 -57.23
CA VAL H 127 -10.67 -30.23 -57.32
C VAL H 127 -10.18 -30.16 -58.76
N SER H 128 -10.73 -29.24 -59.54
CA SER H 128 -10.35 -29.08 -60.93
C SER H 128 -10.71 -27.67 -61.38
N SER H 129 -10.08 -27.24 -62.47
CA SER H 129 -10.32 -25.91 -63.02
C SER H 129 -11.65 -25.86 -63.77
N ASP I 2 4.89 -43.16 -40.07
CA ASP I 2 5.93 -43.92 -39.38
C ASP I 2 5.63 -45.41 -39.40
N ILE I 3 4.35 -45.75 -39.54
CA ILE I 3 3.89 -47.13 -39.59
C ILE I 3 3.18 -47.35 -40.93
N VAL I 4 3.26 -48.59 -41.42
CA VAL I 4 2.62 -48.96 -42.68
C VAL I 4 1.94 -50.31 -42.52
N MET I 5 0.82 -50.47 -43.21
CA MET I 5 0.07 -51.73 -43.24
C MET I 5 0.19 -52.32 -44.63
N THR I 6 0.83 -53.49 -44.73
CA THR I 6 1.05 -54.16 -46.00
C THR I 6 0.00 -55.25 -46.16
N GLN I 7 -0.92 -55.05 -47.09
CA GLN I 7 -1.99 -56.02 -47.36
C GLN I 7 -1.70 -56.71 -48.69
N THR I 8 -1.53 -58.03 -48.63
CA THR I 8 -1.25 -58.87 -49.79
C THR I 8 -2.23 -60.04 -49.81
N PRO I 9 -2.53 -60.58 -51.01
CA PRO I 9 -2.08 -60.17 -52.34
C PRO I 9 -3.01 -59.16 -53.00
N ALA I 10 -2.81 -58.86 -54.29
CA ALA I 10 -3.65 -57.89 -54.97
C ALA I 10 -5.10 -58.37 -55.11
N SER I 11 -5.30 -59.64 -55.46
CA SER I 11 -6.63 -60.18 -55.64
C SER I 11 -6.66 -61.64 -55.21
N VAL I 12 -7.77 -62.04 -54.59
CA VAL I 12 -7.98 -63.40 -54.12
C VAL I 12 -9.27 -63.92 -54.73
N GLU I 13 -9.23 -65.14 -55.27
CA GLU I 13 -10.37 -65.73 -55.94
C GLU I 13 -10.61 -67.14 -55.42
N ALA I 14 -11.89 -67.53 -55.39
CA ALA I 14 -12.31 -68.85 -54.96
C ALA I 14 -13.76 -69.04 -55.39
N ALA I 15 -14.12 -70.30 -55.65
CA ALA I 15 -15.47 -70.62 -56.11
C ALA I 15 -16.45 -70.56 -54.94
N VAL I 16 -17.69 -70.96 -55.21
CA VAL I 16 -18.73 -70.95 -54.18
C VAL I 16 -18.40 -71.97 -53.12
N GLY I 17 -18.34 -71.53 -51.87
CA GLY I 17 -17.99 -72.39 -50.77
C GLY I 17 -16.51 -72.60 -50.55
N GLY I 18 -15.66 -71.85 -51.26
CA GLY I 18 -14.23 -72.00 -51.13
C GLY I 18 -13.68 -71.27 -49.92
N THR I 19 -12.35 -71.28 -49.83
CA THR I 19 -11.62 -70.66 -48.73
C THR I 19 -10.74 -69.56 -49.26
N VAL I 20 -10.84 -68.37 -48.67
CA VAL I 20 -10.06 -67.20 -49.07
C VAL I 20 -9.27 -66.72 -47.86
N THR I 21 -7.97 -66.53 -48.05
CA THR I 21 -7.08 -66.03 -47.01
C THR I 21 -6.44 -64.74 -47.45
N ILE I 22 -6.46 -63.73 -46.58
CA ILE I 22 -5.84 -62.44 -46.83
C ILE I 22 -4.78 -62.21 -45.78
N LYS I 23 -3.80 -61.37 -46.11
CA LYS I 23 -2.67 -61.09 -45.23
C LYS I 23 -2.55 -59.59 -45.00
N CYS I 24 -2.30 -59.21 -43.76
CA CYS I 24 -2.01 -57.82 -43.40
C CYS I 24 -0.90 -57.82 -42.36
N GLN I 25 0.20 -57.15 -42.66
CA GLN I 25 1.36 -57.09 -41.78
C GLN I 25 1.71 -55.64 -41.51
N ALA I 26 1.90 -55.31 -40.23
CA ALA I 26 2.27 -53.97 -39.83
C ALA I 26 3.79 -53.87 -39.68
N SER I 27 4.31 -52.65 -39.87
CA SER I 27 5.74 -52.44 -39.75
C SER I 27 6.22 -52.70 -38.33
N GLN I 28 5.45 -52.25 -37.33
CA GLN I 28 5.77 -52.45 -35.93
C GLN I 28 4.61 -53.15 -35.25
N SER I 29 4.89 -53.74 -34.08
CA SER I 29 3.87 -54.44 -33.33
C SER I 29 2.75 -53.50 -32.93
N ILE I 30 1.51 -53.91 -33.19
CA ILE I 30 0.33 -53.16 -32.80
C ILE I 30 -0.55 -53.99 -31.86
N SER I 31 0.04 -54.95 -31.16
CA SER I 31 -0.64 -55.85 -30.23
C SER I 31 -1.75 -56.57 -31.00
N LYS I 32 -2.90 -56.83 -30.38
CA LYS I 32 -4.04 -57.48 -31.03
C LYS I 32 -4.97 -56.48 -31.69
N TYR I 33 -4.46 -55.33 -32.12
CA TYR I 33 -5.29 -54.18 -32.47
C TYR I 33 -5.31 -54.04 -33.99
N LEU I 34 -6.28 -54.69 -34.62
CA LEU I 34 -6.46 -54.63 -36.06
C LEU I 34 -7.95 -54.70 -36.37
N ALA I 35 -8.36 -53.97 -37.41
CA ALA I 35 -9.76 -53.93 -37.82
C ALA I 35 -9.86 -54.28 -39.29
N TRP I 36 -10.91 -55.02 -39.64
CA TRP I 36 -11.18 -55.45 -41.00
C TRP I 36 -12.42 -54.71 -41.50
N TYR I 37 -12.36 -54.19 -42.72
CA TYR I 37 -13.47 -53.45 -43.30
C TYR I 37 -13.85 -54.04 -44.64
N GLN I 38 -15.14 -54.36 -44.80
CA GLN I 38 -15.70 -54.84 -46.05
C GLN I 38 -16.35 -53.67 -46.77
N GLN I 39 -15.75 -53.25 -47.88
CA GLN I 39 -16.18 -52.05 -48.61
C GLN I 39 -16.73 -52.46 -49.97
N LYS I 40 -17.93 -51.97 -50.29
CA LYS I 40 -18.52 -52.11 -51.61
C LYS I 40 -18.44 -50.79 -52.36
N PRO I 41 -18.39 -50.82 -53.70
CA PRO I 41 -18.32 -49.57 -54.47
C PRO I 41 -19.52 -48.67 -54.19
N GLY I 42 -19.26 -47.37 -54.11
CA GLY I 42 -20.33 -46.43 -53.83
C GLY I 42 -20.91 -46.58 -52.45
N GLN I 43 -20.16 -47.18 -51.52
CA GLN I 43 -20.65 -47.61 -50.23
C GLN I 43 -19.55 -47.34 -49.21
N PRO I 44 -19.90 -46.79 -48.05
CA PRO I 44 -18.91 -46.58 -46.98
C PRO I 44 -18.60 -47.88 -46.24
N PRO I 45 -17.45 -47.95 -45.57
CA PRO I 45 -17.04 -49.23 -44.97
C PRO I 45 -18.02 -49.73 -43.92
N LYS I 46 -18.24 -51.05 -43.95
CA LYS I 46 -18.72 -51.83 -42.81
C LYS I 46 -17.52 -52.38 -42.08
N LEU I 47 -17.41 -52.03 -40.80
CA LEU I 47 -16.46 -52.70 -39.92
C LEU I 47 -16.89 -54.15 -39.77
N LEU I 48 -15.94 -55.07 -39.89
CA LEU I 48 -16.23 -56.49 -39.94
C LEU I 48 -15.64 -57.27 -38.77
N ILE I 49 -14.49 -56.87 -38.25
CA ILE I 49 -13.93 -57.43 -37.02
C ILE I 49 -13.32 -56.30 -36.21
N PHE I 50 -13.59 -56.28 -34.91
CA PHE I 50 -12.89 -55.40 -33.98
C PHE I 50 -12.02 -56.25 -33.06
N GLU I 51 -10.92 -55.66 -32.59
CA GLU I 51 -9.88 -56.33 -31.81
C GLU I 51 -9.20 -57.44 -32.58
N ALA I 52 -9.48 -57.59 -33.87
CA ALA I 52 -8.83 -58.54 -34.77
C ALA I 52 -9.09 -60.00 -34.38
N SER I 53 -9.88 -60.23 -33.33
CA SER I 53 -10.15 -61.58 -32.87
C SER I 53 -11.59 -61.83 -32.45
N THR I 54 -12.46 -60.82 -32.47
CA THR I 54 -13.83 -60.97 -32.00
C THR I 54 -14.79 -60.58 -33.12
N LEU I 55 -15.75 -61.46 -33.40
CA LEU I 55 -16.72 -61.23 -34.45
C LEU I 55 -17.68 -60.11 -34.07
N GLU I 56 -18.21 -59.43 -35.09
CA GLU I 56 -19.26 -58.43 -34.89
C GLU I 56 -20.59 -59.11 -34.58
N SER I 57 -21.54 -58.31 -34.10
CA SER I 57 -22.91 -58.78 -33.97
C SER I 57 -23.61 -58.67 -35.32
N GLY I 58 -24.27 -59.76 -35.72
CA GLY I 58 -24.95 -59.82 -37.00
C GLY I 58 -24.10 -60.19 -38.18
N VAL I 59 -22.80 -60.41 -37.99
CA VAL I 59 -21.91 -60.84 -39.07
C VAL I 59 -21.79 -62.35 -39.04
N PRO I 60 -21.87 -63.03 -40.18
CA PRO I 60 -21.77 -64.49 -40.18
C PRO I 60 -20.42 -64.97 -39.65
N SER I 61 -20.45 -66.14 -39.02
CA SER I 61 -19.28 -66.67 -38.33
C SER I 61 -18.17 -67.10 -39.29
N ARG I 62 -18.46 -67.19 -40.59
CA ARG I 62 -17.44 -67.63 -41.54
C ARG I 62 -16.29 -66.62 -41.67
N PHE I 63 -16.52 -65.36 -41.33
CA PHE I 63 -15.46 -64.36 -41.31
C PHE I 63 -14.71 -64.46 -39.98
N LYS I 64 -13.41 -64.73 -40.05
CA LYS I 64 -12.60 -64.91 -38.85
C LYS I 64 -11.29 -64.15 -39.00
N GLY I 65 -10.84 -63.54 -37.90
CA GLY I 65 -9.58 -62.84 -37.89
C GLY I 65 -8.61 -63.42 -36.89
N ARG I 66 -7.38 -63.70 -37.33
CA ARG I 66 -6.36 -64.31 -36.48
C ARG I 66 -5.06 -63.53 -36.60
N GLY I 67 -4.23 -63.65 -35.58
CA GLY I 67 -2.92 -63.03 -35.56
C GLY I 67 -2.78 -62.06 -34.41
N SER I 68 -1.54 -61.62 -34.20
CA SER I 68 -1.23 -60.65 -33.16
C SER I 68 0.12 -60.02 -33.49
N GLY I 69 0.41 -58.92 -32.80
CA GLY I 69 1.66 -58.22 -33.00
C GLY I 69 1.76 -57.55 -34.36
N THR I 70 2.65 -58.07 -35.22
CA THR I 70 2.88 -57.51 -36.54
C THR I 70 2.23 -58.31 -37.65
N GLU I 71 1.50 -59.38 -37.34
CA GLU I 71 0.89 -60.24 -38.34
C GLU I 71 -0.60 -60.38 -38.08
N PHE I 72 -1.38 -60.35 -39.16
CA PHE I 72 -2.82 -60.46 -39.06
C PHE I 72 -3.35 -61.09 -40.35
N THR I 73 -4.46 -61.82 -40.21
CA THR I 73 -5.05 -62.52 -41.35
C THR I 73 -6.56 -62.55 -41.21
N LEU I 74 -7.25 -62.57 -42.34
CA LEU I 74 -8.70 -62.77 -42.39
C LEU I 74 -8.99 -64.00 -43.25
N THR I 75 -9.78 -64.92 -42.71
CA THR I 75 -10.16 -66.13 -43.41
C THR I 75 -11.65 -66.09 -43.71
N ILE I 76 -12.00 -66.28 -44.99
CA ILE I 76 -13.39 -66.25 -45.44
C ILE I 76 -13.69 -67.60 -46.05
N SER I 77 -14.20 -68.53 -45.25
CA SER I 77 -14.66 -69.81 -45.75
C SER I 77 -16.13 -69.73 -46.11
N ASP I 78 -16.59 -70.73 -46.87
CA ASP I 78 -17.97 -70.79 -47.36
C ASP I 78 -18.33 -69.49 -48.10
N LEU I 79 -17.52 -69.20 -49.11
CA LEU I 79 -17.66 -67.93 -49.84
C LEU I 79 -19.01 -67.84 -50.52
N GLU I 80 -19.64 -66.68 -50.40
CA GLU I 80 -20.93 -66.40 -51.01
C GLU I 80 -20.76 -65.41 -52.17
N CYS I 81 -21.81 -65.30 -52.98
CA CYS I 81 -21.78 -64.39 -54.12
C CYS I 81 -21.73 -62.94 -53.67
N ALA I 82 -22.34 -62.62 -52.53
CA ALA I 82 -22.36 -61.25 -52.02
C ALA I 82 -21.08 -60.86 -51.29
N ASP I 83 -20.16 -61.80 -51.08
CA ASP I 83 -18.91 -61.49 -50.38
C ASP I 83 -17.86 -60.87 -51.28
N ALA I 84 -18.13 -60.75 -52.58
CA ALA I 84 -17.18 -60.15 -53.51
C ALA I 84 -17.14 -58.64 -53.27
N ALA I 85 -16.10 -58.18 -52.58
CA ALA I 85 -15.95 -56.77 -52.25
C ALA I 85 -14.48 -56.51 -51.96
N THR I 86 -14.17 -55.27 -51.55
CA THR I 86 -12.81 -54.86 -51.25
C THR I 86 -12.61 -54.84 -49.73
N TYR I 87 -11.54 -55.46 -49.26
CA TYR I 87 -11.27 -55.57 -47.83
C TYR I 87 -10.04 -54.73 -47.47
N TYR I 88 -10.08 -54.15 -46.27
CA TYR I 88 -9.00 -53.33 -45.77
C TYR I 88 -8.68 -53.72 -44.33
N CYS I 89 -7.44 -53.46 -43.93
CA CYS I 89 -7.01 -53.66 -42.55
C CYS I 89 -6.55 -52.32 -41.98
N GLN I 90 -7.07 -51.97 -40.81
CA GLN I 90 -6.77 -50.70 -40.16
C GLN I 90 -6.10 -51.00 -38.82
N GLY I 91 -4.80 -50.73 -38.72
CA GLY I 91 -4.10 -50.88 -37.47
C GLY I 91 -4.09 -49.61 -36.65
N TYR I 92 -3.98 -49.77 -35.34
CA TYR I 92 -3.97 -48.66 -34.40
C TYR I 92 -2.68 -48.67 -33.60
N TYR I 93 -2.07 -47.50 -33.46
CA TYR I 93 -0.85 -47.31 -32.71
C TYR I 93 -1.19 -46.40 -31.55
N TYR I 94 -1.31 -46.98 -30.34
CA TYR I 94 -1.93 -46.26 -29.23
C TYR I 94 -1.09 -45.09 -28.74
N SER I 95 0.23 -45.12 -28.96
CA SER I 95 1.07 -44.04 -28.47
C SER I 95 0.92 -42.79 -29.34
N SER I 96 0.89 -42.96 -30.65
CA SER I 96 0.79 -41.84 -31.58
C SER I 96 -0.64 -41.49 -31.94
N HIS I 97 -1.62 -42.32 -31.57
CA HIS I 97 -3.02 -42.12 -31.93
C HIS I 97 -3.19 -41.99 -33.44
N SER I 98 -2.48 -42.83 -34.18
CA SER I 98 -2.48 -42.80 -35.63
C SER I 98 -3.24 -44.00 -36.20
N TYR I 99 -3.94 -43.75 -37.30
CA TYR I 99 -4.69 -44.79 -38.01
C TYR I 99 -4.15 -44.88 -39.43
N VAL I 100 -3.71 -46.07 -39.83
CA VAL I 100 -3.22 -46.33 -41.18
C VAL I 100 -3.97 -47.53 -41.73
N PHE I 101 -4.48 -47.39 -42.95
CA PHE I 101 -5.27 -48.43 -43.61
C PHE I 101 -4.46 -49.08 -44.72
N GLY I 102 -4.75 -50.34 -45.00
CA GLY I 102 -4.01 -51.11 -45.98
C GLY I 102 -4.37 -50.75 -47.41
N GLY I 103 -3.63 -51.36 -48.33
CA GLY I 103 -3.84 -51.09 -49.74
C GLY I 103 -5.19 -51.56 -50.23
N GLY I 104 -5.63 -52.73 -49.76
CA GLY I 104 -6.91 -53.28 -50.14
C GLY I 104 -6.76 -54.46 -51.10
N THR I 105 -7.81 -55.28 -51.14
CA THR I 105 -7.83 -56.47 -51.97
C THR I 105 -9.27 -56.75 -52.38
N GLU I 106 -9.46 -57.03 -53.68
CA GLU I 106 -10.78 -57.34 -54.22
C GLU I 106 -10.97 -58.84 -54.31
N VAL I 107 -12.08 -59.32 -53.78
CA VAL I 107 -12.42 -60.74 -53.79
C VAL I 107 -13.28 -61.01 -55.02
N VAL I 108 -12.86 -61.99 -55.83
CA VAL I 108 -13.58 -62.37 -57.04
C VAL I 108 -14.13 -63.78 -56.85
N VAL I 109 -15.43 -63.94 -57.09
CA VAL I 109 -16.09 -65.23 -56.94
C VAL I 109 -15.86 -66.03 -58.22
N LYS I 110 -15.10 -67.12 -58.10
CA LYS I 110 -14.84 -67.98 -59.25
C LYS I 110 -16.10 -68.70 -59.67
N ARG I 111 -16.29 -68.83 -60.98
CA ARG I 111 -17.46 -69.51 -61.53
C ARG I 111 -17.17 -70.08 -62.91
#